data_2ONC
#
_entry.id   2ONC
#
_cell.length_a   122.357
_cell.length_b   123.702
_cell.length_c   145.358
_cell.angle_alpha   90.00
_cell.angle_beta   114.89
_cell.angle_gamma   90.00
#
_symmetry.space_group_name_H-M   'P 1 21 1'
#
loop_
_entity.id
_entity.type
_entity.pdbx_description
1 polymer 'Dipeptidyl peptidase 4'
2 branched 2-acetamido-2-deoxy-beta-D-glucopyranose-(1-4)-2-acetamido-2-deoxy-beta-D-glucopyranose
3 non-polymer 2-acetamido-2-deoxy-beta-D-glucopyranose
4 non-polymer 2-({2-[(3R)-3-AMINOPIPERIDIN-1-YL]-4-OXOQUINAZOLIN-3(4H)-YL}METHYL)BENZONITRILE
5 water water
#
_entity_poly.entity_id   1
_entity_poly.type   'polypeptide(L)'
_entity_poly.pdbx_seq_one_letter_code
;HHASAKTYTLTDYLKNTYRLKLYSLRWISDHEYLYKQENNILVFNAEYGNSSVFLENSTFDEFGHSINDYSISPDGQFIL
LEYNYVKQWRHSYTASYDIYDLNKRQLITEERIPNNTQWVTWSPVGHKLAYVWNNDIYVKIEPNLPSYRITWTGKEDIIY
NGITDWVYEEEVFSAYSALWWSPNGTFLAYAQFNDTEVPLIEYSFYSDESLQYPKTVRVPYPKAGAVNPTVKFFVVNTDS
LSSVTNATSIQITAPASMLIGDHYLCDVTWATQERISLQWLRRIQNYSVMDICDYDESSGRWNCLVARQHIEMSTTGWVG
RFRPSEPHFTLDGNSFYKIISNEEGYRHICYFQIDKKDCTFITKGTWEVIGIEALTSDYLYYISNEYKGMPGGRNLYKIQ
LSDYTKVTCLSCELNPERCQYYSVSFSKEAKYYQLRCSGPGLPLYTLHSSVNDKGLRVLEDNSALDKMLQNVQMPSKKLD
FIILNETKFWYQMILPPHFDKSKKYPLLLDVYAGPCSQKADTVFRLNWATYLASTENIIVASFDGRGSGYQGDKIMHAIN
RRLGTFEVEDQIEAARQFSKMGFVDNKRIAIWGWSYGGYVTSMVLGSGSGVFKCGIAVAPVSRWEYYDSVYTERYMGLPT
PEDNLDHYRNSTVMSRAENFKQVEYLLIHGTADDNVHFQQSAQISKALVDVGVDFQAMWYTDEDHGIASSTAHQHIYTHM
SHFIKQCFSLP
;
_entity_poly.pdbx_strand_id   A,B,C,D
#
loop_
_chem_comp.id
_chem_comp.type
_chem_comp.name
_chem_comp.formula
NAG D-saccharide, beta linking 2-acetamido-2-deoxy-beta-D-glucopyranose 'C8 H15 N O6'
SY1 non-polymer 2-({2-[(3R)-3-AMINOPIPERIDIN-1-YL]-4-OXOQUINAZOLIN-3(4H)-YL}METHYL)BENZONITRILE 'C21 H21 N5 O'
#
# COMPACT_ATOMS: atom_id res chain seq x y z
N ALA A 5 -28.29 -48.51 19.17
CA ALA A 5 -28.18 -47.95 17.80
C ALA A 5 -27.27 -46.71 17.72
N LYS A 6 -26.92 -46.15 18.88
CA LYS A 6 -26.02 -44.99 18.97
C LYS A 6 -24.61 -45.39 19.39
N THR A 7 -23.62 -44.60 18.98
CA THR A 7 -22.22 -44.93 19.27
C THR A 7 -21.62 -44.11 20.42
N TYR A 8 -20.47 -44.56 20.91
CA TYR A 8 -19.71 -43.84 21.92
C TYR A 8 -18.97 -42.73 21.16
N THR A 9 -19.40 -41.48 21.39
CA THR A 9 -18.88 -40.34 20.63
C THR A 9 -17.68 -39.64 21.28
N LEU A 10 -17.04 -38.74 20.54
CA LEU A 10 -15.93 -37.97 21.08
C LEU A 10 -16.42 -37.13 22.26
N THR A 11 -17.61 -36.55 22.09
CA THR A 11 -18.27 -35.79 23.15
C THR A 11 -18.46 -36.65 24.39
N ASP A 12 -18.90 -37.90 24.19
CA ASP A 12 -19.07 -38.86 25.28
C ASP A 12 -17.81 -39.01 26.12
N TYR A 13 -16.67 -39.14 25.44
CA TYR A 13 -15.36 -39.24 26.08
C TYR A 13 -14.98 -37.96 26.81
N LEU A 14 -15.20 -36.83 26.15
CA LEU A 14 -14.76 -35.53 26.66
C LEU A 14 -15.57 -35.04 27.84
N LYS A 15 -16.86 -35.38 27.86
CA LYS A 15 -17.73 -34.96 28.96
C LYS A 15 -18.07 -36.05 29.97
N ASN A 16 -17.45 -37.23 29.83
CA ASN A 16 -17.70 -38.38 30.69
C ASN A 16 -19.20 -38.62 30.90
N THR A 17 -19.89 -38.97 29.82
CA THR A 17 -21.30 -39.32 29.88
C THR A 17 -21.42 -40.65 30.62
N TYR A 18 -20.46 -41.54 30.38
CA TYR A 18 -20.44 -42.88 30.94
C TYR A 18 -19.34 -42.97 31.98
N ARG A 19 -19.70 -42.67 33.23
CA ARG A 19 -18.71 -42.59 34.30
C ARG A 19 -18.36 -43.98 34.84
N LEU A 20 -17.06 -44.26 34.93
CA LEU A 20 -16.60 -45.47 35.60
C LEU A 20 -16.63 -45.23 37.10
N LYS A 21 -17.42 -46.00 37.81
CA LYS A 21 -17.49 -45.86 39.25
C LYS A 21 -16.31 -46.57 39.91
N LEU A 22 -15.73 -45.89 40.88
CA LEU A 22 -14.63 -46.42 41.68
C LEU A 22 -15.20 -46.82 43.05
N TYR A 23 -14.33 -47.36 43.89
CA TYR A 23 -14.63 -47.54 45.29
C TYR A 23 -13.34 -47.32 46.06
N SER A 24 -13.09 -46.07 46.42
CA SER A 24 -11.87 -45.71 47.12
C SER A 24 -12.07 -45.74 48.62
N LEU A 25 -11.28 -46.55 49.29
CA LEU A 25 -11.32 -46.63 50.74
C LEU A 25 -9.95 -46.31 51.31
N ARG A 26 -9.94 -45.85 52.55
CA ARG A 26 -8.71 -45.61 53.27
C ARG A 26 -8.82 -46.31 54.62
N TRP A 27 -8.05 -47.38 54.79
CA TRP A 27 -8.05 -48.13 56.04
C TRP A 27 -7.60 -47.25 57.20
N ILE A 28 -8.19 -47.46 58.38
CA ILE A 28 -7.80 -46.72 59.57
C ILE A 28 -7.42 -47.67 60.72
N SER A 29 -7.92 -48.90 60.67
CA SER A 29 -7.56 -49.93 61.63
C SER A 29 -7.38 -51.25 60.89
N ASP A 30 -7.51 -52.37 61.61
CA ASP A 30 -7.40 -53.68 60.98
C ASP A 30 -8.76 -54.22 60.55
N HIS A 31 -9.83 -53.51 60.88
CA HIS A 31 -11.19 -53.92 60.51
C HIS A 31 -12.14 -52.79 60.13
N GLU A 32 -11.63 -51.56 60.10
CA GLU A 32 -12.43 -50.40 59.73
C GLU A 32 -11.74 -49.59 58.62
N TYR A 33 -12.55 -48.86 57.83
CA TYR A 33 -12.03 -48.01 56.77
C TYR A 33 -12.99 -46.87 56.43
N LEU A 34 -12.44 -45.80 55.86
CA LEU A 34 -13.22 -44.61 55.54
C LEU A 34 -13.73 -44.64 54.11
N TYR A 35 -14.71 -43.78 53.81
CA TYR A 35 -15.28 -43.67 52.45
C TYR A 35 -16.03 -42.36 52.21
N LYS A 36 -15.62 -41.64 51.16
CA LYS A 36 -16.27 -40.39 50.75
C LYS A 36 -17.54 -40.72 49.98
N ASN A 40 -20.54 -36.50 51.80
CA ASN A 40 -20.45 -37.24 53.05
C ASN A 40 -19.16 -38.04 53.22
N ILE A 41 -18.71 -38.15 54.46
CA ILE A 41 -17.55 -38.97 54.82
C ILE A 41 -17.96 -39.91 55.95
N LEU A 42 -18.28 -41.15 55.59
CA LEU A 42 -18.76 -42.14 56.56
C LEU A 42 -17.73 -43.22 56.84
N VAL A 43 -17.78 -43.79 58.04
CA VAL A 43 -16.93 -44.90 58.40
C VAL A 43 -17.62 -46.19 57.98
N PHE A 44 -16.84 -47.25 57.83
CA PHE A 44 -17.36 -48.57 57.48
C PHE A 44 -16.71 -49.63 58.34
N ASN A 45 -17.40 -50.76 58.49
CA ASN A 45 -16.86 -51.91 59.18
C ASN A 45 -16.66 -53.02 58.14
N ALA A 46 -15.48 -53.62 58.15
CA ALA A 46 -15.17 -54.71 57.25
C ALA A 46 -15.92 -55.97 57.65
N GLU A 47 -16.14 -56.13 58.95
CA GLU A 47 -16.86 -57.28 59.49
C GLU A 47 -18.33 -57.28 59.07
N TYR A 48 -19.10 -56.28 59.53
CA TYR A 48 -20.55 -56.23 59.28
C TYR A 48 -20.92 -55.16 58.25
N GLY A 49 -20.39 -53.95 58.45
CA GLY A 49 -20.72 -52.81 57.60
C GLY A 49 -21.50 -51.75 58.36
N ASN A 50 -21.57 -51.90 59.69
CA ASN A 50 -22.37 -51.01 60.54
C ASN A 50 -21.76 -49.61 60.82
N SER A 51 -21.77 -49.19 62.09
CA SER A 51 -21.44 -47.82 62.52
C SER A 51 -22.33 -46.82 61.76
N SER A 52 -21.79 -45.65 61.41
CA SER A 52 -22.56 -44.66 60.65
C SER A 52 -21.71 -43.60 59.96
N VAL A 53 -21.66 -42.40 60.55
CA VAL A 53 -21.03 -41.23 59.95
C VAL A 53 -19.83 -40.76 60.79
N PHE A 54 -18.86 -40.12 60.13
CA PHE A 54 -17.71 -39.52 60.82
C PHE A 54 -17.77 -38.00 60.71
N LEU A 55 -18.07 -37.51 59.51
CA LEU A 55 -18.29 -36.08 59.27
C LEU A 55 -19.44 -35.86 58.28
N GLU A 56 -20.36 -34.96 58.65
CA GLU A 56 -21.51 -34.64 57.81
C GLU A 56 -21.09 -33.86 56.57
N ASN A 57 -21.87 -34.00 55.50
CA ASN A 57 -21.61 -33.33 54.22
C ASN A 57 -21.23 -31.85 54.32
N SER A 58 -21.88 -31.13 55.22
CA SER A 58 -21.55 -29.71 55.44
C SER A 58 -21.53 -29.30 56.93
N THR A 59 -20.53 -29.80 57.65
CA THR A 59 -20.22 -29.31 59.00
C THR A 59 -19.21 -28.17 58.90
N PHE A 60 -18.33 -28.26 57.91
CA PHE A 60 -17.35 -27.21 57.61
C PHE A 60 -17.90 -26.22 56.58
N ASP A 61 -19.22 -26.05 56.58
CA ASP A 61 -19.89 -25.07 55.73
C ASP A 61 -19.48 -23.68 56.18
N GLU A 62 -19.36 -23.51 57.50
CA GLU A 62 -18.88 -22.27 58.10
C GLU A 62 -17.36 -22.25 58.27
N PHE A 63 -16.64 -22.72 57.25
CA PHE A 63 -15.18 -22.65 57.22
C PHE A 63 -14.74 -21.41 56.47
N GLY A 64 -15.37 -21.15 55.32
CA GLY A 64 -15.05 -20.00 54.48
C GLY A 64 -14.31 -20.39 53.22
N HIS A 65 -13.47 -21.42 53.33
CA HIS A 65 -12.68 -21.92 52.21
C HIS A 65 -13.22 -23.28 51.74
N SER A 66 -12.91 -23.65 50.50
CA SER A 66 -13.36 -24.93 49.95
C SER A 66 -12.31 -26.02 50.16
N ILE A 67 -12.73 -27.06 50.88
CA ILE A 67 -11.85 -28.16 51.30
C ILE A 67 -11.47 -29.09 50.15
N ASN A 68 -10.18 -29.16 49.88
CA ASN A 68 -9.67 -29.96 48.77
C ASN A 68 -9.39 -31.41 49.16
N ASP A 69 -8.89 -31.62 50.37
CA ASP A 69 -8.63 -32.95 50.88
C ASP A 69 -8.60 -32.94 52.41
N TYR A 70 -8.71 -34.12 53.01
CA TYR A 70 -8.70 -34.29 54.47
C TYR A 70 -7.69 -35.39 54.87
N SER A 71 -7.28 -35.37 56.13
CA SER A 71 -6.40 -36.41 56.67
C SER A 71 -6.63 -36.57 58.18
N ILE A 72 -7.17 -37.72 58.57
CA ILE A 72 -7.38 -38.06 59.97
C ILE A 72 -6.07 -38.54 60.55
N SER A 73 -5.76 -38.11 61.77
CA SER A 73 -4.63 -38.64 62.49
C SER A 73 -4.87 -40.13 62.81
N PRO A 74 -3.78 -40.93 62.88
CA PRO A 74 -3.81 -42.36 63.21
C PRO A 74 -4.63 -42.75 64.44
N ASP A 75 -4.51 -41.98 65.53
CA ASP A 75 -5.30 -42.24 66.73
C ASP A 75 -6.73 -41.68 66.63
N GLY A 76 -7.02 -40.98 65.54
CA GLY A 76 -8.37 -40.50 65.25
C GLY A 76 -8.80 -39.27 66.02
N GLN A 77 -7.87 -38.65 66.73
CA GLN A 77 -8.17 -37.51 67.60
C GLN A 77 -8.20 -36.15 66.89
N PHE A 78 -7.59 -36.06 65.71
CA PHE A 78 -7.53 -34.82 64.93
C PHE A 78 -7.66 -35.08 63.44
N ILE A 79 -8.30 -34.14 62.73
CA ILE A 79 -8.39 -34.18 61.27
C ILE A 79 -7.78 -32.92 60.68
N LEU A 80 -6.84 -33.13 59.75
CA LEU A 80 -6.14 -32.05 59.08
C LEU A 80 -6.88 -31.67 57.79
N LEU A 81 -7.16 -30.38 57.65
CA LEU A 81 -7.89 -29.86 56.49
C LEU A 81 -7.01 -29.08 55.54
N GLU A 82 -6.96 -29.54 54.30
CA GLU A 82 -6.16 -28.90 53.25
C GLU A 82 -7.02 -28.05 52.32
N TYR A 83 -6.61 -26.80 52.12
CA TYR A 83 -7.28 -25.88 51.19
C TYR A 83 -6.25 -24.95 50.56
N ASN A 84 -6.69 -24.08 49.65
CA ASN A 84 -5.77 -23.25 48.87
C ASN A 84 -4.71 -24.11 48.15
N TYR A 85 -5.19 -25.09 47.38
CA TYR A 85 -4.30 -26.00 46.65
C TYR A 85 -3.75 -25.34 45.39
N VAL A 86 -2.43 -25.23 45.31
CA VAL A 86 -1.76 -24.74 44.11
C VAL A 86 -0.78 -25.79 43.59
N LYS A 87 -1.19 -26.50 42.55
CA LYS A 87 -0.33 -27.50 41.90
C LYS A 87 1.01 -26.90 41.49
N GLN A 88 2.08 -27.66 41.69
CA GLN A 88 3.38 -27.31 41.11
C GLN A 88 3.68 -28.32 39.98
N TRP A 89 4.54 -29.31 40.23
CA TRP A 89 4.86 -30.33 39.23
C TRP A 89 3.86 -31.49 39.31
N ARG A 90 4.30 -32.71 38.98
CA ARG A 90 3.38 -33.85 38.91
C ARG A 90 2.81 -34.27 40.26
N HIS A 91 3.64 -34.24 41.30
CA HIS A 91 3.23 -34.65 42.65
C HIS A 91 3.26 -33.49 43.64
N SER A 92 4.13 -32.52 43.35
CA SER A 92 4.36 -31.38 44.24
C SER A 92 3.30 -30.30 44.11
N TYR A 93 3.06 -29.62 45.23
CA TYR A 93 2.10 -28.53 45.33
C TYR A 93 2.23 -27.76 46.64
N THR A 94 1.40 -26.73 46.76
CA THR A 94 1.34 -25.86 47.92
C THR A 94 -0.09 -25.82 48.44
N ALA A 95 -0.24 -25.66 49.75
CA ALA A 95 -1.56 -25.57 50.37
C ALA A 95 -1.54 -24.87 51.72
N SER A 96 -2.71 -24.42 52.13
CA SER A 96 -2.95 -23.94 53.48
C SER A 96 -3.55 -25.09 54.28
N TYR A 97 -3.36 -25.06 55.60
CA TYR A 97 -3.83 -26.14 56.47
C TYR A 97 -4.39 -25.67 57.81
N ASP A 98 -5.47 -26.32 58.25
CA ASP A 98 -6.02 -26.12 59.59
C ASP A 98 -6.27 -27.47 60.23
N ILE A 99 -6.14 -27.52 61.56
CA ILE A 99 -6.35 -28.76 62.31
C ILE A 99 -7.61 -28.66 63.16
N TYR A 100 -8.40 -29.72 63.14
CA TYR A 100 -9.66 -29.78 63.86
C TYR A 100 -9.59 -30.81 64.99
N ASP A 101 -9.83 -30.36 66.22
CA ASP A 101 -9.93 -31.27 67.37
C ASP A 101 -11.26 -31.99 67.28
N LEU A 102 -11.21 -33.29 67.01
CA LEU A 102 -12.41 -34.09 66.81
C LEU A 102 -13.26 -34.28 68.06
N ASN A 103 -12.59 -34.35 69.22
CA ASN A 103 -13.27 -34.46 70.49
C ASN A 103 -13.92 -33.13 70.90
N LYS A 104 -13.12 -32.07 70.92
CA LYS A 104 -13.59 -30.73 71.31
C LYS A 104 -14.50 -30.09 70.27
N ARG A 105 -14.46 -30.61 69.04
CA ARG A 105 -15.29 -30.13 67.92
C ARG A 105 -15.04 -28.65 67.56
N GLN A 106 -13.77 -28.30 67.42
CA GLN A 106 -13.39 -26.92 67.11
C GLN A 106 -12.08 -26.83 66.30
N LEU A 107 -11.99 -25.81 65.44
CA LEU A 107 -10.77 -25.53 64.70
C LEU A 107 -9.72 -25.01 65.67
N ILE A 108 -8.49 -25.51 65.57
CA ILE A 108 -7.38 -25.03 66.39
C ILE A 108 -6.87 -23.70 65.83
N THR A 109 -6.73 -22.70 66.68
CA THR A 109 -6.38 -21.35 66.23
C THR A 109 -5.04 -20.81 66.76
N GLU A 110 -4.41 -21.53 67.68
CA GLU A 110 -3.09 -21.15 68.17
C GLU A 110 -1.99 -21.99 67.49
N GLU A 111 -0.86 -21.34 67.21
CA GLU A 111 0.30 -21.95 66.55
C GLU A 111 -0.08 -22.76 65.29
N ARG A 112 -0.70 -22.08 64.34
CA ARG A 112 -1.23 -22.74 63.15
C ARG A 112 -0.15 -23.08 62.13
N ILE A 113 -0.47 -24.03 61.25
CA ILE A 113 0.37 -24.42 60.13
C ILE A 113 0.36 -23.29 59.09
N PRO A 114 1.56 -22.82 58.68
CA PRO A 114 1.69 -21.64 57.81
C PRO A 114 1.08 -21.83 56.41
N ASN A 115 0.78 -20.71 55.75
CA ASN A 115 0.33 -20.71 54.36
C ASN A 115 1.49 -21.14 53.48
N ASN A 116 1.16 -21.70 52.32
CA ASN A 116 2.16 -22.13 51.34
C ASN A 116 3.05 -23.27 51.86
N THR A 117 2.42 -24.19 52.58
CA THR A 117 3.12 -25.34 53.13
C THR A 117 3.26 -26.39 52.02
N GLN A 118 4.46 -26.97 51.93
CA GLN A 118 4.84 -27.83 50.83
C GLN A 118 4.45 -29.29 51.03
N TRP A 119 4.64 -29.80 52.24
CA TRP A 119 4.22 -31.16 52.61
C TRP A 119 3.86 -31.28 54.10
N VAL A 120 2.85 -32.10 54.38
CA VAL A 120 2.41 -32.36 55.76
C VAL A 120 2.22 -33.85 55.96
N THR A 121 2.55 -34.35 57.15
CA THR A 121 2.38 -35.76 57.44
C THR A 121 2.24 -36.04 58.93
N TRP A 122 1.31 -36.92 59.27
CA TRP A 122 1.16 -37.37 60.63
C TRP A 122 2.23 -38.40 60.92
N SER A 123 2.53 -38.61 62.21
CA SER A 123 3.33 -39.76 62.60
C SER A 123 2.45 -41.00 62.38
N PRO A 124 3.04 -42.20 62.23
CA PRO A 124 2.26 -43.41 61.89
C PRO A 124 1.27 -43.83 62.97
N VAL A 125 1.63 -43.58 64.22
CA VAL A 125 0.71 -43.75 65.36
C VAL A 125 0.62 -42.43 66.12
N GLY A 126 -0.46 -42.23 66.85
CA GLY A 126 -0.65 -41.01 67.63
C GLY A 126 -1.05 -39.81 66.77
N HIS A 127 -0.59 -38.62 67.17
CA HIS A 127 -0.93 -37.39 66.46
C HIS A 127 0.23 -36.37 66.36
N LYS A 128 1.46 -36.87 66.30
CA LYS A 128 2.60 -36.00 66.00
C LYS A 128 2.47 -35.52 64.55
N LEU A 129 3.07 -34.37 64.26
CA LEU A 129 2.94 -33.76 62.94
C LEU A 129 4.25 -33.16 62.47
N ALA A 130 4.61 -33.43 61.22
CA ALA A 130 5.79 -32.87 60.58
C ALA A 130 5.37 -32.17 59.30
N TYR A 131 5.84 -30.94 59.12
CA TYR A 131 5.51 -30.22 57.90
C TYR A 131 6.73 -29.53 57.31
N VAL A 132 6.67 -29.30 56.00
CA VAL A 132 7.74 -28.60 55.31
C VAL A 132 7.22 -27.24 54.80
N TRP A 133 7.96 -26.19 55.13
CA TRP A 133 7.61 -24.83 54.75
C TRP A 133 8.90 -24.12 54.34
N ASN A 134 8.85 -23.38 53.23
CA ASN A 134 10.04 -22.72 52.65
C ASN A 134 11.29 -23.61 52.62
N ASN A 135 11.08 -24.87 52.27
CA ASN A 135 12.16 -25.86 52.14
C ASN A 135 12.81 -26.27 53.47
N ASP A 136 12.13 -25.99 54.58
CA ASP A 136 12.58 -26.45 55.90
C ASP A 136 11.56 -27.31 56.63
N ILE A 137 12.05 -28.19 57.49
CA ILE A 137 11.22 -29.14 58.26
C ILE A 137 10.85 -28.65 59.68
N TYR A 138 9.57 -28.83 60.01
CA TYR A 138 9.01 -28.45 61.30
C TYR A 138 8.23 -29.61 61.90
N VAL A 139 8.23 -29.69 63.24
CA VAL A 139 7.57 -30.76 63.97
C VAL A 139 6.63 -30.24 65.06
N LYS A 140 5.43 -30.82 65.14
CA LYS A 140 4.47 -30.53 66.19
C LYS A 140 4.13 -31.79 66.98
N ILE A 141 4.47 -31.79 68.28
CA ILE A 141 4.15 -32.91 69.16
C ILE A 141 2.64 -32.91 69.36
N GLU A 142 2.10 -31.73 69.64
CA GLU A 142 0.66 -31.53 69.76
C GLU A 142 0.25 -30.45 68.74
N PRO A 143 -0.93 -30.62 68.13
CA PRO A 143 -1.41 -29.67 67.11
C PRO A 143 -1.48 -28.20 67.55
N ASN A 144 -1.63 -27.94 68.84
CA ASN A 144 -1.73 -26.54 69.29
C ASN A 144 -0.51 -25.95 70.00
N LEU A 145 0.56 -26.73 70.09
CA LEU A 145 1.80 -26.26 70.71
C LEU A 145 2.77 -25.74 69.65
N PRO A 146 3.73 -24.86 70.07
CA PRO A 146 4.73 -24.36 69.11
C PRO A 146 5.48 -25.49 68.43
N SER A 147 5.67 -25.38 67.13
CA SER A 147 6.41 -26.37 66.37
C SER A 147 7.91 -26.14 66.55
N TYR A 148 8.69 -27.23 66.51
CA TYR A 148 10.14 -27.13 66.57
C TYR A 148 10.70 -27.13 65.16
N ARG A 149 11.64 -26.23 64.90
CA ARG A 149 12.30 -26.15 63.60
C ARG A 149 13.45 -27.15 63.60
N ILE A 150 13.45 -28.04 62.61
CA ILE A 150 14.47 -29.07 62.51
C ILE A 150 15.66 -28.60 61.67
N THR A 151 15.38 -27.84 60.62
CA THR A 151 16.41 -27.48 59.63
C THR A 151 16.39 -25.99 59.33
N TRP A 152 17.58 -25.43 59.17
CA TRP A 152 17.73 -23.99 58.99
C TRP A 152 18.50 -23.65 57.71
N THR A 153 18.51 -24.59 56.77
CA THR A 153 19.37 -24.49 55.59
C THR A 153 18.58 -24.38 54.28
N GLY A 154 17.27 -24.58 54.36
CA GLY A 154 16.42 -24.62 53.19
C GLY A 154 16.34 -23.31 52.45
N LYS A 155 16.72 -23.33 51.17
CA LYS A 155 16.63 -22.15 50.31
C LYS A 155 15.98 -22.52 48.99
N GLU A 156 15.07 -21.67 48.53
CA GLU A 156 14.30 -21.94 47.30
C GLU A 156 15.21 -22.21 46.12
N ASP A 157 14.91 -23.31 45.41
CA ASP A 157 15.67 -23.74 44.22
C ASP A 157 17.10 -24.19 44.50
N ILE A 158 17.48 -24.26 45.78
CA ILE A 158 18.87 -24.56 46.13
C ILE A 158 18.98 -25.69 47.14
N ILE A 159 18.25 -25.60 48.25
CA ILE A 159 18.30 -26.64 49.28
C ILE A 159 16.87 -27.10 49.61
N TYR A 160 16.68 -28.42 49.58
CA TYR A 160 15.39 -29.07 49.85
C TYR A 160 15.50 -30.01 51.03
N ASN A 161 14.89 -29.67 52.16
CA ASN A 161 14.88 -30.53 53.34
C ASN A 161 13.52 -31.17 53.50
N GLY A 162 13.49 -32.51 53.50
CA GLY A 162 12.24 -33.24 53.61
C GLY A 162 11.30 -33.18 52.40
N ILE A 163 11.73 -32.52 51.32
CA ILE A 163 11.01 -32.53 50.03
C ILE A 163 11.96 -32.76 48.84
N THR A 164 11.44 -33.29 47.73
CA THR A 164 12.28 -33.60 46.57
C THR A 164 12.41 -32.43 45.59
N ASP A 165 13.54 -32.40 44.85
CA ASP A 165 13.71 -31.42 43.78
C ASP A 165 13.03 -31.98 42.55
N TRP A 166 13.16 -31.30 41.42
CA TRP A 166 12.43 -31.71 40.22
C TRP A 166 12.68 -33.16 39.84
N VAL A 167 13.95 -33.53 39.72
CA VAL A 167 14.31 -34.82 39.15
C VAL A 167 14.01 -35.97 40.11
N TYR A 168 14.22 -35.76 41.40
CA TYR A 168 13.88 -36.78 42.38
C TYR A 168 12.37 -36.97 42.46
N GLU A 169 11.64 -35.87 42.34
CA GLU A 169 10.17 -35.92 42.33
C GLU A 169 9.67 -36.80 41.18
N GLU A 170 10.08 -36.49 39.96
CA GLU A 170 9.55 -37.15 38.77
C GLU A 170 10.10 -38.54 38.53
N GLU A 171 11.40 -38.74 38.83
CA GLU A 171 12.12 -39.90 38.34
C GLU A 171 12.62 -40.89 39.38
N VAL A 172 12.57 -40.52 40.66
CA VAL A 172 13.07 -41.41 41.72
C VAL A 172 12.00 -41.85 42.72
N PHE A 173 11.38 -40.89 43.42
CA PHE A 173 10.40 -41.24 44.44
C PHE A 173 8.93 -41.16 44.00
N SER A 174 8.69 -40.63 42.80
CA SER A 174 7.32 -40.39 42.34
C SER A 174 6.50 -39.69 43.43
N ALA A 175 7.16 -38.80 44.17
CA ALA A 175 6.55 -38.08 45.31
C ALA A 175 7.34 -36.81 45.67
N TYR A 176 6.63 -35.82 46.17
CA TYR A 176 7.23 -34.59 46.65
C TYR A 176 7.88 -34.80 48.02
N SER A 177 7.27 -35.66 48.83
CA SER A 177 7.70 -35.93 50.21
C SER A 177 9.02 -36.67 50.29
N ALA A 178 9.88 -36.22 51.20
CA ALA A 178 11.12 -36.92 51.53
C ALA A 178 11.25 -37.04 53.05
N LEU A 179 10.15 -37.49 53.67
CA LEU A 179 10.06 -37.69 55.12
C LEU A 179 9.58 -39.11 55.43
N TRP A 180 10.31 -39.77 56.31
CA TRP A 180 10.00 -41.13 56.71
C TRP A 180 9.99 -41.28 58.22
N TRP A 181 8.79 -41.43 58.77
CA TRP A 181 8.60 -41.66 60.19
C TRP A 181 8.94 -43.12 60.52
N SER A 182 9.57 -43.35 61.67
CA SER A 182 9.75 -44.71 62.16
C SER A 182 8.37 -45.24 62.59
N PRO A 183 8.18 -46.58 62.54
CA PRO A 183 6.85 -47.16 62.80
C PRO A 183 6.07 -46.67 64.03
N ASN A 184 6.76 -46.34 65.13
CA ASN A 184 6.05 -45.83 66.32
C ASN A 184 6.15 -44.32 66.54
N GLY A 185 6.70 -43.62 65.56
CA GLY A 185 6.75 -42.16 65.57
C GLY A 185 7.92 -41.54 66.28
N THR A 186 8.77 -42.37 66.90
CA THR A 186 9.93 -41.86 67.64
C THR A 186 10.90 -41.07 66.76
N PHE A 187 11.36 -41.71 65.69
CA PHE A 187 12.33 -41.10 64.80
C PHE A 187 11.70 -40.54 63.53
N LEU A 188 12.15 -39.35 63.14
CA LEU A 188 11.80 -38.78 61.84
C LEU A 188 13.04 -38.73 60.97
N ALA A 189 13.02 -39.52 59.91
CA ALA A 189 14.13 -39.56 58.95
C ALA A 189 13.82 -38.71 57.73
N TYR A 190 14.82 -38.01 57.21
CA TYR A 190 14.61 -37.18 56.03
C TYR A 190 15.83 -37.10 55.12
N ALA A 191 15.58 -36.64 53.88
CA ALA A 191 16.64 -36.42 52.89
C ALA A 191 16.85 -34.93 52.65
N GLN A 192 18.08 -34.58 52.27
CA GLN A 192 18.41 -33.21 51.93
C GLN A 192 19.04 -33.18 50.54
N PHE A 193 18.42 -32.41 49.65
CA PHE A 193 18.91 -32.30 48.28
C PHE A 193 19.56 -30.95 48.08
N ASN A 194 20.70 -30.96 47.40
CA ASN A 194 21.43 -29.75 47.09
C ASN A 194 21.48 -29.55 45.57
N ASP A 195 20.91 -28.44 45.11
CA ASP A 195 20.89 -28.12 43.67
C ASP A 195 21.73 -26.91 43.26
N THR A 196 22.56 -26.41 44.17
CA THR A 196 23.41 -25.24 43.91
C THR A 196 24.01 -25.18 42.51
N GLU A 197 24.52 -26.32 42.01
CA GLU A 197 25.22 -26.33 40.72
C GLU A 197 24.48 -27.01 39.58
N VAL A 198 23.24 -27.41 39.83
CA VAL A 198 22.37 -27.98 38.83
C VAL A 198 21.83 -26.86 37.94
N PRO A 199 22.04 -26.97 36.60
CA PRO A 199 21.63 -25.85 35.73
C PRO A 199 20.10 -25.71 35.72
N LEU A 200 19.64 -24.51 35.38
CA LEU A 200 18.23 -24.19 35.37
C LEU A 200 17.63 -24.31 33.97
N ILE A 201 16.44 -24.88 33.86
CA ILE A 201 15.64 -24.77 32.64
C ILE A 201 14.82 -23.49 32.75
N GLU A 202 14.77 -22.72 31.68
CA GLU A 202 13.96 -21.51 31.67
C GLU A 202 12.99 -21.52 30.52
N TYR A 203 11.76 -21.12 30.81
CA TYR A 203 10.71 -21.01 29.81
C TYR A 203 9.70 -19.94 30.19
N SER A 204 9.01 -19.40 29.18
CA SER A 204 8.03 -18.37 29.38
C SER A 204 6.73 -18.94 29.89
N PHE A 205 6.12 -18.23 30.84
CA PHE A 205 4.77 -18.53 31.29
C PHE A 205 3.92 -17.27 31.04
N TYR A 206 2.99 -17.36 30.10
CA TYR A 206 2.26 -16.17 29.67
C TYR A 206 1.17 -15.77 30.65
N SER A 207 0.53 -16.77 31.27
CA SER A 207 -0.47 -16.54 32.31
C SER A 207 -1.72 -15.84 31.76
N ASP A 208 -2.54 -15.31 32.66
CA ASP A 208 -3.72 -14.53 32.31
C ASP A 208 -3.46 -13.36 31.34
N GLU A 209 -4.45 -13.06 30.53
CA GLU A 209 -4.43 -11.92 29.59
C GLU A 209 -3.94 -10.62 30.26
N SER A 210 -4.31 -10.42 31.53
CA SER A 210 -3.92 -9.25 32.31
C SER A 210 -2.40 -9.07 32.47
N LEU A 211 -1.64 -10.17 32.49
CA LEU A 211 -0.18 -10.11 32.63
C LEU A 211 0.44 -9.41 31.42
N GLN A 212 1.00 -8.24 31.66
CA GLN A 212 1.58 -7.43 30.59
C GLN A 212 2.88 -8.07 30.03
N TYR A 213 3.82 -8.37 30.92
CA TYR A 213 5.08 -8.99 30.58
C TYR A 213 5.10 -10.45 31.03
N PRO A 214 5.44 -11.39 30.12
CA PRO A 214 5.51 -12.81 30.49
C PRO A 214 6.49 -13.10 31.64
N LYS A 215 6.14 -14.11 32.45
CA LYS A 215 6.96 -14.57 33.54
C LYS A 215 7.98 -15.58 33.00
N THR A 216 9.22 -15.51 33.49
CA THR A 216 10.22 -16.52 33.17
C THR A 216 10.33 -17.52 34.33
N VAL A 217 9.88 -18.75 34.06
CA VAL A 217 9.95 -19.86 35.01
C VAL A 217 11.37 -20.44 35.01
N ARG A 218 11.85 -20.83 36.19
CA ARG A 218 13.18 -21.40 36.38
C ARG A 218 13.12 -22.60 37.31
N VAL A 219 13.70 -23.72 36.89
CA VAL A 219 13.81 -24.88 37.78
C VAL A 219 15.16 -25.53 37.57
N PRO A 220 15.87 -25.85 38.68
CA PRO A 220 17.06 -26.67 38.55
C PRO A 220 16.61 -27.99 37.95
N TYR A 221 17.14 -28.30 36.78
CA TYR A 221 16.74 -29.49 36.04
C TYR A 221 17.99 -30.01 35.36
N PRO A 222 18.42 -31.22 35.74
CA PRO A 222 19.62 -31.78 35.16
C PRO A 222 19.31 -32.57 33.90
N LYS A 223 19.80 -32.09 32.76
CA LYS A 223 19.70 -32.82 31.50
C LYS A 223 20.85 -33.82 31.40
N ALA A 224 20.70 -34.85 30.58
CA ALA A 224 21.70 -35.91 30.44
C ALA A 224 23.13 -35.41 30.47
N GLY A 225 23.95 -36.04 31.31
CA GLY A 225 25.35 -35.67 31.46
C GLY A 225 25.64 -34.36 32.18
N ALA A 226 24.62 -33.68 32.71
CA ALA A 226 24.83 -32.44 33.46
C ALA A 226 25.11 -32.70 34.93
N VAL A 227 25.44 -31.63 35.66
CA VAL A 227 25.70 -31.72 37.10
C VAL A 227 24.39 -32.06 37.82
N ASN A 228 24.40 -33.17 38.54
CA ASN A 228 23.26 -33.65 39.29
C ASN A 228 23.15 -33.06 40.68
N PRO A 229 21.92 -33.09 41.26
CA PRO A 229 21.81 -32.77 42.67
C PRO A 229 22.58 -33.79 43.49
N THR A 230 23.08 -33.35 44.63
CA THR A 230 23.68 -34.26 45.60
C THR A 230 22.66 -34.41 46.71
N VAL A 231 22.82 -35.48 47.48
CA VAL A 231 21.83 -35.84 48.49
C VAL A 231 22.47 -36.26 49.80
N LYS A 232 21.87 -35.83 50.90
CA LYS A 232 22.30 -36.25 52.23
C LYS A 232 21.10 -36.85 52.94
N PHE A 233 21.36 -37.68 53.95
CA PHE A 233 20.29 -38.34 54.69
C PHE A 233 20.49 -38.18 56.19
N PHE A 234 19.44 -37.68 56.85
CA PHE A 234 19.51 -37.42 58.28
C PHE A 234 18.40 -38.17 59.03
N VAL A 235 18.59 -38.32 60.34
CA VAL A 235 17.56 -38.87 61.23
C VAL A 235 17.56 -38.11 62.55
N VAL A 236 16.38 -37.58 62.92
CA VAL A 236 16.24 -36.79 64.15
C VAL A 236 15.24 -37.42 65.12
N ASN A 237 15.56 -37.34 66.41
CA ASN A 237 14.72 -37.91 67.47
C ASN A 237 13.68 -36.90 67.98
N THR A 238 12.40 -37.18 67.68
CA THR A 238 11.32 -36.24 68.02
C THR A 238 10.88 -36.31 69.48
N ASP A 239 11.10 -37.47 70.11
CA ASP A 239 10.76 -37.68 71.53
C ASP A 239 11.66 -36.84 72.46
N SER A 240 12.87 -36.54 72.00
CA SER A 240 13.83 -35.78 72.80
C SER A 240 14.05 -34.35 72.29
N LEU A 241 13.02 -33.80 71.66
CA LEU A 241 13.08 -32.43 71.15
C LEU A 241 13.14 -31.38 72.27
N SER A 242 13.98 -30.38 72.07
CA SER A 242 14.20 -29.29 73.03
C SER A 242 13.65 -27.99 72.48
N SER A 243 12.92 -27.26 73.33
CA SER A 243 12.37 -25.97 72.94
C SER A 243 13.36 -24.84 73.20
N VAL A 244 14.50 -25.17 73.80
CA VAL A 244 15.55 -24.19 74.06
C VAL A 244 16.73 -24.32 73.08
N THR A 245 17.28 -25.52 72.93
CA THR A 245 18.36 -25.75 71.95
C THR A 245 17.84 -26.34 70.63
N ASN A 246 18.59 -26.11 69.55
CA ASN A 246 18.25 -26.64 68.24
C ASN A 246 18.23 -28.17 68.20
N ALA A 247 17.35 -28.71 67.37
CA ALA A 247 17.28 -30.15 67.16
C ALA A 247 18.60 -30.64 66.57
N THR A 248 19.08 -31.79 67.07
CA THR A 248 20.29 -32.39 66.53
C THR A 248 19.93 -33.53 65.57
N SER A 249 20.45 -33.42 64.34
CA SER A 249 20.21 -34.39 63.29
C SER A 249 21.43 -35.26 63.06
N ILE A 250 21.28 -36.57 63.29
CA ILE A 250 22.33 -37.52 63.00
C ILE A 250 22.31 -37.83 61.50
N GLN A 251 23.47 -37.73 60.86
CA GLN A 251 23.58 -38.03 59.44
C GLN A 251 23.88 -39.50 59.25
N ILE A 252 23.33 -40.08 58.19
CA ILE A 252 23.72 -41.40 57.72
C ILE A 252 24.39 -41.24 56.36
N THR A 253 25.70 -41.42 56.32
CA THR A 253 26.46 -41.23 55.07
C THR A 253 26.26 -42.41 54.13
N ALA A 254 26.38 -42.14 52.83
CA ALA A 254 26.25 -43.20 51.83
C ALA A 254 27.39 -44.19 52.02
N PRO A 255 27.24 -45.45 51.55
CA PRO A 255 28.37 -46.38 51.59
C PRO A 255 29.56 -45.89 50.76
N ALA A 256 30.75 -46.40 51.11
CA ALA A 256 31.98 -46.03 50.42
C ALA A 256 31.94 -46.37 48.92
N SER A 257 31.24 -47.45 48.56
CA SER A 257 31.08 -47.86 47.15
C SER A 257 30.22 -46.87 46.35
N MET A 258 29.57 -45.96 47.07
CA MET A 258 28.74 -44.94 46.46
C MET A 258 29.41 -43.59 46.43
N LEU A 259 30.13 -43.26 47.51
CA LEU A 259 30.79 -41.96 47.67
C LEU A 259 31.93 -41.71 46.70
N ILE A 260 32.38 -42.75 46.00
CA ILE A 260 33.50 -42.58 45.05
C ILE A 260 33.13 -41.80 43.79
N GLY A 261 31.84 -41.59 43.54
CA GLY A 261 31.34 -40.80 42.41
C GLY A 261 29.91 -40.33 42.62
N ASP A 262 29.28 -39.82 41.57
CA ASP A 262 27.88 -39.40 41.62
C ASP A 262 26.99 -40.61 41.91
N HIS A 263 25.96 -40.39 42.72
CA HIS A 263 25.05 -41.44 43.15
C HIS A 263 23.69 -40.87 43.50
N TYR A 264 22.74 -41.78 43.73
CA TYR A 264 21.38 -41.43 44.11
C TYR A 264 20.97 -42.15 45.38
N LEU A 265 20.04 -41.57 46.13
CA LEU A 265 19.32 -42.30 47.18
C LEU A 265 18.04 -42.74 46.50
N CYS A 266 17.80 -44.05 46.42
CA CYS A 266 16.67 -44.54 45.64
C CYS A 266 15.59 -45.26 46.44
N ASP A 267 15.86 -45.53 47.72
CA ASP A 267 14.85 -46.16 48.60
C ASP A 267 15.11 -45.94 50.09
N VAL A 268 14.05 -45.62 50.83
CA VAL A 268 14.08 -45.54 52.28
C VAL A 268 12.96 -46.42 52.86
N THR A 269 13.34 -47.33 53.75
CA THR A 269 12.40 -48.28 54.35
C THR A 269 12.81 -48.62 55.79
N TRP A 270 11.92 -48.33 56.73
CA TRP A 270 12.12 -48.66 58.15
C TRP A 270 11.87 -50.16 58.38
N ALA A 271 12.81 -50.82 59.04
CA ALA A 271 12.66 -52.22 59.33
C ALA A 271 11.93 -52.43 60.66
N THR A 272 12.45 -51.79 61.71
CA THR A 272 11.88 -51.87 63.05
C THR A 272 11.89 -50.49 63.69
N GLN A 273 11.78 -50.45 65.01
CA GLN A 273 11.78 -49.17 65.74
C GLN A 273 13.17 -48.51 65.77
N GLU A 274 14.21 -49.31 65.58
CA GLU A 274 15.59 -48.82 65.69
C GLU A 274 16.49 -49.28 64.54
N ARG A 275 15.86 -49.75 63.47
CA ARG A 275 16.57 -50.20 62.28
C ARG A 275 15.95 -49.66 61.00
N ILE A 276 16.78 -49.05 60.16
CA ILE A 276 16.36 -48.48 58.87
C ILE A 276 17.23 -48.99 57.70
N SER A 277 16.59 -49.36 56.60
CA SER A 277 17.31 -49.75 55.39
C SER A 277 17.29 -48.60 54.39
N LEU A 278 18.44 -48.38 53.75
CA LEU A 278 18.59 -47.37 52.73
C LEU A 278 19.15 -48.02 51.49
N GLN A 279 18.62 -47.68 50.33
CA GLN A 279 19.18 -48.15 49.09
C GLN A 279 19.79 -46.99 48.33
N TRP A 280 20.99 -47.22 47.79
CA TRP A 280 21.73 -46.22 47.03
C TRP A 280 22.09 -46.76 45.63
N LEU A 281 22.10 -45.87 44.64
CA LEU A 281 22.29 -46.22 43.22
C LEU A 281 23.39 -45.35 42.61
N ARG A 282 24.37 -45.96 41.95
CA ARG A 282 25.40 -45.17 41.26
C ARG A 282 24.77 -44.40 40.10
N ARG A 283 25.41 -43.32 39.66
CA ARG A 283 24.89 -42.56 38.53
C ARG A 283 24.81 -43.45 37.29
N ILE A 284 25.79 -44.33 37.11
CA ILE A 284 25.64 -45.41 36.15
C ILE A 284 24.80 -46.47 36.84
N GLN A 285 23.54 -46.56 36.42
CA GLN A 285 22.51 -47.24 37.21
C GLN A 285 22.47 -48.76 37.13
N ASN A 286 23.64 -49.40 37.07
CA ASN A 286 23.69 -50.85 37.02
C ASN A 286 24.25 -51.49 38.30
N TYR A 287 24.36 -50.67 39.34
CA TYR A 287 24.93 -51.10 40.62
C TYR A 287 24.30 -50.36 41.79
N SER A 288 23.67 -51.10 42.70
CA SER A 288 23.04 -50.48 43.86
C SER A 288 23.37 -51.28 45.13
N VAL A 289 23.40 -50.56 46.25
CA VAL A 289 23.73 -51.14 47.54
C VAL A 289 22.62 -50.86 48.54
N MET A 290 22.34 -51.82 49.41
CA MET A 290 21.45 -51.57 50.53
C MET A 290 22.21 -51.57 51.86
N ASP A 291 22.12 -50.46 52.57
CA ASP A 291 22.64 -50.33 53.93
C ASP A 291 21.57 -50.67 54.97
N ILE A 292 21.94 -51.44 55.98
CA ILE A 292 21.06 -51.67 57.13
C ILE A 292 21.64 -50.93 58.33
N CYS A 293 20.88 -49.97 58.84
CA CYS A 293 21.39 -49.06 59.86
C CYS A 293 20.65 -49.14 61.20
N ASP A 294 21.37 -49.56 62.23
CA ASP A 294 20.82 -49.69 63.58
C ASP A 294 21.14 -48.49 64.44
N TYR A 295 20.21 -48.14 65.33
CA TYR A 295 20.40 -47.05 66.27
C TYR A 295 21.22 -47.52 67.48
N ASP A 296 22.24 -46.74 67.84
CA ASP A 296 23.11 -47.03 68.98
C ASP A 296 22.79 -46.09 70.14
N GLU A 297 22.50 -46.67 71.30
CA GLU A 297 22.11 -45.89 72.49
C GLU A 297 23.28 -45.35 73.32
N SER A 298 24.46 -45.92 73.13
CA SER A 298 25.66 -45.45 73.80
C SER A 298 26.12 -44.11 73.23
N SER A 299 25.86 -43.90 71.94
CA SER A 299 26.35 -42.73 71.22
C SER A 299 25.25 -41.84 70.67
N GLY A 300 24.07 -42.40 70.46
CA GLY A 300 22.98 -41.68 69.79
C GLY A 300 23.26 -41.59 68.29
N ARG A 301 24.13 -42.47 67.80
CA ARG A 301 24.52 -42.51 66.39
C ARG A 301 23.85 -43.69 65.68
N TRP A 302 23.99 -43.73 64.35
CA TRP A 302 23.49 -44.84 63.53
C TRP A 302 24.64 -45.59 62.88
N ASN A 303 24.66 -46.91 63.07
CA ASN A 303 25.69 -47.75 62.50
C ASN A 303 25.12 -48.63 61.40
N CYS A 304 25.77 -48.57 60.23
CA CYS A 304 25.43 -49.40 59.09
C CYS A 304 26.61 -50.33 58.82
N LEU A 305 26.57 -51.52 59.41
CA LEU A 305 27.65 -52.50 59.29
C LEU A 305 27.94 -52.77 57.81
N VAL A 306 29.21 -52.60 57.42
CA VAL A 306 29.64 -52.90 56.05
C VAL A 306 29.32 -54.35 55.69
N ALA A 307 29.41 -55.23 56.68
CA ALA A 307 29.10 -56.65 56.48
C ALA A 307 27.63 -56.90 56.13
N ARG A 308 26.75 -55.99 56.54
CA ARG A 308 25.31 -56.12 56.30
C ARG A 308 24.80 -55.51 54.99
N GLN A 309 25.72 -54.91 54.23
CA GLN A 309 25.37 -54.34 52.93
C GLN A 309 24.94 -55.43 51.97
N HIS A 310 23.90 -55.15 51.19
CA HIS A 310 23.43 -56.08 50.18
C HIS A 310 23.58 -55.41 48.82
N ILE A 311 24.33 -56.05 47.95
CA ILE A 311 24.58 -55.53 46.61
C ILE A 311 23.56 -56.10 45.62
N GLU A 312 23.07 -55.23 44.73
CA GLU A 312 22.19 -55.63 43.64
C GLU A 312 22.66 -54.98 42.35
N MET A 313 23.03 -55.80 41.38
CA MET A 313 23.61 -55.29 40.14
C MET A 313 23.07 -56.01 38.90
N SER A 314 23.47 -55.52 37.73
CA SER A 314 23.02 -56.06 36.46
C SER A 314 24.11 -55.96 35.41
N THR A 315 24.35 -57.08 34.73
CA THR A 315 25.37 -57.15 33.69
C THR A 315 24.79 -56.77 32.34
N THR A 316 23.47 -56.87 32.22
CA THR A 316 22.81 -56.70 30.93
C THR A 316 22.04 -55.38 30.78
N GLY A 317 21.84 -54.66 31.88
CA GLY A 317 21.06 -53.42 31.87
C GLY A 317 21.18 -52.65 33.17
N TRP A 318 20.12 -51.94 33.53
CA TRP A 318 20.03 -51.17 34.78
C TRP A 318 19.43 -52.04 35.90
N VAL A 319 19.41 -51.51 37.12
CA VAL A 319 18.85 -52.28 38.23
C VAL A 319 17.42 -51.84 38.59
N GLY A 320 16.54 -52.83 38.73
CA GLY A 320 15.12 -52.60 39.00
C GLY A 320 14.33 -52.29 37.74
N ARG A 321 13.01 -52.20 37.87
CA ARG A 321 12.18 -51.86 36.71
C ARG A 321 12.44 -50.41 36.32
N PHE A 322 12.25 -49.51 37.27
CA PHE A 322 12.64 -48.10 37.13
C PHE A 322 13.62 -47.72 38.27
N ARG A 323 13.67 -48.57 39.29
CA ARG A 323 14.60 -48.45 40.42
C ARG A 323 14.60 -49.76 41.20
N PRO A 324 15.66 -50.00 42.01
CA PRO A 324 15.65 -51.22 42.81
C PRO A 324 14.37 -51.35 43.65
N SER A 325 13.87 -52.58 43.73
CA SER A 325 12.65 -52.89 44.47
C SER A 325 12.79 -52.56 45.95
N GLU A 326 11.66 -52.36 46.61
CA GLU A 326 11.66 -52.05 48.05
C GLU A 326 11.59 -53.33 48.89
N PRO A 327 12.29 -53.36 50.04
CA PRO A 327 12.27 -54.55 50.89
C PRO A 327 11.02 -54.66 51.76
N HIS A 328 10.66 -55.89 52.11
CA HIS A 328 9.56 -56.15 53.02
C HIS A 328 10.07 -56.96 54.21
N PHE A 329 10.22 -56.28 55.34
CA PHE A 329 10.84 -56.86 56.51
C PHE A 329 9.92 -57.72 57.36
N THR A 330 10.47 -58.84 57.84
CA THR A 330 9.81 -59.66 58.86
C THR A 330 9.81 -58.81 60.14
N LEU A 331 8.84 -59.06 61.01
CA LEU A 331 8.64 -58.22 62.20
C LEU A 331 9.91 -57.90 63.00
N ASP A 332 10.74 -58.92 63.27
CA ASP A 332 12.00 -58.75 64.00
C ASP A 332 13.08 -58.02 63.20
N GLY A 333 12.83 -57.84 61.90
CA GLY A 333 13.71 -57.08 61.03
C GLY A 333 15.04 -57.75 60.74
N ASN A 334 15.13 -59.04 61.00
CA ASN A 334 16.36 -59.78 60.72
C ASN A 334 16.31 -60.48 59.37
N SER A 335 15.19 -60.30 58.67
CA SER A 335 14.97 -60.87 57.35
C SER A 335 14.06 -59.97 56.54
N PHE A 336 14.10 -60.13 55.23
CA PHE A 336 13.21 -59.40 54.32
C PHE A 336 13.10 -60.08 52.97
N TYR A 337 12.01 -59.76 52.28
CA TYR A 337 11.79 -60.25 50.92
C TYR A 337 11.82 -59.06 49.99
N LYS A 338 12.40 -59.24 48.81
CA LYS A 338 12.31 -58.23 47.76
C LYS A 338 12.42 -58.84 46.37
N ILE A 339 11.81 -58.18 45.40
CA ILE A 339 11.84 -58.63 44.01
C ILE A 339 13.17 -58.27 43.37
N ILE A 340 13.89 -59.29 42.90
CA ILE A 340 15.09 -59.13 42.10
C ILE A 340 14.97 -60.13 40.96
N SER A 341 15.65 -59.89 39.84
CA SER A 341 15.59 -60.86 38.74
C SER A 341 16.55 -62.02 38.98
N ASN A 342 16.13 -63.22 38.61
CA ASN A 342 16.96 -64.41 38.78
C ASN A 342 18.02 -64.56 37.70
N GLU A 343 18.68 -65.72 37.70
CA GLU A 343 19.73 -66.01 36.72
C GLU A 343 19.17 -66.15 35.31
N GLU A 344 17.87 -66.45 35.21
CA GLU A 344 17.16 -66.48 33.94
C GLU A 344 16.66 -65.09 33.52
N GLY A 345 16.78 -64.10 34.41
CA GLY A 345 16.38 -62.73 34.10
C GLY A 345 14.93 -62.39 34.41
N TYR A 346 14.23 -63.27 35.12
CA TYR A 346 12.84 -63.02 35.48
C TYR A 346 12.75 -62.51 36.91
N ARG A 347 11.89 -61.51 37.11
CA ARG A 347 11.76 -60.86 38.41
C ARG A 347 10.91 -61.65 39.39
N HIS A 348 11.57 -62.22 40.39
CA HIS A 348 10.94 -63.06 41.40
C HIS A 348 11.32 -62.64 42.81
N ILE A 349 10.62 -63.18 43.79
CA ILE A 349 10.78 -62.78 45.19
C ILE A 349 11.96 -63.53 45.81
N CYS A 350 12.89 -62.78 46.40
CA CYS A 350 14.03 -63.39 47.08
C CYS A 350 13.96 -63.14 48.56
N TYR A 351 14.28 -64.17 49.34
CA TYR A 351 14.28 -64.10 50.78
C TYR A 351 15.70 -63.89 51.28
N PHE A 352 15.92 -62.81 52.01
CA PHE A 352 17.25 -62.46 52.51
C PHE A 352 17.29 -62.54 54.01
N GLN A 353 18.38 -63.07 54.54
CA GLN A 353 18.65 -63.04 55.97
C GLN A 353 19.67 -61.93 56.21
N ILE A 354 19.35 -61.03 57.14
CA ILE A 354 20.17 -59.85 57.43
C ILE A 354 21.66 -60.12 57.65
N ASP A 355 22.00 -61.23 58.29
CA ASP A 355 23.40 -61.57 58.61
C ASP A 355 24.00 -62.73 57.79
N LYS A 356 23.82 -62.70 56.47
CA LYS A 356 24.53 -63.60 55.53
C LYS A 356 24.39 -63.14 54.08
N LYS A 357 25.23 -63.71 53.21
CA LYS A 357 25.34 -63.25 51.82
C LYS A 357 24.18 -63.71 50.92
N ASP A 358 23.88 -65.01 50.96
CA ASP A 358 22.94 -65.65 50.01
C ASP A 358 21.47 -65.48 50.34
N CYS A 359 20.68 -65.12 49.34
CA CYS A 359 19.24 -65.18 49.47
C CYS A 359 18.73 -66.39 48.71
N THR A 360 17.63 -66.97 49.18
CA THR A 360 16.99 -68.04 48.42
C THR A 360 15.71 -67.50 47.75
N PHE A 361 15.52 -67.83 46.47
CA PHE A 361 14.32 -67.47 45.74
C PHE A 361 13.14 -68.30 46.21
N ILE A 362 11.97 -67.69 46.34
CA ILE A 362 10.80 -68.39 46.86
C ILE A 362 9.71 -68.56 45.80
N THR A 363 9.86 -67.83 44.70
CA THR A 363 9.05 -68.02 43.49
C THR A 363 9.98 -68.20 42.29
N LYS A 364 9.47 -68.84 41.24
CA LYS A 364 10.23 -69.04 39.97
C LYS A 364 9.31 -69.30 38.77
N GLY A 365 9.87 -69.19 37.57
CA GLY A 365 9.14 -69.46 36.33
C GLY A 365 9.28 -68.37 35.29
N THR A 366 8.66 -68.58 34.13
CA THR A 366 8.72 -67.63 33.04
C THR A 366 7.54 -66.65 33.08
N TRP A 367 7.51 -65.88 34.17
CA TRP A 367 6.53 -64.84 34.41
C TRP A 367 7.16 -64.00 35.52
N GLU A 368 6.50 -62.92 35.93
CA GLU A 368 7.10 -62.08 36.93
C GLU A 368 6.19 -61.66 38.06
N VAL A 369 6.81 -61.42 39.22
CA VAL A 369 6.12 -60.86 40.36
C VAL A 369 6.11 -59.34 40.15
N ILE A 370 4.92 -58.75 40.30
CA ILE A 370 4.75 -57.33 40.09
C ILE A 370 5.07 -56.59 41.38
N GLY A 371 4.55 -57.10 42.49
CA GLY A 371 4.76 -56.47 43.78
C GLY A 371 4.46 -57.41 44.93
N ILE A 372 5.11 -57.15 46.06
CA ILE A 372 4.78 -57.78 47.31
C ILE A 372 3.74 -56.86 47.94
N GLU A 373 2.59 -57.43 48.33
CA GLU A 373 1.48 -56.62 48.82
C GLU A 373 1.40 -56.53 50.34
N ALA A 374 1.58 -57.66 51.01
CA ALA A 374 1.63 -57.69 52.48
C ALA A 374 2.36 -58.93 52.93
N LEU A 375 3.02 -58.84 54.09
CA LEU A 375 3.58 -60.03 54.70
C LEU A 375 3.11 -60.17 56.14
N THR A 376 2.65 -61.36 56.48
CA THR A 376 2.22 -61.67 57.83
C THR A 376 3.15 -62.74 58.40
N SER A 377 2.84 -63.16 59.62
CA SER A 377 3.55 -64.23 60.30
C SER A 377 3.58 -65.51 59.45
N ASP A 378 2.46 -65.82 58.80
CA ASP A 378 2.29 -67.09 58.11
C ASP A 378 2.37 -67.02 56.58
N TYR A 379 1.96 -65.90 55.99
CA TYR A 379 1.88 -65.80 54.53
C TYR A 379 2.52 -64.54 53.93
N LEU A 380 2.99 -64.69 52.69
CA LEU A 380 3.45 -63.59 51.85
C LEU A 380 2.44 -63.44 50.70
N TYR A 381 1.95 -62.22 50.50
CA TYR A 381 0.99 -61.91 49.45
C TYR A 381 1.63 -61.10 48.33
N TYR A 382 1.39 -61.51 47.10
CA TYR A 382 1.99 -60.84 45.95
C TYR A 382 1.10 -60.88 44.71
N ILE A 383 1.27 -59.91 43.84
CA ILE A 383 0.55 -59.87 42.57
C ILE A 383 1.53 -60.24 41.47
N SER A 384 1.12 -61.14 40.56
CA SER A 384 1.98 -61.54 39.45
C SER A 384 1.18 -61.73 38.18
N ASN A 385 1.88 -61.86 37.05
CA ASN A 385 1.24 -62.19 35.77
C ASN A 385 1.42 -63.67 35.41
N GLU A 386 1.35 -64.55 36.40
CA GLU A 386 1.57 -65.97 36.12
C GLU A 386 0.40 -66.62 35.40
N TYR A 387 -0.82 -66.25 35.79
CA TYR A 387 -2.02 -66.88 35.26
C TYR A 387 -2.05 -66.92 33.74
N LYS A 388 -2.03 -68.14 33.20
CA LYS A 388 -2.14 -68.46 31.77
C LYS A 388 -0.97 -68.00 30.90
N GLY A 389 0.15 -67.65 31.53
CA GLY A 389 1.33 -67.16 30.80
C GLY A 389 1.10 -65.83 30.12
N MET A 390 0.09 -65.10 30.57
CA MET A 390 -0.28 -63.79 30.02
C MET A 390 0.39 -62.65 30.79
N PRO A 391 1.40 -62.01 30.17
CA PRO A 391 2.11 -60.92 30.84
C PRO A 391 1.22 -59.74 31.19
N GLY A 392 0.07 -59.64 30.51
CA GLY A 392 -0.84 -58.50 30.66
C GLY A 392 -1.98 -58.67 31.64
N GLY A 393 -2.00 -59.80 32.36
CA GLY A 393 -2.98 -60.01 33.42
C GLY A 393 -2.35 -59.84 34.79
N ARG A 394 -3.17 -59.68 35.82
CA ARG A 394 -2.65 -59.49 37.18
C ARG A 394 -3.53 -60.19 38.21
N ASN A 395 -2.95 -61.12 38.95
CA ASN A 395 -3.70 -61.86 39.96
C ASN A 395 -2.99 -61.86 41.30
N LEU A 396 -3.78 -61.83 42.36
CA LEU A 396 -3.28 -61.89 43.73
C LEU A 396 -3.02 -63.32 44.16
N TYR A 397 -1.80 -63.58 44.64
CA TYR A 397 -1.40 -64.91 45.08
C TYR A 397 -0.97 -64.90 46.53
N LYS A 398 -1.09 -66.05 47.18
CA LYS A 398 -0.68 -66.26 48.56
C LYS A 398 0.37 -67.37 48.60
N ILE A 399 1.53 -67.09 49.18
CA ILE A 399 2.58 -68.11 49.34
C ILE A 399 2.81 -68.43 50.82
N GLN A 400 2.81 -69.72 51.13
CA GLN A 400 2.95 -70.18 52.51
C GLN A 400 4.42 -70.19 52.93
N LEU A 401 4.72 -69.41 53.98
CA LEU A 401 6.10 -69.23 54.46
C LEU A 401 6.83 -70.52 54.84
N SER A 402 6.14 -71.41 55.55
CA SER A 402 6.72 -72.68 55.97
C SER A 402 6.92 -73.68 54.82
N ASP A 403 6.21 -73.48 53.71
CA ASP A 403 6.38 -74.31 52.51
C ASP A 403 6.07 -73.53 51.22
N TYR A 404 7.13 -73.23 50.46
CA TYR A 404 7.06 -72.38 49.28
C TYR A 404 6.27 -72.95 48.10
N THR A 405 6.26 -74.27 47.96
CA THR A 405 5.51 -74.89 46.86
C THR A 405 4.00 -74.75 47.04
N LYS A 406 3.56 -74.43 48.27
CA LYS A 406 2.14 -74.25 48.60
C LYS A 406 1.66 -72.83 48.29
N VAL A 407 1.22 -72.65 47.05
CA VAL A 407 0.82 -71.36 46.47
C VAL A 407 -0.64 -71.34 46.04
N THR A 408 -1.40 -70.38 46.55
CA THR A 408 -2.83 -70.28 46.27
C THR A 408 -3.16 -69.02 45.50
N CYS A 409 -3.85 -69.16 44.36
CA CYS A 409 -4.33 -68.00 43.64
C CYS A 409 -5.67 -67.54 44.21
N LEU A 410 -5.67 -66.34 44.79
CA LEU A 410 -6.82 -65.81 45.50
C LEU A 410 -7.78 -65.03 44.62
N SER A 411 -7.45 -64.86 43.34
CA SER A 411 -8.30 -64.07 42.46
C SER A 411 -8.54 -64.67 41.08
N CYS A 412 -7.75 -65.68 40.72
CA CYS A 412 -7.83 -66.34 39.40
C CYS A 412 -9.24 -66.73 38.99
N GLU A 413 -9.98 -67.39 39.89
CA GLU A 413 -11.30 -67.92 39.56
C GLU A 413 -12.51 -67.23 40.18
N LEU A 414 -12.29 -66.09 40.83
CA LEU A 414 -13.42 -65.33 41.40
C LEU A 414 -14.45 -64.94 40.34
N ASN A 415 -13.96 -64.67 39.13
CA ASN A 415 -14.79 -64.44 37.95
C ASN A 415 -13.86 -64.37 36.74
N PRO A 416 -13.41 -65.55 36.27
CA PRO A 416 -12.38 -65.67 35.23
C PRO A 416 -12.70 -64.99 33.91
N GLU A 417 -13.98 -64.75 33.66
CA GLU A 417 -14.42 -64.19 32.39
C GLU A 417 -14.33 -62.66 32.37
N ARG A 418 -14.82 -62.01 33.43
CA ARG A 418 -14.81 -60.54 33.45
C ARG A 418 -13.62 -59.93 34.20
N CYS A 419 -12.88 -60.75 34.95
CA CYS A 419 -11.81 -60.24 35.81
C CYS A 419 -10.46 -60.96 35.70
N GLN A 420 -9.49 -60.28 35.09
CA GLN A 420 -8.16 -60.83 34.83
C GLN A 420 -7.05 -59.83 35.14
N TYR A 421 -7.40 -58.72 35.76
CA TYR A 421 -6.42 -57.69 36.11
C TYR A 421 -6.76 -57.10 37.47
N TYR A 422 -6.06 -57.56 38.51
CA TYR A 422 -6.39 -57.17 39.87
C TYR A 422 -5.31 -56.36 40.55
N SER A 423 -5.74 -55.47 41.44
CA SER A 423 -4.89 -54.85 42.43
C SER A 423 -5.57 -55.07 43.80
N VAL A 424 -4.86 -54.77 44.88
CA VAL A 424 -5.33 -55.12 46.21
C VAL A 424 -4.96 -54.10 47.28
N SER A 425 -5.84 -53.93 48.26
CA SER A 425 -5.59 -53.06 49.40
C SER A 425 -5.93 -53.80 50.70
N PHE A 426 -4.89 -54.12 51.47
CA PHE A 426 -5.04 -54.86 52.72
C PHE A 426 -5.24 -53.94 53.91
N SER A 427 -5.93 -54.44 54.94
CA SER A 427 -6.11 -53.70 56.19
C SER A 427 -4.79 -53.57 56.95
N LYS A 428 -4.76 -52.68 57.95
CA LYS A 428 -3.53 -52.37 58.71
C LYS A 428 -2.69 -53.61 59.09
N GLU A 429 -3.33 -54.72 59.40
CA GLU A 429 -2.62 -55.94 59.78
C GLU A 429 -3.00 -57.13 58.88
N ALA A 430 -3.53 -56.80 57.71
CA ALA A 430 -3.85 -57.77 56.66
C ALA A 430 -4.93 -58.81 57.03
N LYS A 431 -5.82 -58.45 57.94
CA LYS A 431 -6.91 -59.35 58.28
C LYS A 431 -8.00 -59.30 57.20
N TYR A 432 -8.15 -58.14 56.56
CA TYR A 432 -9.08 -57.97 55.44
C TYR A 432 -8.39 -57.37 54.22
N TYR A 433 -8.94 -57.63 53.04
CA TYR A 433 -8.45 -56.98 51.83
C TYR A 433 -9.53 -56.66 50.82
N GLN A 434 -9.41 -55.50 50.18
CA GLN A 434 -10.27 -55.10 49.09
C GLN A 434 -9.60 -55.48 47.77
N LEU A 435 -10.31 -56.20 46.92
CA LEU A 435 -9.82 -56.49 45.59
C LEU A 435 -10.41 -55.52 44.58
N ARG A 436 -9.55 -54.96 43.74
CA ARG A 436 -10.00 -54.15 42.62
C ARG A 436 -9.69 -54.89 41.32
N CYS A 437 -10.74 -55.11 40.53
CA CYS A 437 -10.64 -55.75 39.23
C CYS A 437 -10.85 -54.68 38.16
N SER A 438 -9.90 -54.59 37.22
CA SER A 438 -9.89 -53.52 36.22
C SER A 438 -10.24 -53.98 34.80
N GLY A 439 -10.51 -55.27 34.64
CA GLY A 439 -10.84 -55.80 33.33
C GLY A 439 -10.67 -57.30 33.20
N PRO A 440 -11.03 -57.86 32.03
CA PRO A 440 -11.48 -57.15 30.82
C PRO A 440 -12.91 -56.57 30.91
N GLY A 441 -13.74 -57.16 31.77
CA GLY A 441 -15.10 -56.64 31.96
C GLY A 441 -15.04 -55.35 32.77
N LEU A 442 -16.22 -54.80 33.07
CA LEU A 442 -16.31 -53.57 33.86
C LEU A 442 -15.71 -53.77 35.24
N PRO A 443 -15.07 -52.72 35.81
CA PRO A 443 -14.44 -52.82 37.12
C PRO A 443 -15.37 -53.31 38.23
N LEU A 444 -14.81 -54.09 39.15
CA LEU A 444 -15.56 -54.72 40.22
C LEU A 444 -14.74 -54.62 41.49
N TYR A 445 -15.34 -54.07 42.52
CA TYR A 445 -14.65 -53.89 43.80
C TYR A 445 -15.29 -54.80 44.85
N THR A 446 -14.50 -55.73 45.39
CA THR A 446 -15.00 -56.71 46.34
C THR A 446 -14.21 -56.68 47.65
N LEU A 447 -14.87 -57.07 48.74
CA LEU A 447 -14.25 -57.08 50.07
C LEU A 447 -14.10 -58.51 50.59
N HIS A 448 -12.95 -58.81 51.19
CA HIS A 448 -12.63 -60.18 51.60
C HIS A 448 -12.02 -60.25 52.99
N SER A 449 -12.19 -61.41 53.62
CA SER A 449 -11.55 -61.71 54.89
C SER A 449 -10.39 -62.64 54.59
N SER A 450 -9.19 -62.25 55.00
CA SER A 450 -8.01 -63.07 54.71
C SER A 450 -7.85 -64.29 55.62
N VAL A 451 -8.73 -64.43 56.61
CA VAL A 451 -8.69 -65.58 57.52
C VAL A 451 -9.05 -66.89 56.78
N ASN A 452 -10.03 -66.80 55.88
CA ASN A 452 -10.51 -67.96 55.13
C ASN A 452 -10.57 -67.73 53.61
N ASP A 453 -10.36 -66.47 53.20
CA ASP A 453 -10.32 -66.06 51.79
C ASP A 453 -11.65 -66.12 51.02
N LYS A 454 -12.77 -66.23 51.73
CA LYS A 454 -14.07 -66.06 51.10
C LYS A 454 -14.42 -64.56 51.02
N GLY A 455 -15.38 -64.21 50.18
CA GLY A 455 -15.74 -62.82 49.94
C GLY A 455 -16.88 -62.34 50.82
N LEU A 456 -16.65 -61.23 51.53
CA LEU A 456 -17.67 -60.65 52.40
C LEU A 456 -18.83 -59.99 51.65
N ARG A 457 -18.52 -59.23 50.60
CA ARG A 457 -19.55 -58.56 49.77
C ARG A 457 -18.97 -57.80 48.58
N VAL A 458 -19.86 -57.49 47.64
CA VAL A 458 -19.53 -56.66 46.49
C VAL A 458 -19.67 -55.20 46.94
N LEU A 459 -18.61 -54.42 46.73
CA LEU A 459 -18.56 -53.00 47.13
C LEU A 459 -19.07 -52.05 46.04
N GLU A 460 -18.73 -52.35 44.79
CA GLU A 460 -19.28 -51.65 43.62
C GLU A 460 -19.12 -52.60 42.43
N ASP A 461 -20.22 -52.76 41.68
CA ASP A 461 -20.24 -53.72 40.57
C ASP A 461 -20.38 -53.06 39.20
N ASN A 462 -20.60 -51.75 39.19
CA ASN A 462 -20.74 -50.95 37.98
C ASN A 462 -21.94 -51.27 37.08
N SER A 463 -22.98 -51.86 37.68
CA SER A 463 -24.22 -52.16 36.94
C SER A 463 -24.92 -50.90 36.42
N ALA A 464 -24.79 -49.80 37.16
CA ALA A 464 -25.33 -48.50 36.73
C ALA A 464 -24.77 -48.14 35.35
N LEU A 465 -23.45 -48.23 35.22
CA LEU A 465 -22.77 -48.02 33.95
C LEU A 465 -23.17 -49.09 32.94
N ASP A 466 -23.26 -50.34 33.41
CA ASP A 466 -23.58 -51.49 32.57
C ASP A 466 -24.94 -51.37 31.90
N LYS A 467 -25.89 -50.76 32.59
CA LYS A 467 -27.21 -50.52 32.06
C LYS A 467 -27.12 -49.60 30.84
N MET A 468 -26.34 -48.53 30.97
CA MET A 468 -26.20 -47.53 29.92
C MET A 468 -25.49 -48.05 28.67
N LEU A 469 -24.45 -48.85 28.86
CA LEU A 469 -23.67 -49.42 27.77
C LEU A 469 -24.45 -50.47 26.97
N GLN A 470 -25.65 -50.78 27.45
CA GLN A 470 -26.55 -51.74 26.80
C GLN A 470 -27.11 -51.16 25.50
N ASN A 471 -27.36 -49.85 25.51
CA ASN A 471 -27.93 -49.15 24.36
C ASN A 471 -26.90 -48.68 23.32
N VAL A 472 -25.63 -48.57 23.73
CA VAL A 472 -24.56 -48.07 22.85
C VAL A 472 -23.75 -49.18 22.16
N GLN A 473 -23.49 -49.00 20.86
CA GLN A 473 -22.64 -49.93 20.10
C GLN A 473 -21.18 -49.78 20.53
N MET A 474 -20.74 -50.69 21.40
CA MET A 474 -19.39 -50.63 21.97
C MET A 474 -18.38 -51.51 21.22
N PRO A 475 -17.10 -51.08 21.22
CA PRO A 475 -16.02 -51.87 20.65
C PRO A 475 -15.63 -53.03 21.55
N SER A 476 -14.89 -53.98 21.02
CA SER A 476 -14.34 -55.06 21.84
C SER A 476 -12.80 -54.96 21.85
N LYS A 477 -12.18 -55.78 22.69
CA LYS A 477 -10.71 -55.82 22.74
C LYS A 477 -10.20 -57.22 22.44
N LYS A 478 -9.31 -57.32 21.46
CA LYS A 478 -8.62 -58.56 21.20
C LYS A 478 -7.23 -58.45 21.82
N LEU A 479 -6.91 -59.40 22.70
CA LEU A 479 -5.59 -59.48 23.28
C LEU A 479 -4.97 -60.77 22.78
N ASP A 480 -3.75 -60.67 22.25
CA ASP A 480 -3.11 -61.84 21.66
C ASP A 480 -1.62 -61.57 21.46
N PHE A 481 -0.90 -62.53 20.88
CA PHE A 481 0.51 -62.33 20.60
C PHE A 481 0.86 -62.74 19.18
N ILE A 482 1.99 -62.23 18.71
CA ILE A 482 2.61 -62.70 17.47
C ILE A 482 3.97 -63.33 17.81
N ILE A 483 4.42 -64.24 16.95
CA ILE A 483 5.71 -64.89 17.12
C ILE A 483 6.73 -64.14 16.28
N LEU A 484 7.88 -63.86 16.90
CA LEU A 484 8.94 -63.09 16.26
C LEU A 484 10.30 -63.54 16.80
N ASN A 485 11.10 -64.15 15.93
CA ASN A 485 12.38 -64.76 16.30
C ASN A 485 12.22 -65.78 17.42
N GLU A 486 11.20 -66.63 17.28
CA GLU A 486 10.89 -67.68 18.26
C GLU A 486 10.50 -67.12 19.63
N THR A 487 9.86 -65.95 19.62
CA THR A 487 9.48 -65.26 20.85
C THR A 487 8.09 -64.62 20.73
N LYS A 488 7.30 -64.75 21.80
CA LYS A 488 5.96 -64.13 21.91
C LYS A 488 6.08 -62.63 22.12
N PHE A 489 5.38 -61.86 21.29
CA PHE A 489 5.21 -60.42 21.53
C PHE A 489 3.74 -60.08 21.51
N TRP A 490 3.28 -59.45 22.57
CA TRP A 490 1.87 -59.24 22.77
C TRP A 490 1.35 -57.96 22.16
N TYR A 491 0.10 -58.03 21.70
CA TYR A 491 -0.55 -56.88 21.10
C TYR A 491 -1.99 -56.87 21.53
N GLN A 492 -2.63 -55.71 21.46
CA GLN A 492 -4.07 -55.62 21.70
C GLN A 492 -4.74 -54.80 20.61
N MET A 493 -6.05 -54.98 20.43
CA MET A 493 -6.77 -54.24 19.40
C MET A 493 -8.12 -53.82 19.91
N ILE A 494 -8.44 -52.54 19.74
CA ILE A 494 -9.77 -52.05 20.04
C ILE A 494 -10.56 -52.13 18.74
N LEU A 495 -11.41 -53.15 18.64
CA LEU A 495 -12.15 -53.44 17.41
C LEU A 495 -13.51 -52.77 17.38
N PRO A 496 -13.82 -52.08 16.27
CA PRO A 496 -15.14 -51.46 16.07
C PRO A 496 -16.28 -52.48 16.20
N PRO A 497 -17.46 -52.04 16.67
CA PRO A 497 -18.60 -52.96 16.86
C PRO A 497 -19.06 -53.60 15.55
N HIS A 498 -19.64 -54.80 15.63
CA HIS A 498 -20.04 -55.56 14.44
C HIS A 498 -18.84 -55.79 13.51
N PHE A 499 -17.71 -56.14 14.12
CA PHE A 499 -16.45 -56.34 13.41
C PHE A 499 -16.54 -57.42 12.32
N ASP A 500 -16.28 -57.01 11.07
CA ASP A 500 -16.38 -57.88 9.91
C ASP A 500 -14.97 -58.14 9.37
N LYS A 501 -14.46 -59.35 9.57
CA LYS A 501 -13.07 -59.64 9.21
C LYS A 501 -12.80 -59.79 7.71
N SER A 502 -13.84 -59.62 6.89
CA SER A 502 -13.69 -59.63 5.43
C SER A 502 -13.63 -58.20 4.87
N LYS A 503 -13.90 -57.22 5.72
CA LYS A 503 -13.82 -55.81 5.32
C LYS A 503 -12.47 -55.24 5.77
N LYS A 504 -12.01 -54.19 5.10
CA LYS A 504 -10.73 -53.57 5.40
C LYS A 504 -10.90 -52.31 6.25
N TYR A 505 -10.27 -52.28 7.40
CA TYR A 505 -10.38 -51.13 8.30
C TYR A 505 -9.10 -50.30 8.34
N PRO A 506 -9.24 -48.96 8.44
CA PRO A 506 -8.06 -48.16 8.76
C PRO A 506 -7.59 -48.51 10.16
N LEU A 507 -6.28 -48.47 10.36
CA LEU A 507 -5.69 -48.81 11.65
C LEU A 507 -4.85 -47.68 12.24
N LEU A 508 -5.00 -47.45 13.54
CA LEU A 508 -4.17 -46.49 14.26
C LEU A 508 -3.35 -47.21 15.32
N LEU A 509 -2.04 -47.14 15.18
CA LEU A 509 -1.13 -47.73 16.16
C LEU A 509 -0.92 -46.74 17.29
N ASP A 510 -1.26 -47.18 18.50
CA ASP A 510 -1.18 -46.39 19.73
C ASP A 510 0.10 -46.80 20.46
N VAL A 511 1.05 -45.87 20.59
CA VAL A 511 2.37 -46.24 21.11
C VAL A 511 2.87 -45.51 22.36
N TYR A 512 3.55 -46.27 23.20
CA TYR A 512 4.33 -45.78 24.31
C TYR A 512 5.71 -46.36 24.04
N ALA A 513 5.89 -47.64 24.34
CA ALA A 513 7.09 -48.40 23.94
C ALA A 513 8.40 -47.97 24.60
N GLY A 514 8.33 -47.26 25.71
CA GLY A 514 9.52 -46.99 26.52
C GLY A 514 9.95 -48.22 27.27
N PRO A 515 11.14 -48.20 27.90
CA PRO A 515 11.61 -49.32 28.70
C PRO A 515 10.61 -49.67 29.82
N CYS A 516 10.33 -50.97 29.98
CA CYS A 516 9.36 -51.45 30.98
C CYS A 516 7.94 -50.92 30.81
N SER A 517 7.57 -50.60 29.58
CA SER A 517 6.20 -50.22 29.27
C SER A 517 5.40 -51.48 29.01
N GLN A 518 4.07 -51.36 29.13
CA GLN A 518 3.16 -52.42 28.77
C GLN A 518 1.87 -51.78 28.28
N LYS A 519 1.60 -51.95 26.98
CA LYS A 519 0.43 -51.32 26.37
C LYS A 519 -0.60 -52.35 25.90
N ALA A 520 -0.26 -53.64 26.03
CA ALA A 520 -1.20 -54.73 25.77
C ALA A 520 -1.52 -55.40 27.10
N ASP A 521 -2.70 -55.12 27.63
CA ASP A 521 -3.13 -55.73 28.87
C ASP A 521 -4.63 -56.09 28.82
N THR A 522 -5.14 -56.59 29.95
CA THR A 522 -6.54 -56.97 30.03
C THR A 522 -7.39 -55.92 30.74
N VAL A 523 -6.99 -54.65 30.67
CA VAL A 523 -7.71 -53.57 31.36
C VAL A 523 -8.85 -52.99 30.51
N PHE A 524 -9.98 -52.72 31.16
CA PHE A 524 -11.09 -52.05 30.52
C PHE A 524 -10.90 -50.54 30.61
N ARG A 525 -10.93 -49.87 29.48
CA ARG A 525 -10.79 -48.42 29.45
C ARG A 525 -11.87 -47.76 28.58
N LEU A 526 -12.36 -46.62 29.04
CA LEU A 526 -13.18 -45.74 28.20
C LEU A 526 -12.31 -44.54 27.84
N ASN A 527 -11.81 -44.50 26.59
CA ASN A 527 -10.92 -43.43 26.18
C ASN A 527 -11.03 -43.02 24.70
N TRP A 528 -10.00 -42.33 24.21
CA TRP A 528 -10.03 -41.81 22.85
C TRP A 528 -10.17 -42.96 21.85
N ALA A 529 -9.33 -43.98 22.03
CA ALA A 529 -9.44 -45.24 21.28
C ALA A 529 -10.87 -45.77 21.22
N THR A 530 -11.58 -45.71 22.35
CA THR A 530 -12.97 -46.17 22.44
C THR A 530 -13.87 -45.45 21.43
N TYR A 531 -13.78 -44.11 21.40
CA TYR A 531 -14.53 -43.34 20.42
C TYR A 531 -14.14 -43.64 18.98
N LEU A 532 -12.84 -43.69 18.71
CA LEU A 532 -12.34 -43.97 17.37
C LEU A 532 -12.87 -45.31 16.86
N ALA A 533 -12.88 -46.32 17.72
CA ALA A 533 -13.40 -47.61 17.34
C ALA A 533 -14.93 -47.57 17.13
N SER A 534 -15.65 -47.14 18.17
CA SER A 534 -17.11 -47.07 18.21
C SER A 534 -17.74 -46.21 17.11
N THR A 535 -17.34 -44.94 17.06
CA THR A 535 -17.92 -44.00 16.09
C THR A 535 -17.23 -43.97 14.73
N GLU A 536 -15.90 -44.04 14.71
CA GLU A 536 -15.17 -43.87 13.44
C GLU A 536 -14.78 -45.15 12.71
N ASN A 537 -15.11 -46.30 13.32
CA ASN A 537 -14.74 -47.61 12.79
C ASN A 537 -13.25 -47.74 12.42
N ILE A 538 -12.40 -47.22 13.30
CA ILE A 538 -10.96 -47.34 13.15
C ILE A 538 -10.51 -48.40 14.15
N ILE A 539 -9.59 -49.27 13.74
CA ILE A 539 -8.98 -50.17 14.71
C ILE A 539 -7.84 -49.43 15.37
N VAL A 540 -7.77 -49.49 16.70
CA VAL A 540 -6.59 -48.96 17.37
C VAL A 540 -5.82 -50.06 18.14
N ALA A 541 -4.61 -50.32 17.64
CA ALA A 541 -3.76 -51.39 18.15
C ALA A 541 -2.61 -50.86 18.99
N SER A 542 -2.17 -51.68 19.93
CA SER A 542 -0.95 -51.42 20.68
C SER A 542 -0.06 -52.66 20.66
N PHE A 543 1.24 -52.45 20.81
CA PHE A 543 2.20 -53.54 20.71
C PHE A 543 3.35 -53.34 21.69
N ASP A 544 3.65 -54.41 22.43
CA ASP A 544 4.78 -54.45 23.34
C ASP A 544 5.93 -55.25 22.70
N GLY A 545 6.88 -54.53 22.10
CA GLY A 545 8.03 -55.16 21.46
C GLY A 545 9.17 -55.22 22.43
N ARG A 546 10.39 -55.21 21.90
CA ARG A 546 11.58 -55.21 22.74
C ARG A 546 11.64 -53.96 23.62
N GLY A 547 12.22 -54.11 24.81
CA GLY A 547 12.27 -53.01 25.77
C GLY A 547 11.05 -52.96 26.69
N SER A 548 9.95 -53.59 26.28
CA SER A 548 8.74 -53.63 27.11
C SER A 548 8.96 -54.50 28.35
N GLY A 549 8.06 -54.37 29.32
CA GLY A 549 8.29 -54.92 30.65
C GLY A 549 7.53 -56.19 30.99
N TYR A 550 7.86 -56.74 32.17
CA TYR A 550 7.12 -57.87 32.77
C TYR A 550 7.21 -59.17 31.98
N GLN A 551 8.27 -59.31 31.18
CA GLN A 551 8.47 -60.51 30.37
C GLN A 551 9.93 -60.95 30.51
N GLY A 552 10.60 -60.42 31.53
CA GLY A 552 11.97 -60.80 31.84
C GLY A 552 12.96 -59.84 31.21
N ASP A 553 14.22 -59.94 31.66
CA ASP A 553 15.27 -59.02 31.24
C ASP A 553 15.72 -59.19 29.80
N LYS A 554 15.56 -60.41 29.28
CA LYS A 554 15.94 -60.68 27.89
C LYS A 554 15.25 -59.66 26.97
N ILE A 555 13.95 -59.50 27.16
CA ILE A 555 13.15 -58.54 26.39
C ILE A 555 13.35 -57.10 26.87
N MET A 556 13.31 -56.87 28.19
CA MET A 556 13.40 -55.51 28.71
C MET A 556 14.75 -54.84 28.47
N HIS A 557 15.85 -55.55 28.68
CA HIS A 557 17.20 -55.01 28.43
C HIS A 557 17.63 -54.97 26.95
N ALA A 558 16.80 -55.47 26.05
CA ALA A 558 17.16 -55.49 24.62
C ALA A 558 17.55 -54.12 24.09
N ILE A 559 17.00 -53.05 24.65
CA ILE A 559 17.31 -51.70 24.18
C ILE A 559 18.32 -50.95 25.06
N ASN A 560 18.92 -51.65 26.01
CA ASN A 560 19.97 -51.07 26.81
C ASN A 560 21.00 -50.36 25.93
N ARG A 561 21.26 -49.10 26.27
CA ARG A 561 22.24 -48.24 25.59
C ARG A 561 21.92 -47.95 24.12
N ARG A 562 20.71 -48.32 23.69
CA ARG A 562 20.33 -48.32 22.28
C ARG A 562 18.89 -47.83 22.06
N LEU A 563 18.51 -46.77 22.77
CA LEU A 563 17.18 -46.19 22.60
C LEU A 563 16.96 -45.71 21.17
N GLY A 564 15.72 -45.80 20.69
CA GLY A 564 15.42 -45.40 19.32
C GLY A 564 15.94 -46.40 18.30
N THR A 565 16.03 -47.67 18.69
CA THR A 565 16.40 -48.74 17.76
C THR A 565 15.34 -49.87 17.74
N PHE A 566 15.55 -50.94 18.50
CA PHE A 566 14.68 -52.12 18.43
C PHE A 566 13.20 -51.85 18.73
N GLU A 567 12.91 -51.00 19.72
CA GLU A 567 11.52 -50.73 20.10
C GLU A 567 10.81 -49.95 18.99
N VAL A 568 11.58 -49.20 18.20
CA VAL A 568 11.07 -48.47 17.04
C VAL A 568 10.85 -49.46 15.88
N GLU A 569 11.87 -50.27 15.60
CA GLU A 569 11.80 -51.30 14.57
C GLU A 569 10.61 -52.22 14.80
N ASP A 570 10.39 -52.64 16.04
CA ASP A 570 9.32 -53.56 16.37
C ASP A 570 7.90 -53.00 16.14
N GLN A 571 7.72 -51.68 16.28
CA GLN A 571 6.41 -51.07 16.04
C GLN A 571 6.09 -51.11 14.54
N ILE A 572 7.12 -50.89 13.72
CA ILE A 572 7.00 -50.98 12.27
C ILE A 572 6.66 -52.42 11.89
N GLU A 573 7.34 -53.36 12.53
CA GLU A 573 7.09 -54.77 12.28
C GLU A 573 5.66 -55.18 12.70
N ALA A 574 5.21 -54.69 13.85
CA ALA A 574 3.86 -55.01 14.31
C ALA A 574 2.86 -54.62 13.23
N ALA A 575 3.02 -53.41 12.69
CA ALA A 575 2.18 -52.88 11.62
C ALA A 575 2.24 -53.75 10.38
N ARG A 576 3.44 -54.14 9.99
CA ARG A 576 3.62 -55.06 8.87
C ARG A 576 2.82 -56.33 9.13
N GLN A 577 2.87 -56.82 10.35
CA GLN A 577 2.15 -58.04 10.72
C GLN A 577 0.64 -57.87 10.67
N PHE A 578 0.15 -56.73 11.20
CA PHE A 578 -1.28 -56.43 11.20
C PHE A 578 -1.84 -56.30 9.78
N SER A 579 -0.99 -55.90 8.83
CA SER A 579 -1.41 -55.78 7.42
C SER A 579 -1.72 -57.16 6.86
N LYS A 580 -0.91 -58.13 7.26
CA LYS A 580 -1.09 -59.51 6.82
C LYS A 580 -2.24 -60.22 7.54
N MET A 581 -2.94 -59.52 8.43
CA MET A 581 -4.09 -60.12 9.11
C MET A 581 -5.38 -60.04 8.29
N GLY A 582 -5.31 -59.34 7.15
CA GLY A 582 -6.39 -59.38 6.16
C GLY A 582 -7.47 -58.34 6.30
N PHE A 583 -7.76 -57.93 7.52
CA PHE A 583 -8.82 -56.95 7.77
C PHE A 583 -8.33 -55.51 7.91
N VAL A 584 -7.07 -55.27 7.55
CA VAL A 584 -6.47 -53.94 7.71
C VAL A 584 -6.21 -53.32 6.33
N ASP A 585 -6.71 -52.10 6.11
CA ASP A 585 -6.46 -51.36 4.88
C ASP A 585 -5.08 -50.75 4.99
N ASN A 586 -4.12 -51.34 4.27
CA ASN A 586 -2.72 -50.94 4.44
C ASN A 586 -2.35 -49.62 3.75
N LYS A 587 -3.36 -48.98 3.15
CA LYS A 587 -3.20 -47.63 2.63
C LYS A 587 -3.63 -46.60 3.69
N ARG A 588 -4.10 -47.10 4.84
CA ARG A 588 -4.58 -46.24 5.92
C ARG A 588 -4.13 -46.70 7.32
N ILE A 589 -2.82 -46.71 7.53
CA ILE A 589 -2.22 -47.02 8.83
C ILE A 589 -1.58 -45.75 9.42
N ALA A 590 -1.93 -45.45 10.67
CA ALA A 590 -1.42 -44.27 11.37
C ALA A 590 -0.83 -44.63 12.73
N ILE A 591 -0.09 -43.70 13.32
CA ILE A 591 0.64 -43.97 14.54
C ILE A 591 0.67 -42.72 15.41
N TRP A 592 0.40 -42.88 16.70
CA TRP A 592 0.46 -41.73 17.57
C TRP A 592 0.92 -42.15 18.95
N GLY A 593 1.46 -41.19 19.69
CA GLY A 593 1.96 -41.46 21.03
C GLY A 593 2.30 -40.17 21.73
N TRP A 594 2.41 -40.26 23.05
CA TRP A 594 2.74 -39.14 23.95
C TRP A 594 4.07 -39.45 24.63
N SER A 595 4.86 -38.41 24.94
CA SER A 595 6.12 -38.60 25.69
C SER A 595 7.00 -39.59 24.95
N TYR A 596 7.41 -40.68 25.60
CA TYR A 596 8.25 -41.68 24.91
C TYR A 596 7.57 -42.12 23.61
N GLY A 597 6.24 -42.24 23.66
CA GLY A 597 5.43 -42.57 22.50
C GLY A 597 5.50 -41.53 21.40
N GLY A 598 5.56 -40.25 21.76
CA GLY A 598 5.77 -39.18 20.77
C GLY A 598 7.10 -39.38 20.08
N TYR A 599 8.13 -39.72 20.87
CA TYR A 599 9.47 -39.99 20.37
C TYR A 599 9.47 -41.14 19.35
N VAL A 600 8.85 -42.25 19.72
CA VAL A 600 8.85 -43.44 18.87
C VAL A 600 8.00 -43.22 17.61
N THR A 601 6.87 -42.54 17.77
CA THR A 601 6.05 -42.14 16.63
C THR A 601 6.88 -41.34 15.64
N SER A 602 7.67 -40.39 16.16
CA SER A 602 8.47 -39.54 15.30
C SER A 602 9.58 -40.36 14.67
N MET A 603 10.22 -41.22 15.46
CA MET A 603 11.27 -42.07 14.92
C MET A 603 10.73 -43.01 13.82
N VAL A 604 9.50 -43.48 14.00
CA VAL A 604 8.84 -44.36 13.03
C VAL A 604 8.53 -43.61 11.75
N LEU A 605 7.89 -42.45 11.88
CA LEU A 605 7.52 -41.63 10.73
C LEU A 605 8.71 -41.16 9.90
N GLY A 606 9.88 -41.03 10.54
CA GLY A 606 11.10 -40.58 9.86
C GLY A 606 12.04 -41.70 9.46
N SER A 607 11.55 -42.94 9.55
CA SER A 607 12.34 -44.14 9.22
C SER A 607 12.33 -44.48 7.74
N GLY A 608 11.34 -43.99 7.02
CA GLY A 608 11.25 -44.27 5.58
C GLY A 608 10.67 -45.63 5.26
N SER A 609 9.98 -46.24 6.21
CA SER A 609 9.46 -47.60 6.02
C SER A 609 8.38 -47.68 4.96
N GLY A 610 7.64 -46.59 4.77
CA GLY A 610 6.53 -46.53 3.81
C GLY A 610 5.24 -47.14 4.34
N VAL A 611 5.29 -47.71 5.54
CA VAL A 611 4.17 -48.41 6.18
C VAL A 611 3.05 -47.46 6.68
N PHE A 612 3.43 -46.29 7.17
CA PHE A 612 2.48 -45.36 7.80
C PHE A 612 2.21 -44.13 6.96
N LYS A 613 0.93 -43.80 6.82
CA LYS A 613 0.51 -42.65 6.04
C LYS A 613 0.70 -41.38 6.84
N CYS A 614 0.41 -41.46 8.14
CA CYS A 614 0.44 -40.28 8.96
C CYS A 614 0.68 -40.62 10.42
N GLY A 615 0.93 -39.59 11.21
CA GLY A 615 1.09 -39.74 12.64
C GLY A 615 0.98 -38.47 13.43
N ILE A 616 0.90 -38.65 14.74
CA ILE A 616 0.77 -37.55 15.70
C ILE A 616 1.75 -37.81 16.83
N ALA A 617 2.61 -36.83 17.09
CA ALA A 617 3.52 -36.90 18.23
C ALA A 617 3.13 -35.82 19.24
N VAL A 618 2.86 -36.22 20.47
CA VAL A 618 2.49 -35.25 21.49
C VAL A 618 3.60 -35.16 22.54
N ALA A 619 4.16 -33.96 22.70
CA ALA A 619 5.23 -33.71 23.67
C ALA A 619 6.36 -34.76 23.57
N PRO A 620 6.95 -34.91 22.37
CA PRO A 620 7.93 -35.98 22.21
C PRO A 620 9.31 -35.56 22.68
N VAL A 621 10.10 -36.52 23.17
CA VAL A 621 11.54 -36.32 23.24
C VAL A 621 12.00 -36.28 21.78
N SER A 622 12.95 -35.40 21.48
CA SER A 622 13.52 -35.34 20.13
C SER A 622 14.99 -35.78 20.09
N ARG A 623 15.66 -35.68 21.24
CA ARG A 623 17.08 -35.95 21.35
C ARG A 623 17.35 -36.13 22.83
N TRP A 624 18.07 -37.18 23.18
CA TRP A 624 18.19 -37.56 24.59
C TRP A 624 18.97 -36.58 25.49
N GLU A 625 19.85 -35.77 24.92
CA GLU A 625 20.58 -34.79 25.72
C GLU A 625 19.65 -33.72 26.28
N TYR A 626 18.43 -33.65 25.79
CA TYR A 626 17.48 -32.64 26.22
C TYR A 626 16.67 -33.09 27.42
N TYR A 627 16.60 -34.40 27.62
CA TYR A 627 15.78 -34.96 28.71
C TYR A 627 16.58 -35.19 30.01
N ASP A 628 15.89 -35.47 31.12
CA ASP A 628 16.58 -35.51 32.42
C ASP A 628 17.58 -36.66 32.58
N SER A 629 18.54 -36.48 33.47
CA SER A 629 19.62 -37.44 33.71
C SER A 629 19.16 -38.80 34.24
N VAL A 630 18.33 -38.78 35.28
CA VAL A 630 17.92 -40.01 35.93
C VAL A 630 17.28 -41.00 34.97
N TYR A 631 16.30 -40.54 34.20
CA TYR A 631 15.60 -41.42 33.29
C TYR A 631 16.52 -41.79 32.12
N THR A 632 17.06 -40.77 31.45
CA THR A 632 17.86 -40.93 30.25
C THR A 632 19.11 -41.77 30.46
N GLU A 633 19.83 -41.52 31.56
CA GLU A 633 21.11 -42.20 31.78
C GLU A 633 20.92 -43.65 32.19
N ARG A 634 19.78 -43.96 32.80
CA ARG A 634 19.45 -45.33 33.17
C ARG A 634 19.55 -46.28 31.96
N TYR A 635 19.24 -45.74 30.78
CA TYR A 635 19.16 -46.53 29.56
C TYR A 635 20.25 -46.18 28.57
N MET A 636 20.75 -44.95 28.64
CA MET A 636 21.68 -44.44 27.64
C MET A 636 23.13 -44.25 28.11
N GLY A 637 23.33 -44.19 29.42
CA GLY A 637 24.64 -43.84 29.98
C GLY A 637 24.88 -42.35 29.79
N LEU A 638 26.14 -41.94 29.82
CA LEU A 638 26.49 -40.53 29.59
C LEU A 638 26.69 -40.24 28.12
N PRO A 639 26.37 -39.00 27.71
CA PRO A 639 26.60 -38.55 26.34
C PRO A 639 28.03 -38.01 26.13
N THR A 640 29.03 -38.77 26.57
CA THR A 640 30.45 -38.42 26.41
C THR A 640 31.13 -39.35 25.42
N PRO A 641 32.27 -38.92 24.83
CA PRO A 641 33.03 -39.77 23.89
C PRO A 641 33.53 -41.10 24.49
N GLU A 642 33.78 -41.12 25.80
CA GLU A 642 34.24 -42.35 26.46
C GLU A 642 33.08 -43.22 26.95
N ASP A 643 31.86 -42.78 26.69
CA ASP A 643 30.69 -43.60 27.02
C ASP A 643 29.85 -43.87 25.78
N ASN A 644 28.79 -43.08 25.58
CA ASN A 644 27.74 -43.41 24.61
C ASN A 644 27.32 -42.26 23.68
N LEU A 645 28.18 -41.25 23.51
CA LEU A 645 27.88 -40.08 22.66
C LEU A 645 27.40 -40.43 21.25
N ASP A 646 28.04 -41.43 20.62
CA ASP A 646 27.73 -41.79 19.24
C ASP A 646 26.28 -42.18 19.04
N HIS A 647 25.74 -42.96 19.97
CA HIS A 647 24.35 -43.31 19.90
C HIS A 647 23.42 -42.15 20.29
N TYR A 648 23.86 -41.28 21.19
CA TYR A 648 23.12 -40.08 21.49
C TYR A 648 22.91 -39.27 20.22
N ARG A 649 23.97 -39.17 19.43
CA ARG A 649 23.96 -38.41 18.17
C ARG A 649 23.15 -39.11 17.09
N ASN A 650 23.15 -40.44 17.10
CA ASN A 650 22.42 -41.22 16.09
C ASN A 650 20.91 -41.37 16.30
N SER A 651 20.46 -41.21 17.55
CA SER A 651 19.09 -41.50 17.90
C SER A 651 18.18 -40.26 17.97
N THR A 652 18.56 -39.17 17.31
CA THR A 652 17.71 -37.97 17.30
C THR A 652 16.62 -38.10 16.26
N VAL A 653 15.47 -37.47 16.50
CA VAL A 653 14.48 -37.34 15.43
C VAL A 653 14.89 -36.35 14.34
N MET A 654 15.60 -35.28 14.72
CA MET A 654 16.05 -34.26 13.76
C MET A 654 16.79 -34.86 12.58
N SER A 655 17.70 -35.80 12.85
CA SER A 655 18.49 -36.41 11.79
C SER A 655 17.67 -37.21 10.77
N ARG A 656 16.38 -37.40 11.04
CA ARG A 656 15.50 -38.14 10.14
C ARG A 656 14.52 -37.26 9.37
N ALA A 657 14.73 -35.94 9.45
CA ALA A 657 13.80 -34.96 8.89
C ALA A 657 13.48 -35.16 7.41
N GLU A 658 14.48 -35.53 6.62
CA GLU A 658 14.29 -35.71 5.20
C GLU A 658 13.17 -36.73 4.89
N ASN A 659 13.09 -37.81 5.66
CA ASN A 659 12.12 -38.88 5.41
C ASN A 659 10.69 -38.49 5.77
N PHE A 660 10.53 -37.34 6.41
CA PHE A 660 9.21 -36.86 6.78
C PHE A 660 8.43 -36.40 5.54
N LYS A 661 9.13 -36.28 4.42
CA LYS A 661 8.51 -35.94 3.12
C LYS A 661 7.53 -36.99 2.67
N GLN A 662 7.66 -38.18 3.24
CA GLN A 662 6.87 -39.32 2.85
C GLN A 662 5.56 -39.45 3.64
N VAL A 663 5.41 -38.64 4.69
CA VAL A 663 4.28 -38.80 5.63
C VAL A 663 3.58 -37.48 6.03
N GLU A 664 2.37 -37.60 6.56
CA GLU A 664 1.62 -36.44 7.05
C GLU A 664 1.85 -36.39 8.57
N TYR A 665 2.35 -35.26 9.06
CA TYR A 665 2.77 -35.16 10.46
C TYR A 665 2.02 -34.07 11.22
N LEU A 666 1.63 -34.39 12.45
CA LEU A 666 1.08 -33.38 13.35
C LEU A 666 1.88 -33.42 14.64
N LEU A 667 2.43 -32.26 15.02
CA LEU A 667 3.31 -32.15 16.18
C LEU A 667 2.71 -31.20 17.19
N ILE A 668 2.53 -31.69 18.41
CA ILE A 668 1.82 -30.96 19.45
C ILE A 668 2.64 -30.89 20.74
N HIS A 669 2.64 -29.72 21.37
CA HIS A 669 3.42 -29.52 22.58
C HIS A 669 2.93 -28.35 23.43
N GLY A 670 2.85 -28.55 24.74
CA GLY A 670 2.45 -27.50 25.65
C GLY A 670 3.64 -26.61 25.96
N THR A 671 3.44 -25.31 25.89
CA THR A 671 4.53 -24.35 26.05
C THR A 671 5.12 -24.29 27.46
N ALA A 672 4.38 -24.77 28.47
CA ALA A 672 4.87 -24.75 29.86
C ALA A 672 5.22 -26.14 30.39
N ASP A 673 5.68 -26.99 29.48
CA ASP A 673 6.09 -28.33 29.80
C ASP A 673 7.42 -28.29 30.58
N ASP A 674 7.33 -28.57 31.86
CA ASP A 674 8.52 -28.62 32.71
C ASP A 674 9.26 -29.93 32.52
N ASN A 675 8.60 -30.90 31.89
CA ASN A 675 9.13 -32.25 31.78
C ASN A 675 9.87 -32.50 30.46
N VAL A 676 9.13 -32.52 29.36
CA VAL A 676 9.71 -32.60 28.04
C VAL A 676 9.59 -31.17 27.55
N HIS A 677 10.69 -30.43 27.66
CA HIS A 677 10.65 -29.00 27.40
C HIS A 677 10.21 -28.70 25.97
N PHE A 678 9.44 -27.63 25.80
CA PHE A 678 8.98 -27.23 24.47
C PHE A 678 10.14 -27.25 23.46
N GLN A 679 11.34 -26.94 23.97
CA GLN A 679 12.61 -27.04 23.25
C GLN A 679 12.66 -28.22 22.29
N GLN A 680 12.19 -29.36 22.78
CA GLN A 680 12.30 -30.61 22.05
C GLN A 680 11.49 -30.60 20.76
N SER A 681 10.26 -30.06 20.83
CA SER A 681 9.46 -29.89 19.60
C SER A 681 10.00 -28.74 18.75
N ALA A 682 10.55 -27.71 19.40
CA ALA A 682 11.05 -26.54 18.68
C ALA A 682 12.14 -26.98 17.71
N GLN A 683 13.02 -27.87 18.19
CA GLN A 683 14.11 -28.36 17.38
C GLN A 683 13.63 -29.32 16.29
N ILE A 684 12.52 -30.04 16.53
CA ILE A 684 11.94 -30.89 15.48
C ILE A 684 11.39 -30.02 14.35
N SER A 685 10.62 -28.99 14.72
CA SER A 685 10.01 -28.13 13.70
C SER A 685 11.11 -27.44 12.89
N LYS A 686 12.11 -26.89 13.58
CA LYS A 686 13.25 -26.26 12.90
C LYS A 686 13.90 -27.21 11.88
N ALA A 687 14.12 -28.46 12.27
CA ALA A 687 14.75 -29.41 11.35
C ALA A 687 13.87 -29.69 10.13
N LEU A 688 12.57 -29.74 10.36
CA LEU A 688 11.62 -30.00 9.29
C LEU A 688 11.52 -28.81 8.33
N VAL A 689 11.58 -27.60 8.88
CA VAL A 689 11.57 -26.39 8.08
C VAL A 689 12.83 -26.37 7.22
N ASP A 690 13.97 -26.65 7.85
CA ASP A 690 15.27 -26.60 7.18
C ASP A 690 15.44 -27.53 5.99
N VAL A 691 14.64 -28.59 5.91
CA VAL A 691 14.69 -29.50 4.75
C VAL A 691 13.44 -29.40 3.88
N GLY A 692 12.58 -28.44 4.22
CA GLY A 692 11.42 -28.14 3.39
C GLY A 692 10.30 -29.15 3.45
N VAL A 693 10.12 -29.76 4.62
CA VAL A 693 9.03 -30.67 4.87
C VAL A 693 7.82 -29.93 5.43
N ASP A 694 6.66 -30.10 4.82
CA ASP A 694 5.44 -29.51 5.34
C ASP A 694 4.76 -30.42 6.35
N PHE A 695 4.26 -29.83 7.43
CA PHE A 695 3.65 -30.61 8.50
C PHE A 695 2.67 -29.74 9.25
N GLN A 696 2.03 -30.30 10.27
CA GLN A 696 1.07 -29.53 11.05
C GLN A 696 1.48 -29.46 12.50
N ALA A 697 1.21 -28.33 13.12
CA ALA A 697 1.62 -28.11 14.50
C ALA A 697 0.51 -27.52 15.35
N MET A 698 0.67 -27.66 16.65
CA MET A 698 -0.22 -27.04 17.62
C MET A 698 0.54 -26.89 18.92
N TRP A 699 0.67 -25.65 19.37
CA TRP A 699 1.22 -25.38 20.70
C TRP A 699 0.04 -25.20 21.63
N TYR A 700 0.26 -25.40 22.92
CA TYR A 700 -0.75 -25.10 23.94
C TYR A 700 -0.17 -24.20 25.01
N THR A 701 -0.63 -22.94 25.00
CA THR A 701 -0.15 -21.89 25.91
C THR A 701 -0.33 -22.27 27.38
N ASP A 702 0.79 -22.36 28.09
CA ASP A 702 0.81 -22.62 29.53
C ASP A 702 0.38 -24.01 29.96
N GLU A 703 0.10 -24.88 28.99
CA GLU A 703 -0.14 -26.30 29.29
C GLU A 703 1.20 -26.99 29.51
N ASP A 704 1.21 -28.00 30.38
CA ASP A 704 2.44 -28.71 30.68
C ASP A 704 2.40 -30.13 30.08
N HIS A 705 3.17 -31.07 30.63
CA HIS A 705 3.29 -32.38 29.98
C HIS A 705 1.96 -33.14 29.87
N GLY A 706 1.02 -32.79 30.74
CA GLY A 706 -0.28 -33.43 30.77
C GLY A 706 -1.26 -32.86 29.76
N ILE A 707 -1.09 -31.59 29.39
CA ILE A 707 -2.09 -30.89 28.57
C ILE A 707 -3.46 -31.29 29.14
N ALA A 708 -3.64 -30.96 30.42
CA ALA A 708 -4.67 -31.56 31.25
C ALA A 708 -5.73 -30.62 31.75
N SER A 709 -5.58 -29.32 31.48
CA SER A 709 -6.66 -28.37 31.68
C SER A 709 -7.90 -28.90 30.99
N SER A 710 -9.03 -28.74 31.64
CA SER A 710 -10.28 -29.18 31.07
C SER A 710 -10.45 -28.74 29.59
N THR A 711 -10.26 -27.46 29.31
CA THR A 711 -10.46 -26.95 27.94
C THR A 711 -9.36 -27.38 26.96
N ALA A 712 -8.12 -27.40 27.43
CA ALA A 712 -7.00 -27.85 26.59
C ALA A 712 -7.20 -29.29 26.20
N HIS A 713 -7.47 -30.13 27.21
CA HIS A 713 -7.74 -31.55 27.02
C HIS A 713 -8.77 -31.75 25.90
N GLN A 714 -9.84 -30.98 25.95
CA GLN A 714 -10.87 -31.08 24.92
C GLN A 714 -10.39 -30.60 23.56
N HIS A 715 -9.61 -29.52 23.55
CA HIS A 715 -9.14 -28.97 22.29
C HIS A 715 -8.20 -29.93 21.58
N ILE A 716 -7.26 -30.51 22.33
CA ILE A 716 -6.26 -31.40 21.75
C ILE A 716 -6.88 -32.65 21.11
N TYR A 717 -7.76 -33.34 21.83
CA TYR A 717 -8.38 -34.55 21.30
C TYR A 717 -9.31 -34.26 20.13
N THR A 718 -9.94 -33.09 20.13
CA THR A 718 -10.73 -32.67 19.00
C THR A 718 -9.82 -32.44 17.79
N HIS A 719 -8.68 -31.79 18.02
CA HIS A 719 -7.75 -31.45 16.94
C HIS A 719 -7.18 -32.72 16.29
N MET A 720 -6.78 -33.65 17.13
CA MET A 720 -6.31 -34.94 16.69
C MET A 720 -7.40 -35.72 15.93
N SER A 721 -8.65 -35.64 16.39
CA SER A 721 -9.75 -36.36 15.71
C SER A 721 -9.84 -35.91 14.27
N HIS A 722 -9.89 -34.60 14.07
CA HIS A 722 -9.96 -34.03 12.71
C HIS A 722 -8.77 -34.43 11.86
N PHE A 723 -7.56 -34.39 12.43
CA PHE A 723 -6.35 -34.81 11.72
C PHE A 723 -6.44 -36.27 11.27
N ILE A 724 -6.76 -37.15 12.20
CA ILE A 724 -6.92 -38.57 11.91
C ILE A 724 -8.04 -38.81 10.89
N LYS A 725 -9.21 -38.24 11.13
CA LYS A 725 -10.34 -38.37 10.21
C LYS A 725 -10.00 -37.86 8.81
N GLN A 726 -9.25 -36.77 8.74
CA GLN A 726 -8.76 -36.21 7.47
C GLN A 726 -7.80 -37.17 6.77
N CYS A 727 -6.90 -37.78 7.55
CA CYS A 727 -5.91 -38.72 7.03
C CYS A 727 -6.56 -40.01 6.50
N PHE A 728 -7.70 -40.37 7.09
CA PHE A 728 -8.41 -41.60 6.71
C PHE A 728 -9.58 -41.40 5.76
N SER A 729 -9.66 -40.23 5.12
CA SER A 729 -10.78 -39.88 4.22
C SER A 729 -12.16 -40.10 4.87
N LEU A 730 -12.25 -39.78 6.17
CA LEU A 730 -13.48 -39.95 6.92
C LEU A 730 -14.18 -38.60 7.14
N PRO A 731 -15.38 -38.42 6.55
CA PRO A 731 -16.19 -37.17 6.60
C PRO A 731 -16.43 -36.61 8.00
N HIS B 1 -0.75 -22.41 -32.05
CA HIS B 1 0.12 -22.64 -30.87
C HIS B 1 0.90 -21.35 -30.52
N HIS B 2 1.96 -21.50 -29.73
CA HIS B 2 2.75 -20.39 -29.18
C HIS B 2 1.97 -19.53 -28.20
N ALA B 3 0.76 -19.98 -27.86
CA ALA B 3 -0.05 -19.33 -26.86
C ALA B 3 0.55 -19.59 -25.47
N SER B 4 0.46 -18.59 -24.60
CA SER B 4 0.98 -18.69 -23.24
C SER B 4 0.31 -19.86 -22.49
N ALA B 5 1.13 -20.80 -22.00
CA ALA B 5 0.64 -21.98 -21.29
C ALA B 5 1.21 -22.06 -19.87
N LYS B 6 2.29 -21.30 -19.62
CA LYS B 6 2.90 -21.23 -18.30
C LYS B 6 2.13 -20.27 -17.39
N THR B 7 2.19 -20.53 -16.09
CA THR B 7 1.70 -19.60 -15.09
C THR B 7 2.87 -19.28 -14.17
N TYR B 8 2.68 -18.31 -13.30
CA TYR B 8 3.68 -17.94 -12.30
C TYR B 8 3.41 -18.82 -11.09
N THR B 9 4.24 -19.87 -10.94
CA THR B 9 4.03 -20.90 -9.92
C THR B 9 4.57 -20.51 -8.54
N LEU B 10 4.17 -21.27 -7.52
CA LEU B 10 4.73 -21.10 -6.19
C LEU B 10 6.27 -21.25 -6.20
N THR B 11 6.78 -22.28 -6.86
CA THR B 11 8.23 -22.49 -7.02
C THR B 11 8.90 -21.28 -7.66
N ASP B 12 8.28 -20.72 -8.69
CA ASP B 12 8.82 -19.52 -9.33
C ASP B 12 9.03 -18.43 -8.29
N TYR B 13 8.00 -18.20 -7.45
CA TYR B 13 8.08 -17.20 -6.40
C TYR B 13 9.16 -17.52 -5.37
N LEU B 14 9.17 -18.76 -4.88
CA LEU B 14 10.08 -19.18 -3.81
C LEU B 14 11.52 -19.37 -4.26
N LYS B 15 11.70 -19.90 -5.47
CA LYS B 15 13.03 -20.19 -6.01
C LYS B 15 13.62 -19.06 -6.85
N ASN B 16 12.89 -17.96 -6.96
CA ASN B 16 13.34 -16.77 -7.70
C ASN B 16 13.54 -16.92 -9.21
N THR B 17 12.73 -17.75 -9.84
CA THR B 17 12.76 -17.94 -11.29
C THR B 17 12.83 -16.59 -12.04
N TYR B 18 11.87 -15.70 -11.78
CA TYR B 18 11.78 -14.41 -12.45
C TYR B 18 12.28 -13.28 -11.56
N ARG B 19 13.47 -12.80 -11.88
CA ARG B 19 14.20 -11.88 -11.03
C ARG B 19 14.11 -10.43 -11.53
N LEU B 20 13.76 -9.51 -10.64
CA LEU B 20 13.78 -8.08 -10.95
C LEU B 20 15.21 -7.57 -10.79
N LYS B 21 15.72 -6.90 -11.80
CA LYS B 21 17.04 -6.31 -11.72
C LYS B 21 16.92 -4.90 -11.21
N LEU B 22 17.84 -4.52 -10.34
CA LEU B 22 17.86 -3.22 -9.68
C LEU B 22 19.02 -2.44 -10.25
N TYR B 23 19.22 -1.22 -9.76
CA TYR B 23 20.41 -0.46 -10.11
C TYR B 23 20.86 0.38 -8.92
N SER B 24 21.59 -0.25 -8.01
CA SER B 24 22.03 0.39 -6.77
C SER B 24 23.29 1.22 -6.99
N LEU B 25 23.23 2.51 -6.72
CA LEU B 25 24.40 3.34 -6.90
C LEU B 25 24.65 4.20 -5.66
N ARG B 26 25.88 4.69 -5.52
CA ARG B 26 26.23 5.59 -4.42
C ARG B 26 27.01 6.79 -4.94
N TRP B 27 26.42 7.98 -4.80
CA TRP B 27 27.09 9.22 -5.21
C TRP B 27 28.27 9.52 -4.28
N ILE B 28 29.38 9.95 -4.85
CA ILE B 28 30.56 10.34 -4.06
C ILE B 28 30.91 11.79 -4.27
N SER B 29 30.59 12.31 -5.45
CA SER B 29 30.76 13.72 -5.76
C SER B 29 29.45 14.24 -6.33
N ASP B 30 29.49 15.43 -6.93
CA ASP B 30 28.31 15.99 -7.58
C ASP B 30 28.22 15.56 -9.05
N HIS B 31 29.09 14.65 -9.47
CA HIS B 31 29.10 14.18 -10.86
C HIS B 31 29.60 12.74 -11.04
N GLU B 32 29.84 12.04 -9.92
CA GLU B 32 30.31 10.66 -9.96
C GLU B 32 29.57 9.78 -8.97
N TYR B 33 29.35 8.52 -9.36
CA TYR B 33 28.75 7.52 -8.50
C TYR B 33 29.48 6.19 -8.60
N LEU B 34 29.26 5.30 -7.63
CA LEU B 34 29.87 3.97 -7.64
C LEU B 34 28.84 2.90 -7.97
N TYR B 35 29.29 1.80 -8.57
CA TYR B 35 28.43 0.63 -8.82
C TYR B 35 29.20 -0.69 -8.96
N LYS B 36 28.51 -1.80 -8.74
CA LYS B 36 29.10 -3.14 -8.85
C LYS B 36 28.90 -3.73 -10.24
N ASN B 40 33.00 -6.13 -8.66
CA ASN B 40 33.90 -5.13 -9.20
C ASN B 40 33.28 -3.74 -9.09
N ILE B 41 34.04 -2.81 -8.52
CA ILE B 41 33.54 -1.45 -8.27
C ILE B 41 34.03 -0.49 -9.36
N LEU B 42 33.07 0.18 -10.02
CA LEU B 42 33.37 1.15 -11.07
C LEU B 42 32.85 2.52 -10.69
N VAL B 43 33.62 3.56 -10.98
CA VAL B 43 33.21 4.93 -10.68
C VAL B 43 32.58 5.53 -11.92
N PHE B 44 31.34 5.17 -12.20
CA PHE B 44 30.64 5.68 -13.38
C PHE B 44 30.55 7.19 -13.40
N ASN B 45 30.83 7.76 -14.56
CA ASN B 45 30.68 9.18 -14.79
C ASN B 45 29.28 9.46 -15.34
N ALA B 46 28.59 10.39 -14.69
CA ALA B 46 27.21 10.73 -15.06
C ALA B 46 27.10 11.35 -16.45
N GLU B 47 27.98 12.30 -16.76
CA GLU B 47 27.95 12.99 -18.03
C GLU B 47 28.47 12.15 -19.21
N TYR B 48 29.80 12.14 -19.40
CA TYR B 48 30.41 11.37 -20.48
C TYR B 48 30.32 9.87 -20.24
N GLY B 49 31.26 9.33 -19.46
CA GLY B 49 31.28 7.92 -19.15
C GLY B 49 32.65 7.33 -18.98
N ASN B 50 33.71 8.12 -19.20
CA ASN B 50 35.08 7.63 -19.02
C ASN B 50 35.36 7.31 -17.55
N SER B 51 35.15 6.03 -17.23
CA SER B 51 35.10 5.54 -15.88
C SER B 51 35.56 4.10 -15.83
N SER B 52 36.79 3.89 -15.34
CA SER B 52 37.34 2.54 -15.23
C SER B 52 37.23 2.02 -13.79
N VAL B 53 37.50 0.71 -13.64
CA VAL B 53 37.39 0.00 -12.36
C VAL B 53 38.09 0.72 -11.20
N PHE B 54 37.35 0.87 -10.11
CA PHE B 54 37.85 1.49 -8.87
C PHE B 54 38.42 0.43 -7.94
N LEU B 55 37.83 -0.77 -8.00
CA LEU B 55 38.26 -1.88 -7.18
C LEU B 55 37.88 -3.20 -7.85
N GLU B 56 38.88 -3.93 -8.33
CA GLU B 56 38.69 -5.28 -8.89
C GLU B 56 38.10 -6.20 -7.83
N ASN B 57 37.26 -7.13 -8.23
CA ASN B 57 36.59 -8.01 -7.28
C ASN B 57 37.56 -8.94 -6.53
N SER B 58 38.73 -9.15 -7.14
CA SER B 58 39.76 -10.05 -6.60
C SER B 58 40.65 -9.41 -5.53
N THR B 59 40.57 -8.08 -5.38
CA THR B 59 41.47 -7.32 -4.51
C THR B 59 41.48 -7.78 -3.05
N PHE B 60 40.46 -8.53 -2.63
CA PHE B 60 40.41 -9.03 -1.25
C PHE B 60 40.29 -10.55 -1.12
N ASP B 61 40.87 -11.25 -2.10
CA ASP B 61 40.97 -12.71 -2.11
C ASP B 61 41.76 -13.25 -0.90
N GLU B 62 42.81 -12.53 -0.53
CA GLU B 62 43.73 -12.93 0.55
C GLU B 62 43.17 -12.60 1.93
N PHE B 63 41.96 -12.05 1.98
CA PHE B 63 41.39 -11.54 3.23
C PHE B 63 41.13 -12.62 4.28
N GLY B 64 40.58 -13.76 3.86
CA GLY B 64 40.33 -14.87 4.79
C GLY B 64 39.02 -14.77 5.55
N HIS B 65 38.24 -13.75 5.20
CA HIS B 65 36.88 -13.58 5.71
C HIS B 65 36.02 -13.14 4.54
N SER B 66 34.76 -13.51 4.58
CA SER B 66 33.80 -13.04 3.60
C SER B 66 33.42 -11.58 3.91
N ILE B 67 33.33 -10.74 2.89
CA ILE B 67 33.01 -9.31 3.04
C ILE B 67 31.51 -9.04 2.87
N ASN B 68 30.82 -8.72 3.96
CA ASN B 68 29.39 -8.42 3.91
C ASN B 68 29.09 -7.11 3.21
N ASP B 69 29.89 -6.08 3.48
CA ASP B 69 29.67 -4.74 2.94
C ASP B 69 30.97 -3.90 2.97
N TYR B 70 30.97 -2.79 2.24
CA TYR B 70 32.11 -1.89 2.16
C TYR B 70 31.64 -0.43 2.23
N SER B 71 32.53 0.45 2.68
CA SER B 71 32.24 1.89 2.67
C SER B 71 33.49 2.71 2.34
N ILE B 72 33.34 3.65 1.41
CA ILE B 72 34.48 4.48 0.97
C ILE B 72 34.43 5.81 1.68
N SER B 73 35.55 6.23 2.25
CA SER B 73 35.64 7.55 2.90
C SER B 73 35.35 8.65 1.87
N PRO B 74 34.62 9.71 2.28
CA PRO B 74 34.21 10.79 1.36
C PRO B 74 35.32 11.35 0.48
N ASP B 75 36.54 11.35 0.99
CA ASP B 75 37.67 11.85 0.22
C ASP B 75 38.24 10.78 -0.72
N GLY B 76 37.72 9.56 -0.62
CA GLY B 76 38.13 8.45 -1.49
C GLY B 76 39.53 7.91 -1.23
N GLN B 77 40.07 8.17 -0.04
CA GLN B 77 41.40 7.70 0.35
C GLN B 77 41.40 6.35 1.07
N PHE B 78 40.27 6.01 1.68
CA PHE B 78 40.18 4.80 2.48
C PHE B 78 38.89 4.05 2.20
N ILE B 79 38.96 2.72 2.24
CA ILE B 79 37.77 1.89 2.19
C ILE B 79 37.64 1.08 3.48
N LEU B 80 36.39 0.93 3.91
CA LEU B 80 36.07 0.24 5.13
C LEU B 80 35.40 -1.09 4.79
N LEU B 81 36.02 -2.19 5.21
CA LEU B 81 35.49 -3.53 4.93
C LEU B 81 34.73 -4.11 6.12
N GLU B 82 33.45 -4.42 5.90
CA GLU B 82 32.58 -4.98 6.93
C GLU B 82 32.53 -6.50 6.78
N TYR B 83 32.89 -7.20 7.85
CA TYR B 83 32.83 -8.67 7.89
C TYR B 83 32.38 -9.16 9.26
N ASN B 84 32.12 -10.47 9.39
CA ASN B 84 31.57 -11.08 10.61
C ASN B 84 30.24 -10.46 11.08
N TYR B 85 29.39 -10.08 10.13
CA TYR B 85 28.08 -9.51 10.39
C TYR B 85 27.17 -10.47 11.17
N VAL B 86 26.66 -9.99 12.31
CA VAL B 86 25.68 -10.74 13.10
C VAL B 86 24.52 -9.81 13.39
N LYS B 87 23.36 -10.15 12.81
CA LYS B 87 22.14 -9.37 12.95
C LYS B 87 21.65 -9.32 14.40
N GLN B 88 21.21 -8.15 14.84
CA GLN B 88 20.45 -8.03 16.08
C GLN B 88 19.01 -7.77 15.65
N TRP B 89 18.50 -6.53 15.82
CA TRP B 89 17.10 -6.26 15.48
C TRP B 89 16.90 -5.92 14.01
N ARG B 90 15.92 -5.08 13.69
CA ARG B 90 15.61 -4.80 12.30
C ARG B 90 16.75 -4.06 11.59
N HIS B 91 17.39 -3.11 12.30
CA HIS B 91 18.48 -2.31 11.74
C HIS B 91 19.81 -2.60 12.43
N SER B 92 19.76 -2.97 13.71
CA SER B 92 20.96 -3.13 14.51
C SER B 92 21.70 -4.43 14.23
N TYR B 93 23.02 -4.36 14.36
CA TYR B 93 23.86 -5.53 14.16
C TYR B 93 25.26 -5.31 14.68
N THR B 94 26.03 -6.39 14.66
CA THR B 94 27.40 -6.39 15.14
C THR B 94 28.32 -6.89 14.02
N ALA B 95 29.47 -6.26 13.86
CA ALA B 95 30.38 -6.60 12.78
C ALA B 95 31.83 -6.27 13.11
N SER B 96 32.73 -6.98 12.44
CA SER B 96 34.16 -6.69 12.47
C SER B 96 34.46 -5.74 11.33
N TYR B 97 35.47 -4.89 11.52
CA TYR B 97 35.88 -3.96 10.48
C TYR B 97 37.39 -3.91 10.34
N ASP B 98 37.82 -3.61 9.12
CA ASP B 98 39.21 -3.36 8.79
C ASP B 98 39.25 -2.25 7.77
N ILE B 99 40.31 -1.45 7.81
CA ILE B 99 40.45 -0.33 6.89
C ILE B 99 41.59 -0.60 5.91
N TYR B 100 41.33 -0.31 4.64
CA TYR B 100 42.30 -0.52 3.58
C TYR B 100 42.70 0.84 3.05
N ASP B 101 44.01 1.04 2.88
CA ASP B 101 44.57 2.30 2.39
C ASP B 101 44.56 2.31 0.86
N LEU B 102 43.62 3.06 0.28
CA LEU B 102 43.40 3.08 -1.18
C LEU B 102 44.52 3.68 -2.02
N ASN B 103 45.59 4.12 -1.37
CA ASN B 103 46.73 4.71 -2.08
C ASN B 103 48.00 3.92 -1.81
N LYS B 104 48.19 3.55 -0.55
CA LYS B 104 49.32 2.73 -0.12
C LYS B 104 49.04 1.25 -0.42
N ARG B 105 47.85 0.99 -0.96
CA ARG B 105 47.38 -0.34 -1.36
C ARG B 105 47.69 -1.47 -0.38
N GLN B 106 47.26 -1.29 0.88
CA GLN B 106 47.38 -2.34 1.90
C GLN B 106 46.49 -2.09 3.12
N LEU B 107 46.24 -3.16 3.87
CA LEU B 107 45.42 -3.11 5.06
C LEU B 107 46.13 -2.42 6.22
N ILE B 108 45.40 -1.59 6.94
CA ILE B 108 45.94 -0.98 8.15
C ILE B 108 45.87 -1.99 9.30
N THR B 109 47.05 -2.37 9.79
CA THR B 109 47.19 -3.42 10.79
C THR B 109 47.39 -2.86 12.21
N GLU B 110 47.70 -1.58 12.30
CA GLU B 110 47.86 -0.92 13.60
C GLU B 110 46.54 -0.30 14.06
N GLU B 111 46.27 -0.37 15.37
CA GLU B 111 45.08 0.25 15.98
C GLU B 111 43.74 -0.12 15.33
N ARG B 112 43.62 -1.38 14.91
CA ARG B 112 42.41 -1.88 14.25
C ARG B 112 41.13 -1.60 15.05
N ILE B 113 40.03 -1.35 14.34
CA ILE B 113 38.70 -1.24 14.93
C ILE B 113 38.37 -2.57 15.62
N PRO B 114 37.79 -2.52 16.84
CA PRO B 114 37.59 -3.77 17.56
C PRO B 114 36.51 -4.66 16.93
N ASN B 115 36.54 -5.95 17.29
CA ASN B 115 35.46 -6.86 16.97
C ASN B 115 34.22 -6.44 17.76
N ASN B 116 33.04 -6.90 17.32
CA ASN B 116 31.76 -6.61 18.00
C ASN B 116 31.38 -5.12 17.98
N THR B 117 31.86 -4.40 16.99
CA THR B 117 31.52 -2.98 16.85
C THR B 117 30.06 -2.85 16.44
N GLN B 118 29.39 -1.88 17.03
CA GLN B 118 27.95 -1.72 16.88
C GLN B 118 27.58 -0.77 15.74
N TRP B 119 28.46 0.15 15.42
CA TRP B 119 28.25 1.10 14.33
C TRP B 119 29.54 1.86 14.06
N VAL B 120 29.89 2.01 12.78
CA VAL B 120 31.00 2.87 12.36
C VAL B 120 30.44 3.88 11.36
N THR B 121 31.11 5.02 11.25
CA THR B 121 30.69 6.07 10.32
C THR B 121 31.79 7.09 9.98
N TRP B 122 31.97 7.35 8.69
CA TRP B 122 32.90 8.37 8.22
C TRP B 122 32.28 9.75 8.42
N SER B 123 33.12 10.77 8.62
CA SER B 123 32.68 12.17 8.55
C SER B 123 32.23 12.45 7.10
N PRO B 124 31.38 13.46 6.87
CA PRO B 124 30.95 13.77 5.51
C PRO B 124 32.04 14.34 4.61
N VAL B 125 33.11 14.89 5.19
CA VAL B 125 34.29 15.27 4.41
C VAL B 125 35.53 14.65 5.03
N GLY B 126 36.56 14.42 4.21
CA GLY B 126 37.79 13.81 4.66
C GLY B 126 37.60 12.35 5.02
N HIS B 127 38.31 11.90 6.06
CA HIS B 127 38.31 10.49 6.45
C HIS B 127 38.37 10.30 7.98
N LYS B 128 37.62 11.13 8.70
CA LYS B 128 37.46 10.95 10.15
C LYS B 128 36.51 9.78 10.39
N LEU B 129 36.69 9.12 11.53
CA LEU B 129 35.91 7.92 11.83
C LEU B 129 35.27 7.97 13.22
N ALA B 130 34.00 7.59 13.31
CA ALA B 130 33.32 7.44 14.60
C ALA B 130 32.66 6.08 14.72
N TYR B 131 33.08 5.31 15.72
CA TYR B 131 32.49 4.00 15.96
C TYR B 131 32.01 3.82 17.40
N VAL B 132 31.05 2.90 17.57
CA VAL B 132 30.48 2.62 18.88
C VAL B 132 30.79 1.18 19.22
N TRP B 133 31.39 0.98 20.37
CA TRP B 133 31.76 -0.36 20.83
C TRP B 133 31.44 -0.45 22.31
N ASN B 134 30.82 -1.57 22.70
CA ASN B 134 30.34 -1.76 24.06
C ASN B 134 29.48 -0.59 24.57
N ASN B 135 28.70 -0.02 23.66
CA ASN B 135 27.79 1.09 23.96
C ASN B 135 28.45 2.45 24.17
N ASP B 136 29.75 2.55 23.88
CA ASP B 136 30.50 3.81 23.99
C ASP B 136 31.02 4.33 22.66
N ILE B 137 31.07 5.64 22.50
CA ILE B 137 31.55 6.27 21.25
C ILE B 137 33.07 6.46 21.23
N TYR B 138 33.67 6.20 20.07
CA TYR B 138 35.09 6.33 19.88
C TYR B 138 35.35 7.09 18.58
N VAL B 139 36.42 7.88 18.54
CA VAL B 139 36.77 8.63 17.34
C VAL B 139 38.21 8.40 16.92
N LYS B 140 38.40 8.22 15.61
CA LYS B 140 39.72 8.18 15.00
C LYS B 140 39.83 9.35 14.03
N ILE B 141 40.84 10.20 14.24
CA ILE B 141 41.08 11.30 13.32
C ILE B 141 41.76 10.76 12.05
N GLU B 142 42.70 9.85 12.24
CA GLU B 142 43.31 9.11 11.13
C GLU B 142 43.12 7.62 11.39
N PRO B 143 42.86 6.83 10.33
CA PRO B 143 42.58 5.40 10.48
C PRO B 143 43.68 4.59 11.19
N ASN B 144 44.94 4.98 11.03
CA ASN B 144 46.08 4.25 11.62
C ASN B 144 46.49 4.71 13.01
N LEU B 145 45.76 5.68 13.56
CA LEU B 145 46.09 6.26 14.87
C LEU B 145 45.13 5.74 15.94
N PRO B 146 45.51 5.84 17.23
CA PRO B 146 44.65 5.34 18.29
C PRO B 146 43.32 6.09 18.35
N SER B 147 42.31 5.46 18.97
CA SER B 147 41.00 6.07 19.10
C SER B 147 40.90 6.97 20.31
N TYR B 148 40.07 8.01 20.18
CA TYR B 148 39.73 8.86 21.31
C TYR B 148 38.41 8.38 21.88
N ARG B 149 38.42 8.01 23.16
CA ARG B 149 37.21 7.59 23.82
C ARG B 149 36.35 8.80 24.20
N ILE B 150 35.13 8.85 23.68
CA ILE B 150 34.24 9.98 23.93
C ILE B 150 33.36 9.76 25.16
N THR B 151 32.78 8.57 25.27
CA THR B 151 31.90 8.25 26.40
C THR B 151 32.50 7.15 27.28
N TRP B 152 32.17 7.19 28.56
CA TRP B 152 32.69 6.22 29.52
C TRP B 152 31.55 5.58 30.32
N THR B 153 30.32 5.89 29.93
CA THR B 153 29.13 5.48 30.67
C THR B 153 28.34 4.30 30.09
N GLY B 154 28.80 3.76 28.97
CA GLY B 154 28.12 2.67 28.27
C GLY B 154 27.96 1.38 29.05
N LYS B 155 26.71 0.93 29.19
CA LYS B 155 26.41 -0.31 29.88
C LYS B 155 25.38 -1.11 29.09
N GLU B 156 25.69 -2.38 28.85
CA GLU B 156 24.83 -3.26 28.07
C GLU B 156 23.42 -3.26 28.65
N ASP B 157 22.44 -2.99 27.78
CA ASP B 157 21.01 -2.99 28.13
C ASP B 157 20.55 -1.82 29.01
N ILE B 158 21.49 -0.97 29.42
CA ILE B 158 21.15 0.12 30.35
C ILE B 158 21.47 1.50 29.78
N ILE B 159 22.73 1.73 29.39
CA ILE B 159 23.16 3.02 28.82
C ILE B 159 23.68 2.85 27.39
N TYR B 160 23.07 3.58 26.45
CA TYR B 160 23.42 3.55 25.04
C TYR B 160 23.94 4.91 24.57
N ASN B 161 25.21 4.98 24.17
CA ASN B 161 25.80 6.21 23.66
C ASN B 161 26.08 6.11 22.17
N GLY B 162 25.35 6.87 21.37
CA GLY B 162 25.57 6.89 19.92
C GLY B 162 24.76 5.85 19.15
N ILE B 163 24.04 5.01 19.87
CA ILE B 163 23.13 4.03 19.27
C ILE B 163 21.78 4.04 19.98
N THR B 164 20.73 3.70 19.25
CA THR B 164 19.38 3.66 19.80
C THR B 164 19.14 2.41 20.61
N ASP B 165 18.14 2.45 21.49
CA ASP B 165 17.69 1.25 22.21
C ASP B 165 16.63 0.54 21.36
N TRP B 166 15.93 -0.45 21.89
CA TRP B 166 14.98 -1.19 21.05
C TRP B 166 13.95 -0.28 20.40
N VAL B 167 13.19 0.45 21.21
CA VAL B 167 12.04 1.19 20.72
C VAL B 167 12.43 2.37 19.83
N TYR B 168 13.55 3.02 20.14
CA TYR B 168 14.01 4.12 19.32
C TYR B 168 14.44 3.62 17.96
N GLU B 169 15.08 2.45 17.95
CA GLU B 169 15.52 1.81 16.70
C GLU B 169 14.33 1.49 15.80
N GLU B 170 13.28 0.95 16.39
CA GLU B 170 12.18 0.41 15.60
C GLU B 170 11.12 1.45 15.29
N GLU B 171 10.86 2.34 16.24
CA GLU B 171 9.70 3.24 16.12
C GLU B 171 9.99 4.72 15.91
N VAL B 172 11.22 5.15 16.11
CA VAL B 172 11.55 6.59 16.04
C VAL B 172 12.51 6.93 14.89
N PHE B 173 13.71 6.35 14.91
CA PHE B 173 14.72 6.66 13.89
C PHE B 173 14.81 5.69 12.71
N SER B 174 14.15 4.53 12.80
CA SER B 174 14.24 3.50 11.76
C SER B 174 15.71 3.22 11.44
N ALA B 175 16.53 3.18 12.49
CA ALA B 175 17.98 3.06 12.40
C ALA B 175 18.57 2.74 13.79
N TYR B 176 19.73 2.10 13.79
CA TYR B 176 20.47 1.78 15.01
C TYR B 176 21.32 2.97 15.43
N SER B 177 21.87 3.66 14.42
CA SER B 177 22.73 4.82 14.58
C SER B 177 22.07 6.01 15.29
N ALA B 178 22.78 6.59 16.26
CA ALA B 178 22.37 7.84 16.89
C ALA B 178 23.55 8.82 16.96
N LEU B 179 24.34 8.86 15.88
CA LEU B 179 25.44 9.81 15.71
C LEU B 179 25.16 10.69 14.49
N TRP B 180 25.41 12.00 14.61
CA TRP B 180 25.24 12.92 13.49
C TRP B 180 26.40 13.91 13.36
N TRP B 181 27.19 13.77 12.30
CA TRP B 181 28.30 14.70 12.03
C TRP B 181 27.78 16.03 11.50
N SER B 182 28.45 17.13 11.87
CA SER B 182 28.20 18.43 11.28
C SER B 182 28.72 18.37 9.84
N PRO B 183 28.15 19.17 8.91
CA PRO B 183 28.43 19.05 7.48
C PRO B 183 29.91 18.97 7.06
N ASN B 184 30.82 19.65 7.76
CA ASN B 184 32.25 19.54 7.46
C ASN B 184 33.04 18.69 8.48
N GLY B 185 32.30 17.97 9.32
CA GLY B 185 32.88 17.01 10.26
C GLY B 185 33.62 17.59 11.46
N THR B 186 33.29 18.82 11.83
CA THR B 186 33.90 19.44 12.99
C THR B 186 33.30 18.89 14.29
N PHE B 187 31.97 18.89 14.33
CA PHE B 187 31.23 18.41 15.51
C PHE B 187 30.63 17.02 15.29
N LEU B 188 30.60 16.24 16.36
CA LEU B 188 29.86 14.99 16.39
C LEU B 188 28.73 15.10 17.41
N ALA B 189 27.51 15.19 16.90
CA ALA B 189 26.33 15.24 17.73
C ALA B 189 25.85 13.80 17.96
N TYR B 190 25.38 13.53 19.18
CA TYR B 190 24.85 12.21 19.51
C TYR B 190 23.74 12.23 20.57
N ALA B 191 22.92 11.19 20.54
CA ALA B 191 21.91 11.00 21.57
C ALA B 191 22.44 9.94 22.52
N GLN B 192 21.99 9.99 23.77
CA GLN B 192 22.31 8.96 24.75
C GLN B 192 21.04 8.51 25.45
N PHE B 193 20.79 7.21 25.40
CA PHE B 193 19.56 6.66 25.97
C PHE B 193 19.78 5.93 27.30
N ASN B 194 18.80 6.03 28.16
CA ASN B 194 18.86 5.44 29.49
C ASN B 194 17.67 4.49 29.68
N ASP B 195 17.95 3.21 29.83
CA ASP B 195 16.90 2.21 29.97
C ASP B 195 16.79 1.60 31.36
N THR B 196 17.62 2.06 32.29
CA THR B 196 17.69 1.51 33.64
C THR B 196 16.36 0.93 34.14
N GLU B 197 15.29 1.71 34.04
CA GLU B 197 14.00 1.30 34.59
C GLU B 197 13.02 0.71 33.58
N VAL B 198 13.43 0.58 32.33
CA VAL B 198 12.54 0.03 31.31
C VAL B 198 12.48 -1.49 31.49
N PRO B 199 11.26 -2.06 31.60
CA PRO B 199 11.13 -3.50 31.85
C PRO B 199 11.65 -4.33 30.68
N LEU B 200 12.10 -5.55 30.98
CA LEU B 200 12.63 -6.44 29.96
C LEU B 200 11.56 -7.43 29.50
N ILE B 201 11.53 -7.69 28.20
CA ILE B 201 10.81 -8.84 27.65
C ILE B 201 11.81 -9.99 27.66
N GLU B 202 11.33 -11.17 28.04
CA GLU B 202 12.16 -12.37 28.04
C GLU B 202 11.48 -13.44 27.21
N TYR B 203 12.28 -14.17 26.44
CA TYR B 203 11.77 -15.25 25.61
C TYR B 203 12.85 -16.28 25.32
N SER B 204 12.44 -17.52 25.06
CA SER B 204 13.39 -18.57 24.79
C SER B 204 13.98 -18.45 23.38
N PHE B 205 15.30 -18.68 23.30
CA PHE B 205 15.95 -18.84 22.02
C PHE B 205 16.61 -20.20 22.07
N TYR B 206 16.22 -21.07 21.14
CA TYR B 206 16.59 -22.48 21.19
C TYR B 206 17.94 -22.74 20.53
N SER B 207 18.24 -21.95 19.51
CA SER B 207 19.53 -22.00 18.82
C SER B 207 19.70 -23.30 18.07
N ASP B 208 20.93 -23.58 17.67
CA ASP B 208 21.29 -24.79 16.98
C ASP B 208 21.01 -25.97 17.89
N GLU B 209 20.67 -27.12 17.32
CA GLU B 209 20.27 -28.27 18.13
C GLU B 209 21.33 -28.72 19.15
N SER B 210 22.57 -28.28 18.99
CA SER B 210 23.66 -28.66 19.90
C SER B 210 23.57 -27.91 21.23
N LEU B 211 22.76 -26.86 21.27
CA LEU B 211 22.53 -26.12 22.50
C LEU B 211 21.69 -26.98 23.43
N GLN B 212 22.27 -27.41 24.55
CA GLN B 212 21.56 -28.28 25.48
C GLN B 212 20.47 -27.54 26.26
N TYR B 213 20.77 -26.31 26.66
CA TYR B 213 19.82 -25.50 27.42
C TYR B 213 19.41 -24.27 26.63
N PRO B 214 18.09 -24.06 26.48
CA PRO B 214 17.62 -22.88 25.78
C PRO B 214 18.17 -21.61 26.42
N LYS B 215 18.28 -20.58 25.61
CA LYS B 215 18.79 -19.30 26.01
C LYS B 215 17.58 -18.43 26.32
N THR B 216 17.66 -17.63 27.38
CA THR B 216 16.63 -16.62 27.63
C THR B 216 17.18 -15.32 27.09
N VAL B 217 16.58 -14.82 26.03
CA VAL B 217 16.93 -13.52 25.52
C VAL B 217 16.14 -12.51 26.34
N ARG B 218 16.79 -11.40 26.68
CA ARG B 218 16.08 -10.30 27.32
C ARG B 218 16.48 -8.96 26.73
N VAL B 219 15.48 -8.09 26.55
CA VAL B 219 15.70 -6.78 25.98
C VAL B 219 14.79 -5.77 26.68
N PRO B 220 15.36 -4.62 27.12
CA PRO B 220 14.52 -3.56 27.64
C PRO B 220 13.53 -3.16 26.56
N TYR B 221 12.24 -3.37 26.84
CA TYR B 221 11.18 -3.16 25.85
C TYR B 221 9.95 -2.58 26.53
N PRO B 222 9.64 -1.29 26.25
CA PRO B 222 8.51 -0.64 26.91
C PRO B 222 7.17 -0.92 26.21
N LYS B 223 6.30 -1.66 26.91
CA LYS B 223 4.95 -1.88 26.43
C LYS B 223 4.07 -0.66 26.75
N ALA B 224 2.89 -0.57 26.14
CA ALA B 224 2.00 0.57 26.35
C ALA B 224 1.90 0.94 27.83
N GLY B 225 2.11 2.22 28.14
CA GLY B 225 2.00 2.75 29.51
C GLY B 225 3.15 2.45 30.46
N ALA B 226 4.15 1.71 29.99
CA ALA B 226 5.27 1.30 30.84
C ALA B 226 6.33 2.38 30.89
N VAL B 227 7.32 2.20 31.76
CA VAL B 227 8.38 3.19 31.92
C VAL B 227 9.23 3.26 30.67
N ASN B 228 9.17 4.40 29.99
CA ASN B 228 9.92 4.64 28.77
C ASN B 228 11.39 4.97 29.03
N PRO B 229 12.25 4.81 28.00
CA PRO B 229 13.64 5.26 28.12
C PRO B 229 13.74 6.78 28.17
N THR B 230 14.79 7.29 28.81
CA THR B 230 15.06 8.71 28.81
C THR B 230 16.21 8.98 27.84
N VAL B 231 16.27 10.20 27.34
CA VAL B 231 17.21 10.59 26.30
C VAL B 231 17.88 11.96 26.58
N LYS B 232 19.19 11.99 26.43
CA LYS B 232 19.95 13.23 26.52
C LYS B 232 20.66 13.44 25.19
N PHE B 233 21.06 14.67 24.91
CA PHE B 233 21.73 14.99 23.65
C PHE B 233 22.98 15.80 23.92
N PHE B 234 24.05 15.45 23.21
CA PHE B 234 25.36 16.07 23.39
C PHE B 234 26.01 16.44 22.05
N VAL B 235 27.00 17.32 22.11
CA VAL B 235 27.79 17.70 20.95
C VAL B 235 29.24 17.84 21.39
N VAL B 236 30.12 17.12 20.69
CA VAL B 236 31.55 17.22 20.94
C VAL B 236 32.27 17.81 19.71
N ASN B 237 33.20 18.74 19.97
CA ASN B 237 34.07 19.29 18.94
C ASN B 237 35.24 18.31 18.72
N THR B 238 35.28 17.66 17.55
CA THR B 238 36.28 16.63 17.26
C THR B 238 37.68 17.17 16.93
N ASP B 239 37.80 18.49 16.79
CA ASP B 239 39.09 19.14 16.50
C ASP B 239 39.86 19.50 17.78
N SER B 240 39.13 19.72 18.88
CA SER B 240 39.75 20.01 20.16
C SER B 240 39.87 18.77 21.05
N LEU B 241 39.91 17.60 20.41
CA LEU B 241 40.19 16.34 21.09
C LEU B 241 41.65 16.32 21.53
N SER B 242 41.92 15.62 22.62
CA SER B 242 43.28 15.48 23.11
C SER B 242 43.52 14.12 23.73
N SER B 243 44.75 13.64 23.62
CA SER B 243 45.14 12.36 24.19
C SER B 243 45.71 12.54 25.59
N VAL B 244 45.41 13.68 26.21
CA VAL B 244 45.89 13.99 27.56
C VAL B 244 44.71 14.19 28.53
N THR B 245 43.56 14.59 27.98
CA THR B 245 42.34 14.78 28.76
C THR B 245 41.14 14.08 28.13
N ASN B 246 40.21 13.60 28.96
CA ASN B 246 38.95 13.03 28.48
C ASN B 246 38.19 14.07 27.63
N ALA B 247 37.52 13.60 26.59
CA ALA B 247 36.75 14.46 25.69
C ALA B 247 35.57 15.11 26.40
N THR B 248 35.41 16.41 26.19
CA THR B 248 34.32 17.16 26.79
C THR B 248 33.12 17.26 25.84
N SER B 249 31.97 16.75 26.28
CA SER B 249 30.74 16.72 25.49
C SER B 249 29.78 17.77 26.02
N ILE B 250 29.29 18.65 25.14
CA ILE B 250 28.36 19.69 25.58
C ILE B 250 26.91 19.25 25.43
N GLN B 251 26.23 19.12 26.57
CA GLN B 251 24.83 18.74 26.59
C GLN B 251 23.96 19.86 26.04
N ILE B 252 22.96 19.49 25.25
CA ILE B 252 21.89 20.39 24.85
C ILE B 252 20.64 19.85 25.51
N THR B 253 20.04 20.65 26.38
CA THR B 253 18.86 20.25 27.13
C THR B 253 17.60 20.40 26.28
N ALA B 254 16.55 19.67 26.67
CA ALA B 254 15.27 19.74 25.98
C ALA B 254 14.52 21.00 26.40
N PRO B 255 13.66 21.54 25.51
CA PRO B 255 12.86 22.73 25.87
C PRO B 255 12.01 22.48 27.12
N ALA B 256 11.68 23.55 27.83
CA ALA B 256 10.90 23.43 29.07
C ALA B 256 9.58 22.71 28.87
N SER B 257 8.95 22.95 27.73
CA SER B 257 7.67 22.31 27.42
C SER B 257 7.76 20.78 27.32
N MET B 258 8.97 20.24 27.12
CA MET B 258 9.18 18.80 27.02
C MET B 258 9.63 18.18 28.34
N LEU B 259 10.55 18.86 29.03
CA LEU B 259 11.05 18.39 30.33
C LEU B 259 9.95 18.29 31.39
N ILE B 260 8.78 18.80 31.04
CA ILE B 260 7.62 18.85 31.92
C ILE B 260 7.05 17.45 32.19
N GLY B 261 7.39 16.49 31.34
CA GLY B 261 6.96 15.09 31.47
C GLY B 261 7.78 14.18 30.58
N ASP B 262 7.22 13.02 30.22
CA ASP B 262 7.87 12.08 29.31
C ASP B 262 7.88 12.59 27.85
N HIS B 263 9.06 12.64 27.26
CA HIS B 263 9.21 13.16 25.91
C HIS B 263 10.14 12.27 25.07
N TYR B 264 10.26 12.57 23.79
CA TYR B 264 11.18 11.88 22.90
C TYR B 264 12.00 12.85 22.09
N LEU B 265 13.21 12.42 21.71
CA LEU B 265 13.96 13.08 20.64
C LEU B 265 13.46 12.41 19.37
N CYS B 266 12.93 13.19 18.44
CA CYS B 266 12.37 12.58 17.23
C CYS B 266 13.02 13.04 15.93
N ASP B 267 13.91 14.05 16.01
CA ASP B 267 14.66 14.51 14.82
C ASP B 267 15.91 15.32 15.12
N VAL B 268 16.98 14.99 14.41
CA VAL B 268 18.22 15.74 14.48
C VAL B 268 18.62 16.13 13.05
N THR B 269 18.84 17.41 12.81
CA THR B 269 19.23 17.89 11.49
C THR B 269 20.17 19.08 11.59
N TRP B 270 21.36 18.94 11.01
CA TRP B 270 22.30 20.05 10.94
C TRP B 270 21.84 21.08 9.91
N ALA B 271 21.90 22.35 10.29
CA ALA B 271 21.59 23.42 9.36
C ALA B 271 22.87 23.91 8.68
N THR B 272 23.92 24.14 9.46
CA THR B 272 25.18 24.66 8.96
C THR B 272 26.32 24.01 9.73
N GLN B 273 27.52 24.56 9.61
CA GLN B 273 28.66 24.11 10.39
C GLN B 273 28.47 24.37 11.88
N GLU B 274 27.70 25.40 12.21
CA GLU B 274 27.53 25.81 13.60
C GLU B 274 26.08 25.87 14.08
N ARG B 275 25.17 25.34 13.28
CA ARG B 275 23.76 25.33 13.67
C ARG B 275 23.10 23.97 13.44
N ILE B 276 22.42 23.51 14.49
CA ILE B 276 21.78 22.20 14.50
C ILE B 276 20.34 22.37 14.97
N SER B 277 19.42 21.65 14.33
CA SER B 277 18.01 21.67 14.71
C SER B 277 17.59 20.34 15.32
N LEU B 278 16.86 20.44 16.43
CA LEU B 278 16.33 19.28 17.13
C LEU B 278 14.80 19.33 17.12
N GLN B 279 14.17 18.15 17.12
CA GLN B 279 12.74 18.08 17.30
C GLN B 279 12.45 17.10 18.40
N TRP B 280 11.72 17.59 19.41
CA TRP B 280 11.31 16.80 20.54
C TRP B 280 9.79 16.60 20.48
N LEU B 281 9.32 15.50 21.06
CA LEU B 281 7.93 15.09 20.96
C LEU B 281 7.46 14.66 22.34
N ARG B 282 6.26 15.06 22.73
CA ARG B 282 5.71 14.61 24.01
C ARG B 282 5.21 13.17 23.90
N ARG B 283 5.21 12.45 25.03
CA ARG B 283 4.69 11.09 25.09
C ARG B 283 3.27 11.03 24.55
N ILE B 284 2.46 12.01 24.91
CA ILE B 284 1.21 12.20 24.21
C ILE B 284 1.66 12.88 22.92
N GLN B 285 1.70 12.11 21.84
CA GLN B 285 2.37 12.51 20.62
C GLN B 285 1.60 13.49 19.72
N ASN B 286 0.91 14.44 20.37
CA ASN B 286 0.15 15.48 19.67
C ASN B 286 0.84 16.84 19.73
N TYR B 287 1.98 16.90 20.40
CA TYR B 287 2.71 18.16 20.60
C TYR B 287 4.22 17.98 20.42
N SER B 288 4.78 18.71 19.46
CA SER B 288 6.20 18.64 19.17
C SER B 288 6.81 20.03 19.07
N VAL B 289 8.08 20.13 19.45
CA VAL B 289 8.79 21.40 19.42
C VAL B 289 10.16 21.28 18.75
N MET B 290 10.39 22.10 17.73
CA MET B 290 11.69 22.22 17.12
C MET B 290 12.54 23.30 17.80
N ASP B 291 13.73 22.90 18.24
CA ASP B 291 14.73 23.83 18.74
C ASP B 291 15.77 24.09 17.65
N ILE B 292 16.30 25.31 17.62
CA ILE B 292 17.38 25.68 16.71
C ILE B 292 18.54 26.17 17.55
N CYS B 293 19.65 25.42 17.53
CA CYS B 293 20.77 25.71 18.42
C CYS B 293 22.05 26.13 17.69
N ASP B 294 22.49 27.35 17.98
CA ASP B 294 23.69 27.93 17.42
C ASP B 294 24.87 27.73 18.36
N TYR B 295 26.03 27.41 17.78
CA TYR B 295 27.28 27.28 18.51
C TYR B 295 27.81 28.67 18.86
N ASP B 296 28.00 28.92 20.16
CA ASP B 296 28.59 30.16 20.63
C ASP B 296 30.10 30.01 20.65
N GLU B 297 30.78 30.86 19.88
CA GLU B 297 32.22 30.69 19.61
C GLU B 297 33.15 30.94 20.80
N SER B 298 32.83 31.92 21.64
CA SER B 298 33.69 32.27 22.79
C SER B 298 33.62 31.26 23.94
N SER B 299 32.40 30.87 24.32
CA SER B 299 32.21 29.92 25.43
C SER B 299 32.39 28.46 25.02
N GLY B 300 32.26 28.18 23.73
CA GLY B 300 32.38 26.81 23.21
C GLY B 300 31.15 25.99 23.51
N ARG B 301 30.02 26.69 23.65
CA ARG B 301 28.78 26.10 24.11
C ARG B 301 27.69 26.22 23.03
N TRP B 302 26.54 25.61 23.29
CA TRP B 302 25.43 25.66 22.34
C TRP B 302 24.24 26.40 22.94
N ASN B 303 23.59 27.22 22.11
CA ASN B 303 22.49 28.07 22.54
C ASN B 303 21.24 27.89 21.69
N CYS B 304 20.19 27.33 22.29
CA CYS B 304 18.91 27.25 21.61
C CYS B 304 18.08 28.40 22.15
N LEU B 305 17.94 29.46 21.35
CA LEU B 305 17.19 30.63 21.76
C LEU B 305 15.69 30.35 21.73
N VAL B 306 15.04 30.61 22.87
CA VAL B 306 13.62 30.30 23.05
C VAL B 306 12.71 30.91 21.95
N ALA B 307 13.12 32.04 21.40
CA ALA B 307 12.35 32.71 20.35
C ALA B 307 12.27 31.91 19.05
N ARG B 308 13.30 31.11 18.79
CA ARG B 308 13.40 30.32 17.54
C ARG B 308 12.56 29.04 17.54
N GLN B 309 12.08 28.63 18.72
CA GLN B 309 11.29 27.41 18.86
C GLN B 309 10.05 27.38 17.96
N HIS B 310 9.91 26.30 17.19
CA HIS B 310 8.78 26.12 16.30
C HIS B 310 7.90 24.98 16.82
N ILE B 311 6.62 25.27 16.94
CA ILE B 311 5.67 24.35 17.54
C ILE B 311 4.78 23.75 16.46
N GLU B 312 4.78 22.43 16.38
CA GLU B 312 3.85 21.71 15.51
C GLU B 312 2.96 20.87 16.41
N MET B 313 1.65 20.89 16.13
CA MET B 313 0.67 20.14 16.92
C MET B 313 -0.51 19.67 16.09
N SER B 314 -1.45 19.01 16.75
CA SER B 314 -2.66 18.51 16.10
C SER B 314 -3.81 18.36 17.08
N THR B 315 -5.02 18.70 16.63
CA THR B 315 -6.21 18.52 17.43
C THR B 315 -7.11 17.45 16.83
N THR B 316 -6.60 16.78 15.80
CA THR B 316 -7.33 15.68 15.18
C THR B 316 -6.69 14.32 15.50
N GLY B 317 -5.36 14.27 15.55
CA GLY B 317 -4.63 13.05 15.86
C GLY B 317 -3.26 13.30 16.46
N TRP B 318 -2.27 12.60 15.93
CA TRP B 318 -0.87 12.74 16.32
C TRP B 318 -0.19 13.73 15.37
N VAL B 319 1.07 14.08 15.64
CA VAL B 319 1.83 14.98 14.75
C VAL B 319 2.77 14.21 13.81
N GLY B 320 2.70 14.54 12.51
CA GLY B 320 3.51 13.84 11.49
C GLY B 320 2.87 12.53 11.09
N ARG B 321 3.37 11.92 10.02
CA ARG B 321 2.86 10.62 9.56
C ARG B 321 3.21 9.48 10.53
N PHE B 322 4.45 9.45 11.00
CA PHE B 322 4.88 8.51 12.05
C PHE B 322 5.70 9.25 13.09
N ARG B 323 6.29 10.37 12.67
CA ARG B 323 7.00 11.29 13.54
C ARG B 323 6.96 12.64 12.82
N PRO B 324 7.17 13.75 13.56
CA PRO B 324 7.30 15.06 12.90
C PRO B 324 8.32 15.02 11.76
N SER B 325 7.98 15.66 10.64
CA SER B 325 8.80 15.65 9.43
C SER B 325 10.13 16.39 9.57
N GLU B 326 11.08 16.09 8.68
CA GLU B 326 12.43 16.64 8.76
C GLU B 326 12.58 17.96 7.98
N PRO B 327 13.27 18.94 8.59
CA PRO B 327 13.49 20.23 7.92
C PRO B 327 14.60 20.16 6.87
N HIS B 328 14.48 20.98 5.84
CA HIS B 328 15.52 21.12 4.84
C HIS B 328 15.92 22.58 4.82
N PHE B 329 17.10 22.86 5.35
CA PHE B 329 17.61 24.22 5.46
C PHE B 329 18.19 24.76 4.16
N THR B 330 18.08 26.08 3.99
CA THR B 330 18.73 26.78 2.88
C THR B 330 20.22 26.88 3.22
N LEU B 331 21.04 27.16 2.21
CA LEU B 331 22.49 27.20 2.42
C LEU B 331 22.95 28.10 3.59
N ASP B 332 22.35 29.28 3.72
CA ASP B 332 22.72 30.19 4.82
C ASP B 332 22.17 29.76 6.18
N GLY B 333 21.25 28.80 6.17
CA GLY B 333 20.70 28.22 7.40
C GLY B 333 19.72 29.12 8.12
N ASN B 334 19.32 30.21 7.48
CA ASN B 334 18.38 31.19 8.07
C ASN B 334 16.93 30.88 7.76
N SER B 335 16.72 29.79 7.02
CA SER B 335 15.40 29.43 6.54
C SER B 335 15.34 27.93 6.23
N PHE B 336 14.14 27.36 6.30
CA PHE B 336 13.95 25.94 5.98
C PHE B 336 12.58 25.59 5.41
N TYR B 337 12.52 24.44 4.73
CA TYR B 337 11.28 23.91 4.22
C TYR B 337 11.00 22.59 4.90
N LYS B 338 9.75 22.39 5.34
CA LYS B 338 9.35 21.08 5.82
C LYS B 338 7.88 20.78 5.53
N ILE B 339 7.56 19.49 5.50
CA ILE B 339 6.21 19.00 5.26
C ILE B 339 5.41 19.03 6.56
N ILE B 340 4.31 19.79 6.56
CA ILE B 340 3.35 19.81 7.66
C ILE B 340 1.94 19.82 7.04
N SER B 341 0.93 19.45 7.82
CA SER B 341 -0.45 19.47 7.30
C SER B 341 -1.05 20.85 7.45
N ASN B 342 -1.87 21.22 6.46
CA ASN B 342 -2.47 22.55 6.43
C ASN B 342 -3.85 22.61 7.11
N GLU B 343 -4.51 23.76 6.95
CA GLU B 343 -5.86 24.02 7.47
C GLU B 343 -6.85 22.94 7.04
N GLU B 344 -6.67 22.47 5.80
CA GLU B 344 -7.52 21.46 5.18
C GLU B 344 -7.21 20.04 5.67
N GLY B 345 -6.09 19.88 6.38
CA GLY B 345 -5.67 18.56 6.86
C GLY B 345 -4.69 17.85 5.93
N TYR B 346 -4.32 18.51 4.83
CA TYR B 346 -3.39 17.93 3.86
C TYR B 346 -1.94 18.34 4.10
N ARG B 347 -1.03 17.40 3.89
CA ARG B 347 0.40 17.63 4.11
C ARG B 347 1.10 18.27 2.91
N HIS B 348 1.61 19.47 3.14
CA HIS B 348 2.30 20.23 2.11
C HIS B 348 3.58 20.88 2.65
N ILE B 349 4.42 21.35 1.71
CA ILE B 349 5.68 22.00 2.07
C ILE B 349 5.43 23.41 2.58
N CYS B 350 5.75 23.65 3.84
CA CYS B 350 5.67 25.00 4.37
C CYS B 350 7.05 25.61 4.42
N TYR B 351 7.13 26.90 4.15
CA TYR B 351 8.39 27.62 4.15
C TYR B 351 8.52 28.46 5.40
N PHE B 352 9.56 28.22 6.18
CA PHE B 352 9.74 28.89 7.46
C PHE B 352 10.95 29.80 7.48
N GLN B 353 10.80 30.93 8.15
CA GLN B 353 11.90 31.83 8.45
C GLN B 353 12.22 31.60 9.91
N ILE B 354 13.51 31.62 10.25
CA ILE B 354 13.94 31.31 11.61
C ILE B 354 13.43 32.29 12.69
N ASP B 355 13.37 33.58 12.34
CA ASP B 355 12.92 34.63 13.26
C ASP B 355 11.51 35.11 12.93
N LYS B 356 10.55 34.19 13.04
CA LYS B 356 9.14 34.42 12.69
C LYS B 356 8.25 33.43 13.44
N LYS B 357 6.94 33.59 13.30
CA LYS B 357 5.99 32.63 13.90
C LYS B 357 5.35 31.71 12.85
N ASP B 358 4.45 32.26 12.04
CA ASP B 358 3.72 31.50 11.01
C ASP B 358 4.54 31.37 9.73
N CYS B 359 4.40 30.23 9.06
CA CYS B 359 5.10 29.99 7.80
C CYS B 359 4.22 30.36 6.61
N THR B 360 4.66 29.95 5.43
CA THR B 360 3.85 30.08 4.22
C THR B 360 3.94 28.82 3.36
N PHE B 361 2.78 28.26 3.01
CA PHE B 361 2.70 27.04 2.24
C PHE B 361 3.06 27.29 0.79
N ILE B 362 4.01 26.52 0.27
CA ILE B 362 4.43 26.67 -1.12
C ILE B 362 3.68 25.71 -2.06
N THR B 363 3.01 24.72 -1.47
CA THR B 363 2.13 23.80 -2.21
C THR B 363 0.77 23.69 -1.53
N LYS B 364 -0.26 23.41 -2.32
CA LYS B 364 -1.63 23.29 -1.84
C LYS B 364 -2.43 22.36 -2.75
N GLY B 365 -3.50 21.77 -2.21
CA GLY B 365 -4.38 20.93 -3.00
C GLY B 365 -4.92 19.76 -2.22
N THR B 366 -5.76 18.97 -2.89
CA THR B 366 -6.28 17.73 -2.32
C THR B 366 -5.40 16.54 -2.73
N TRP B 367 -4.13 16.66 -2.35
CA TRP B 367 -3.11 15.62 -2.52
C TRP B 367 -2.09 15.89 -1.42
N GLU B 368 -0.98 15.15 -1.42
CA GLU B 368 0.04 15.34 -0.40
C GLU B 368 1.46 15.25 -0.95
N VAL B 369 2.37 15.96 -0.29
CA VAL B 369 3.79 15.83 -0.58
C VAL B 369 4.27 14.61 0.22
N ILE B 370 5.01 13.73 -0.44
CA ILE B 370 5.51 12.51 0.17
C ILE B 370 6.85 12.79 0.85
N GLY B 371 7.71 13.54 0.17
CA GLY B 371 9.00 13.92 0.72
C GLY B 371 9.70 15.01 -0.06
N ILE B 372 10.43 15.84 0.66
CA ILE B 372 11.35 16.78 0.04
C ILE B 372 12.62 16.00 -0.28
N GLU B 373 13.03 16.01 -1.53
CA GLU B 373 14.17 15.21 -1.97
C GLU B 373 15.50 15.96 -2.13
N ALA B 374 15.43 17.26 -2.41
CA ALA B 374 16.62 18.09 -2.58
C ALA B 374 16.23 19.54 -2.70
N LEU B 375 17.11 20.43 -2.23
CA LEU B 375 16.92 21.85 -2.46
C LEU B 375 18.22 22.53 -2.85
N THR B 376 18.19 23.23 -3.98
CA THR B 376 19.27 24.09 -4.43
C THR B 376 18.85 25.53 -4.06
N SER B 377 19.62 26.52 -4.51
CA SER B 377 19.27 27.91 -4.26
C SER B 377 18.12 28.39 -5.15
N ASP B 378 17.86 27.66 -6.24
CA ASP B 378 16.80 28.02 -7.18
C ASP B 378 15.57 27.12 -7.18
N TYR B 379 15.76 25.84 -6.87
CA TYR B 379 14.66 24.87 -6.92
C TYR B 379 14.55 23.94 -5.72
N LEU B 380 13.30 23.60 -5.39
CA LEU B 380 12.97 22.59 -4.39
C LEU B 380 12.43 21.36 -5.14
N TYR B 381 13.03 20.20 -4.87
CA TYR B 381 12.64 18.94 -5.49
C TYR B 381 11.86 18.09 -4.49
N TYR B 382 10.68 17.62 -4.90
CA TYR B 382 9.84 16.81 -4.03
C TYR B 382 9.04 15.75 -4.80
N ILE B 383 8.64 14.69 -4.08
CA ILE B 383 7.76 13.64 -4.60
C ILE B 383 6.37 13.86 -4.02
N SER B 384 5.34 13.67 -4.84
CA SER B 384 3.97 13.80 -4.36
C SER B 384 3.03 12.88 -5.12
N ASN B 385 1.78 12.81 -4.68
CA ASN B 385 0.79 11.98 -5.35
C ASN B 385 -0.30 12.81 -6.02
N GLU B 386 0.09 13.98 -6.53
CA GLU B 386 -0.84 14.88 -7.21
C GLU B 386 -1.32 14.34 -8.56
N TYR B 387 -0.40 13.83 -9.38
CA TYR B 387 -0.71 13.42 -10.75
C TYR B 387 -1.98 12.57 -10.86
N LYS B 388 -2.97 13.09 -11.60
CA LYS B 388 -4.28 12.45 -11.82
C LYS B 388 -5.06 12.19 -10.54
N GLY B 389 -4.70 12.86 -9.46
CA GLY B 389 -5.34 12.68 -8.16
C GLY B 389 -5.37 11.22 -7.73
N MET B 390 -4.24 10.53 -7.94
CA MET B 390 -4.08 9.11 -7.61
C MET B 390 -3.17 8.97 -6.40
N PRO B 391 -3.74 8.78 -5.19
CA PRO B 391 -2.93 8.73 -3.97
C PRO B 391 -1.86 7.64 -4.01
N GLY B 392 -2.08 6.60 -4.80
CA GLY B 392 -1.14 5.49 -4.90
C GLY B 392 -0.10 5.66 -6.00
N GLY B 393 -0.05 6.85 -6.57
CA GLY B 393 0.97 7.19 -7.56
C GLY B 393 2.03 8.03 -6.89
N ARG B 394 3.13 8.26 -7.59
CA ARG B 394 4.25 9.04 -7.07
C ARG B 394 5.02 9.62 -8.25
N ASN B 395 5.25 10.93 -8.21
CA ASN B 395 6.07 11.59 -9.22
C ASN B 395 7.02 12.65 -8.65
N LEU B 396 8.07 12.94 -9.40
CA LEU B 396 9.04 13.95 -9.02
C LEU B 396 8.60 15.30 -9.56
N TYR B 397 8.71 16.32 -8.72
CA TYR B 397 8.29 17.65 -9.07
C TYR B 397 9.39 18.63 -8.70
N LYS B 398 9.35 19.77 -9.37
CA LYS B 398 10.33 20.82 -9.24
C LYS B 398 9.54 22.14 -9.13
N ILE B 399 9.66 22.80 -7.99
CA ILE B 399 9.00 24.09 -7.78
C ILE B 399 10.05 25.21 -7.67
N GLN B 400 9.82 26.30 -8.40
CA GLN B 400 10.75 27.43 -8.39
C GLN B 400 10.61 28.25 -7.11
N LEU B 401 11.72 28.39 -6.38
CA LEU B 401 11.75 29.08 -5.09
C LEU B 401 11.22 30.51 -5.13
N SER B 402 11.35 31.19 -6.27
CA SER B 402 10.95 32.59 -6.38
C SER B 402 9.55 32.78 -6.96
N ASP B 403 8.92 31.68 -7.39
CA ASP B 403 7.59 31.72 -8.01
C ASP B 403 6.94 30.33 -7.86
N TYR B 404 6.05 30.22 -6.89
CA TYR B 404 5.43 28.93 -6.53
C TYR B 404 4.40 28.45 -7.56
N THR B 405 4.01 29.33 -8.46
CA THR B 405 3.10 28.96 -9.54
C THR B 405 3.88 28.23 -10.64
N LYS B 406 5.20 28.25 -10.54
CA LYS B 406 6.08 27.57 -11.50
C LYS B 406 6.45 26.18 -10.98
N VAL B 407 5.53 25.24 -11.14
CA VAL B 407 5.74 23.85 -10.74
C VAL B 407 5.77 22.96 -11.99
N THR B 408 6.86 22.21 -12.15
CA THR B 408 7.07 21.34 -13.30
C THR B 408 7.17 19.90 -12.84
N CYS B 409 6.38 19.02 -13.44
CA CYS B 409 6.55 17.60 -13.18
C CYS B 409 7.69 17.06 -14.02
N LEU B 410 8.64 16.39 -13.37
CA LEU B 410 9.84 15.90 -14.02
C LEU B 410 9.72 14.45 -14.49
N SER B 411 8.76 13.72 -13.94
CA SER B 411 8.64 12.28 -14.21
C SER B 411 7.31 11.83 -14.78
N CYS B 412 6.30 12.70 -14.69
CA CYS B 412 4.95 12.36 -15.12
C CYS B 412 4.80 11.74 -16.50
N GLU B 413 5.48 12.32 -17.49
CA GLU B 413 5.27 11.90 -18.87
C GLU B 413 6.44 11.16 -19.51
N LEU B 414 7.51 10.91 -18.73
CA LEU B 414 8.68 10.17 -19.23
C LEU B 414 8.26 8.87 -19.90
N ASN B 415 7.37 8.15 -19.21
CA ASN B 415 6.75 6.96 -19.74
C ASN B 415 5.43 6.74 -18.99
N PRO B 416 4.36 7.43 -19.44
CA PRO B 416 3.11 7.54 -18.70
C PRO B 416 2.37 6.21 -18.47
N GLU B 417 2.71 5.22 -19.28
CA GLU B 417 1.99 3.97 -19.30
C GLU B 417 2.61 2.89 -18.42
N ARG B 418 3.93 2.71 -18.50
CA ARG B 418 4.62 1.74 -17.65
C ARG B 418 5.12 2.35 -16.35
N CYS B 419 5.13 3.68 -16.27
CA CYS B 419 5.70 4.38 -15.11
C CYS B 419 4.82 5.41 -14.42
N GLN B 420 4.37 5.10 -13.20
CA GLN B 420 3.54 5.99 -12.39
C GLN B 420 3.93 5.99 -10.90
N TYR B 421 5.08 5.41 -10.55
CA TYR B 421 5.53 5.36 -9.16
C TYR B 421 7.05 5.53 -9.08
N TYR B 422 7.49 6.74 -8.71
CA TYR B 422 8.91 7.08 -8.79
C TYR B 422 9.55 7.37 -7.45
N SER B 423 10.84 7.05 -7.36
CA SER B 423 11.69 7.55 -6.30
C SER B 423 12.94 8.11 -6.97
N VAL B 424 13.75 8.85 -6.22
CA VAL B 424 14.86 9.59 -6.81
C VAL B 424 16.12 9.60 -5.94
N SER B 425 17.27 9.55 -6.62
CA SER B 425 18.57 9.62 -5.94
C SER B 425 19.39 10.75 -6.59
N PHE B 426 19.56 11.85 -5.85
CA PHE B 426 20.28 13.04 -6.33
C PHE B 426 21.77 12.97 -6.03
N SER B 427 22.57 13.57 -6.91
CA SER B 427 24.01 13.69 -6.72
C SER B 427 24.33 14.63 -5.57
N LYS B 428 25.55 14.51 -5.03
CA LYS B 428 25.99 15.26 -3.83
C LYS B 428 25.50 16.73 -3.74
N GLU B 429 25.26 17.38 -4.88
CA GLU B 429 24.74 18.75 -4.88
C GLU B 429 23.60 18.90 -5.91
N ALA B 430 22.89 17.79 -6.17
CA ALA B 430 21.68 17.76 -7.01
C ALA B 430 21.87 18.15 -8.47
N LYS B 431 23.08 18.00 -8.99
CA LYS B 431 23.35 18.32 -10.38
C LYS B 431 22.87 17.19 -11.29
N TYR B 432 22.84 15.98 -10.74
CA TYR B 432 22.33 14.82 -11.47
C TYR B 432 21.36 14.06 -10.57
N TYR B 433 20.50 13.26 -11.19
CA TYR B 433 19.60 12.39 -10.42
C TYR B 433 19.25 11.12 -11.15
N GLN B 434 19.22 10.03 -10.38
CA GLN B 434 18.73 8.77 -10.88
C GLN B 434 17.24 8.68 -10.54
N LEU B 435 16.47 8.25 -11.52
CA LEU B 435 15.05 7.98 -11.32
C LEU B 435 14.77 6.49 -11.30
N ARG B 436 13.99 6.06 -10.33
CA ARG B 436 13.57 4.68 -10.21
C ARG B 436 12.04 4.60 -10.33
N CYS B 437 11.60 3.94 -11.39
CA CYS B 437 10.20 3.70 -11.66
C CYS B 437 9.89 2.28 -11.20
N SER B 438 8.93 2.14 -10.29
CA SER B 438 8.65 0.84 -9.67
C SER B 438 7.38 0.15 -10.15
N GLY B 439 6.69 0.75 -11.12
CA GLY B 439 5.43 0.21 -11.65
C GLY B 439 4.57 1.28 -12.33
N PRO B 440 3.47 0.87 -12.99
CA PRO B 440 2.85 -0.45 -13.09
C PRO B 440 3.62 -1.43 -13.97
N GLY B 441 4.37 -0.92 -14.94
CA GLY B 441 5.17 -1.78 -15.81
C GLY B 441 6.41 -2.30 -15.10
N LEU B 442 7.31 -2.95 -15.86
CA LEU B 442 8.55 -3.47 -15.27
C LEU B 442 9.42 -2.31 -14.79
N PRO B 443 10.03 -2.44 -13.60
CA PRO B 443 10.93 -1.40 -13.08
C PRO B 443 11.93 -0.86 -14.09
N LEU B 444 12.11 0.46 -14.07
CA LEU B 444 12.98 1.14 -15.00
C LEU B 444 13.87 2.14 -14.28
N TYR B 445 15.17 2.07 -14.57
CA TYR B 445 16.16 2.96 -13.95
C TYR B 445 16.80 3.86 -15.00
N THR B 446 16.70 5.17 -14.78
CA THR B 446 17.26 6.14 -15.73
C THR B 446 18.08 7.21 -15.02
N LEU B 447 19.03 7.81 -15.76
CA LEU B 447 19.92 8.84 -15.22
C LEU B 447 19.63 10.20 -15.86
N HIS B 448 19.65 11.26 -15.05
CA HIS B 448 19.25 12.59 -15.51
C HIS B 448 20.17 13.73 -15.10
N SER B 449 20.26 14.72 -15.99
CA SER B 449 20.92 15.97 -15.74
C SER B 449 19.84 16.96 -15.34
N SER B 450 20.02 17.63 -14.21
CA SER B 450 18.98 18.52 -13.70
C SER B 450 18.99 19.95 -14.26
N VAL B 451 20.03 20.30 -15.03
CA VAL B 451 20.12 21.62 -15.67
C VAL B 451 19.14 21.74 -16.86
N ASN B 452 19.03 20.66 -17.63
CA ASN B 452 18.20 20.64 -18.84
C ASN B 452 17.04 19.66 -18.73
N ASP B 453 17.00 18.93 -17.61
CA ASP B 453 15.97 17.93 -17.28
C ASP B 453 15.77 16.76 -18.26
N LYS B 454 16.49 16.79 -19.39
CA LYS B 454 16.42 15.69 -20.35
C LYS B 454 17.14 14.44 -19.82
N GLY B 455 16.72 13.27 -20.30
CA GLY B 455 17.32 11.99 -19.91
C GLY B 455 18.69 11.78 -20.54
N LEU B 456 19.64 11.29 -19.74
CA LEU B 456 20.98 11.02 -20.24
C LEU B 456 21.07 9.59 -20.75
N ARG B 457 20.73 8.61 -19.89
CA ARG B 457 20.73 7.20 -20.31
C ARG B 457 19.82 6.25 -19.49
N VAL B 458 19.52 5.12 -20.12
CA VAL B 458 18.75 4.05 -19.51
C VAL B 458 19.75 3.16 -18.76
N LEU B 459 19.65 3.15 -17.44
CA LEU B 459 20.58 2.38 -16.59
C LEU B 459 20.20 0.90 -16.50
N GLU B 460 18.92 0.62 -16.34
CA GLU B 460 18.38 -0.75 -16.28
C GLU B 460 16.95 -0.73 -16.75
N ASP B 461 16.65 -1.57 -17.75
CA ASP B 461 15.32 -1.58 -18.35
C ASP B 461 14.56 -2.89 -18.15
N ASN B 462 15.19 -3.82 -17.43
CA ASN B 462 14.61 -5.13 -17.11
C ASN B 462 14.12 -5.93 -18.32
N SER B 463 14.88 -5.88 -19.41
CA SER B 463 14.46 -6.52 -20.67
C SER B 463 14.64 -8.04 -20.65
N ALA B 464 15.66 -8.50 -19.93
CA ALA B 464 15.81 -9.92 -19.65
C ALA B 464 14.53 -10.46 -19.01
N LEU B 465 14.03 -9.79 -17.97
CA LEU B 465 12.78 -10.22 -17.32
C LEU B 465 11.58 -10.14 -18.26
N ASP B 466 11.51 -9.07 -19.05
CA ASP B 466 10.46 -8.92 -20.05
C ASP B 466 10.45 -10.04 -21.08
N LYS B 467 11.63 -10.56 -21.42
CA LYS B 467 11.72 -11.68 -22.33
C LYS B 467 11.04 -12.89 -21.71
N MET B 468 11.50 -13.29 -20.52
CA MET B 468 10.97 -14.46 -19.81
C MET B 468 9.45 -14.43 -19.61
N LEU B 469 8.92 -13.23 -19.37
CA LEU B 469 7.49 -13.04 -19.14
C LEU B 469 6.58 -13.15 -20.37
N GLN B 470 7.15 -13.07 -21.58
CA GLN B 470 6.37 -13.09 -22.84
C GLN B 470 5.40 -14.27 -22.95
N ASN B 471 5.78 -15.36 -22.30
CA ASN B 471 5.20 -16.68 -22.52
C ASN B 471 4.35 -17.16 -21.35
N VAL B 472 4.36 -16.39 -20.26
CA VAL B 472 3.68 -16.79 -19.03
C VAL B 472 2.43 -15.98 -18.77
N GLN B 473 1.33 -16.67 -18.49
CA GLN B 473 0.03 -16.01 -18.24
C GLN B 473 0.06 -15.26 -16.92
N MET B 474 0.52 -14.02 -16.98
CA MET B 474 0.64 -13.19 -15.78
C MET B 474 -0.70 -12.57 -15.40
N PRO B 475 -0.85 -12.24 -14.11
CA PRO B 475 -2.05 -11.52 -13.68
C PRO B 475 -1.99 -10.06 -14.09
N SER B 476 -3.07 -9.32 -13.88
CA SER B 476 -3.09 -7.89 -14.10
C SER B 476 -3.54 -7.17 -12.83
N LYS B 477 -3.47 -5.83 -12.83
CA LYS B 477 -3.87 -5.07 -11.65
C LYS B 477 -5.03 -4.12 -11.94
N LYS B 478 -6.01 -4.09 -11.04
CA LYS B 478 -7.09 -3.14 -11.15
C LYS B 478 -6.93 -2.14 -10.00
N LEU B 479 -6.62 -0.90 -10.35
CA LEU B 479 -6.44 0.14 -9.37
C LEU B 479 -7.57 1.14 -9.57
N ASP B 480 -8.47 1.19 -8.59
CA ASP B 480 -9.60 2.10 -8.67
C ASP B 480 -10.12 2.45 -7.27
N PHE B 481 -11.26 3.12 -7.21
CA PHE B 481 -11.82 3.59 -5.93
C PHE B 481 -13.32 3.32 -5.81
N ILE B 482 -13.84 3.42 -4.59
CA ILE B 482 -15.28 3.38 -4.35
C ILE B 482 -15.67 4.54 -3.44
N ILE B 483 -16.95 4.92 -3.50
CA ILE B 483 -17.45 6.07 -2.77
C ILE B 483 -18.22 5.64 -1.51
N LEU B 484 -17.76 6.10 -0.36
CA LEU B 484 -18.45 5.88 0.92
C LEU B 484 -18.56 7.21 1.65
N ASN B 485 -19.75 7.51 2.18
CA ASN B 485 -20.02 8.81 2.79
C ASN B 485 -19.48 9.93 1.92
N GLU B 486 -19.74 9.82 0.62
CA GLU B 486 -19.23 10.73 -0.42
C GLU B 486 -17.72 11.01 -0.30
N THR B 487 -16.99 9.99 0.15
CA THR B 487 -15.53 10.02 0.22
C THR B 487 -14.98 8.86 -0.61
N LYS B 488 -13.93 9.14 -1.37
CA LYS B 488 -13.29 8.13 -2.22
C LYS B 488 -12.35 7.25 -1.43
N PHE B 489 -12.48 5.93 -1.59
CA PHE B 489 -11.59 4.97 -0.96
C PHE B 489 -11.04 4.00 -1.99
N TRP B 490 -9.71 3.93 -2.08
CA TRP B 490 -9.05 3.17 -3.13
C TRP B 490 -8.81 1.70 -2.78
N TYR B 491 -8.88 0.86 -3.81
CA TYR B 491 -8.59 -0.55 -3.69
C TYR B 491 -7.77 -0.96 -4.89
N GLN B 492 -7.07 -2.09 -4.75
CA GLN B 492 -6.46 -2.74 -5.90
C GLN B 492 -6.85 -4.20 -5.92
N MET B 493 -6.84 -4.77 -7.12
CA MET B 493 -7.11 -6.19 -7.31
C MET B 493 -6.04 -6.78 -8.20
N ILE B 494 -5.46 -7.88 -7.73
CA ILE B 494 -4.57 -8.65 -8.55
C ILE B 494 -5.50 -9.66 -9.22
N LEU B 495 -5.72 -9.49 -10.51
CA LEU B 495 -6.68 -10.30 -11.25
C LEU B 495 -6.01 -11.40 -12.03
N PRO B 496 -6.57 -12.63 -11.97
CA PRO B 496 -6.08 -13.78 -12.75
C PRO B 496 -6.06 -13.48 -14.25
N PRO B 497 -5.15 -14.14 -14.99
CA PRO B 497 -5.15 -14.02 -16.45
C PRO B 497 -6.48 -14.43 -17.06
N HIS B 498 -6.82 -13.82 -18.20
CA HIS B 498 -8.07 -14.09 -18.92
C HIS B 498 -9.29 -13.83 -18.03
N PHE B 499 -9.20 -12.76 -17.25
CA PHE B 499 -10.23 -12.39 -16.29
C PHE B 499 -11.61 -12.26 -16.93
N ASP B 500 -12.56 -13.00 -16.38
CA ASP B 500 -13.91 -13.03 -16.90
C ASP B 500 -14.88 -12.44 -15.88
N LYS B 501 -15.35 -11.23 -16.16
CA LYS B 501 -16.28 -10.52 -15.27
C LYS B 501 -17.64 -11.23 -15.11
N SER B 502 -17.87 -12.25 -15.91
CA SER B 502 -19.11 -13.02 -15.83
C SER B 502 -18.95 -14.31 -15.04
N LYS B 503 -17.75 -14.52 -14.49
CA LYS B 503 -17.47 -15.71 -13.67
C LYS B 503 -17.50 -15.31 -12.19
N LYS B 504 -17.39 -16.29 -11.29
CA LYS B 504 -17.31 -16.02 -9.86
C LYS B 504 -15.99 -16.53 -9.29
N TYR B 505 -15.03 -15.62 -9.07
CA TYR B 505 -13.72 -16.01 -8.52
C TYR B 505 -13.71 -15.99 -6.99
N PRO B 506 -12.89 -16.87 -6.38
CA PRO B 506 -12.66 -16.73 -4.95
C PRO B 506 -11.74 -15.54 -4.69
N LEU B 507 -11.96 -14.86 -3.56
CA LEU B 507 -11.22 -13.64 -3.26
C LEU B 507 -10.47 -13.68 -1.93
N LEU B 508 -9.20 -13.31 -1.98
CA LEU B 508 -8.37 -13.12 -0.80
C LEU B 508 -8.20 -11.62 -0.52
N LEU B 509 -8.48 -11.23 0.71
CA LEU B 509 -8.29 -9.85 1.11
C LEU B 509 -6.93 -9.71 1.81
N ASP B 510 -6.04 -8.99 1.15
CA ASP B 510 -4.67 -8.78 1.62
C ASP B 510 -4.73 -7.48 2.43
N VAL B 511 -4.41 -7.56 3.73
CA VAL B 511 -4.61 -6.42 4.63
C VAL B 511 -3.41 -6.00 5.49
N TYR B 512 -3.24 -4.68 5.61
CA TYR B 512 -2.33 -4.03 6.53
C TYR B 512 -3.22 -3.08 7.33
N ALA B 513 -3.62 -1.96 6.72
CA ALA B 513 -4.67 -1.11 7.27
C ALA B 513 -4.36 -0.42 8.61
N GLY B 514 -3.09 -0.35 8.95
CA GLY B 514 -2.67 0.39 10.12
C GLY B 514 -2.59 1.87 9.80
N PRO B 515 -2.46 2.70 10.84
CA PRO B 515 -2.39 4.13 10.61
C PRO B 515 -1.38 4.48 9.52
N CYS B 516 -1.83 5.24 8.52
CA CYS B 516 -0.99 5.74 7.41
C CYS B 516 -0.54 4.65 6.41
N SER B 517 -1.22 3.51 6.41
CA SER B 517 -0.90 2.43 5.50
C SER B 517 -1.39 2.81 4.12
N GLN B 518 -0.77 2.20 3.11
CA GLN B 518 -1.26 2.26 1.74
C GLN B 518 -0.96 0.91 1.10
N LYS B 519 -2.03 0.23 0.69
CA LYS B 519 -1.92 -1.09 0.09
C LYS B 519 -2.37 -1.09 -1.36
N ALA B 520 -3.03 -0.01 -1.77
CA ALA B 520 -3.48 0.15 -3.14
C ALA B 520 -2.57 1.18 -3.80
N ASP B 521 -1.71 0.70 -4.71
CA ASP B 521 -0.80 1.58 -5.41
C ASP B 521 -0.49 1.12 -6.82
N THR B 522 0.47 1.80 -7.44
CA THR B 522 0.81 1.56 -8.83
C THR B 522 2.07 0.73 -8.99
N VAL B 523 2.56 0.17 -7.88
CA VAL B 523 3.81 -0.60 -7.90
C VAL B 523 3.64 -1.98 -8.54
N PHE B 524 4.61 -2.38 -9.37
CA PHE B 524 4.68 -3.73 -9.91
C PHE B 524 5.38 -4.67 -8.91
N ARG B 525 4.76 -5.82 -8.66
CA ARG B 525 5.23 -6.77 -7.66
C ARG B 525 5.22 -8.21 -8.13
N LEU B 526 6.28 -8.93 -7.79
CA LEU B 526 6.31 -10.36 -7.97
C LEU B 526 6.33 -10.98 -6.59
N ASN B 527 5.14 -11.33 -6.08
CA ASN B 527 5.00 -11.88 -4.74
C ASN B 527 4.04 -13.07 -4.67
N TRP B 528 3.65 -13.44 -3.45
CA TRP B 528 2.74 -14.58 -3.23
C TRP B 528 1.42 -14.37 -3.97
N ALA B 529 0.89 -13.16 -3.86
CA ALA B 529 -0.35 -12.78 -4.53
C ALA B 529 -0.29 -13.02 -6.05
N THR B 530 0.87 -12.76 -6.66
CA THR B 530 1.07 -12.99 -8.09
C THR B 530 0.78 -14.47 -8.42
N TYR B 531 1.30 -15.38 -7.60
CA TYR B 531 1.09 -16.82 -7.77
C TYR B 531 -0.37 -17.22 -7.62
N LEU B 532 -1.02 -16.74 -6.57
CA LEU B 532 -2.41 -17.06 -6.29
C LEU B 532 -3.30 -16.71 -7.48
N ALA B 533 -3.09 -15.51 -8.04
CA ALA B 533 -3.84 -15.07 -9.22
C ALA B 533 -3.44 -15.83 -10.49
N SER B 534 -2.14 -15.86 -10.78
CA SER B 534 -1.63 -16.49 -11.99
C SER B 534 -1.92 -18.00 -12.04
N THR B 535 -1.55 -18.70 -10.98
CA THR B 535 -1.69 -20.15 -10.96
C THR B 535 -3.02 -20.62 -10.38
N GLU B 536 -3.42 -20.06 -9.24
CA GLU B 536 -4.61 -20.56 -8.54
C GLU B 536 -5.96 -19.90 -8.89
N ASN B 537 -5.93 -18.88 -9.75
CA ASN B 537 -7.15 -18.16 -10.16
C ASN B 537 -7.95 -17.54 -9.01
N ILE B 538 -7.21 -17.02 -8.03
CA ILE B 538 -7.80 -16.31 -6.89
C ILE B 538 -7.59 -14.83 -7.11
N ILE B 539 -8.65 -14.02 -6.97
CA ILE B 539 -8.47 -12.57 -6.97
C ILE B 539 -7.94 -12.18 -5.59
N VAL B 540 -6.81 -11.47 -5.56
CA VAL B 540 -6.31 -10.96 -4.28
C VAL B 540 -6.35 -9.46 -4.31
N ALA B 541 -7.16 -8.91 -3.42
CA ALA B 541 -7.48 -7.49 -3.37
C ALA B 541 -6.98 -6.86 -2.08
N SER B 542 -6.90 -5.53 -2.08
CA SER B 542 -6.46 -4.78 -0.91
C SER B 542 -7.22 -3.48 -0.93
N PHE B 543 -7.48 -2.92 0.24
CA PHE B 543 -8.35 -1.77 0.35
C PHE B 543 -7.88 -0.80 1.43
N ASP B 544 -7.74 0.46 1.05
CA ASP B 544 -7.35 1.51 1.98
C ASP B 544 -8.60 2.27 2.44
N GLY B 545 -9.04 1.94 3.66
CA GLY B 545 -10.17 2.61 4.28
C GLY B 545 -9.68 3.63 5.29
N ARG B 546 -10.57 4.04 6.17
CA ARG B 546 -10.22 5.00 7.20
C ARG B 546 -8.94 4.63 7.92
N GLY B 547 -8.10 5.63 8.19
CA GLY B 547 -6.82 5.39 8.85
C GLY B 547 -5.63 5.38 7.91
N SER B 548 -5.88 5.06 6.63
CA SER B 548 -4.81 5.00 5.65
C SER B 548 -4.26 6.40 5.37
N GLY B 549 -3.02 6.46 4.87
CA GLY B 549 -2.33 7.74 4.69
C GLY B 549 -2.28 8.27 3.26
N TYR B 550 -1.68 9.45 3.12
CA TYR B 550 -1.43 10.07 1.81
C TYR B 550 -2.70 10.68 1.18
N GLN B 551 -3.75 10.79 1.99
CA GLN B 551 -5.03 11.34 1.55
C GLN B 551 -5.53 12.43 2.49
N GLY B 552 -4.69 12.82 3.46
CA GLY B 552 -5.05 13.89 4.40
C GLY B 552 -5.60 13.39 5.71
N ASP B 553 -5.47 14.23 6.73
CA ASP B 553 -5.82 13.91 8.12
C ASP B 553 -7.27 13.48 8.35
N LYS B 554 -8.16 13.87 7.45
CA LYS B 554 -9.57 13.51 7.52
C LYS B 554 -9.75 11.99 7.50
N ILE B 555 -9.07 11.33 6.56
CA ILE B 555 -9.06 9.87 6.47
C ILE B 555 -8.08 9.28 7.51
N MET B 556 -6.88 9.86 7.59
CA MET B 556 -5.81 9.28 8.41
C MET B 556 -6.10 9.26 9.91
N HIS B 557 -6.65 10.36 10.43
CA HIS B 557 -6.97 10.45 11.86
C HIS B 557 -8.31 9.83 12.25
N ALA B 558 -9.05 9.32 11.27
CA ALA B 558 -10.38 8.74 11.53
C ALA B 558 -10.39 7.67 12.62
N ILE B 559 -9.26 6.98 12.79
CA ILE B 559 -9.15 5.95 13.84
C ILE B 559 -8.33 6.40 15.07
N ASN B 560 -8.13 7.71 15.21
CA ASN B 560 -7.40 8.24 16.36
C ASN B 560 -8.07 7.83 17.66
N ARG B 561 -7.28 7.29 18.59
CA ARG B 561 -7.75 6.79 19.89
C ARG B 561 -8.75 5.62 19.78
N ARG B 562 -9.02 5.19 18.55
CA ARG B 562 -9.98 4.12 18.27
C ARG B 562 -9.41 3.04 17.36
N LEU B 563 -8.22 2.53 17.69
CA LEU B 563 -7.65 1.41 16.95
C LEU B 563 -8.57 0.19 17.03
N GLY B 564 -8.71 -0.52 15.92
CA GLY B 564 -9.55 -1.70 15.87
C GLY B 564 -11.01 -1.41 15.62
N THR B 565 -11.33 -0.21 15.15
CA THR B 565 -12.73 0.14 14.84
C THR B 565 -12.98 0.29 13.34
N PHE B 566 -12.78 1.51 12.80
CA PHE B 566 -13.16 1.78 11.42
C PHE B 566 -12.35 0.97 10.40
N GLU B 567 -11.03 0.92 10.58
CA GLU B 567 -10.17 0.20 9.66
C GLU B 567 -10.60 -1.26 9.50
N VAL B 568 -11.00 -1.87 10.61
CA VAL B 568 -11.61 -3.20 10.62
C VAL B 568 -12.94 -3.18 9.86
N GLU B 569 -13.83 -2.27 10.24
CA GLU B 569 -15.14 -2.13 9.62
C GLU B 569 -15.06 -1.87 8.12
N ASP B 570 -14.05 -1.12 7.69
CA ASP B 570 -13.89 -0.78 6.27
C ASP B 570 -13.42 -1.96 5.40
N GLN B 571 -12.58 -2.83 5.97
CA GLN B 571 -12.15 -4.04 5.28
C GLN B 571 -13.33 -4.99 5.02
N ILE B 572 -14.21 -5.12 6.01
CA ILE B 572 -15.43 -5.93 5.86
C ILE B 572 -16.35 -5.34 4.78
N GLU B 573 -16.57 -4.02 4.86
CA GLU B 573 -17.40 -3.32 3.88
C GLU B 573 -16.80 -3.43 2.47
N ALA B 574 -15.48 -3.41 2.36
CA ALA B 574 -14.79 -3.57 1.09
C ALA B 574 -15.15 -4.90 0.44
N ALA B 575 -15.11 -5.97 1.23
CA ALA B 575 -15.48 -7.33 0.78
C ALA B 575 -16.93 -7.39 0.31
N ARG B 576 -17.79 -6.65 1.00
CA ARG B 576 -19.19 -6.51 0.59
C ARG B 576 -19.34 -5.82 -0.76
N GLN B 577 -18.48 -4.84 -1.04
CA GLN B 577 -18.53 -4.10 -2.29
C GLN B 577 -18.02 -4.95 -3.44
N PHE B 578 -16.92 -5.66 -3.19
CA PHE B 578 -16.32 -6.54 -4.17
C PHE B 578 -17.30 -7.62 -4.62
N SER B 579 -17.98 -8.25 -3.66
CA SER B 579 -19.01 -9.25 -3.99
C SER B 579 -20.17 -8.63 -4.76
N LYS B 580 -20.52 -7.38 -4.45
CA LYS B 580 -21.59 -6.68 -5.15
C LYS B 580 -21.17 -6.32 -6.58
N MET B 581 -19.86 -6.36 -6.86
CA MET B 581 -19.34 -6.08 -8.19
C MET B 581 -19.65 -7.20 -9.20
N GLY B 582 -20.14 -8.34 -8.68
CA GLY B 582 -20.68 -9.42 -9.52
C GLY B 582 -19.78 -10.55 -9.97
N PHE B 583 -18.49 -10.46 -9.69
CA PHE B 583 -17.52 -11.47 -10.13
C PHE B 583 -16.82 -12.17 -8.97
N VAL B 584 -17.42 -12.10 -7.78
CA VAL B 584 -16.86 -12.72 -6.58
C VAL B 584 -17.80 -13.81 -6.07
N ASP B 585 -17.21 -14.96 -5.72
CA ASP B 585 -17.94 -16.02 -5.05
C ASP B 585 -17.90 -15.71 -3.56
N ASN B 586 -19.03 -15.31 -3.00
CA ASN B 586 -19.07 -14.91 -1.60
C ASN B 586 -19.23 -16.07 -0.63
N LYS B 587 -19.01 -17.28 -1.14
CA LYS B 587 -18.89 -18.46 -0.31
C LYS B 587 -17.41 -18.71 -0.08
N ARG B 588 -16.58 -18.04 -0.88
CA ARG B 588 -15.13 -18.15 -0.79
C ARG B 588 -14.47 -16.77 -0.77
N ILE B 589 -14.50 -16.14 0.40
CA ILE B 589 -13.83 -14.88 0.62
C ILE B 589 -12.95 -15.04 1.86
N ALA B 590 -11.64 -14.89 1.67
CA ALA B 590 -10.71 -15.02 2.78
C ALA B 590 -9.99 -13.70 3.04
N ILE B 591 -9.14 -13.69 4.05
CA ILE B 591 -8.47 -12.47 4.46
C ILE B 591 -7.16 -12.83 5.18
N TRP B 592 -6.07 -12.15 4.84
CA TRP B 592 -4.84 -12.35 5.59
C TRP B 592 -4.03 -11.09 5.76
N GLY B 593 -3.14 -11.11 6.73
CA GLY B 593 -2.28 -9.97 7.03
C GLY B 593 -1.15 -10.31 7.96
N TRP B 594 -0.15 -9.45 7.97
CA TRP B 594 1.02 -9.58 8.83
C TRP B 594 1.04 -8.35 9.75
N SER B 595 1.56 -8.53 10.96
CA SER B 595 1.73 -7.43 11.93
C SER B 595 0.38 -6.76 12.24
N TYR B 596 0.21 -5.52 11.83
CA TYR B 596 -1.05 -4.82 12.05
C TYR B 596 -2.16 -5.51 11.26
N GLY B 597 -1.80 -5.99 10.07
CA GLY B 597 -2.72 -6.72 9.21
C GLY B 597 -3.14 -8.06 9.78
N GLY B 598 -2.26 -8.67 10.60
CA GLY B 598 -2.61 -9.86 11.35
C GLY B 598 -3.71 -9.54 12.35
N TYR B 599 -3.57 -8.38 13.01
CA TYR B 599 -4.53 -7.91 14.02
C TYR B 599 -5.90 -7.62 13.39
N VAL B 600 -5.89 -6.89 12.28
CA VAL B 600 -7.12 -6.58 11.53
C VAL B 600 -7.80 -7.85 11.03
N THR B 601 -7.01 -8.80 10.56
CA THR B 601 -7.53 -10.10 10.14
C THR B 601 -8.23 -10.79 11.30
N SER B 602 -7.55 -10.83 12.44
CA SER B 602 -8.07 -11.46 13.63
C SER B 602 -9.36 -10.76 14.05
N MET B 603 -9.34 -9.44 14.07
CA MET B 603 -10.53 -8.68 14.47
C MET B 603 -11.67 -8.87 13.48
N VAL B 604 -11.35 -8.95 12.20
CA VAL B 604 -12.35 -9.23 11.16
C VAL B 604 -12.95 -10.64 11.33
N LEU B 605 -12.08 -11.65 11.47
CA LEU B 605 -12.56 -13.02 11.64
C LEU B 605 -13.36 -13.22 12.93
N GLY B 606 -13.21 -12.31 13.88
CA GLY B 606 -13.95 -12.37 15.15
C GLY B 606 -15.09 -11.36 15.23
N SER B 607 -15.42 -10.75 14.09
CA SER B 607 -16.42 -9.69 14.03
C SER B 607 -17.83 -10.24 14.07
N GLY B 608 -17.99 -11.49 13.64
CA GLY B 608 -19.30 -12.14 13.49
C GLY B 608 -20.06 -11.60 12.29
N SER B 609 -19.34 -11.10 11.29
CA SER B 609 -19.95 -10.47 10.12
C SER B 609 -20.59 -11.48 9.19
N GLY B 610 -20.03 -12.70 9.15
CA GLY B 610 -20.51 -13.75 8.26
C GLY B 610 -19.94 -13.70 6.85
N VAL B 611 -19.15 -12.67 6.55
CA VAL B 611 -18.63 -12.46 5.20
C VAL B 611 -17.43 -13.33 4.79
N PHE B 612 -16.60 -13.71 5.76
CA PHE B 612 -15.36 -14.43 5.47
C PHE B 612 -15.39 -15.89 5.93
N LYS B 613 -14.90 -16.77 5.06
CA LYS B 613 -14.89 -18.19 5.33
C LYS B 613 -13.70 -18.56 6.18
N CYS B 614 -12.56 -17.94 5.89
CA CYS B 614 -11.29 -18.27 6.54
C CYS B 614 -10.30 -17.11 6.51
N GLY B 615 -9.22 -17.25 7.27
CA GLY B 615 -8.19 -16.23 7.28
C GLY B 615 -6.91 -16.67 7.94
N ILE B 616 -5.85 -15.91 7.71
CA ILE B 616 -4.52 -16.21 8.25
C ILE B 616 -3.98 -14.96 8.93
N ALA B 617 -3.62 -15.07 10.20
CA ALA B 617 -2.95 -13.98 10.87
C ALA B 617 -1.51 -14.41 11.11
N VAL B 618 -0.56 -13.64 10.56
CA VAL B 618 0.86 -13.90 10.77
C VAL B 618 1.40 -12.83 11.73
N ALA B 619 1.98 -13.26 12.83
CA ALA B 619 2.52 -12.36 13.86
C ALA B 619 1.58 -11.18 14.20
N PRO B 620 0.33 -11.47 14.56
CA PRO B 620 -0.63 -10.41 14.88
C PRO B 620 -0.46 -9.81 16.27
N VAL B 621 -0.82 -8.54 16.41
CA VAL B 621 -1.03 -7.93 17.71
C VAL B 621 -2.37 -8.49 18.21
N SER B 622 -2.47 -8.77 19.50
CA SER B 622 -3.72 -9.29 20.06
C SER B 622 -4.37 -8.34 21.05
N ARG B 623 -3.54 -7.50 21.66
CA ARG B 623 -3.96 -6.60 22.71
C ARG B 623 -2.89 -5.54 22.79
N TRP B 624 -3.30 -4.29 22.63
CA TRP B 624 -2.39 -3.15 22.59
C TRP B 624 -1.50 -2.92 23.82
N GLU B 625 -1.84 -3.49 24.98
CA GLU B 625 -0.94 -3.39 26.13
C GLU B 625 0.31 -4.25 25.93
N TYR B 626 0.27 -5.15 24.96
CA TYR B 626 1.42 -6.02 24.70
C TYR B 626 2.44 -5.39 23.75
N TYR B 627 1.98 -4.46 22.90
CA TYR B 627 2.86 -3.80 21.94
C TYR B 627 3.60 -2.57 22.51
N ASP B 628 4.56 -2.04 21.75
CA ASP B 628 5.43 -0.97 22.27
C ASP B 628 4.77 0.41 22.42
N SER B 629 5.23 1.13 23.43
CA SER B 629 4.69 2.45 23.81
C SER B 629 4.66 3.49 22.69
N VAL B 630 5.78 3.63 21.96
CA VAL B 630 5.91 4.67 20.93
C VAL B 630 4.92 4.51 19.77
N TYR B 631 4.77 3.29 19.25
CA TYR B 631 3.80 3.05 18.20
C TYR B 631 2.38 3.09 18.74
N THR B 632 2.14 2.35 19.83
CA THR B 632 0.80 2.21 20.36
C THR B 632 0.20 3.54 20.91
N GLU B 633 0.93 4.20 21.80
CA GLU B 633 0.44 5.43 22.45
C GLU B 633 0.24 6.56 21.44
N ARG B 634 0.88 6.46 20.28
CA ARG B 634 0.70 7.43 19.22
C ARG B 634 -0.78 7.50 18.81
N TYR B 635 -1.43 6.35 18.76
CA TYR B 635 -2.79 6.23 18.28
C TYR B 635 -3.77 5.97 19.41
N MET B 636 -3.27 5.43 20.53
CA MET B 636 -4.14 4.93 21.60
C MET B 636 -4.08 5.71 22.92
N GLY B 637 -3.09 6.59 23.07
CA GLY B 637 -2.89 7.28 24.34
C GLY B 637 -2.44 6.30 25.40
N LEU B 638 -2.59 6.66 26.67
CA LEU B 638 -2.17 5.77 27.76
C LEU B 638 -3.26 4.78 28.21
N PRO B 639 -2.85 3.55 28.58
CA PRO B 639 -3.80 2.57 29.13
C PRO B 639 -4.10 2.82 30.62
N THR B 640 -4.37 4.06 30.97
CA THR B 640 -4.75 4.44 32.32
C THR B 640 -6.25 4.78 32.34
N PRO B 641 -6.92 4.57 33.49
CA PRO B 641 -8.36 4.86 33.67
C PRO B 641 -8.79 6.28 33.25
N GLU B 642 -7.90 7.24 33.45
CA GLU B 642 -8.17 8.64 33.15
C GLU B 642 -7.78 9.05 31.73
N ASP B 643 -7.29 8.10 30.94
CA ASP B 643 -6.96 8.35 29.54
C ASP B 643 -7.86 7.51 28.61
N ASN B 644 -7.35 6.37 28.14
CA ASN B 644 -8.05 5.59 27.12
C ASN B 644 -8.16 4.09 27.44
N LEU B 645 -7.84 3.71 28.68
CA LEU B 645 -7.88 2.30 29.10
C LEU B 645 -9.12 1.56 28.61
N ASP B 646 -10.27 2.22 28.64
CA ASP B 646 -11.52 1.60 28.22
C ASP B 646 -11.40 0.95 26.85
N HIS B 647 -10.95 1.72 25.85
CA HIS B 647 -10.82 1.19 24.49
C HIS B 647 -9.63 0.23 24.32
N TYR B 648 -8.64 0.36 25.19
CA TYR B 648 -7.58 -0.64 25.27
C TYR B 648 -8.22 -2.00 25.53
N ARG B 649 -9.06 -2.07 26.56
CA ARG B 649 -9.73 -3.31 26.98
C ARG B 649 -10.77 -3.80 25.96
N ASN B 650 -11.28 -2.87 25.15
CA ASN B 650 -12.37 -3.15 24.23
C ASN B 650 -11.88 -3.59 22.84
N SER B 651 -10.57 -3.52 22.61
CA SER B 651 -10.01 -3.78 21.28
C SER B 651 -9.00 -4.94 21.26
N THR B 652 -9.33 -6.00 21.97
CA THR B 652 -8.50 -7.18 22.02
C THR B 652 -9.14 -8.19 21.09
N VAL B 653 -8.36 -9.07 20.47
CA VAL B 653 -8.98 -10.11 19.65
C VAL B 653 -9.53 -11.23 20.55
N MET B 654 -8.84 -11.48 21.68
CA MET B 654 -9.27 -12.48 22.67
C MET B 654 -10.77 -12.42 22.98
N SER B 655 -11.27 -11.22 23.27
CA SER B 655 -12.66 -11.04 23.66
C SER B 655 -13.64 -11.38 22.55
N ARG B 656 -13.12 -11.69 21.37
CA ARG B 656 -13.97 -12.04 20.23
C ARG B 656 -13.93 -13.54 19.95
N ALA B 657 -13.09 -14.24 20.72
CA ALA B 657 -12.83 -15.67 20.54
C ALA B 657 -14.06 -16.50 20.17
N GLU B 658 -15.17 -16.26 20.88
CA GLU B 658 -16.43 -16.96 20.64
C GLU B 658 -16.87 -16.95 19.17
N ASN B 659 -16.76 -15.79 18.52
CA ASN B 659 -17.14 -15.61 17.12
C ASN B 659 -16.32 -16.41 16.11
N PHE B 660 -15.18 -16.94 16.54
CA PHE B 660 -14.30 -17.73 15.66
C PHE B 660 -14.88 -19.11 15.29
N LYS B 661 -16.00 -19.48 15.88
CA LYS B 661 -16.69 -20.74 15.57
C LYS B 661 -17.27 -20.74 14.15
N GLN B 662 -17.29 -19.57 13.53
CA GLN B 662 -17.86 -19.38 12.21
C GLN B 662 -16.82 -19.37 11.10
N VAL B 663 -15.53 -19.33 11.47
CA VAL B 663 -14.48 -19.20 10.48
C VAL B 663 -13.38 -20.24 10.65
N GLU B 664 -12.56 -20.44 9.62
CA GLU B 664 -11.37 -21.30 9.69
C GLU B 664 -10.13 -20.43 9.85
N TYR B 665 -9.38 -20.65 10.92
CA TYR B 665 -8.34 -19.73 11.30
C TYR B 665 -6.98 -20.38 11.35
N LEU B 666 -6.02 -19.77 10.65
CA LEU B 666 -4.60 -20.18 10.75
C LEU B 666 -3.80 -19.07 11.41
N LEU B 667 -3.16 -19.41 12.53
CA LEU B 667 -2.44 -18.45 13.35
C LEU B 667 -0.95 -18.79 13.35
N ILE B 668 -0.14 -17.89 12.81
CA ILE B 668 1.30 -18.13 12.64
C ILE B 668 2.12 -17.10 13.39
N HIS B 669 3.19 -17.54 14.04
CA HIS B 669 4.05 -16.64 14.78
C HIS B 669 5.44 -17.25 15.00
N GLY B 670 6.48 -16.42 14.87
CA GLY B 670 7.85 -16.84 15.13
C GLY B 670 8.18 -16.73 16.60
N THR B 671 8.83 -17.75 17.17
CA THR B 671 9.09 -17.80 18.61
C THR B 671 10.10 -16.77 19.11
N ALA B 672 10.99 -16.33 18.21
CA ALA B 672 12.04 -15.35 18.57
C ALA B 672 11.68 -13.95 18.08
N ASP B 673 10.39 -13.64 18.05
CA ASP B 673 9.90 -12.36 17.58
C ASP B 673 10.03 -11.33 18.72
N ASP B 674 11.00 -10.43 18.57
CA ASP B 674 11.26 -9.34 19.51
C ASP B 674 10.32 -8.16 19.29
N ASN B 675 9.60 -8.16 18.17
CA ASN B 675 8.76 -7.01 17.82
C ASN B 675 7.35 -7.17 18.37
N VAL B 676 6.58 -8.06 17.75
CA VAL B 676 5.29 -8.49 18.26
C VAL B 676 5.60 -9.81 18.94
N HIS B 677 5.69 -9.79 20.27
CA HIS B 677 6.14 -10.96 21.01
C HIS B 677 5.20 -12.14 20.83
N PHE B 678 5.79 -13.33 20.68
CA PHE B 678 5.01 -14.58 20.60
C PHE B 678 3.83 -14.58 21.58
N GLN B 679 4.06 -14.00 22.76
CA GLN B 679 3.03 -13.73 23.76
C GLN B 679 1.65 -13.44 23.16
N GLN B 680 1.61 -12.54 22.18
CA GLN B 680 0.34 -12.07 21.63
C GLN B 680 -0.46 -13.16 20.92
N SER B 681 0.23 -14.08 20.25
CA SER B 681 -0.45 -15.19 19.61
C SER B 681 -0.77 -16.28 20.64
N ALA B 682 0.11 -16.44 21.63
CA ALA B 682 -0.13 -17.36 22.74
C ALA B 682 -1.40 -17.00 23.55
N GLN B 683 -1.67 -15.71 23.70
CA GLN B 683 -2.89 -15.27 24.36
C GLN B 683 -4.10 -15.52 23.48
N ILE B 684 -3.97 -15.33 22.17
CA ILE B 684 -5.06 -15.62 21.23
C ILE B 684 -5.43 -17.10 21.26
N SER B 685 -4.42 -17.97 21.23
CA SER B 685 -4.66 -19.42 21.19
C SER B 685 -5.34 -19.92 22.46
N LYS B 686 -4.88 -19.43 23.60
CA LYS B 686 -5.44 -19.81 24.90
C LYS B 686 -6.91 -19.46 24.97
N ALA B 687 -7.26 -18.30 24.40
CA ALA B 687 -8.64 -17.82 24.36
C ALA B 687 -9.51 -18.66 23.42
N LEU B 688 -8.98 -19.04 22.26
CA LEU B 688 -9.73 -19.92 21.35
C LEU B 688 -9.89 -21.28 21.98
N VAL B 689 -8.88 -21.70 22.73
CA VAL B 689 -8.96 -22.96 23.47
C VAL B 689 -10.04 -22.90 24.57
N ASP B 690 -10.15 -21.75 25.23
CA ASP B 690 -11.08 -21.60 26.35
C ASP B 690 -12.55 -21.58 25.95
N VAL B 691 -12.84 -21.21 24.71
CA VAL B 691 -14.22 -21.24 24.22
C VAL B 691 -14.51 -22.43 23.31
N GLY B 692 -13.55 -23.36 23.23
CA GLY B 692 -13.69 -24.58 22.44
C GLY B 692 -13.76 -24.39 20.93
N VAL B 693 -12.96 -23.46 20.38
CA VAL B 693 -12.88 -23.24 18.93
C VAL B 693 -11.67 -23.97 18.33
N ASP B 694 -11.90 -24.75 17.27
CA ASP B 694 -10.80 -25.39 16.55
C ASP B 694 -10.16 -24.41 15.54
N PHE B 695 -8.85 -24.50 15.37
CA PHE B 695 -8.11 -23.62 14.47
C PHE B 695 -6.78 -24.26 14.12
N GLN B 696 -6.12 -23.74 13.09
CA GLN B 696 -4.81 -24.21 12.65
C GLN B 696 -3.73 -23.27 13.20
N ALA B 697 -2.62 -23.85 13.63
CA ALA B 697 -1.50 -23.08 14.17
C ALA B 697 -0.17 -23.54 13.57
N MET B 698 0.82 -22.63 13.63
CA MET B 698 2.17 -22.94 13.24
C MET B 698 3.11 -21.95 13.91
N TRP B 699 4.04 -22.47 14.71
CA TRP B 699 5.11 -21.64 15.26
C TRP B 699 6.36 -21.76 14.38
N TYR B 700 7.18 -20.72 14.34
CA TYR B 700 8.47 -20.84 13.69
C TYR B 700 9.57 -20.68 14.71
N THR B 701 10.28 -21.78 14.91
CA THR B 701 11.37 -21.84 15.88
C THR B 701 12.46 -20.85 15.52
N ASP B 702 12.70 -19.91 16.44
CA ASP B 702 13.80 -18.95 16.37
C ASP B 702 13.68 -17.88 15.29
N GLU B 703 12.57 -17.91 14.54
CA GLU B 703 12.29 -16.84 13.60
C GLU B 703 11.76 -15.61 14.34
N ASP B 704 12.00 -14.43 13.75
CA ASP B 704 11.53 -13.17 14.32
C ASP B 704 10.34 -12.62 13.54
N HIS B 705 10.09 -11.32 13.67
CA HIS B 705 8.90 -10.71 13.08
C HIS B 705 8.83 -10.83 11.57
N GLY B 706 9.98 -11.00 10.94
CA GLY B 706 10.07 -11.15 9.49
C GLY B 706 9.81 -12.55 8.97
N ILE B 707 10.11 -13.57 9.78
CA ILE B 707 10.10 -14.99 9.34
C ILE B 707 10.82 -15.03 7.98
N ALA B 708 11.98 -14.39 7.97
CA ALA B 708 12.72 -14.08 6.76
C ALA B 708 13.85 -15.05 6.39
N SER B 709 14.17 -16.01 7.26
CA SER B 709 15.15 -17.06 6.89
C SER B 709 14.72 -17.73 5.60
N SER B 710 15.66 -17.94 4.69
CA SER B 710 15.36 -18.58 3.42
C SER B 710 14.39 -19.77 3.58
N THR B 711 14.75 -20.73 4.44
CA THR B 711 13.94 -21.95 4.60
C THR B 711 12.58 -21.69 5.28
N ALA B 712 12.55 -20.79 6.24
CA ALA B 712 11.33 -20.46 6.97
C ALA B 712 10.35 -19.74 6.07
N HIS B 713 10.89 -18.82 5.25
CA HIS B 713 10.12 -18.05 4.28
C HIS B 713 9.38 -18.97 3.30
N GLN B 714 10.10 -19.92 2.73
CA GLN B 714 9.54 -20.92 1.81
C GLN B 714 8.49 -21.78 2.51
N HIS B 715 8.75 -22.11 3.77
CA HIS B 715 7.88 -22.99 4.54
C HIS B 715 6.53 -22.34 4.86
N ILE B 716 6.55 -21.09 5.34
CA ILE B 716 5.33 -20.42 5.71
C ILE B 716 4.44 -20.12 4.49
N TYR B 717 5.03 -19.81 3.34
CA TYR B 717 4.25 -19.53 2.14
C TYR B 717 3.68 -20.79 1.49
N THR B 718 4.42 -21.90 1.59
CA THR B 718 3.92 -23.21 1.19
C THR B 718 2.77 -23.61 2.14
N HIS B 719 2.99 -23.44 3.45
CA HIS B 719 1.97 -23.79 4.44
C HIS B 719 0.69 -22.98 4.24
N MET B 720 0.83 -21.68 4.03
CA MET B 720 -0.31 -20.79 3.79
C MET B 720 -1.05 -21.15 2.48
N SER B 721 -0.28 -21.51 1.45
CA SER B 721 -0.86 -21.88 0.15
C SER B 721 -1.77 -23.08 0.30
N HIS B 722 -1.32 -24.09 1.06
CA HIS B 722 -2.13 -25.28 1.34
C HIS B 722 -3.44 -24.92 2.02
N PHE B 723 -3.35 -24.08 3.05
CA PHE B 723 -4.50 -23.68 3.84
C PHE B 723 -5.51 -22.92 3.00
N ILE B 724 -5.03 -22.02 2.15
CA ILE B 724 -5.92 -21.28 1.26
C ILE B 724 -6.57 -22.20 0.22
N LYS B 725 -5.77 -23.06 -0.41
CA LYS B 725 -6.30 -24.00 -1.41
C LYS B 725 -7.36 -24.90 -0.79
N GLN B 726 -7.09 -25.36 0.43
CA GLN B 726 -8.04 -26.12 1.23
C GLN B 726 -9.36 -25.33 1.40
N CYS B 727 -9.25 -24.12 1.94
CA CYS B 727 -10.41 -23.25 2.18
C CYS B 727 -11.29 -23.04 0.95
N PHE B 728 -10.64 -22.95 -0.22
CA PHE B 728 -11.33 -22.62 -1.47
C PHE B 728 -11.64 -23.83 -2.33
N SER B 729 -11.38 -25.02 -1.80
CA SER B 729 -11.58 -26.30 -2.50
C SER B 729 -10.85 -26.34 -3.83
N LEU B 730 -9.59 -25.90 -3.82
CA LEU B 730 -8.74 -25.96 -5.00
C LEU B 730 -7.89 -27.23 -4.95
N PRO B 731 -7.87 -28.01 -6.06
CA PRO B 731 -7.19 -29.31 -6.15
C PRO B 731 -5.71 -29.26 -5.79
N ALA C 5 56.71 -4.37 -45.60
CA ALA C 5 57.50 -3.18 -46.05
C ALA C 5 56.72 -2.34 -47.07
N LYS C 6 55.75 -2.95 -47.74
CA LYS C 6 54.96 -2.29 -48.78
C LYS C 6 53.47 -2.11 -48.40
N THR C 7 52.73 -1.44 -49.27
CA THR C 7 51.31 -1.11 -49.04
C THR C 7 50.40 -1.82 -50.03
N TYR C 8 49.09 -1.82 -49.74
CA TYR C 8 48.09 -2.35 -50.65
C TYR C 8 47.86 -1.31 -51.75
N THR C 9 48.34 -1.63 -52.96
CA THR C 9 48.31 -0.70 -54.09
C THR C 9 47.06 -0.83 -54.97
N LEU C 10 46.90 0.12 -55.88
CA LEU C 10 45.82 0.07 -56.86
C LEU C 10 45.93 -1.21 -57.66
N THR C 11 47.15 -1.50 -58.14
CA THR C 11 47.40 -2.72 -58.91
C THR C 11 47.00 -3.96 -58.12
N ASP C 12 47.25 -3.95 -56.81
CA ASP C 12 46.86 -5.06 -55.95
C ASP C 12 45.36 -5.30 -56.07
N TYR C 13 44.59 -4.22 -55.97
CA TYR C 13 43.13 -4.29 -56.07
C TYR C 13 42.71 -4.65 -57.47
N LEU C 14 43.33 -4.03 -58.46
CA LEU C 14 42.92 -4.20 -59.85
C LEU C 14 43.31 -5.53 -60.48
N LYS C 15 44.45 -6.08 -60.07
CA LYS C 15 44.94 -7.32 -60.64
C LYS C 15 44.57 -8.53 -59.79
N ASN C 16 44.00 -8.27 -58.61
CA ASN C 16 43.51 -9.33 -57.73
C ASN C 16 44.65 -10.17 -57.13
N THR C 17 45.67 -9.44 -56.63
CA THR C 17 46.88 -10.02 -56.05
C THR C 17 46.62 -10.79 -54.75
N TYR C 18 45.94 -10.15 -53.81
CA TYR C 18 45.62 -10.77 -52.52
C TYR C 18 44.19 -11.31 -52.54
N ARG C 19 44.06 -12.57 -52.91
CA ARG C 19 42.78 -13.21 -53.19
C ARG C 19 42.06 -13.68 -51.94
N LEU C 20 40.72 -13.67 -52.00
CA LEU C 20 39.89 -14.25 -50.95
C LEU C 20 39.41 -15.61 -51.38
N LYS C 21 39.80 -16.64 -50.63
CA LYS C 21 39.30 -17.99 -50.86
C LYS C 21 37.96 -18.12 -50.16
N LEU C 22 37.02 -18.80 -50.81
CA LEU C 22 35.72 -19.09 -50.20
C LEU C 22 35.42 -20.59 -50.30
N TYR C 23 34.35 -21.05 -49.64
CA TYR C 23 34.00 -22.46 -49.67
C TYR C 23 32.56 -22.68 -50.14
N SER C 24 32.42 -22.92 -51.44
CA SER C 24 31.11 -23.06 -52.07
C SER C 24 30.66 -24.51 -52.12
N LEU C 25 29.48 -24.79 -51.56
CA LEU C 25 28.93 -26.15 -51.53
C LEU C 25 27.43 -26.18 -51.84
N ARG C 26 26.94 -27.34 -52.27
CA ARG C 26 25.53 -27.54 -52.56
C ARG C 26 25.07 -28.85 -51.95
N TRP C 27 24.20 -28.77 -50.94
CA TRP C 27 23.65 -29.94 -50.26
C TRP C 27 22.77 -30.78 -51.19
N ILE C 28 22.90 -32.11 -51.13
CA ILE C 28 22.02 -33.01 -51.87
C ILE C 28 21.06 -33.71 -50.91
N SER C 29 21.61 -34.24 -49.82
CA SER C 29 20.81 -34.90 -48.80
C SER C 29 20.83 -34.07 -47.50
N ASP C 30 20.43 -34.68 -46.40
CA ASP C 30 20.46 -34.02 -45.10
C ASP C 30 21.83 -34.18 -44.44
N HIS C 31 22.75 -34.86 -45.13
CA HIS C 31 24.07 -35.16 -44.57
C HIS C 31 25.18 -35.20 -45.62
N GLU C 32 24.85 -34.85 -46.86
CA GLU C 32 25.84 -34.83 -47.94
C GLU C 32 25.78 -33.56 -48.80
N TYR C 33 26.94 -33.16 -49.34
CA TYR C 33 27.03 -32.00 -50.22
C TYR C 33 28.15 -32.13 -51.26
N LEU C 34 28.06 -31.35 -52.34
CA LEU C 34 29.07 -31.30 -53.39
C LEU C 34 30.02 -30.14 -53.21
N TYR C 35 31.29 -30.36 -53.56
CA TYR C 35 32.31 -29.31 -53.53
C TYR C 35 33.24 -29.39 -54.74
N LYS C 36 33.59 -28.23 -55.28
CA LYS C 36 34.37 -28.12 -56.52
C LYS C 36 35.86 -28.43 -56.30
N ASN C 39 39.61 -29.28 -59.75
CA ASN C 39 38.47 -29.19 -60.66
C ASN C 39 37.55 -30.40 -60.61
N ASN C 40 37.83 -31.30 -59.66
CA ASN C 40 37.01 -32.48 -59.44
C ASN C 40 35.79 -32.15 -58.59
N ILE C 41 34.69 -32.86 -58.82
CA ILE C 41 33.46 -32.65 -58.05
C ILE C 41 33.27 -33.81 -57.06
N LEU C 42 33.74 -33.58 -55.83
CA LEU C 42 33.75 -34.61 -54.79
C LEU C 42 32.49 -34.50 -53.91
N VAL C 43 32.01 -35.65 -53.44
CA VAL C 43 30.89 -35.68 -52.49
C VAL C 43 31.46 -35.86 -51.10
N PHE C 44 31.06 -34.97 -50.19
CA PHE C 44 31.54 -35.01 -48.82
C PHE C 44 30.44 -35.54 -47.91
N ASN C 45 30.84 -36.34 -46.93
CA ASN C 45 29.93 -36.84 -45.91
C ASN C 45 30.19 -36.06 -44.63
N ALA C 46 29.27 -35.14 -44.33
CA ALA C 46 29.39 -34.24 -43.18
C ALA C 46 29.54 -34.96 -41.85
N GLU C 47 28.99 -36.17 -41.78
CA GLU C 47 29.06 -36.98 -40.57
C GLU C 47 30.50 -37.40 -40.25
N TYR C 48 31.26 -37.76 -41.30
CA TYR C 48 32.63 -38.26 -41.12
C TYR C 48 33.69 -37.43 -41.85
N GLY C 49 33.76 -37.54 -43.17
CA GLY C 49 34.76 -36.83 -43.94
C GLY C 49 35.33 -37.64 -45.10
N ASN C 50 34.86 -38.87 -45.24
CA ASN C 50 35.23 -39.71 -46.38
C ASN C 50 34.64 -39.11 -47.67
N SER C 51 35.52 -38.87 -48.64
CA SER C 51 35.14 -38.19 -49.86
C SER C 51 35.44 -38.99 -51.12
N SER C 52 34.38 -39.38 -51.81
CA SER C 52 34.49 -40.07 -53.09
C SER C 52 34.13 -39.10 -54.22
N VAL C 53 34.76 -39.28 -55.38
CA VAL C 53 34.49 -38.43 -56.54
C VAL C 53 33.13 -38.74 -57.16
N PHE C 54 32.49 -37.72 -57.72
CA PHE C 54 31.21 -37.88 -58.41
C PHE C 54 31.37 -37.59 -59.89
N LEU C 55 32.37 -36.76 -60.20
CA LEU C 55 32.71 -36.41 -61.57
C LEU C 55 34.16 -35.94 -61.63
N GLU C 56 34.96 -36.66 -62.41
CA GLU C 56 36.39 -36.35 -62.57
C GLU C 56 36.64 -35.06 -63.35
N ASN C 57 37.82 -34.48 -63.13
CA ASN C 57 38.25 -33.27 -63.85
C ASN C 57 38.64 -33.55 -65.32
N SER C 58 38.32 -34.76 -65.79
CA SER C 58 38.68 -35.20 -67.14
C SER C 58 37.48 -35.70 -67.94
N THR C 59 36.30 -35.73 -67.32
CA THR C 59 35.11 -36.35 -67.89
C THR C 59 34.61 -35.66 -69.17
N PHE C 60 34.81 -34.35 -69.27
CA PHE C 60 34.27 -33.59 -70.40
C PHE C 60 35.32 -32.87 -71.26
N ASP C 61 36.44 -33.53 -71.51
CA ASP C 61 37.53 -32.95 -72.33
C ASP C 61 37.22 -32.96 -73.82
N GLU C 62 36.50 -33.99 -74.28
CA GLU C 62 36.18 -34.16 -75.69
C GLU C 62 34.86 -33.49 -76.05
N PHE C 63 34.36 -32.67 -75.12
CA PHE C 63 33.07 -32.00 -75.27
C PHE C 63 33.02 -31.00 -76.42
N GLY C 64 34.10 -30.24 -76.61
CA GLY C 64 34.19 -29.29 -77.73
C GLY C 64 33.78 -27.87 -77.36
N HIS C 65 32.99 -27.74 -76.29
CA HIS C 65 32.57 -26.43 -75.77
C HIS C 65 33.10 -26.27 -74.34
N SER C 66 33.12 -25.03 -73.86
CA SER C 66 33.56 -24.74 -72.50
C SER C 66 32.37 -24.68 -71.55
N ILE C 67 32.48 -25.37 -70.42
CA ILE C 67 31.38 -25.43 -69.45
C ILE C 67 31.31 -24.17 -68.57
N ASN C 68 30.23 -23.42 -68.71
CA ASN C 68 30.02 -22.23 -67.89
C ASN C 68 29.59 -22.62 -66.48
N ASP C 69 28.57 -23.49 -66.40
CA ASP C 69 28.06 -23.98 -65.13
C ASP C 69 27.42 -25.37 -65.33
N TYR C 70 27.09 -26.04 -64.23
CA TYR C 70 26.44 -27.36 -64.29
C TYR C 70 25.29 -27.42 -63.28
N SER C 71 24.47 -28.45 -63.40
CA SER C 71 23.35 -28.66 -62.48
C SER C 71 22.97 -30.15 -62.40
N ILE C 72 23.40 -30.79 -61.31
CA ILE C 72 23.03 -32.18 -61.01
C ILE C 72 21.54 -32.23 -60.66
N SER C 73 20.82 -33.17 -61.28
CA SER C 73 19.41 -33.40 -60.95
C SER C 73 19.30 -33.89 -59.50
N PRO C 74 18.19 -33.58 -58.82
CA PRO C 74 18.02 -33.92 -57.39
C PRO C 74 18.21 -35.41 -57.05
N ASP C 75 17.77 -36.31 -57.93
CA ASP C 75 17.92 -37.75 -57.73
C ASP C 75 19.34 -38.27 -58.03
N GLY C 76 20.16 -37.43 -58.67
CA GLY C 76 21.56 -37.75 -58.95
C GLY C 76 21.82 -38.51 -60.25
N GLN C 77 20.76 -38.79 -60.99
CA GLN C 77 20.85 -39.53 -62.24
C GLN C 77 21.40 -38.71 -63.41
N PHE C 78 21.09 -37.41 -63.40
CA PHE C 78 21.41 -36.54 -64.54
C PHE C 78 22.19 -35.28 -64.16
N ILE C 79 23.08 -34.87 -65.06
CA ILE C 79 23.81 -33.63 -64.89
C ILE C 79 23.64 -32.75 -66.12
N LEU C 80 22.96 -31.62 -65.89
CA LEU C 80 22.71 -30.62 -66.93
C LEU C 80 23.98 -29.80 -67.10
N LEU C 81 24.33 -29.49 -68.34
CA LEU C 81 25.53 -28.69 -68.62
C LEU C 81 25.19 -27.40 -69.37
N GLU C 82 25.71 -26.29 -68.85
CA GLU C 82 25.43 -24.96 -69.38
C GLU C 82 26.62 -24.40 -70.15
N TYR C 83 26.39 -24.04 -71.42
CA TYR C 83 27.42 -23.42 -72.27
C TYR C 83 26.79 -22.41 -73.21
N ASN C 84 27.62 -21.65 -73.93
CA ASN C 84 27.17 -20.56 -74.80
C ASN C 84 26.48 -19.43 -74.02
N TYR C 85 26.99 -19.15 -72.82
CA TYR C 85 26.44 -18.14 -71.93
C TYR C 85 26.53 -16.74 -72.54
N VAL C 86 25.38 -16.12 -72.75
CA VAL C 86 25.29 -14.75 -73.22
C VAL C 86 24.39 -13.97 -72.26
N LYS C 87 25.02 -13.11 -71.48
CA LYS C 87 24.35 -12.30 -70.44
C LYS C 87 23.37 -11.31 -71.03
N GLN C 88 22.18 -11.21 -70.46
CA GLN C 88 21.27 -10.13 -70.80
C GLN C 88 21.41 -9.04 -69.71
N TRP C 89 20.50 -9.03 -68.73
CA TRP C 89 20.52 -8.00 -67.68
C TRP C 89 21.31 -8.43 -66.44
N ARG C 90 20.86 -8.04 -65.25
CA ARG C 90 21.58 -8.40 -64.00
C ARG C 90 21.57 -9.91 -63.72
N HIS C 91 20.42 -10.55 -63.89
CA HIS C 91 20.27 -11.99 -63.61
C HIS C 91 20.00 -12.80 -64.87
N SER C 92 19.31 -12.20 -65.84
CA SER C 92 18.91 -12.89 -67.04
C SER C 92 20.09 -13.22 -67.94
N TYR C 93 19.90 -14.29 -68.72
CA TYR C 93 20.84 -14.68 -69.76
C TYR C 93 20.21 -15.72 -70.68
N THR C 94 21.02 -16.19 -71.62
CA THR C 94 20.62 -17.16 -72.61
C THR C 94 21.80 -18.09 -72.79
N ALA C 95 21.52 -19.38 -72.95
CA ALA C 95 22.57 -20.39 -73.05
C ALA C 95 22.09 -21.66 -73.79
N SER C 96 23.04 -22.54 -74.07
CA SER C 96 22.76 -23.85 -74.64
C SER C 96 22.90 -24.89 -73.52
N TYR C 97 22.22 -26.02 -73.69
CA TYR C 97 22.16 -27.05 -72.66
C TYR C 97 22.16 -28.50 -73.21
N ASP C 98 23.08 -29.30 -72.69
CA ASP C 98 23.12 -30.74 -72.92
C ASP C 98 22.96 -31.48 -71.60
N ILE C 99 22.21 -32.57 -71.62
CA ILE C 99 22.04 -33.40 -70.43
C ILE C 99 22.91 -34.66 -70.53
N TYR C 100 23.63 -34.96 -69.46
CA TYR C 100 24.51 -36.12 -69.39
C TYR C 100 23.95 -37.09 -68.35
N ASP C 101 24.03 -38.39 -68.64
CA ASP C 101 23.52 -39.42 -67.74
C ASP C 101 24.64 -40.02 -66.89
N LEU C 102 24.38 -40.19 -65.59
CA LEU C 102 25.34 -40.85 -64.69
C LEU C 102 25.39 -42.37 -64.95
N ASN C 103 24.23 -42.96 -65.20
CA ASN C 103 24.11 -44.39 -65.50
C ASN C 103 24.81 -44.78 -66.80
N LYS C 104 24.23 -44.35 -67.93
CA LYS C 104 24.76 -44.62 -69.27
C LYS C 104 26.17 -44.06 -69.47
N ARG C 105 26.50 -42.99 -68.74
CA ARG C 105 27.79 -42.30 -68.82
C ARG C 105 28.02 -41.64 -70.19
N GLN C 106 26.94 -41.12 -70.77
CA GLN C 106 26.96 -40.53 -72.11
C GLN C 106 26.06 -39.29 -72.23
N LEU C 107 26.18 -38.58 -73.36
CA LEU C 107 25.30 -37.45 -73.67
C LEU C 107 23.95 -37.96 -74.18
N ILE C 108 23.08 -37.04 -74.59
CA ILE C 108 21.77 -37.40 -75.16
C ILE C 108 21.63 -36.85 -76.59
N THR C 109 21.21 -37.71 -77.51
CA THR C 109 21.13 -37.38 -78.93
C THR C 109 19.87 -36.59 -79.33
N GLU C 110 18.71 -37.03 -78.84
CA GLU C 110 17.44 -36.49 -79.34
C GLU C 110 16.65 -35.61 -78.36
N GLU C 111 15.74 -34.82 -78.94
CA GLU C 111 14.84 -33.90 -78.23
C GLU C 111 15.60 -32.94 -77.33
N ARG C 112 16.84 -32.64 -77.72
CA ARG C 112 17.75 -31.78 -76.95
C ARG C 112 17.17 -30.40 -76.66
N ILE C 113 17.57 -29.84 -75.52
CA ILE C 113 17.19 -28.49 -75.11
C ILE C 113 17.68 -27.49 -76.15
N PRO C 114 16.78 -26.64 -76.67
CA PRO C 114 17.13 -25.71 -77.75
C PRO C 114 18.22 -24.71 -77.36
N ASN C 115 19.01 -24.30 -78.35
CA ASN C 115 19.95 -23.18 -78.18
C ASN C 115 19.13 -21.95 -77.76
N ASN C 116 19.81 -20.92 -77.24
CA ASN C 116 19.14 -19.69 -76.79
C ASN C 116 18.07 -19.90 -75.71
N THR C 117 18.29 -20.85 -74.83
CA THR C 117 17.36 -21.11 -73.74
C THR C 117 17.47 -20.04 -72.64
N GLN C 118 16.31 -19.54 -72.23
CA GLN C 118 16.20 -18.42 -71.32
C GLN C 118 16.30 -18.84 -69.85
N TRP C 119 15.91 -20.07 -69.55
CA TRP C 119 15.98 -20.60 -68.19
C TRP C 119 15.71 -22.11 -68.16
N VAL C 120 16.46 -22.82 -67.33
CA VAL C 120 16.19 -24.24 -67.07
C VAL C 120 16.15 -24.49 -65.58
N THR C 121 15.24 -25.37 -65.17
CA THR C 121 15.10 -25.75 -63.77
C THR C 121 14.63 -27.18 -63.64
N TRP C 122 15.22 -27.91 -62.70
CA TRP C 122 14.77 -29.27 -62.39
C TRP C 122 13.56 -29.19 -61.49
N SER C 123 12.82 -30.28 -61.41
CA SER C 123 11.83 -30.46 -60.36
C SER C 123 12.61 -30.69 -59.07
N PRO C 124 12.03 -30.38 -57.90
CA PRO C 124 12.78 -30.51 -56.64
C PRO C 124 13.17 -31.95 -56.30
N VAL C 125 12.40 -32.92 -56.81
CA VAL C 125 12.74 -34.34 -56.70
C VAL C 125 12.67 -35.01 -58.08
N GLY C 126 13.38 -36.12 -58.23
CA GLY C 126 13.43 -36.83 -59.51
C GLY C 126 14.27 -36.11 -60.54
N HIS C 127 13.77 -36.02 -61.77
CA HIS C 127 14.51 -35.41 -62.87
C HIS C 127 13.62 -34.78 -63.96
N LYS C 128 12.40 -34.39 -63.58
CA LYS C 128 11.56 -33.62 -64.47
C LYS C 128 12.31 -32.31 -64.77
N LEU C 129 12.12 -31.79 -65.97
CA LEU C 129 12.86 -30.62 -66.41
C LEU C 129 11.93 -29.60 -67.06
N ALA C 130 11.99 -28.37 -66.59
CA ALA C 130 11.22 -27.29 -67.17
C ALA C 130 12.15 -26.20 -67.65
N TYR C 131 11.84 -25.65 -68.81
CA TYR C 131 12.67 -24.64 -69.42
C TYR C 131 11.84 -23.65 -70.23
N VAL C 132 12.37 -22.45 -70.39
CA VAL C 132 11.72 -21.39 -71.14
C VAL C 132 12.54 -21.12 -72.40
N TRP C 133 11.86 -20.99 -73.54
CA TRP C 133 12.50 -20.72 -74.82
C TRP C 133 11.58 -19.84 -75.63
N ASN C 134 12.13 -18.81 -76.26
CA ASN C 134 11.36 -17.80 -76.99
C ASN C 134 10.11 -17.36 -76.23
N ASN C 135 10.31 -17.07 -74.94
CA ASN C 135 9.25 -16.60 -74.04
C ASN C 135 8.14 -17.63 -73.73
N ASP C 136 8.37 -18.90 -74.05
CA ASP C 136 7.43 -19.98 -73.75
C ASP C 136 7.98 -21.08 -72.84
N ILE C 137 7.09 -21.72 -72.09
CA ILE C 137 7.44 -22.81 -71.16
C ILE C 137 7.27 -24.21 -71.77
N TYR C 138 8.29 -25.04 -71.57
CA TYR C 138 8.30 -26.44 -72.03
C TYR C 138 8.68 -27.37 -70.87
N VAL C 139 8.05 -28.55 -70.83
CA VAL C 139 8.34 -29.55 -69.78
C VAL C 139 8.72 -30.92 -70.35
N LYS C 140 9.84 -31.46 -69.87
CA LYS C 140 10.26 -32.83 -70.14
C LYS C 140 9.99 -33.68 -68.91
N ILE C 141 9.30 -34.81 -69.11
CA ILE C 141 9.08 -35.75 -68.01
C ILE C 141 10.32 -36.63 -67.88
N GLU C 142 10.93 -36.92 -69.02
CA GLU C 142 12.17 -37.67 -69.08
C GLU C 142 13.06 -36.92 -70.05
N PRO C 143 14.38 -36.84 -69.75
CA PRO C 143 15.34 -36.08 -70.56
C PRO C 143 15.41 -36.47 -72.03
N ASN C 144 15.15 -37.74 -72.35
CA ASN C 144 15.19 -38.21 -73.73
C ASN C 144 13.88 -37.99 -74.52
N LEU C 145 12.76 -37.98 -73.80
CA LEU C 145 11.43 -37.83 -74.40
C LEU C 145 11.18 -36.41 -74.92
N PRO C 146 10.26 -36.26 -75.91
CA PRO C 146 9.93 -34.91 -76.39
C PRO C 146 9.29 -34.09 -75.27
N SER C 147 9.43 -32.78 -75.33
CA SER C 147 8.87 -31.92 -74.29
C SER C 147 7.48 -31.39 -74.65
N TYR C 148 6.68 -31.14 -73.61
CA TYR C 148 5.33 -30.61 -73.79
C TYR C 148 5.36 -29.09 -73.78
N ARG C 149 4.57 -28.47 -74.65
CA ARG C 149 4.48 -27.02 -74.75
C ARG C 149 3.33 -26.50 -73.89
N ILE C 150 3.67 -25.84 -72.78
CA ILE C 150 2.68 -25.32 -71.83
C ILE C 150 2.00 -24.03 -72.33
N THR C 151 2.78 -23.15 -72.94
CA THR C 151 2.27 -21.85 -73.38
C THR C 151 2.52 -21.58 -74.86
N TRP C 152 1.55 -20.92 -75.49
CA TRP C 152 1.61 -20.58 -76.90
C TRP C 152 1.43 -19.07 -77.10
N THR C 153 1.84 -18.28 -76.11
CA THR C 153 1.64 -16.82 -76.15
C THR C 153 2.92 -16.00 -76.17
N GLY C 154 4.05 -16.62 -75.80
CA GLY C 154 5.33 -15.92 -75.74
C GLY C 154 5.67 -15.08 -76.96
N LYS C 155 5.99 -13.81 -76.74
CA LYS C 155 6.35 -12.87 -77.81
C LYS C 155 7.41 -11.92 -77.29
N GLU C 156 8.54 -11.87 -78.01
CA GLU C 156 9.69 -11.05 -77.61
C GLU C 156 9.25 -9.64 -77.21
N ASP C 157 9.66 -9.22 -76.01
CA ASP C 157 9.33 -7.91 -75.44
C ASP C 157 7.85 -7.62 -75.19
N ILE C 158 7.02 -8.67 -75.20
CA ILE C 158 5.58 -8.46 -75.04
C ILE C 158 4.94 -9.39 -73.98
N ILE C 159 5.02 -10.70 -74.22
CA ILE C 159 4.47 -11.70 -73.31
C ILE C 159 5.63 -12.53 -72.82
N TYR C 160 5.75 -12.62 -71.50
CA TYR C 160 6.81 -13.37 -70.86
C TYR C 160 6.18 -14.50 -70.07
N ASN C 161 6.35 -15.73 -70.53
CA ASN C 161 5.86 -16.89 -69.79
C ASN C 161 6.99 -17.60 -69.05
N GLY C 162 6.91 -17.57 -67.72
CA GLY C 162 7.85 -18.28 -66.87
C GLY C 162 9.15 -17.53 -66.63
N ILE C 163 9.24 -16.33 -67.23
CA ILE C 163 10.39 -15.45 -67.04
C ILE C 163 9.89 -14.03 -66.76
N THR C 164 10.69 -13.26 -66.05
CA THR C 164 10.36 -11.87 -65.69
C THR C 164 10.78 -10.88 -66.77
N ASP C 165 10.06 -9.75 -66.84
CA ASP C 165 10.44 -8.64 -67.71
C ASP C 165 11.55 -7.84 -67.02
N TRP C 166 11.93 -6.69 -67.57
CA TRP C 166 13.04 -5.94 -67.00
C TRP C 166 12.80 -5.57 -65.53
N VAL C 167 11.63 -4.96 -65.26
CA VAL C 167 11.38 -4.41 -63.94
C VAL C 167 11.13 -5.48 -62.83
N TYR C 168 10.49 -6.60 -63.18
CA TYR C 168 10.34 -7.71 -62.24
C TYR C 168 11.67 -8.42 -61.98
N GLU C 169 12.57 -8.38 -62.96
CA GLU C 169 13.90 -8.99 -62.82
C GLU C 169 14.74 -8.23 -61.80
N GLU C 170 14.82 -6.92 -61.97
CA GLU C 170 15.66 -6.07 -61.16
C GLU C 170 15.07 -5.73 -59.78
N GLU C 171 13.78 -5.43 -59.73
CA GLU C 171 13.17 -4.78 -58.55
C GLU C 171 12.19 -5.60 -57.72
N VAL C 172 11.67 -6.67 -58.29
CA VAL C 172 10.68 -7.48 -57.59
C VAL C 172 11.20 -8.87 -57.18
N PHE C 173 11.71 -9.64 -58.13
CA PHE C 173 12.14 -11.02 -57.85
C PHE C 173 13.64 -11.26 -57.75
N SER C 174 14.45 -10.27 -58.10
CA SER C 174 15.90 -10.40 -58.10
C SER C 174 16.30 -11.68 -58.84
N ALA C 175 15.68 -11.90 -59.99
CA ALA C 175 15.83 -13.15 -60.75
C ALA C 175 15.10 -13.08 -62.08
N TYR C 176 15.53 -13.94 -63.00
CA TYR C 176 14.92 -14.01 -64.32
C TYR C 176 13.69 -14.93 -64.33
N SER C 177 13.76 -16.06 -63.60
CA SER C 177 12.71 -17.08 -63.66
C SER C 177 11.47 -16.74 -62.87
N ALA C 178 10.34 -17.21 -63.39
CA ALA C 178 9.04 -17.10 -62.73
C ALA C 178 8.40 -18.49 -62.82
N LEU C 179 9.13 -19.47 -62.30
CA LEU C 179 8.71 -20.88 -62.30
C LEU C 179 8.89 -21.47 -60.94
N TRP C 180 7.79 -21.91 -60.35
CA TRP C 180 7.84 -22.52 -59.04
C TRP C 180 7.20 -23.90 -59.09
N TRP C 181 8.01 -24.93 -58.86
CA TRP C 181 7.56 -26.31 -58.79
C TRP C 181 6.93 -26.55 -57.42
N SER C 182 5.95 -27.44 -57.36
CA SER C 182 5.42 -27.91 -56.07
C SER C 182 6.51 -28.77 -55.41
N PRO C 183 6.45 -28.93 -54.07
CA PRO C 183 7.48 -29.69 -53.37
C PRO C 183 7.87 -31.02 -54.04
N ASN C 184 6.88 -31.85 -54.39
CA ASN C 184 7.19 -33.13 -55.05
C ASN C 184 7.20 -33.13 -56.59
N GLY C 185 7.17 -31.94 -57.18
CA GLY C 185 7.23 -31.79 -58.63
C GLY C 185 5.97 -32.09 -59.43
N THR C 186 4.85 -32.30 -58.73
CA THR C 186 3.56 -32.60 -59.38
C THR C 186 3.04 -31.42 -60.21
N PHE C 187 2.99 -30.24 -59.59
CA PHE C 187 2.50 -29.04 -60.26
C PHE C 187 3.65 -28.10 -60.62
N LEU C 188 3.54 -27.47 -61.79
CA LEU C 188 4.43 -26.37 -62.16
C LEU C 188 3.61 -25.09 -62.25
N ALA C 189 3.93 -24.15 -61.36
CA ALA C 189 3.27 -22.86 -61.31
C ALA C 189 4.17 -21.79 -61.89
N TYR C 190 3.56 -20.83 -62.58
CA TYR C 190 4.32 -19.78 -63.26
C TYR C 190 3.54 -18.47 -63.38
N ALA C 191 4.28 -17.40 -63.70
CA ALA C 191 3.69 -16.10 -63.94
C ALA C 191 3.82 -15.72 -65.42
N GLN C 192 2.88 -14.92 -65.89
CA GLN C 192 2.91 -14.38 -67.24
C GLN C 192 2.90 -12.87 -67.15
N PHE C 193 3.87 -12.24 -67.80
CA PHE C 193 3.97 -10.79 -67.78
C PHE C 193 3.57 -10.22 -69.14
N ASN C 194 2.71 -9.21 -69.12
CA ASN C 194 2.28 -8.53 -70.33
C ASN C 194 2.82 -7.08 -70.38
N ASP C 195 3.73 -6.84 -71.32
CA ASP C 195 4.38 -5.54 -71.47
C ASP C 195 3.87 -4.73 -72.65
N THR C 196 2.68 -5.08 -73.14
CA THR C 196 2.17 -4.49 -74.38
C THR C 196 2.23 -2.96 -74.39
N GLU C 197 1.73 -2.33 -73.33
CA GLU C 197 1.66 -0.87 -73.32
C GLU C 197 2.76 -0.20 -72.48
N VAL C 198 3.81 -0.95 -72.15
CA VAL C 198 4.95 -0.41 -71.44
C VAL C 198 5.86 0.28 -72.44
N PRO C 199 6.15 1.58 -72.25
CA PRO C 199 7.02 2.30 -73.18
C PRO C 199 8.44 1.72 -73.23
N LEU C 200 9.10 1.87 -74.37
CA LEU C 200 10.46 1.33 -74.56
C LEU C 200 11.54 2.34 -74.22
N ILE C 201 12.56 1.91 -73.47
CA ILE C 201 13.80 2.67 -73.39
C ILE C 201 14.62 2.28 -74.59
N GLU C 202 15.18 3.28 -75.28
CA GLU C 202 16.02 3.03 -76.45
C GLU C 202 17.38 3.70 -76.29
N TYR C 203 18.44 2.97 -76.65
CA TYR C 203 19.80 3.50 -76.59
C TYR C 203 20.76 2.83 -77.57
N SER C 204 21.83 3.53 -77.92
CA SER C 204 22.82 3.01 -78.86
C SER C 204 23.74 1.98 -78.24
N PHE C 205 24.04 0.95 -79.02
CA PHE C 205 25.05 -0.03 -78.66
C PHE C 205 26.03 -0.13 -79.81
N TYR C 206 27.28 0.28 -79.57
CA TYR C 206 28.25 0.49 -80.65
C TYR C 206 28.94 -0.79 -81.11
N SER C 207 28.98 -1.77 -80.21
CA SER C 207 29.52 -3.11 -80.48
C SER C 207 31.00 -3.08 -80.89
N ASP C 208 31.43 -4.06 -81.68
CA ASP C 208 32.80 -4.14 -82.15
C ASP C 208 33.12 -3.08 -83.18
N GLU C 209 34.40 -2.75 -83.28
CA GLU C 209 34.94 -1.83 -84.27
C GLU C 209 34.37 -2.15 -85.66
N SER C 210 34.08 -3.42 -85.89
CA SER C 210 33.53 -3.92 -87.15
C SER C 210 32.08 -3.52 -87.43
N LEU C 211 31.31 -3.19 -86.38
CA LEU C 211 29.93 -2.74 -86.58
C LEU C 211 29.99 -1.36 -87.21
N GLN C 212 29.43 -1.23 -88.41
CA GLN C 212 29.48 0.03 -89.13
C GLN C 212 28.37 0.97 -88.69
N TYR C 213 27.16 0.44 -88.56
CA TYR C 213 26.04 1.22 -88.05
C TYR C 213 25.69 0.76 -86.65
N PRO C 214 25.71 1.70 -85.68
CA PRO C 214 25.33 1.41 -84.31
C PRO C 214 23.96 0.74 -84.22
N LYS C 215 23.83 -0.13 -83.22
CA LYS C 215 22.59 -0.85 -82.95
C LYS C 215 21.71 -0.09 -81.94
N THR C 216 20.44 0.07 -82.26
CA THR C 216 19.48 0.63 -81.31
C THR C 216 18.84 -0.49 -80.49
N VAL C 217 19.16 -0.50 -79.20
CA VAL C 217 18.61 -1.44 -78.24
C VAL C 217 17.25 -0.93 -77.71
N ARG C 218 16.32 -1.84 -77.52
CA ARG C 218 14.96 -1.53 -77.10
C ARG C 218 14.53 -2.51 -76.01
N VAL C 219 13.93 -1.99 -74.95
CA VAL C 219 13.49 -2.79 -73.80
C VAL C 219 12.25 -2.10 -73.19
N PRO C 220 11.19 -2.87 -72.91
CA PRO C 220 10.10 -2.33 -72.11
C PRO C 220 10.59 -1.99 -70.71
N TYR C 221 10.51 -0.70 -70.38
CA TYR C 221 11.02 -0.17 -69.11
C TYR C 221 10.00 0.84 -68.60
N PRO C 222 9.24 0.48 -67.55
CA PRO C 222 8.34 1.45 -66.96
C PRO C 222 9.07 2.46 -66.07
N LYS C 223 9.20 3.69 -66.56
CA LYS C 223 9.71 4.77 -65.73
C LYS C 223 8.59 5.26 -64.80
N ALA C 224 8.94 5.95 -63.73
CA ALA C 224 7.97 6.41 -62.72
C ALA C 224 6.73 7.01 -63.35
N GLY C 225 5.56 6.47 -63.00
CA GLY C 225 4.29 7.00 -63.50
C GLY C 225 3.82 6.47 -64.85
N ALA C 226 4.68 5.75 -65.56
CA ALA C 226 4.31 5.22 -66.85
C ALA C 226 3.48 3.94 -66.69
N VAL C 227 2.94 3.45 -67.81
CA VAL C 227 2.17 2.23 -67.82
C VAL C 227 3.03 1.03 -67.41
N ASN C 228 2.56 0.28 -66.43
CA ASN C 228 3.30 -0.87 -65.90
C ASN C 228 2.96 -2.18 -66.60
N PRO C 229 3.88 -3.16 -66.57
CA PRO C 229 3.51 -4.50 -67.02
C PRO C 229 2.38 -5.03 -66.16
N THR C 230 1.55 -5.90 -66.74
CA THR C 230 0.50 -6.56 -65.97
C THR C 230 0.92 -8.01 -65.75
N VAL C 231 0.34 -8.65 -64.74
CA VAL C 231 0.74 -9.99 -64.36
C VAL C 231 -0.46 -10.94 -64.15
N LYS C 232 -0.27 -12.20 -64.58
CA LYS C 232 -1.25 -13.26 -64.34
C LYS C 232 -0.53 -14.49 -63.77
N PHE C 233 -1.27 -15.33 -63.03
CA PHE C 233 -0.68 -16.51 -62.41
C PHE C 233 -1.39 -17.80 -62.83
N PHE C 234 -0.60 -18.80 -63.22
CA PHE C 234 -1.13 -20.10 -63.69
C PHE C 234 -0.44 -21.26 -62.98
N VAL C 235 -1.16 -22.38 -62.87
CA VAL C 235 -0.61 -23.62 -62.32
C VAL C 235 -1.02 -24.80 -63.21
N VAL C 236 -0.03 -25.56 -63.65
CA VAL C 236 -0.28 -26.69 -64.51
C VAL C 236 0.13 -27.99 -63.84
N ASN C 237 -0.65 -29.05 -64.10
CA ASN C 237 -0.38 -30.39 -63.60
C ASN C 237 0.50 -31.15 -64.58
N THR C 238 1.75 -31.39 -64.18
CA THR C 238 2.73 -32.04 -65.04
C THR C 238 2.58 -33.58 -65.10
N ASP C 239 1.69 -34.14 -64.29
CA ASP C 239 1.45 -35.59 -64.31
C ASP C 239 0.37 -36.01 -65.31
N SER C 240 -0.51 -35.07 -65.67
CA SER C 240 -1.59 -35.34 -66.62
C SER C 240 -1.36 -34.66 -67.98
N LEU C 241 -0.10 -34.60 -68.40
CA LEU C 241 0.25 -33.99 -69.69
C LEU C 241 0.00 -34.95 -70.84
N SER C 242 -0.80 -34.50 -71.81
CA SER C 242 -1.19 -35.32 -72.95
C SER C 242 -0.45 -34.89 -74.22
N SER C 243 -0.30 -35.82 -75.16
CA SER C 243 0.31 -35.53 -76.45
C SER C 243 -0.74 -35.12 -77.48
N VAL C 244 -2.00 -35.50 -77.24
CA VAL C 244 -3.08 -35.23 -78.17
C VAL C 244 -3.75 -33.87 -77.96
N THR C 245 -3.79 -33.40 -76.71
CA THR C 245 -4.42 -32.11 -76.40
C THR C 245 -3.47 -31.10 -75.77
N ASN C 246 -3.77 -29.81 -75.97
CA ASN C 246 -3.00 -28.71 -75.39
C ASN C 246 -3.16 -28.65 -73.87
N ALA C 247 -2.05 -28.58 -73.16
CA ALA C 247 -2.01 -28.59 -71.70
C ALA C 247 -2.81 -27.45 -71.07
N THR C 248 -3.76 -27.80 -70.21
CA THR C 248 -4.64 -26.82 -69.59
C THR C 248 -4.09 -26.24 -68.28
N SER C 249 -3.70 -24.96 -68.33
CA SER C 249 -3.18 -24.25 -67.17
C SER C 249 -4.32 -23.55 -66.43
N ILE C 250 -4.35 -23.71 -65.12
CA ILE C 250 -5.41 -23.11 -64.32
C ILE C 250 -4.95 -21.77 -63.77
N GLN C 251 -5.66 -20.71 -64.14
CA GLN C 251 -5.34 -19.38 -63.67
C GLN C 251 -5.82 -19.19 -62.23
N ILE C 252 -4.91 -18.68 -61.40
CA ILE C 252 -5.28 -18.17 -60.10
C ILE C 252 -5.30 -16.66 -60.23
N THR C 253 -6.44 -16.07 -59.91
CA THR C 253 -6.63 -14.63 -60.00
C THR C 253 -6.11 -13.94 -58.75
N ALA C 254 -6.14 -12.61 -58.75
CA ALA C 254 -5.69 -11.82 -57.62
C ALA C 254 -6.92 -11.37 -56.84
N PRO C 255 -6.76 -11.16 -55.52
CA PRO C 255 -7.91 -10.72 -54.71
C PRO C 255 -8.49 -9.39 -55.18
N ALA C 256 -9.75 -9.16 -54.82
CA ALA C 256 -10.52 -7.99 -55.27
C ALA C 256 -9.80 -6.67 -54.98
N SER C 257 -9.20 -6.57 -53.79
CA SER C 257 -8.52 -5.34 -53.36
C SER C 257 -7.20 -5.10 -54.11
N MET C 258 -6.87 -6.00 -55.03
CA MET C 258 -5.70 -5.81 -55.90
C MET C 258 -6.15 -5.52 -57.34
N LEU C 259 -7.18 -6.23 -57.81
CA LEU C 259 -7.69 -6.06 -59.17
C LEU C 259 -8.32 -4.69 -59.40
N ILE C 260 -8.68 -4.02 -58.31
CA ILE C 260 -9.27 -2.69 -58.38
C ILE C 260 -8.38 -1.70 -59.15
N GLY C 261 -7.06 -1.91 -59.10
CA GLY C 261 -6.10 -1.04 -59.79
C GLY C 261 -4.77 -1.69 -60.13
N ASP C 262 -3.74 -0.87 -60.33
CA ASP C 262 -2.39 -1.36 -60.61
C ASP C 262 -1.82 -2.12 -59.41
N HIS C 263 -1.21 -3.27 -59.69
CA HIS C 263 -0.71 -4.14 -58.64
C HIS C 263 0.45 -5.00 -59.15
N TYR C 264 1.08 -5.74 -58.24
CA TYR C 264 2.16 -6.64 -58.59
C TYR C 264 2.00 -7.98 -57.88
N LEU C 265 2.57 -9.01 -58.49
CA LEU C 265 2.78 -10.26 -57.79
C LEU C 265 4.16 -10.09 -57.17
N CYS C 266 4.28 -10.24 -55.85
CA CYS C 266 5.56 -10.00 -55.18
C CYS C 266 6.14 -11.19 -54.41
N ASP C 267 5.36 -12.27 -54.25
CA ASP C 267 5.85 -13.48 -53.59
C ASP C 267 5.13 -14.77 -54.01
N VAL C 268 5.90 -15.82 -54.26
CA VAL C 268 5.33 -17.14 -54.49
C VAL C 268 6.02 -18.17 -53.59
N THR C 269 5.21 -18.92 -52.84
CA THR C 269 5.71 -19.96 -51.94
C THR C 269 4.74 -21.13 -51.86
N TRP C 270 5.22 -22.34 -52.18
CA TRP C 270 4.43 -23.55 -51.94
C TRP C 270 4.44 -23.88 -50.44
N ALA C 271 3.28 -24.24 -49.91
CA ALA C 271 3.15 -24.59 -48.50
C ALA C 271 3.18 -26.10 -48.30
N THR C 272 2.41 -26.79 -49.14
CA THR C 272 2.32 -28.25 -49.14
C THR C 272 2.28 -28.71 -50.59
N GLN C 273 1.90 -29.97 -50.79
CA GLN C 273 1.78 -30.55 -52.13
C GLN C 273 0.57 -30.01 -52.87
N GLU C 274 -0.40 -29.51 -52.10
CA GLU C 274 -1.66 -29.04 -52.68
C GLU C 274 -2.05 -27.65 -52.22
N ARG C 275 -1.14 -26.98 -51.51
CA ARG C 275 -1.39 -25.62 -51.03
C ARG C 275 -0.29 -24.65 -51.46
N ILE C 276 -0.68 -23.60 -52.17
CA ILE C 276 0.26 -22.53 -52.58
C ILE C 276 -0.18 -21.16 -52.05
N SER C 277 0.79 -20.38 -51.58
CA SER C 277 0.52 -19.02 -51.10
C SER C 277 1.14 -17.96 -51.99
N LEU C 278 0.34 -16.96 -52.31
CA LEU C 278 0.74 -15.84 -53.17
C LEU C 278 0.61 -14.52 -52.41
N GLN C 279 1.56 -13.62 -52.62
CA GLN C 279 1.41 -12.26 -52.10
C GLN C 279 1.35 -11.28 -53.27
N TRP C 280 0.41 -10.36 -53.19
CA TRP C 280 0.26 -9.27 -54.16
C TRP C 280 0.44 -7.94 -53.43
N LEU C 281 0.72 -6.89 -54.19
CA LEU C 281 1.10 -5.59 -53.67
C LEU C 281 0.45 -4.53 -54.56
N ARG C 282 -0.21 -3.55 -53.97
CA ARG C 282 -0.78 -2.43 -54.74
C ARG C 282 0.36 -1.60 -55.34
N ARG C 283 0.09 -0.94 -56.47
CA ARG C 283 1.10 -0.07 -57.09
C ARG C 283 1.63 0.96 -56.09
N ILE C 284 0.72 1.54 -55.28
CA ILE C 284 1.10 2.31 -54.10
C ILE C 284 1.50 1.24 -53.09
N GLN C 285 2.80 1.09 -52.87
CA GLN C 285 3.30 -0.10 -52.19
C GLN C 285 3.15 -0.11 -50.66
N ASN C 286 2.06 0.45 -50.15
CA ASN C 286 1.81 0.42 -48.71
C ASN C 286 0.71 -0.54 -48.26
N TYR C 287 0.16 -1.31 -49.20
CA TYR C 287 -0.89 -2.28 -48.93
C TYR C 287 -0.66 -3.59 -49.68
N SER C 288 -0.55 -4.69 -48.95
CA SER C 288 -0.32 -5.99 -49.57
C SER C 288 -1.20 -7.10 -48.97
N VAL C 289 -1.51 -8.10 -49.80
CA VAL C 289 -2.38 -9.22 -49.43
C VAL C 289 -1.73 -10.58 -49.74
N MET C 290 -1.90 -11.53 -48.83
CA MET C 290 -1.49 -12.91 -49.03
C MET C 290 -2.70 -13.78 -49.29
N ASP C 291 -2.64 -14.56 -50.37
CA ASP C 291 -3.66 -15.53 -50.73
C ASP C 291 -3.16 -16.93 -50.42
N ILE C 292 -4.04 -17.74 -49.85
CA ILE C 292 -3.68 -19.13 -49.60
C ILE C 292 -4.63 -19.98 -50.44
N CYS C 293 -4.05 -20.65 -51.44
CA CYS C 293 -4.84 -21.32 -52.47
C CYS C 293 -4.66 -22.83 -52.47
N ASP C 294 -5.80 -23.54 -52.43
CA ASP C 294 -5.83 -24.99 -52.30
C ASP C 294 -6.33 -25.70 -53.55
N TYR C 295 -5.68 -26.81 -53.89
CA TYR C 295 -6.12 -27.66 -54.99
C TYR C 295 -7.37 -28.47 -54.62
N ASP C 296 -8.41 -28.34 -55.44
CA ASP C 296 -9.66 -29.08 -55.28
C ASP C 296 -9.67 -30.22 -56.30
N GLU C 297 -9.44 -31.45 -55.83
CA GLU C 297 -9.38 -32.65 -56.69
C GLU C 297 -10.64 -32.87 -57.51
N SER C 298 -11.79 -32.46 -56.96
CA SER C 298 -13.08 -32.60 -57.63
C SER C 298 -13.18 -31.74 -58.90
N SER C 299 -13.11 -30.42 -58.74
CA SER C 299 -13.24 -29.49 -59.87
C SER C 299 -11.97 -29.37 -60.70
N GLY C 300 -10.83 -29.75 -60.11
CA GLY C 300 -9.51 -29.61 -60.76
C GLY C 300 -8.93 -28.21 -60.65
N ARG C 301 -9.68 -27.32 -60.00
CA ARG C 301 -9.31 -25.91 -59.87
C ARG C 301 -8.48 -25.64 -58.62
N TRP C 302 -8.25 -24.35 -58.34
CA TRP C 302 -7.56 -23.89 -57.15
C TRP C 302 -8.40 -22.80 -56.53
N ASN C 303 -8.73 -22.92 -55.25
CA ASN C 303 -9.56 -21.92 -54.58
C ASN C 303 -8.85 -21.20 -53.45
N CYS C 304 -9.01 -19.87 -53.46
CA CYS C 304 -8.35 -19.02 -52.49
C CYS C 304 -9.40 -18.38 -51.59
N LEU C 305 -9.76 -19.09 -50.53
CA LEU C 305 -10.78 -18.65 -49.56
C LEU C 305 -10.52 -17.25 -48.99
N VAL C 306 -11.45 -16.35 -49.27
CA VAL C 306 -11.43 -14.97 -48.79
C VAL C 306 -11.09 -14.84 -47.30
N ALA C 307 -11.60 -15.75 -46.48
CA ALA C 307 -11.36 -15.73 -45.04
C ALA C 307 -9.91 -16.05 -44.67
N ARG C 308 -9.19 -16.61 -45.65
CA ARG C 308 -7.82 -17.08 -45.44
C ARG C 308 -6.79 -16.05 -45.88
N GLN C 309 -7.26 -14.84 -46.18
CA GLN C 309 -6.37 -13.80 -46.68
C GLN C 309 -5.71 -13.01 -45.56
N HIS C 310 -4.43 -12.69 -45.76
CA HIS C 310 -3.66 -11.95 -44.76
C HIS C 310 -3.16 -10.62 -45.30
N ILE C 311 -3.48 -9.56 -44.57
CA ILE C 311 -3.14 -8.19 -44.95
C ILE C 311 -1.87 -7.70 -44.22
N GLU C 312 -0.96 -7.09 -44.97
CA GLU C 312 0.22 -6.46 -44.41
C GLU C 312 0.30 -5.04 -44.96
N MET C 313 0.29 -4.05 -44.06
CA MET C 313 0.27 -2.66 -44.46
C MET C 313 1.15 -1.75 -43.60
N SER C 314 1.26 -0.49 -44.01
CA SER C 314 2.05 0.52 -43.30
C SER C 314 1.38 1.88 -43.48
N THR C 315 1.34 2.66 -42.41
CA THR C 315 0.91 4.07 -42.50
C THR C 315 2.12 4.98 -42.55
N THR C 316 3.27 4.47 -42.14
CA THR C 316 4.49 5.27 -42.08
C THR C 316 5.32 5.19 -43.36
N GLY C 317 5.16 4.12 -44.14
CA GLY C 317 5.93 3.95 -45.38
C GLY C 317 5.40 2.87 -46.32
N TRP C 318 6.32 2.07 -46.86
CA TRP C 318 5.97 0.94 -47.74
C TRP C 318 5.95 -0.35 -46.92
N VAL C 319 5.76 -1.50 -47.58
CA VAL C 319 5.69 -2.76 -46.85
C VAL C 319 6.91 -3.64 -47.13
N GLY C 320 7.49 -4.16 -46.06
CA GLY C 320 8.70 -4.95 -46.12
C GLY C 320 9.91 -4.06 -46.32
N ARG C 321 11.08 -4.66 -46.37
CA ARG C 321 12.29 -3.89 -46.61
C ARG C 321 12.35 -3.41 -48.06
N PHE C 322 12.15 -4.34 -49.00
CA PHE C 322 12.07 -4.02 -50.43
C PHE C 322 10.82 -4.63 -51.04
N ARG C 323 10.35 -5.70 -50.41
CA ARG C 323 9.07 -6.31 -50.71
C ARG C 323 8.58 -7.01 -49.43
N PRO C 324 7.26 -7.31 -49.32
CA PRO C 324 6.83 -8.10 -48.16
C PRO C 324 7.68 -9.35 -48.00
N SER C 325 7.90 -9.79 -46.76
CA SER C 325 8.74 -10.95 -46.48
C SER C 325 8.06 -12.26 -46.89
N GLU C 326 8.87 -13.29 -47.12
CA GLU C 326 8.34 -14.59 -47.51
C GLU C 326 7.89 -15.44 -46.29
N PRO C 327 6.80 -16.20 -46.46
CA PRO C 327 6.35 -17.04 -45.36
C PRO C 327 7.15 -18.33 -45.23
N HIS C 328 7.29 -18.82 -44.00
CA HIS C 328 7.88 -20.13 -43.76
C HIS C 328 6.85 -21.03 -43.11
N PHE C 329 6.33 -21.97 -43.91
CA PHE C 329 5.24 -22.85 -43.51
C PHE C 329 5.72 -24.04 -42.69
N THR C 330 4.90 -24.41 -41.69
CA THR C 330 5.11 -25.62 -40.92
C THR C 330 4.80 -26.79 -41.85
N LEU C 331 5.37 -27.96 -41.57
CA LEU C 331 5.19 -29.14 -42.43
C LEU C 331 3.75 -29.36 -42.92
N ASP C 332 2.80 -29.34 -41.99
CA ASP C 332 1.40 -29.56 -42.33
C ASP C 332 0.80 -28.45 -43.19
N GLY C 333 1.43 -27.28 -43.16
CA GLY C 333 0.99 -26.13 -43.94
C GLY C 333 -0.22 -25.39 -43.41
N ASN C 334 -0.49 -25.52 -42.11
CA ASN C 334 -1.62 -24.82 -41.50
C ASN C 334 -1.20 -23.54 -40.79
N SER C 335 0.11 -23.36 -40.70
CA SER C 335 0.67 -22.18 -40.07
C SER C 335 1.97 -21.79 -40.76
N PHE C 336 2.39 -20.54 -40.54
CA PHE C 336 3.63 -20.04 -41.10
C PHE C 336 4.23 -18.95 -40.23
N TYR C 337 5.53 -18.74 -40.43
CA TYR C 337 6.27 -17.68 -39.77
C TYR C 337 6.69 -16.67 -40.83
N LYS C 338 6.65 -15.39 -40.48
CA LYS C 338 7.28 -14.37 -41.34
C LYS C 338 7.62 -13.08 -40.60
N ILE C 339 8.67 -12.44 -41.08
CA ILE C 339 9.12 -11.18 -40.53
C ILE C 339 8.19 -10.05 -40.95
N ILE C 340 7.65 -9.35 -39.96
CA ILE C 340 6.87 -8.13 -40.18
C ILE C 340 7.30 -7.14 -39.11
N SER C 341 7.08 -5.84 -39.35
CA SER C 341 7.42 -4.87 -38.30
C SER C 341 6.31 -4.85 -37.25
N ASN C 342 6.71 -4.63 -36.01
CA ASN C 342 5.77 -4.64 -34.90
C ASN C 342 5.24 -3.24 -34.60
N GLU C 343 4.63 -3.05 -33.43
CA GLU C 343 4.12 -1.75 -33.02
C GLU C 343 5.23 -0.71 -32.99
N GLU C 344 6.38 -1.10 -32.45
CA GLU C 344 7.53 -0.23 -32.29
C GLU C 344 8.27 0.03 -33.61
N GLY C 345 7.80 -0.61 -34.67
CA GLY C 345 8.40 -0.47 -35.98
C GLY C 345 9.67 -1.27 -36.19
N TYR C 346 9.84 -2.34 -35.40
CA TYR C 346 10.95 -3.27 -35.58
C TYR C 346 10.48 -4.56 -36.22
N ARG C 347 11.31 -5.06 -37.13
CA ARG C 347 11.02 -6.30 -37.87
C ARG C 347 11.34 -7.56 -37.08
N HIS C 348 10.30 -8.33 -36.80
CA HIS C 348 10.41 -9.51 -35.96
C HIS C 348 9.57 -10.65 -36.50
N ILE C 349 9.79 -11.85 -35.97
CA ILE C 349 9.12 -13.05 -36.45
C ILE C 349 7.73 -13.15 -35.87
N CYS C 350 6.74 -13.32 -36.73
CA CYS C 350 5.39 -13.55 -36.27
C CYS C 350 4.92 -14.92 -36.70
N TYR C 351 4.23 -15.59 -35.79
CA TYR C 351 3.61 -16.87 -36.07
C TYR C 351 2.16 -16.62 -36.46
N PHE C 352 1.73 -17.25 -37.55
CA PHE C 352 0.41 -17.05 -38.08
C PHE C 352 -0.31 -18.38 -38.24
N GLN C 353 -1.63 -18.36 -38.11
CA GLN C 353 -2.45 -19.52 -38.44
C GLN C 353 -3.29 -19.22 -39.68
N ILE C 354 -3.27 -20.17 -40.62
CA ILE C 354 -4.09 -20.15 -41.83
C ILE C 354 -5.57 -19.86 -41.52
N ASP C 355 -6.05 -20.44 -40.42
CA ASP C 355 -7.47 -20.34 -40.02
C ASP C 355 -7.72 -19.37 -38.86
N LYS C 356 -7.05 -18.22 -38.86
CA LYS C 356 -7.34 -17.14 -37.89
C LYS C 356 -7.41 -15.78 -38.59
N CYS C 359 -1.64 -12.24 -35.21
CA CYS C 359 -0.70 -13.32 -34.89
C CYS C 359 -0.10 -13.15 -33.49
N THR C 360 0.92 -13.95 -33.18
CA THR C 360 1.71 -13.70 -31.96
C THR C 360 3.19 -13.63 -32.35
N PHE C 361 3.87 -12.59 -31.87
CA PHE C 361 5.30 -12.42 -32.15
C PHE C 361 6.12 -13.34 -31.26
N ILE C 362 7.20 -13.89 -31.80
CA ILE C 362 8.07 -14.78 -31.00
C ILE C 362 9.48 -14.23 -30.75
N THR C 363 9.80 -13.11 -31.39
CA THR C 363 10.95 -12.28 -31.04
C THR C 363 10.45 -10.84 -30.86
N LYS C 364 11.24 -10.01 -30.18
CA LYS C 364 10.93 -8.59 -29.98
C LYS C 364 12.22 -7.90 -29.57
N GLY C 365 12.21 -6.57 -29.51
CA GLY C 365 13.37 -5.82 -29.06
C GLY C 365 13.86 -4.78 -30.06
N THR C 366 14.70 -3.86 -29.59
CA THR C 366 15.25 -2.80 -30.44
C THR C 366 16.43 -3.31 -31.26
N TRP C 367 16.12 -4.21 -32.18
CA TRP C 367 17.05 -4.80 -33.14
C TRP C 367 16.12 -5.51 -34.09
N GLU C 368 16.64 -6.11 -35.17
CA GLU C 368 15.76 -6.74 -36.17
C GLU C 368 16.19 -8.13 -36.61
N VAL C 369 15.21 -8.98 -36.93
CA VAL C 369 15.47 -10.25 -37.59
C VAL C 369 15.75 -9.96 -39.07
N ILE C 370 16.91 -10.39 -39.53
CA ILE C 370 17.30 -10.22 -40.93
C ILE C 370 16.61 -11.27 -41.80
N GLY C 371 16.60 -12.52 -41.36
CA GLY C 371 15.96 -13.60 -42.11
C GLY C 371 15.79 -14.92 -41.39
N ILE C 372 14.69 -15.61 -41.68
CA ILE C 372 14.44 -16.97 -41.21
C ILE C 372 15.17 -17.92 -42.15
N GLU C 373 16.02 -18.78 -41.59
CA GLU C 373 16.92 -19.61 -42.36
C GLU C 373 16.49 -21.07 -42.51
N ALA C 374 15.83 -21.60 -41.48
CA ALA C 374 15.36 -22.97 -41.49
C ALA C 374 14.31 -23.21 -40.43
N LEU C 375 13.36 -24.08 -40.73
CA LEU C 375 12.36 -24.48 -39.75
C LEU C 375 12.27 -26.01 -39.62
N THR C 376 12.59 -26.51 -38.44
CA THR C 376 12.35 -27.93 -38.13
C THR C 376 11.04 -28.03 -37.33
N SER C 377 10.79 -29.19 -36.72
CA SER C 377 9.60 -29.34 -35.87
C SER C 377 9.92 -28.95 -34.43
N ASP C 378 11.22 -28.87 -34.12
CA ASP C 378 11.68 -28.51 -32.80
C ASP C 378 12.19 -27.06 -32.74
N TYR C 379 12.80 -26.60 -33.82
CA TYR C 379 13.52 -25.32 -33.83
C TYR C 379 13.33 -24.48 -35.08
N LEU C 380 13.24 -23.17 -34.87
CA LEU C 380 13.28 -22.19 -35.95
C LEU C 380 14.62 -21.47 -35.89
N TYR C 381 15.27 -21.39 -37.04
CA TYR C 381 16.60 -20.77 -37.15
C TYR C 381 16.51 -19.45 -37.89
N TYR C 382 17.14 -18.43 -37.32
CA TYR C 382 17.09 -17.09 -37.88
C TYR C 382 18.37 -16.30 -37.67
N ILE C 383 18.66 -15.43 -38.62
CA ILE C 383 19.80 -14.52 -38.55
C ILE C 383 19.33 -13.13 -38.15
N SER C 384 19.98 -12.54 -37.15
CA SER C 384 19.61 -11.19 -36.71
C SER C 384 20.83 -10.35 -36.36
N ASN C 385 20.58 -9.08 -36.01
CA ASN C 385 21.65 -8.19 -35.55
C ASN C 385 21.56 -7.79 -34.07
N GLU C 386 21.06 -8.70 -33.25
CA GLU C 386 20.85 -8.48 -31.81
C GLU C 386 22.15 -8.33 -31.02
N TYR C 387 23.16 -9.12 -31.35
CA TYR C 387 24.39 -9.15 -30.57
C TYR C 387 24.98 -7.77 -30.35
N LYS C 388 25.25 -7.46 -29.08
CA LYS C 388 25.89 -6.21 -28.64
C LYS C 388 25.28 -4.93 -29.21
N GLY C 389 24.02 -5.02 -29.62
CA GLY C 389 23.28 -3.87 -30.16
C GLY C 389 23.92 -3.26 -31.38
N MET C 390 24.52 -4.11 -32.21
CA MET C 390 25.21 -3.66 -33.42
C MET C 390 24.39 -3.95 -34.68
N PRO C 391 23.84 -2.90 -35.29
CA PRO C 391 23.02 -3.08 -36.49
C PRO C 391 23.85 -3.63 -37.65
N GLY C 392 25.16 -3.44 -37.57
CA GLY C 392 26.09 -3.91 -38.60
C GLY C 392 26.68 -5.27 -38.34
N GLY C 393 26.13 -5.98 -37.36
CA GLY C 393 26.51 -7.37 -37.08
C GLY C 393 25.44 -8.37 -37.51
N ARG C 394 25.84 -9.63 -37.71
CA ARG C 394 24.93 -10.70 -38.14
C ARG C 394 25.29 -12.01 -37.46
N ASN C 395 24.34 -12.56 -36.72
CA ASN C 395 24.54 -13.81 -36.01
C ASN C 395 23.37 -14.77 -36.17
N LEU C 396 23.65 -16.06 -36.01
CA LEU C 396 22.65 -17.11 -36.17
C LEU C 396 22.06 -17.47 -34.82
N TYR C 397 20.73 -17.61 -34.80
CA TYR C 397 20.00 -17.95 -33.58
C TYR C 397 19.01 -19.07 -33.84
N LYS C 398 18.66 -19.81 -32.80
CA LYS C 398 17.61 -20.83 -32.88
C LYS C 398 16.60 -20.65 -31.75
N ILE C 399 15.33 -20.68 -32.12
CA ILE C 399 14.22 -20.57 -31.18
C ILE C 399 13.73 -21.97 -30.86
N GLN C 400 13.67 -22.29 -29.57
CA GLN C 400 13.07 -23.54 -29.12
C GLN C 400 11.55 -23.43 -29.29
N LEU C 401 11.00 -24.15 -30.27
CA LEU C 401 9.57 -24.07 -30.61
C LEU C 401 8.59 -24.35 -29.46
N SER C 402 8.99 -25.17 -28.50
CA SER C 402 8.14 -25.50 -27.34
C SER C 402 8.13 -24.40 -26.26
N ASP C 403 9.08 -23.47 -26.34
CA ASP C 403 9.17 -22.31 -25.45
C ASP C 403 10.04 -21.27 -26.13
N TYR C 404 9.42 -20.42 -26.94
CA TYR C 404 10.16 -19.42 -27.74
C TYR C 404 11.05 -18.46 -26.94
N THR C 405 10.77 -18.33 -25.65
CA THR C 405 11.61 -17.65 -24.68
C THR C 405 13.03 -18.22 -24.71
N LYS C 406 13.14 -19.53 -24.90
CA LYS C 406 14.44 -20.18 -24.95
C LYS C 406 15.09 -20.01 -26.32
N VAL C 407 16.05 -19.09 -26.39
CA VAL C 407 16.77 -18.77 -27.63
C VAL C 407 18.28 -18.92 -27.43
N THR C 408 18.94 -19.68 -28.31
CA THR C 408 20.40 -19.86 -28.23
C THR C 408 21.11 -19.18 -29.40
N CYS C 409 22.20 -18.47 -29.11
CA CYS C 409 23.01 -17.92 -30.19
C CYS C 409 24.06 -18.94 -30.59
N LEU C 410 24.00 -19.36 -31.84
CA LEU C 410 24.90 -20.39 -32.34
C LEU C 410 26.25 -19.84 -32.78
N SER C 411 26.28 -18.62 -33.31
CA SER C 411 27.49 -18.08 -33.92
C SER C 411 28.21 -16.98 -33.12
N CYS C 412 27.54 -16.46 -32.10
CA CYS C 412 28.08 -15.38 -31.28
C CYS C 412 29.49 -15.62 -30.76
N GLU C 413 29.64 -16.68 -29.96
CA GLU C 413 30.88 -16.91 -29.21
C GLU C 413 31.98 -17.66 -29.93
N LEU C 414 31.68 -18.22 -31.10
CA LEU C 414 32.67 -19.03 -31.83
C LEU C 414 34.07 -18.40 -31.86
N ASN C 415 34.15 -17.16 -32.34
CA ASN C 415 35.32 -16.28 -32.11
C ASN C 415 34.95 -14.84 -32.37
N PRO C 416 34.53 -14.14 -31.30
CA PRO C 416 33.98 -12.79 -31.28
C PRO C 416 34.91 -11.74 -31.88
N GLU C 417 36.22 -11.94 -31.77
CA GLU C 417 37.18 -10.97 -32.30
C GLU C 417 37.26 -11.03 -33.82
N ARG C 418 37.36 -12.25 -34.36
CA ARG C 418 37.50 -12.48 -35.81
C ARG C 418 36.16 -12.49 -36.56
N CYS C 419 35.09 -12.82 -35.86
CA CYS C 419 33.80 -13.09 -36.50
C CYS C 419 32.55 -12.46 -35.89
N GLN C 420 31.93 -11.55 -36.64
CA GLN C 420 30.69 -10.89 -36.23
C GLN C 420 29.66 -10.77 -37.34
N TYR C 421 29.99 -11.26 -38.52
CA TYR C 421 29.07 -11.21 -39.66
C TYR C 421 28.94 -12.59 -40.27
N TYR C 422 27.87 -13.29 -39.91
CA TYR C 422 27.66 -14.64 -40.39
C TYR C 422 26.48 -14.78 -41.36
N SER C 423 26.58 -15.74 -42.27
CA SER C 423 25.43 -16.28 -42.97
C SER C 423 25.44 -17.81 -42.82
N VAL C 424 24.38 -18.48 -43.25
CA VAL C 424 24.26 -19.91 -43.00
C VAL C 424 23.71 -20.70 -44.18
N SER C 425 24.15 -21.95 -44.30
CA SER C 425 23.67 -22.85 -45.33
C SER C 425 23.33 -24.18 -44.67
N PHE C 426 22.03 -24.44 -44.50
CA PHE C 426 21.56 -25.66 -43.87
C PHE C 426 21.44 -26.83 -44.84
N SER C 427 21.71 -28.04 -44.34
CA SER C 427 21.45 -29.26 -45.09
C SER C 427 19.94 -29.45 -45.26
N LYS C 428 19.57 -30.30 -46.23
CA LYS C 428 18.19 -30.56 -46.63
C LYS C 428 17.12 -30.46 -45.53
N GLU C 429 17.38 -31.04 -44.37
CA GLU C 429 16.44 -30.99 -43.25
C GLU C 429 17.11 -30.58 -41.95
N ALA C 430 18.14 -29.75 -42.11
CA ALA C 430 18.84 -29.06 -41.02
C ALA C 430 19.52 -29.95 -39.99
N LYS C 431 20.03 -31.10 -40.42
CA LYS C 431 20.87 -31.93 -39.55
C LYS C 431 22.23 -31.27 -39.40
N TYR C 432 22.68 -30.62 -40.47
CA TYR C 432 23.96 -29.94 -40.49
C TYR C 432 23.82 -28.53 -41.07
N TYR C 433 24.81 -27.68 -40.80
CA TYR C 433 24.88 -26.35 -41.40
C TYR C 433 26.30 -25.84 -41.53
N GLN C 434 26.52 -25.07 -42.60
CA GLN C 434 27.78 -24.37 -42.83
C GLN C 434 27.60 -22.91 -42.43
N LEU C 435 28.51 -22.40 -41.60
CA LEU C 435 28.55 -20.97 -41.28
C LEU C 435 29.59 -20.24 -42.10
N ARG C 436 29.20 -19.09 -42.64
CA ARG C 436 30.09 -18.21 -43.39
C ARG C 436 30.30 -16.93 -42.58
N CYS C 437 31.55 -16.67 -42.22
CA CYS C 437 31.90 -15.48 -41.44
C CYS C 437 32.64 -14.49 -42.35
N SER C 438 32.06 -13.30 -42.54
CA SER C 438 32.60 -12.33 -43.49
C SER C 438 33.46 -11.20 -42.90
N GLY C 439 33.57 -11.19 -41.57
CA GLY C 439 34.36 -10.19 -40.87
C GLY C 439 33.96 -10.07 -39.40
N PRO C 440 34.62 -9.17 -38.64
CA PRO C 440 35.62 -8.19 -39.08
C PRO C 440 36.93 -8.76 -39.62
N GLY C 441 37.32 -9.94 -39.15
CA GLY C 441 38.58 -10.55 -39.60
C GLY C 441 38.44 -11.28 -40.93
N LEU C 442 39.47 -12.03 -41.32
CA LEU C 442 39.44 -12.80 -42.56
C LEU C 442 38.28 -13.78 -42.58
N PRO C 443 37.60 -13.93 -43.73
CA PRO C 443 36.49 -14.89 -43.81
C PRO C 443 36.89 -16.27 -43.31
N LEU C 444 35.94 -16.95 -42.70
CA LEU C 444 36.14 -18.23 -42.05
C LEU C 444 34.92 -19.10 -42.33
N TYR C 445 35.14 -20.25 -42.94
CA TYR C 445 34.06 -21.18 -43.27
C TYR C 445 34.18 -22.40 -42.40
N THR C 446 33.11 -22.71 -41.68
CA THR C 446 33.09 -23.82 -40.73
C THR C 446 31.89 -24.75 -41.01
N LEU C 447 31.98 -25.99 -40.51
CA LEU C 447 30.90 -26.97 -40.65
C LEU C 447 30.44 -27.46 -39.29
N HIS C 448 29.12 -27.62 -39.13
CA HIS C 448 28.53 -27.90 -37.83
C HIS C 448 27.39 -28.92 -37.90
N SER C 449 27.15 -29.61 -36.78
CA SER C 449 26.00 -30.49 -36.63
C SER C 449 25.01 -29.82 -35.70
N SER C 450 23.72 -29.89 -36.04
CA SER C 450 22.68 -29.20 -35.27
C SER C 450 22.07 -30.00 -34.10
N VAL C 451 22.39 -31.28 -34.02
CA VAL C 451 21.89 -32.11 -32.92
C VAL C 451 22.41 -31.61 -31.55
N ASN C 452 23.66 -31.17 -31.53
CA ASN C 452 24.30 -30.66 -30.31
C ASN C 452 24.98 -29.31 -30.52
N ASP C 453 25.00 -28.85 -31.77
CA ASP C 453 25.69 -27.61 -32.19
C ASP C 453 27.18 -27.66 -31.87
N LYS C 454 27.83 -28.72 -32.36
CA LYS C 454 29.26 -28.90 -32.18
C LYS C 454 29.99 -28.47 -33.45
N GLY C 455 31.17 -27.87 -33.29
CA GLY C 455 31.98 -27.44 -34.42
C GLY C 455 32.73 -28.61 -35.02
N LEU C 456 32.22 -29.15 -36.14
CA LEU C 456 32.82 -30.32 -36.77
C LEU C 456 34.20 -30.07 -37.39
N ARG C 457 34.28 -29.13 -38.34
CA ARG C 457 35.57 -28.85 -38.99
C ARG C 457 35.67 -27.47 -39.63
N VAL C 458 36.92 -27.08 -39.90
CA VAL C 458 37.23 -25.84 -40.59
C VAL C 458 37.39 -26.13 -42.08
N LEU C 459 36.52 -25.51 -42.87
CA LEU C 459 36.48 -25.73 -44.33
C LEU C 459 37.45 -24.83 -45.09
N GLU C 460 37.55 -23.58 -44.65
CA GLU C 460 38.48 -22.60 -45.22
C GLU C 460 38.67 -21.48 -44.21
N ASP C 461 39.93 -21.17 -43.86
CA ASP C 461 40.24 -20.15 -42.86
C ASP C 461 41.16 -19.05 -43.38
N ASN C 462 41.41 -19.04 -44.69
CA ASN C 462 42.22 -18.02 -45.36
C ASN C 462 43.62 -17.77 -44.77
N SER C 463 44.26 -18.85 -44.34
CA SER C 463 45.61 -18.78 -43.79
C SER C 463 46.63 -18.44 -44.88
N ALA C 464 46.35 -18.85 -46.11
CA ALA C 464 47.20 -18.50 -47.26
C ALA C 464 47.23 -16.98 -47.43
N LEU C 465 46.05 -16.36 -47.35
CA LEU C 465 45.92 -14.91 -47.45
C LEU C 465 46.50 -14.20 -46.24
N ASP C 466 46.33 -14.80 -45.06
CA ASP C 466 46.84 -14.23 -43.81
C ASP C 466 48.35 -14.04 -43.85
N LYS C 467 49.10 -15.09 -44.21
CA LYS C 467 50.56 -15.00 -44.31
C LYS C 467 50.97 -13.82 -45.17
N MET C 468 50.39 -13.73 -46.37
CA MET C 468 50.61 -12.63 -47.29
C MET C 468 50.40 -11.26 -46.63
N LEU C 469 49.21 -11.05 -46.07
CA LEU C 469 48.81 -9.76 -45.48
C LEU C 469 49.58 -9.28 -44.25
N GLN C 470 50.36 -10.15 -43.63
CA GLN C 470 51.16 -9.77 -42.46
C GLN C 470 52.41 -9.00 -42.89
N ASN C 471 52.83 -9.24 -44.13
CA ASN C 471 53.91 -8.48 -44.75
C ASN C 471 53.50 -7.06 -45.14
N VAL C 472 52.26 -6.89 -45.60
CA VAL C 472 51.74 -5.58 -46.02
C VAL C 472 51.07 -4.80 -44.88
N GLN C 473 51.32 -3.48 -44.84
CA GLN C 473 50.70 -2.59 -43.87
C GLN C 473 49.24 -2.32 -44.27
N MET C 474 48.32 -2.96 -43.57
CA MET C 474 46.90 -2.85 -43.86
C MET C 474 46.24 -1.71 -43.10
N PRO C 475 45.16 -1.14 -43.67
CA PRO C 475 44.38 -0.17 -42.92
C PRO C 475 43.50 -0.86 -41.89
N SER C 476 43.14 -0.15 -40.82
CA SER C 476 42.20 -0.66 -39.83
C SER C 476 40.80 -0.11 -40.09
N LYS C 477 39.81 -0.75 -39.48
CA LYS C 477 38.44 -0.32 -39.59
C LYS C 477 37.90 0.09 -38.22
N LYS C 478 37.43 1.32 -38.11
CA LYS C 478 36.74 1.74 -36.91
C LYS C 478 35.25 1.79 -37.20
N LEU C 479 34.47 1.03 -36.43
CA LEU C 479 33.02 0.98 -36.58
C LEU C 479 32.38 1.50 -35.29
N ASP C 480 31.78 2.68 -35.36
CA ASP C 480 31.20 3.29 -34.16
C ASP C 480 29.90 4.03 -34.49
N PHE C 481 29.43 4.84 -33.54
CA PHE C 481 28.22 5.63 -33.75
C PHE C 481 28.35 7.04 -33.19
N ILE C 482 27.61 7.97 -33.80
CA ILE C 482 27.44 9.32 -33.28
C ILE C 482 25.97 9.51 -32.90
N ILE C 483 25.70 10.54 -32.10
CA ILE C 483 24.34 10.83 -31.63
C ILE C 483 23.77 12.06 -32.33
N LEU C 484 22.57 11.92 -32.88
CA LEU C 484 21.82 13.00 -33.50
C LEU C 484 20.39 12.93 -32.98
N ASN C 485 19.90 14.02 -32.41
CA ASN C 485 18.55 14.06 -31.82
C ASN C 485 18.28 12.81 -30.97
N GLU C 486 19.24 12.48 -30.10
CA GLU C 486 19.18 11.32 -29.18
C GLU C 486 18.97 9.95 -29.84
N THR C 487 19.25 9.87 -31.14
CA THR C 487 19.23 8.63 -31.90
C THR C 487 20.66 8.27 -32.28
N LYS C 488 20.99 6.99 -32.18
CA LYS C 488 22.31 6.51 -32.58
C LYS C 488 22.39 6.33 -34.09
N PHE C 489 23.49 6.77 -34.68
CA PHE C 489 23.72 6.58 -36.11
C PHE C 489 25.10 6.04 -36.34
N TRP C 490 25.19 4.92 -37.05
CA TRP C 490 26.45 4.21 -37.21
C TRP C 490 27.26 4.65 -38.42
N TYR C 491 28.58 4.61 -38.26
CA TYR C 491 29.51 4.94 -39.31
C TYR C 491 30.70 3.99 -39.20
N GLN C 492 31.45 3.86 -40.29
CA GLN C 492 32.68 3.10 -40.29
C GLN C 492 33.77 3.88 -41.01
N MET C 493 35.01 3.74 -40.55
CA MET C 493 36.12 4.42 -41.19
C MET C 493 37.20 3.41 -41.53
N ILE C 494 37.70 3.50 -42.76
CA ILE C 494 38.85 2.71 -43.14
C ILE C 494 40.02 3.65 -42.86
N LEU C 495 40.73 3.39 -41.77
CA LEU C 495 41.82 4.25 -41.31
C LEU C 495 43.16 3.75 -41.84
N PRO C 496 44.04 4.67 -42.27
CA PRO C 496 45.36 4.31 -42.77
C PRO C 496 46.20 3.59 -41.72
N PRO C 497 47.16 2.75 -42.15
CA PRO C 497 48.09 2.14 -41.19
C PRO C 497 48.80 3.22 -40.35
N HIS C 498 49.13 2.88 -39.11
CA HIS C 498 49.80 3.81 -38.18
C HIS C 498 49.03 5.12 -38.04
N PHE C 499 47.71 5.01 -38.01
CA PHE C 499 46.82 6.15 -37.90
C PHE C 499 47.17 7.03 -36.69
N ASP C 500 47.31 8.33 -36.94
CA ASP C 500 47.72 9.30 -35.93
C ASP C 500 46.60 10.28 -35.59
N LYS C 501 45.98 10.07 -34.44
CA LYS C 501 44.90 10.92 -33.89
C LYS C 501 45.16 12.44 -33.95
N SER C 502 46.41 12.84 -34.13
CA SER C 502 46.79 14.26 -34.07
C SER C 502 47.28 14.83 -35.41
N LYS C 503 47.35 13.97 -36.42
CA LYS C 503 47.63 14.43 -37.78
C LYS C 503 46.30 14.85 -38.44
N LYS C 504 46.39 15.62 -39.52
CA LYS C 504 45.20 16.05 -40.26
C LYS C 504 45.06 15.27 -41.57
N TYR C 505 44.15 14.30 -41.58
CA TYR C 505 43.96 13.44 -42.75
C TYR C 505 42.87 13.94 -43.72
N PRO C 506 43.12 13.79 -45.03
CA PRO C 506 42.05 14.01 -46.02
C PRO C 506 41.03 12.88 -45.91
N LEU C 507 39.78 13.19 -46.21
CA LEU C 507 38.71 12.21 -46.05
C LEU C 507 37.83 12.05 -47.30
N LEU C 508 37.41 10.81 -47.55
CA LEU C 508 36.51 10.47 -48.64
C LEU C 508 35.28 9.77 -48.10
N LEU C 509 34.13 10.42 -48.26
CA LEU C 509 32.86 9.85 -47.83
C LEU C 509 32.31 8.90 -48.91
N ASP C 510 32.31 7.61 -48.59
CA ASP C 510 31.83 6.56 -49.48
C ASP C 510 30.35 6.41 -49.15
N VAL C 511 29.48 6.73 -50.13
CA VAL C 511 28.03 6.81 -49.88
C VAL C 511 27.15 5.94 -50.76
N TYR C 512 26.11 5.38 -50.14
CA TYR C 512 25.01 4.73 -50.82
C TYR C 512 23.76 5.48 -50.35
N ALA C 513 23.41 5.30 -49.07
CA ALA C 513 22.34 6.07 -48.42
C ALA C 513 20.92 5.93 -48.98
N GLY C 514 20.68 4.88 -49.78
CA GLY C 514 19.34 4.59 -50.30
C GLY C 514 18.45 4.04 -49.19
N PRO C 515 17.14 3.96 -49.44
CA PRO C 515 16.23 3.35 -48.46
C PRO C 515 16.64 1.91 -48.15
N CYS C 516 16.77 1.60 -46.85
CA CYS C 516 17.20 0.29 -46.35
C CYS C 516 18.67 -0.04 -46.67
N SER C 517 19.48 0.98 -46.94
CA SER C 517 20.92 0.73 -47.15
C SER C 517 21.67 0.57 -45.83
N GLN C 518 22.81 -0.11 -45.90
CA GLN C 518 23.69 -0.22 -44.75
C GLN C 518 25.11 -0.22 -45.27
N LYS C 519 25.83 0.84 -44.92
CA LYS C 519 27.22 0.98 -45.33
C LYS C 519 28.15 0.90 -44.14
N ALA C 520 27.58 0.86 -42.93
CA ALA C 520 28.37 0.66 -41.72
C ALA C 520 28.13 -0.76 -41.17
N ASP C 521 29.08 -1.66 -41.43
CA ASP C 521 28.98 -3.04 -40.97
C ASP C 521 30.31 -3.63 -40.54
N THR C 522 30.31 -4.93 -40.23
CA THR C 522 31.51 -5.61 -39.73
C THR C 522 32.10 -6.59 -40.75
N VAL C 523 31.79 -6.37 -42.02
CA VAL C 523 32.34 -7.19 -43.10
C VAL C 523 33.78 -6.76 -43.39
N PHE C 524 34.64 -7.74 -43.63
CA PHE C 524 36.01 -7.46 -44.05
C PHE C 524 36.06 -7.36 -45.58
N ARG C 525 36.61 -6.25 -46.07
CA ARG C 525 36.66 -6.01 -47.53
C ARG C 525 38.07 -5.65 -48.05
N LEU C 526 38.34 -6.09 -49.27
CA LEU C 526 39.52 -5.65 -50.01
C LEU C 526 39.04 -4.97 -51.28
N ASN C 527 38.99 -3.64 -51.22
CA ASN C 527 38.47 -2.84 -52.32
C ASN C 527 39.30 -1.60 -52.54
N TRP C 528 38.79 -0.69 -53.37
CA TRP C 528 39.42 0.58 -53.66
C TRP C 528 39.77 1.41 -52.40
N ALA C 529 38.88 1.38 -51.40
CA ALA C 529 39.08 2.13 -50.17
C ALA C 529 40.30 1.59 -49.40
N THR C 530 40.49 0.27 -49.44
CA THR C 530 41.65 -0.35 -48.85
C THR C 530 42.92 0.31 -49.41
N TYR C 531 42.96 0.46 -50.73
CA TYR C 531 44.11 1.09 -51.39
C TYR C 531 44.27 2.55 -50.99
N LEU C 532 43.15 3.27 -50.90
CA LEU C 532 43.15 4.70 -50.56
C LEU C 532 43.61 4.96 -49.12
N ALA C 533 43.27 4.06 -48.21
CA ALA C 533 43.74 4.20 -46.84
C ALA C 533 45.19 3.75 -46.73
N SER C 534 45.53 2.62 -47.35
CA SER C 534 46.85 2.00 -47.22
C SER C 534 47.96 2.79 -47.91
N THR C 535 47.77 3.07 -49.20
CA THR C 535 48.78 3.75 -50.01
C THR C 535 48.69 5.27 -49.91
N GLU C 536 47.48 5.81 -50.01
CA GLU C 536 47.33 7.28 -50.14
C GLU C 536 47.07 8.04 -48.85
N ASN C 537 46.95 7.30 -47.75
CA ASN C 537 46.65 7.87 -46.42
C ASN C 537 45.42 8.77 -46.40
N ILE C 538 44.33 8.21 -46.93
CA ILE C 538 43.03 8.86 -46.95
C ILE C 538 42.12 8.08 -46.03
N ILE C 539 41.42 8.77 -45.12
CA ILE C 539 40.35 8.15 -44.35
C ILE C 539 39.14 8.01 -45.26
N VAL C 540 38.67 6.79 -45.45
CA VAL C 540 37.43 6.62 -46.18
C VAL C 540 36.32 6.20 -45.21
N ALA C 541 35.34 7.08 -45.06
CA ALA C 541 34.22 6.86 -44.16
C ALA C 541 32.95 6.56 -44.92
N SER C 542 32.04 5.86 -44.25
CA SER C 542 30.69 5.61 -44.71
C SER C 542 29.80 5.85 -43.53
N PHE C 543 28.61 6.37 -43.78
CA PHE C 543 27.68 6.73 -42.71
C PHE C 543 26.27 6.33 -43.10
N ASP C 544 25.58 5.71 -42.15
CA ASP C 544 24.19 5.31 -42.26
C ASP C 544 23.29 6.27 -41.46
N GLY C 545 22.73 7.26 -42.13
CA GLY C 545 21.82 8.24 -41.52
C GLY C 545 20.37 7.84 -41.72
N ARG C 546 19.48 8.83 -41.85
CA ARG C 546 18.06 8.54 -41.99
C ARG C 546 17.72 7.84 -43.30
N GLY C 547 16.79 6.89 -43.23
CA GLY C 547 16.45 6.07 -44.38
C GLY C 547 17.19 4.75 -44.44
N SER C 548 18.29 4.63 -43.68
CA SER C 548 19.08 3.39 -43.65
C SER C 548 18.31 2.25 -42.99
N GLY C 549 18.74 1.01 -43.22
CA GLY C 549 18.01 -0.18 -42.77
C GLY C 549 18.43 -0.90 -41.48
N TYR C 550 17.64 -1.90 -41.12
CA TYR C 550 17.92 -2.83 -40.01
C TYR C 550 18.03 -2.19 -38.62
N GLN C 551 17.39 -1.03 -38.45
CA GLN C 551 17.40 -0.26 -37.22
C GLN C 551 16.00 0.24 -36.89
N GLY C 552 14.99 -0.36 -37.52
CA GLY C 552 13.59 0.01 -37.31
C GLY C 552 13.02 0.95 -38.37
N ASP C 553 11.70 1.02 -38.42
CA ASP C 553 10.97 1.85 -39.38
C ASP C 553 11.03 3.34 -39.05
N LYS C 554 11.15 3.67 -37.77
CA LYS C 554 11.32 5.06 -37.36
C LYS C 554 12.46 5.72 -38.14
N ILE C 555 13.61 5.04 -38.21
CA ILE C 555 14.73 5.49 -39.03
C ILE C 555 14.51 5.20 -40.54
N MET C 556 14.05 4.01 -40.89
CA MET C 556 13.92 3.62 -42.31
C MET C 556 12.91 4.47 -43.09
N HIS C 557 11.70 4.63 -42.54
CA HIS C 557 10.64 5.40 -43.19
C HIS C 557 10.77 6.91 -43.03
N ALA C 558 11.89 7.39 -42.50
CA ALA C 558 12.09 8.84 -42.36
C ALA C 558 12.14 9.55 -43.71
N ILE C 559 12.58 8.83 -44.75
CA ILE C 559 12.65 9.42 -46.10
C ILE C 559 11.39 9.19 -46.96
N ASN C 560 10.38 8.54 -46.38
CA ASN C 560 9.14 8.26 -47.10
C ASN C 560 8.56 9.48 -47.81
N ARG C 561 8.42 9.38 -49.14
CA ARG C 561 7.89 10.45 -49.99
C ARG C 561 8.80 11.67 -50.11
N ARG C 562 10.04 11.53 -49.61
CA ARG C 562 10.96 12.66 -49.46
C ARG C 562 12.40 12.30 -49.83
N LEU C 563 12.56 11.57 -50.93
CA LEU C 563 13.89 11.21 -51.41
C LEU C 563 14.70 12.46 -51.76
N GLY C 564 16.00 12.40 -51.50
CA GLY C 564 16.88 13.53 -51.77
C GLY C 564 16.75 14.62 -50.73
N THR C 565 16.45 14.24 -49.49
CA THR C 565 16.38 15.21 -48.39
C THR C 565 17.22 14.79 -47.19
N PHE C 566 16.59 14.09 -46.24
CA PHE C 566 17.23 13.75 -44.98
C PHE C 566 18.49 12.90 -45.13
N GLU C 567 18.47 11.95 -46.07
CA GLU C 567 19.61 11.07 -46.29
C GLU C 567 20.78 11.86 -46.85
N VAL C 568 20.47 12.91 -47.60
CA VAL C 568 21.47 13.80 -48.17
C VAL C 568 22.03 14.65 -47.03
N GLU C 569 21.11 15.28 -46.30
CA GLU C 569 21.45 16.13 -45.17
C GLU C 569 22.32 15.42 -44.12
N ASP C 570 21.95 14.20 -43.75
CA ASP C 570 22.67 13.44 -42.75
C ASP C 570 24.09 13.09 -43.16
N GLN C 571 24.33 12.97 -44.47
CA GLN C 571 25.68 12.74 -44.97
C GLN C 571 26.54 13.98 -44.74
N ILE C 572 25.97 15.15 -45.04
CA ILE C 572 26.68 16.42 -44.83
C ILE C 572 27.00 16.57 -43.35
N GLU C 573 26.01 16.28 -42.51
CA GLU C 573 26.16 16.37 -41.06
C GLU C 573 27.21 15.39 -40.52
N ALA C 574 27.34 14.22 -41.14
CA ALA C 574 28.35 13.24 -40.75
C ALA C 574 29.73 13.83 -40.92
N ALA C 575 29.99 14.40 -42.11
CA ALA C 575 31.28 15.01 -42.44
C ALA C 575 31.59 16.14 -41.49
N ARG C 576 30.55 16.86 -41.09
CA ARG C 576 30.71 17.93 -40.11
C ARG C 576 31.16 17.36 -38.78
N GLN C 577 30.54 16.26 -38.37
CA GLN C 577 30.92 15.57 -37.14
C GLN C 577 32.32 14.98 -37.22
N PHE C 578 32.66 14.40 -38.37
CA PHE C 578 33.97 13.81 -38.57
C PHE C 578 35.06 14.88 -38.54
N SER C 579 34.74 16.06 -39.07
CA SER C 579 35.63 17.21 -39.03
C SER C 579 35.86 17.71 -37.59
N LYS C 580 34.79 17.72 -36.80
CA LYS C 580 34.85 18.18 -35.41
C LYS C 580 35.60 17.19 -34.51
N MET C 581 35.92 16.01 -35.05
CA MET C 581 36.64 14.97 -34.30
C MET C 581 38.14 15.24 -34.14
N GLY C 582 38.67 16.15 -34.95
CA GLY C 582 40.06 16.61 -34.81
C GLY C 582 41.09 16.12 -35.82
N PHE C 583 40.90 14.91 -36.35
CA PHE C 583 41.90 14.28 -37.22
C PHE C 583 41.59 14.38 -38.71
N VAL C 584 40.77 15.35 -39.08
CA VAL C 584 40.35 15.52 -40.47
C VAL C 584 40.77 16.90 -41.00
N ASP C 585 41.49 16.88 -42.11
CA ASP C 585 41.83 18.10 -42.84
C ASP C 585 40.58 18.51 -43.61
N ASN C 586 39.82 19.44 -43.07
CA ASN C 586 38.56 19.81 -43.70
C ASN C 586 38.68 20.68 -44.95
N LYS C 587 39.93 20.91 -45.40
CA LYS C 587 40.19 21.52 -46.70
C LYS C 587 40.21 20.41 -47.77
N ARG C 588 40.23 19.16 -47.32
CA ARG C 588 40.24 18.01 -48.22
C ARG C 588 39.22 16.94 -47.84
N ILE C 589 37.94 17.30 -47.89
CA ILE C 589 36.87 16.33 -47.69
C ILE C 589 36.12 16.11 -49.01
N ALA C 590 36.18 14.90 -49.53
CA ALA C 590 35.50 14.55 -50.77
C ALA C 590 34.39 13.54 -50.52
N ILE C 591 33.62 13.26 -51.56
CA ILE C 591 32.48 12.34 -51.48
C ILE C 591 32.29 11.63 -52.82
N TRP C 592 31.90 10.36 -52.77
CA TRP C 592 31.63 9.60 -53.98
C TRP C 592 30.61 8.50 -53.75
N GLY C 593 29.98 8.05 -54.84
CA GLY C 593 28.97 7.01 -54.76
C GLY C 593 28.54 6.52 -56.12
N TRP C 594 27.91 5.34 -56.10
CA TRP C 594 27.41 4.68 -57.29
C TRP C 594 25.90 4.51 -57.15
N SER C 595 25.15 4.65 -58.25
CA SER C 595 23.68 4.44 -58.25
C SER C 595 22.97 5.45 -57.35
N TYR C 596 22.29 4.99 -56.30
CA TYR C 596 21.70 5.93 -55.34
C TYR C 596 22.79 6.82 -54.70
N GLY C 597 23.97 6.23 -54.49
CA GLY C 597 25.12 6.94 -53.99
C GLY C 597 25.61 8.02 -54.93
N GLY C 598 25.38 7.85 -56.22
CA GLY C 598 25.76 8.85 -57.20
C GLY C 598 24.83 10.04 -57.15
N TYR C 599 23.53 9.74 -56.98
CA TYR C 599 22.52 10.77 -56.74
C TYR C 599 22.78 11.57 -55.45
N VAL C 600 23.03 10.86 -54.35
CA VAL C 600 23.32 11.58 -53.09
C VAL C 600 24.57 12.47 -53.21
N THR C 601 25.67 11.89 -53.71
CA THR C 601 26.89 12.64 -53.98
C THR C 601 26.57 13.91 -54.74
N SER C 602 25.77 13.77 -55.80
CA SER C 602 25.44 14.91 -56.64
C SER C 602 24.58 15.94 -55.90
N MET C 603 23.58 15.46 -55.16
CA MET C 603 22.76 16.35 -54.34
C MET C 603 23.60 17.09 -53.30
N VAL C 604 24.55 16.37 -52.67
CA VAL C 604 25.45 16.95 -51.67
C VAL C 604 26.38 18.02 -52.30
N LEU C 605 27.03 17.66 -53.41
CA LEU C 605 27.92 18.57 -54.09
C LEU C 605 27.18 19.84 -54.54
N GLY C 606 25.89 19.71 -54.84
CA GLY C 606 25.10 20.84 -55.29
C GLY C 606 24.38 21.60 -54.19
N SER C 607 24.60 21.17 -52.94
CA SER C 607 23.87 21.68 -51.78
C SER C 607 24.32 23.06 -51.33
N GLY C 608 25.55 23.43 -51.66
CA GLY C 608 26.10 24.71 -51.19
C GLY C 608 26.39 24.67 -49.71
N SER C 609 26.73 23.49 -49.19
CA SER C 609 27.03 23.34 -47.78
C SER C 609 28.43 23.83 -47.46
N GLY C 610 29.33 23.73 -48.44
CA GLY C 610 30.71 24.20 -48.27
C GLY C 610 31.63 23.20 -47.60
N VAL C 611 31.08 22.08 -47.16
CA VAL C 611 31.87 21.08 -46.48
C VAL C 611 32.79 20.29 -47.43
N PHE C 612 32.32 20.06 -48.66
CA PHE C 612 33.04 19.20 -49.59
C PHE C 612 33.78 19.96 -50.68
N LYS C 613 35.00 19.53 -50.95
CA LYS C 613 35.83 20.12 -52.00
C LYS C 613 35.44 19.56 -53.36
N CYS C 614 35.33 18.24 -53.44
CA CYS C 614 35.10 17.55 -54.71
C CYS C 614 34.24 16.31 -54.54
N GLY C 615 33.91 15.66 -55.64
CA GLY C 615 33.14 14.44 -55.56
C GLY C 615 33.00 13.72 -56.87
N ILE C 616 32.68 12.43 -56.79
CA ILE C 616 32.50 11.59 -57.98
C ILE C 616 31.15 10.88 -57.97
N ALA C 617 30.39 11.08 -59.03
CA ALA C 617 29.09 10.44 -59.19
C ALA C 617 29.19 9.42 -60.31
N VAL C 618 29.00 8.14 -59.99
CA VAL C 618 29.03 7.06 -60.98
C VAL C 618 27.62 6.54 -61.25
N ALA C 619 27.19 6.63 -62.51
CA ALA C 619 25.84 6.22 -62.94
C ALA C 619 24.73 6.73 -61.99
N PRO C 620 24.68 8.06 -61.75
CA PRO C 620 23.70 8.58 -60.80
C PRO C 620 22.28 8.73 -61.36
N VAL C 621 21.29 8.63 -60.47
CA VAL C 621 19.95 9.12 -60.78
C VAL C 621 20.06 10.64 -60.73
N SER C 622 19.38 11.34 -61.62
CA SER C 622 19.42 12.80 -61.60
C SER C 622 18.03 13.37 -61.34
N ARG C 623 17.02 12.55 -61.60
CA ARG C 623 15.65 12.99 -61.57
C ARG C 623 14.83 11.74 -61.49
N TRP C 624 13.99 11.64 -60.45
CA TRP C 624 13.25 10.42 -60.18
C TRP C 624 12.28 9.96 -61.26
N GLU C 625 11.73 10.89 -62.05
CA GLU C 625 10.86 10.54 -63.18
C GLU C 625 11.59 9.66 -64.23
N TYR C 626 12.92 9.67 -64.22
CA TYR C 626 13.70 8.88 -65.19
C TYR C 626 13.94 7.45 -64.74
N TYR C 627 13.78 7.19 -63.45
CA TYR C 627 14.08 5.86 -62.95
C TYR C 627 12.85 4.95 -62.96
N ASP C 628 13.03 3.65 -62.75
CA ASP C 628 11.93 2.71 -62.91
C ASP C 628 10.86 2.87 -61.84
N SER C 629 9.66 2.39 -62.17
CA SER C 629 8.47 2.58 -61.34
C SER C 629 8.50 1.82 -59.99
N VAL C 630 8.84 0.54 -60.02
CA VAL C 630 8.75 -0.30 -58.83
C VAL C 630 9.59 0.27 -57.69
N TYR C 631 10.85 0.55 -57.97
CA TYR C 631 11.75 1.10 -56.98
C TYR C 631 11.32 2.51 -56.58
N THR C 632 11.25 3.40 -57.57
CA THR C 632 11.00 4.82 -57.38
C THR C 632 9.70 5.11 -56.64
N GLU C 633 8.62 4.48 -57.07
CA GLU C 633 7.30 4.75 -56.50
C GLU C 633 7.18 4.15 -55.10
N ARG C 634 7.96 3.11 -54.82
CA ARG C 634 7.95 2.51 -53.49
C ARG C 634 8.16 3.58 -52.42
N TYR C 635 9.02 4.56 -52.74
CA TYR C 635 9.34 5.64 -51.81
C TYR C 635 8.78 7.01 -52.21
N MET C 636 8.51 7.21 -53.50
CA MET C 636 8.11 8.53 -54.01
C MET C 636 6.64 8.66 -54.41
N GLY C 637 5.89 7.56 -54.38
CA GLY C 637 4.53 7.58 -54.91
C GLY C 637 4.52 8.00 -56.37
N LEU C 638 3.40 8.50 -56.85
CA LEU C 638 3.27 8.88 -58.25
C LEU C 638 3.63 10.35 -58.51
N PRO C 639 4.32 10.62 -59.63
CA PRO C 639 4.63 11.98 -60.07
C PRO C 639 3.44 12.69 -60.75
N THR C 640 2.30 12.72 -60.06
CA THR C 640 1.11 13.40 -60.54
C THR C 640 0.75 14.56 -59.59
N PRO C 641 0.00 15.58 -60.07
CA PRO C 641 -0.36 16.70 -59.20
C PRO C 641 -1.21 16.29 -58.00
N GLU C 642 -1.85 15.12 -58.08
CA GLU C 642 -2.65 14.64 -56.95
C GLU C 642 -1.91 13.65 -56.06
N ASP C 643 -0.62 13.49 -56.30
CA ASP C 643 0.19 12.64 -55.43
C ASP C 643 1.45 13.35 -54.96
N ASN C 644 2.57 13.16 -55.67
CA ASN C 644 3.86 13.70 -55.21
C ASN C 644 4.73 14.43 -56.26
N LEU C 645 4.11 14.94 -57.31
CA LEU C 645 4.83 15.64 -58.39
C LEU C 645 5.77 16.75 -57.90
N ASP C 646 5.32 17.58 -56.95
CA ASP C 646 6.12 18.71 -56.47
C ASP C 646 7.49 18.30 -55.99
N HIS C 647 7.53 17.24 -55.19
CA HIS C 647 8.81 16.79 -54.67
C HIS C 647 9.62 16.08 -55.75
N TYR C 648 8.97 15.42 -56.70
CA TYR C 648 9.66 14.91 -57.88
C TYR C 648 10.41 16.05 -58.55
N ARG C 649 9.74 17.21 -58.64
CA ARG C 649 10.34 18.41 -59.22
C ARG C 649 11.42 19.00 -58.30
N ASN C 650 11.24 18.90 -56.99
CA ASN C 650 12.16 19.58 -56.05
C ASN C 650 13.43 18.78 -55.76
N SER C 651 13.42 17.48 -56.07
CA SER C 651 14.53 16.59 -55.74
C SER C 651 15.47 16.24 -56.90
N THR C 652 15.44 17.02 -57.98
CA THR C 652 16.36 16.78 -59.10
C THR C 652 17.75 17.31 -58.79
N VAL C 653 18.77 16.74 -59.41
CA VAL C 653 20.11 17.34 -59.32
C VAL C 653 20.25 18.55 -60.24
N MET C 654 19.53 18.52 -61.37
CA MET C 654 19.55 19.61 -62.36
C MET C 654 19.28 20.99 -61.75
N SER C 655 18.30 21.08 -60.86
CA SER C 655 17.95 22.38 -60.27
C SER C 655 19.08 22.96 -59.42
N ARG C 656 20.01 22.11 -59.00
CA ARG C 656 21.13 22.53 -58.15
C ARG C 656 22.40 22.85 -58.93
N ALA C 657 22.28 22.92 -60.25
CA ALA C 657 23.43 23.11 -61.15
C ALA C 657 24.32 24.30 -60.82
N GLU C 658 23.73 25.46 -60.58
CA GLU C 658 24.49 26.67 -60.26
C GLU C 658 25.52 26.42 -59.15
N ASN C 659 25.11 25.68 -58.12
CA ASN C 659 25.96 25.42 -56.96
C ASN C 659 27.16 24.49 -57.19
N PHE C 660 27.24 23.89 -58.37
CA PHE C 660 28.38 23.04 -58.71
C PHE C 660 29.63 23.86 -59.02
N LYS C 661 29.44 25.17 -59.12
CA LYS C 661 30.55 26.14 -59.22
C LYS C 661 31.42 26.10 -57.97
N GLN C 662 30.95 25.41 -56.93
CA GLN C 662 31.58 25.45 -55.60
C GLN C 662 32.39 24.19 -55.27
N VAL C 663 32.35 23.22 -56.18
CA VAL C 663 33.08 21.96 -56.00
C VAL C 663 33.75 21.54 -57.30
N GLU C 664 34.61 20.53 -57.21
CA GLU C 664 35.16 19.88 -58.40
C GLU C 664 34.41 18.56 -58.56
N TYR C 665 33.83 18.36 -59.74
CA TYR C 665 32.91 17.25 -59.96
C TYR C 665 33.38 16.35 -61.08
N LEU C 666 33.29 15.04 -60.84
CA LEU C 666 33.56 14.03 -61.86
C LEU C 666 32.31 13.18 -62.07
N LEU C 667 31.78 13.22 -63.29
CA LEU C 667 30.56 12.49 -63.64
C LEU C 667 30.89 11.32 -64.57
N ILE C 668 30.55 10.11 -64.13
CA ILE C 668 30.87 8.89 -64.89
C ILE C 668 29.62 8.04 -65.18
N HIS C 669 29.48 7.58 -66.43
CA HIS C 669 28.33 6.77 -66.81
C HIS C 669 28.67 5.85 -67.99
N GLY C 670 28.10 4.65 -67.97
CA GLY C 670 28.23 3.71 -69.10
C GLY C 670 27.11 3.97 -70.11
N THR C 671 27.46 3.96 -71.39
CA THR C 671 26.48 4.26 -72.44
C THR C 671 25.39 3.18 -72.63
N ALA C 672 25.68 1.95 -72.24
CA ALA C 672 24.73 0.86 -72.44
C ALA C 672 24.05 0.49 -71.14
N ASP C 673 23.93 1.47 -70.24
CA ASP C 673 23.32 1.28 -68.94
C ASP C 673 21.81 1.23 -69.12
N ASP C 674 21.25 0.06 -68.87
CA ASP C 674 19.82 -0.21 -69.05
C ASP C 674 19.04 0.02 -67.76
N ASN C 675 19.79 0.12 -66.65
CA ASN C 675 19.21 0.32 -65.34
C ASN C 675 19.01 1.81 -65.09
N VAL C 676 20.11 2.54 -64.88
CA VAL C 676 20.07 3.98 -64.78
C VAL C 676 20.53 4.43 -66.14
N HIS C 677 19.58 4.87 -66.96
CA HIS C 677 19.90 5.19 -68.34
C HIS C 677 20.92 6.31 -68.45
N PHE C 678 21.80 6.22 -69.45
CA PHE C 678 22.81 7.26 -69.71
C PHE C 678 22.18 8.64 -69.69
N GLN C 679 20.94 8.71 -70.17
CA GLN C 679 20.06 9.87 -70.12
C GLN C 679 20.24 10.70 -68.87
N GLN C 680 20.21 10.02 -67.72
CA GLN C 680 20.23 10.68 -66.43
C GLN C 680 21.47 11.57 -66.26
N SER C 681 22.63 11.08 -66.67
CA SER C 681 23.83 11.89 -66.62
C SER C 681 23.93 12.89 -67.77
N ALA C 682 23.29 12.57 -68.89
CA ALA C 682 23.27 13.48 -70.03
C ALA C 682 22.58 14.77 -69.63
N GLN C 683 21.48 14.63 -68.88
CA GLN C 683 20.73 15.76 -68.38
C GLN C 683 21.52 16.54 -67.31
N ILE C 684 22.37 15.85 -66.55
CA ILE C 684 23.20 16.55 -65.58
C ILE C 684 24.21 17.47 -66.29
N SER C 685 24.96 16.90 -67.22
CA SER C 685 26.02 17.63 -67.93
C SER C 685 25.45 18.83 -68.65
N LYS C 686 24.31 18.65 -69.29
CA LYS C 686 23.66 19.73 -70.02
C LYS C 686 23.21 20.86 -69.07
N ALA C 687 22.75 20.52 -67.88
CA ALA C 687 22.32 21.53 -66.91
C ALA C 687 23.54 22.32 -66.42
N LEU C 688 24.66 21.61 -66.24
CA LEU C 688 25.92 22.23 -65.82
C LEU C 688 26.52 23.10 -66.90
N VAL C 689 26.37 22.67 -68.15
CA VAL C 689 26.85 23.46 -69.28
C VAL C 689 26.06 24.77 -69.35
N ASP C 690 24.75 24.66 -69.17
CA ASP C 690 23.85 25.81 -69.32
C ASP C 690 24.02 26.92 -68.28
N VAL C 691 24.66 26.59 -67.17
CA VAL C 691 24.93 27.63 -66.15
C VAL C 691 26.42 27.93 -66.05
N GLY C 692 27.17 27.44 -67.03
CA GLY C 692 28.59 27.72 -67.19
C GLY C 692 29.48 27.09 -66.12
N VAL C 693 29.15 25.87 -65.70
CA VAL C 693 29.96 25.17 -64.69
C VAL C 693 30.93 24.20 -65.35
N ASP C 694 32.22 24.34 -65.05
CA ASP C 694 33.21 23.35 -65.48
C ASP C 694 33.16 22.12 -64.56
N PHE C 695 33.39 20.95 -65.15
CA PHE C 695 33.36 19.67 -64.45
C PHE C 695 34.10 18.63 -65.30
N GLN C 696 34.43 17.49 -64.70
CA GLN C 696 35.07 16.39 -65.42
C GLN C 696 34.02 15.38 -65.81
N ALA C 697 34.21 14.73 -66.96
CA ALA C 697 33.29 13.70 -67.41
C ALA C 697 34.04 12.48 -67.93
N MET C 698 33.32 11.36 -68.01
CA MET C 698 33.82 10.13 -68.61
C MET C 698 32.67 9.18 -68.92
N TRP C 699 32.48 8.89 -70.21
CA TRP C 699 31.53 7.87 -70.63
C TRP C 699 32.30 6.57 -70.84
N TYR C 700 31.64 5.43 -70.63
CA TYR C 700 32.21 4.13 -70.96
C TYR C 700 31.39 3.45 -72.04
N THR C 701 31.96 3.38 -73.24
CA THR C 701 31.29 2.78 -74.39
C THR C 701 30.84 1.34 -74.11
N ASP C 702 29.53 1.12 -74.28
CA ASP C 702 28.88 -0.19 -74.17
C ASP C 702 28.85 -0.83 -72.78
N GLU C 703 29.40 -0.15 -71.78
CA GLU C 703 29.36 -0.64 -70.43
C GLU C 703 27.96 -0.42 -69.87
N ASP C 704 27.54 -1.32 -68.97
CA ASP C 704 26.22 -1.21 -68.37
C ASP C 704 26.32 -0.65 -66.95
N HIS C 705 25.31 -0.86 -66.11
CA HIS C 705 25.30 -0.24 -64.78
C HIS C 705 26.42 -0.68 -63.84
N GLY C 706 27.09 -1.77 -64.18
CA GLY C 706 28.15 -2.31 -63.32
C GLY C 706 29.55 -1.83 -63.72
N ILE C 707 29.67 -1.32 -64.95
CA ILE C 707 30.97 -0.97 -65.54
C ILE C 707 31.96 -2.04 -65.08
N ALA C 708 31.60 -3.27 -65.41
CA ALA C 708 32.13 -4.47 -64.80
C ALA C 708 33.10 -5.23 -65.69
N SER C 709 33.20 -4.83 -66.97
CA SER C 709 34.20 -5.43 -67.85
C SER C 709 35.57 -5.33 -67.23
N SER C 710 36.42 -6.30 -67.53
CA SER C 710 37.74 -6.35 -66.93
C SER C 710 38.50 -5.06 -67.19
N THR C 711 38.57 -4.66 -68.46
CA THR C 711 39.32 -3.47 -68.84
C THR C 711 38.66 -2.21 -68.32
N ALA C 712 37.33 -2.15 -68.40
CA ALA C 712 36.57 -0.97 -67.96
C ALA C 712 36.64 -0.78 -66.47
N HIS C 713 36.52 -1.88 -65.71
CA HIS C 713 36.64 -1.85 -64.27
C HIS C 713 37.99 -1.29 -63.86
N GLN C 714 39.04 -1.70 -64.56
CA GLN C 714 40.38 -1.21 -64.23
C GLN C 714 40.50 0.26 -64.60
N HIS C 715 39.90 0.63 -65.73
CA HIS C 715 40.01 1.99 -66.25
C HIS C 715 39.30 3.01 -65.37
N ILE C 716 38.15 2.63 -64.81
CA ILE C 716 37.37 3.55 -63.99
C ILE C 716 38.07 3.91 -62.68
N TYR C 717 38.51 2.89 -61.94
CA TYR C 717 39.18 3.11 -60.66
C TYR C 717 40.53 3.81 -60.81
N THR C 718 41.21 3.53 -61.92
CA THR C 718 42.42 4.25 -62.27
C THR C 718 42.10 5.73 -62.43
N HIS C 719 41.08 6.03 -63.24
CA HIS C 719 40.69 7.42 -63.53
C HIS C 719 40.20 8.14 -62.27
N MET C 720 39.42 7.43 -61.44
CA MET C 720 38.91 7.99 -60.19
C MET C 720 40.02 8.27 -59.22
N SER C 721 41.05 7.42 -59.24
CA SER C 721 42.23 7.58 -58.38
C SER C 721 42.99 8.86 -58.68
N HIS C 722 43.24 9.12 -59.96
CA HIS C 722 43.95 10.35 -60.35
C HIS C 722 43.15 11.56 -59.91
N PHE C 723 41.83 11.48 -60.06
CA PHE C 723 40.95 12.57 -59.69
C PHE C 723 41.00 12.91 -58.19
N ILE C 724 40.90 11.88 -57.35
CA ILE C 724 40.91 12.06 -55.91
C ILE C 724 42.27 12.61 -55.43
N LYS C 725 43.35 12.01 -55.93
CA LYS C 725 44.71 12.45 -55.61
C LYS C 725 44.92 13.88 -56.06
N GLN C 726 44.39 14.20 -57.23
CA GLN C 726 44.47 15.55 -57.79
C GLN C 726 43.68 16.53 -56.91
N CYS C 727 42.49 16.13 -56.50
CA CYS C 727 41.65 16.94 -55.60
C CYS C 727 42.32 17.15 -54.24
N PHE C 728 43.06 16.13 -53.76
CA PHE C 728 43.68 16.16 -52.44
C PHE C 728 45.15 16.60 -52.45
N SER C 729 45.65 16.97 -53.63
CA SER C 729 47.04 17.42 -53.84
C SER C 729 48.10 16.34 -53.60
N LEU C 730 47.73 15.08 -53.76
CA LEU C 730 48.66 13.98 -53.54
C LEU C 730 49.45 13.67 -54.83
N PRO C 731 50.74 13.33 -54.69
CA PRO C 731 51.58 13.09 -55.87
C PRO C 731 51.55 11.64 -56.37
N ALA D 5 -27.24 22.34 -14.91
CA ALA D 5 -26.46 22.81 -16.11
C ALA D 5 -26.51 24.35 -16.28
N LYS D 6 -27.64 24.96 -15.95
CA LYS D 6 -27.75 26.41 -16.08
C LYS D 6 -27.30 27.16 -14.84
N THR D 7 -26.97 28.43 -15.02
CA THR D 7 -26.50 29.29 -13.93
C THR D 7 -27.54 30.36 -13.64
N TYR D 8 -27.38 31.06 -12.52
CA TYR D 8 -28.28 32.14 -12.13
C TYR D 8 -27.90 33.42 -12.87
N THR D 9 -28.57 33.67 -13.99
CA THR D 9 -28.19 34.76 -14.89
C THR D 9 -28.61 36.16 -14.39
N LEU D 10 -28.12 37.19 -15.06
CA LEU D 10 -28.50 38.57 -14.75
C LEU D 10 -30.01 38.77 -14.89
N THR D 11 -30.60 38.18 -15.94
CA THR D 11 -32.04 38.29 -16.17
C THR D 11 -32.85 37.60 -15.08
N ASP D 12 -32.34 36.50 -14.54
CA ASP D 12 -32.99 35.82 -13.43
C ASP D 12 -33.17 36.76 -12.24
N TYR D 13 -32.12 37.49 -11.88
CA TYR D 13 -32.19 38.49 -10.81
C TYR D 13 -33.15 39.62 -11.16
N LEU D 14 -33.08 40.09 -12.40
CA LEU D 14 -33.83 41.25 -12.83
C LEU D 14 -35.31 40.98 -13.05
N LYS D 15 -35.66 39.72 -13.32
CA LYS D 15 -37.05 39.33 -13.59
C LYS D 15 -37.69 38.42 -12.55
N ASN D 16 -37.03 38.25 -11.40
CA ASN D 16 -37.53 37.41 -10.32
C ASN D 16 -37.98 36.02 -10.76
N THR D 17 -37.13 35.34 -11.53
CA THR D 17 -37.40 34.00 -11.99
C THR D 17 -37.52 33.03 -10.80
N TYR D 18 -36.70 33.26 -9.78
CA TYR D 18 -36.70 32.43 -8.58
C TYR D 18 -37.11 33.29 -7.40
N ARG D 19 -38.39 33.20 -7.04
CA ARG D 19 -38.97 34.05 -6.02
C ARG D 19 -38.87 33.42 -4.63
N LEU D 20 -38.68 34.26 -3.62
CA LEU D 20 -38.78 33.83 -2.23
C LEU D 20 -40.21 34.04 -1.75
N LYS D 21 -40.73 33.05 -1.03
CA LYS D 21 -42.10 33.11 -0.54
C LYS D 21 -42.14 33.57 0.91
N LEU D 22 -43.14 34.35 1.25
CA LEU D 22 -43.31 34.88 2.61
C LEU D 22 -44.62 34.42 3.22
N TYR D 23 -44.65 34.31 4.54
CA TYR D 23 -45.91 34.11 5.24
C TYR D 23 -46.17 35.34 6.11
N SER D 24 -46.66 36.39 5.47
CA SER D 24 -46.96 37.64 6.13
C SER D 24 -48.37 37.58 6.72
N LEU D 25 -48.45 37.78 8.04
CA LEU D 25 -49.73 37.67 8.74
C LEU D 25 -49.94 38.78 9.76
N ARG D 26 -51.20 39.15 9.98
CA ARG D 26 -51.52 40.18 10.97
C ARG D 26 -52.56 39.65 11.96
N TRP D 27 -52.18 39.67 13.24
CA TRP D 27 -53.02 39.16 14.32
C TRP D 27 -54.12 40.13 14.72
N ILE D 28 -55.36 39.66 14.68
CA ILE D 28 -56.50 40.43 15.18
C ILE D 28 -56.60 40.17 16.67
N SER D 29 -56.44 38.90 17.05
CA SER D 29 -56.56 38.49 18.45
C SER D 29 -55.36 37.63 18.88
N ASP D 30 -55.50 37.01 20.04
CA ASP D 30 -54.50 36.10 20.58
C ASP D 30 -54.59 34.74 19.89
N HIS D 31 -55.65 34.53 19.11
CA HIS D 31 -55.96 33.20 18.58
C HIS D 31 -55.94 33.11 17.06
N GLU D 32 -56.44 34.14 16.39
CA GLU D 32 -56.58 34.14 14.93
C GLU D 32 -55.70 35.19 14.26
N TYR D 33 -55.29 34.90 13.02
CA TYR D 33 -54.54 35.86 12.21
C TYR D 33 -55.09 35.93 10.78
N LEU D 34 -54.45 36.71 9.91
CA LEU D 34 -54.92 36.90 8.53
C LEU D 34 -53.86 36.59 7.48
N TYR D 35 -54.30 36.01 6.35
CA TYR D 35 -53.39 35.71 5.23
C TYR D 35 -54.11 35.73 3.87
N LYS D 36 -53.35 36.03 2.81
CA LYS D 36 -53.91 36.08 1.46
C LYS D 36 -54.14 34.68 0.88
N ASN D 40 -57.05 36.27 -2.36
CA ASN D 40 -58.19 36.20 -1.44
C ASN D 40 -57.76 36.05 0.02
N ILE D 41 -58.36 36.86 0.89
CA ILE D 41 -58.03 36.92 2.32
C ILE D 41 -58.75 35.83 3.12
N LEU D 42 -58.07 35.29 4.14
CA LEU D 42 -58.64 34.27 5.03
C LEU D 42 -58.29 34.51 6.49
N VAL D 43 -59.21 34.15 7.39
CA VAL D 43 -58.93 34.19 8.84
C VAL D 43 -58.47 32.81 9.29
N PHE D 44 -57.15 32.62 9.35
CA PHE D 44 -56.58 31.38 9.85
C PHE D 44 -56.69 31.33 11.37
N ASN D 45 -56.63 30.12 11.92
CA ASN D 45 -56.68 29.92 13.35
C ASN D 45 -55.65 28.87 13.77
N ALA D 46 -54.78 29.23 14.69
CA ALA D 46 -53.76 28.32 15.20
C ALA D 46 -54.26 27.59 16.45
N GLU D 47 -55.36 28.10 17.01
CA GLU D 47 -55.97 27.56 18.22
C GLU D 47 -56.46 26.13 17.97
N TYR D 48 -57.57 26.02 17.23
CA TYR D 48 -58.14 24.72 16.88
C TYR D 48 -57.38 24.07 15.74
N GLY D 49 -56.83 24.90 14.85
CA GLY D 49 -56.04 24.42 13.71
C GLY D 49 -56.72 24.58 12.36
N ASN D 50 -57.93 25.13 12.36
CA ASN D 50 -58.71 25.34 11.13
C ASN D 50 -58.67 26.78 10.62
N SER D 51 -59.44 27.06 9.56
CA SER D 51 -59.50 28.39 8.97
C SER D 51 -60.79 28.62 8.20
N SER D 52 -61.32 29.83 8.29
CA SER D 52 -62.56 30.22 7.61
C SER D 52 -62.32 31.41 6.68
N VAL D 53 -62.66 31.25 5.40
CA VAL D 53 -62.48 32.29 4.38
C VAL D 53 -63.20 33.59 4.77
N PHE D 54 -62.48 34.70 4.73
CA PHE D 54 -63.01 36.00 5.15
C PHE D 54 -63.52 36.84 3.99
N LEU D 55 -62.62 37.59 3.34
CA LEU D 55 -63.00 38.47 2.25
C LEU D 55 -62.21 38.21 0.96
N GLU D 56 -62.91 38.20 -0.16
CA GLU D 56 -62.30 37.96 -1.46
C GLU D 56 -62.00 39.26 -2.21
N ASN D 57 -61.49 39.14 -3.42
CA ASN D 57 -61.30 40.28 -4.31
C ASN D 57 -62.64 40.72 -4.90
N SER D 58 -63.57 39.77 -4.95
CA SER D 58 -64.92 39.97 -5.51
C SER D 58 -65.76 40.94 -4.68
N THR D 59 -65.47 41.02 -3.39
CA THR D 59 -66.17 41.93 -2.46
C THR D 59 -65.90 43.39 -2.79
N PHE D 60 -64.73 43.66 -3.37
CA PHE D 60 -64.34 45.01 -3.80
C PHE D 60 -63.90 45.03 -5.26
N ASP D 61 -64.46 44.10 -6.04
CA ASP D 61 -64.20 44.02 -7.48
C ASP D 61 -64.87 45.18 -8.18
N GLU D 62 -66.20 45.23 -8.09
CA GLU D 62 -66.97 46.34 -8.63
C GLU D 62 -66.85 47.52 -7.67
N PHE D 63 -65.72 48.22 -7.78
CA PHE D 63 -65.35 49.33 -6.92
C PHE D 63 -64.82 50.48 -7.78
N GLY D 64 -64.22 50.12 -8.92
CA GLY D 64 -63.66 51.09 -9.87
C GLY D 64 -62.15 51.20 -9.74
N HIS D 65 -61.68 51.36 -8.51
CA HIS D 65 -60.26 51.56 -8.20
C HIS D 65 -59.58 50.26 -7.78
N SER D 66 -58.25 50.24 -7.88
CA SER D 66 -57.46 49.11 -7.38
C SER D 66 -56.92 49.42 -5.98
N ILE D 67 -57.13 48.46 -5.08
CA ILE D 67 -56.81 48.60 -3.67
C ILE D 67 -55.30 48.43 -3.47
N ASN D 68 -54.65 49.47 -2.95
CA ASN D 68 -53.21 49.44 -2.70
C ASN D 68 -52.86 48.75 -1.39
N ASP D 69 -53.75 48.90 -0.41
CA ASP D 69 -53.57 48.32 0.92
C ASP D 69 -54.91 48.36 1.63
N TYR D 70 -55.06 47.53 2.66
CA TYR D 70 -56.27 47.53 3.47
C TYR D 70 -55.88 47.55 4.95
N SER D 71 -56.74 48.14 5.78
CA SER D 71 -56.53 48.15 7.21
C SER D 71 -57.85 47.77 7.87
N ILE D 72 -57.76 47.06 9.00
CA ILE D 72 -58.94 46.63 9.73
C ILE D 72 -59.02 47.27 11.11
N SER D 73 -60.20 47.82 11.42
CA SER D 73 -60.47 48.38 12.73
C SER D 73 -60.47 47.23 13.75
N PRO D 74 -59.60 47.31 14.78
CA PRO D 74 -59.41 46.26 15.78
C PRO D 74 -60.66 45.50 16.25
N ASP D 75 -61.80 46.18 16.31
CA ASP D 75 -63.06 45.56 16.72
C ASP D 75 -63.58 44.51 15.72
N GLY D 76 -63.35 44.78 14.43
CA GLY D 76 -63.79 43.90 13.35
C GLY D 76 -65.13 44.29 12.75
N GLN D 77 -65.42 45.58 12.74
CA GLN D 77 -66.69 46.08 12.20
C GLN D 77 -66.49 46.94 10.96
N PHE D 78 -65.27 47.42 10.76
CA PHE D 78 -64.95 48.28 9.62
C PHE D 78 -63.61 47.97 8.97
N ILE D 79 -63.56 48.12 7.66
CA ILE D 79 -62.32 47.93 6.91
C ILE D 79 -61.95 49.20 6.15
N LEU D 80 -60.70 49.58 6.27
CA LEU D 80 -60.16 50.78 5.63
C LEU D 80 -59.46 50.40 4.32
N LEU D 81 -59.90 51.02 3.23
CA LEU D 81 -59.31 50.81 1.91
C LEU D 81 -58.37 51.96 1.56
N GLU D 82 -57.22 51.62 0.99
CA GLU D 82 -56.24 52.60 0.56
C GLU D 82 -56.00 52.47 -0.94
N TYR D 83 -56.21 53.57 -1.66
CA TYR D 83 -56.02 53.64 -3.10
C TYR D 83 -55.53 55.04 -3.46
N ASN D 84 -55.19 55.29 -4.73
CA ASN D 84 -54.59 56.56 -5.15
C ASN D 84 -53.28 56.88 -4.42
N TYR D 85 -52.47 55.85 -4.24
CA TYR D 85 -51.17 55.95 -3.59
C TYR D 85 -50.18 56.76 -4.43
N VAL D 86 -49.64 57.82 -3.83
CA VAL D 86 -48.56 58.58 -4.45
C VAL D 86 -47.43 58.70 -3.42
N LYS D 87 -46.31 58.05 -3.75
CA LYS D 87 -45.14 58.03 -2.88
C LYS D 87 -44.51 59.40 -2.75
N GLN D 88 -44.09 59.75 -1.53
CA GLN D 88 -43.25 60.91 -1.30
C GLN D 88 -41.83 60.41 -1.08
N TRP D 89 -41.39 60.31 0.17
CA TRP D 89 -40.01 59.86 0.44
C TRP D 89 -39.97 58.38 0.80
N ARG D 90 -39.04 57.97 1.66
CA ARG D 90 -38.87 56.55 1.98
C ARG D 90 -40.11 55.93 2.62
N HIS D 91 -40.75 56.67 3.52
CA HIS D 91 -41.95 56.16 4.19
C HIS D 91 -43.20 56.97 3.85
N SER D 92 -43.04 58.29 3.67
CA SER D 92 -44.17 59.18 3.44
C SER D 92 -44.88 58.95 2.11
N TYR D 93 -46.21 59.12 2.14
CA TYR D 93 -47.03 59.03 0.94
C TYR D 93 -48.36 59.77 1.09
N THR D 94 -49.15 59.74 0.02
CA THR D 94 -50.45 60.39 -0.05
C THR D 94 -51.42 59.40 -0.72
N ALA D 95 -52.64 59.34 -0.22
CA ALA D 95 -53.63 58.40 -0.76
C ALA D 95 -55.08 58.80 -0.51
N SER D 96 -56.00 58.17 -1.24
CA SER D 96 -57.42 58.30 -1.01
C SER D 96 -57.91 57.11 -0.18
N TYR D 97 -58.91 57.36 0.66
CA TYR D 97 -59.41 56.33 1.57
C TYR D 97 -60.94 56.18 1.57
N ASP D 98 -61.40 54.93 1.61
CA ASP D 98 -62.81 54.57 1.72
C ASP D 98 -63.01 53.57 2.86
N ILE D 99 -64.16 53.66 3.52
CA ILE D 99 -64.49 52.75 4.63
C ILE D 99 -65.69 51.86 4.29
N TYR D 100 -65.60 50.59 4.67
CA TYR D 100 -66.68 49.63 4.50
C TYR D 100 -67.14 49.10 5.84
N ASP D 101 -68.47 48.95 5.99
CA ASP D 101 -69.07 48.29 7.15
C ASP D 101 -68.80 46.79 7.00
N LEU D 102 -67.74 46.32 7.65
CA LEU D 102 -67.20 44.97 7.46
C LEU D 102 -68.25 43.86 7.55
N ASN D 103 -69.25 44.06 8.41
CA ASN D 103 -70.35 43.10 8.56
C ASN D 103 -71.25 43.08 7.33
N LYS D 104 -71.71 44.26 6.90
CA LYS D 104 -72.71 44.39 5.84
C LYS D 104 -72.12 44.44 4.42
N ARG D 105 -70.80 44.54 4.33
CA ARG D 105 -70.07 44.58 3.04
C ARG D 105 -70.41 45.80 2.16
N GLN D 106 -70.86 46.88 2.81
CA GLN D 106 -71.28 48.09 2.09
C GLN D 106 -70.42 49.33 2.43
N LEU D 107 -70.28 50.21 1.44
CA LEU D 107 -69.48 51.44 1.54
C LEU D 107 -70.12 52.50 2.42
N ILE D 108 -69.35 53.12 3.30
CA ILE D 108 -69.81 54.30 4.04
C ILE D 108 -69.75 55.47 3.06
N THR D 109 -70.92 55.92 2.62
CA THR D 109 -71.04 56.89 1.53
C THR D 109 -70.88 58.35 1.95
N GLU D 110 -71.16 58.65 3.21
CA GLU D 110 -71.08 60.04 3.67
C GLU D 110 -69.88 60.28 4.57
N GLU D 111 -69.56 61.56 4.76
CA GLU D 111 -68.42 62.02 5.56
C GLU D 111 -67.13 61.26 5.23
N ARG D 112 -66.81 61.19 3.94
CA ARG D 112 -65.65 60.45 3.47
C ARG D 112 -64.35 61.11 3.89
N ILE D 113 -63.32 60.29 4.13
CA ILE D 113 -61.96 60.77 4.38
C ILE D 113 -61.47 61.43 3.08
N PRO D 114 -60.87 62.63 3.20
CA PRO D 114 -60.51 63.39 1.99
C PRO D 114 -59.42 62.77 1.12
N ASN D 115 -59.37 63.21 -0.14
CA ASN D 115 -58.27 62.91 -1.04
C ASN D 115 -56.98 63.53 -0.51
N ASN D 116 -55.84 62.96 -0.86
CA ASN D 116 -54.52 63.47 -0.48
C ASN D 116 -54.21 63.39 1.03
N THR D 117 -54.76 62.36 1.67
CA THR D 117 -54.53 62.13 3.09
C THR D 117 -53.14 61.56 3.33
N GLN D 118 -52.44 62.16 4.28
CA GLN D 118 -51.05 61.83 4.55
C GLN D 118 -50.87 60.61 5.45
N TRP D 119 -51.81 60.41 6.38
CA TRP D 119 -51.75 59.28 7.30
C TRP D 119 -53.12 58.94 7.90
N VAL D 120 -53.36 57.65 8.10
CA VAL D 120 -54.58 57.14 8.74
C VAL D 120 -54.21 56.09 9.77
N THR D 121 -54.90 56.10 10.91
CA THR D 121 -54.68 55.09 11.95
C THR D 121 -55.89 54.85 12.86
N TRP D 122 -56.21 53.59 13.06
CA TRP D 122 -57.25 53.15 13.98
C TRP D 122 -56.75 53.26 15.41
N SER D 123 -57.67 53.49 16.34
CA SER D 123 -57.36 53.39 17.76
C SER D 123 -57.07 51.91 18.07
N PRO D 124 -56.15 51.63 19.01
CA PRO D 124 -55.80 50.23 19.31
C PRO D 124 -57.01 49.33 19.61
N VAL D 125 -58.11 49.92 20.09
CA VAL D 125 -59.38 49.20 20.28
C VAL D 125 -60.57 49.98 19.72
N GLY D 126 -61.58 49.25 19.25
CA GLY D 126 -62.77 49.86 18.66
C GLY D 126 -62.56 50.23 17.21
N HIS D 127 -63.19 51.33 16.81
CA HIS D 127 -63.11 51.81 15.43
C HIS D 127 -62.96 53.34 15.32
N LYS D 128 -62.28 53.94 16.30
CA LYS D 128 -61.92 55.35 16.21
C LYS D 128 -60.88 55.52 15.10
N LEU D 129 -60.88 56.70 14.47
CA LEU D 129 -60.00 56.94 13.35
C LEU D 129 -59.35 58.32 13.41
N ALA D 130 -58.01 58.33 13.46
CA ALA D 130 -57.24 59.56 13.36
C ALA D 130 -56.56 59.61 12.00
N TYR D 131 -56.69 60.75 11.32
CA TYR D 131 -55.98 60.95 10.06
C TYR D 131 -55.37 62.36 9.94
N VAL D 132 -54.36 62.48 9.08
CA VAL D 132 -53.71 63.76 8.82
C VAL D 132 -53.96 64.19 7.38
N TRP D 133 -54.43 65.43 7.22
CA TRP D 133 -54.70 66.00 5.91
C TRP D 133 -54.34 67.48 5.89
N ASN D 134 -53.57 67.87 4.87
CA ASN D 134 -52.95 69.20 4.77
C ASN D 134 -52.14 69.60 6.01
N ASN D 135 -51.41 68.64 6.55
CA ASN D 135 -50.54 68.86 7.71
C ASN D 135 -51.27 69.02 9.06
N ASP D 136 -52.58 68.72 9.06
CA ASP D 136 -53.40 68.84 10.26
C ASP D 136 -54.09 67.55 10.68
N ILE D 137 -54.21 67.33 11.99
CA ILE D 137 -54.89 66.15 12.56
C ILE D 137 -56.42 66.26 12.60
N TYR D 138 -57.08 65.13 12.38
CA TYR D 138 -58.53 65.01 12.34
C TYR D 138 -58.92 63.69 13.00
N VAL D 139 -60.02 63.69 13.77
CA VAL D 139 -60.49 62.48 14.45
C VAL D 139 -61.96 62.13 14.12
N LYS D 140 -62.20 60.89 13.68
CA LYS D 140 -63.54 60.36 13.46
C LYS D 140 -63.87 59.26 14.48
N ILE D 141 -64.85 59.54 15.34
CA ILE D 141 -65.29 58.56 16.34
C ILE D 141 -66.07 57.43 15.66
N GLU D 142 -66.88 57.81 14.68
CA GLU D 142 -67.64 56.85 13.86
C GLU D 142 -67.37 57.13 12.38
N PRO D 143 -67.22 56.06 11.56
CA PRO D 143 -66.88 56.14 10.13
C PRO D 143 -67.77 57.05 9.29
N ASN D 144 -69.00 57.28 9.75
CA ASN D 144 -69.97 58.08 8.99
C ASN D 144 -70.32 59.44 9.62
N LEU D 145 -69.68 59.76 10.73
CA LEU D 145 -69.91 61.04 11.40
C LEU D 145 -68.86 62.07 10.99
N PRO D 146 -69.18 63.37 11.11
CA PRO D 146 -68.17 64.39 10.80
C PRO D 146 -67.02 64.31 11.81
N SER D 147 -65.80 64.46 11.32
CA SER D 147 -64.61 64.43 12.16
C SER D 147 -64.41 65.77 12.88
N TYR D 148 -63.70 65.73 14.00
CA TYR D 148 -63.35 66.95 14.72
C TYR D 148 -61.91 67.33 14.37
N ARG D 149 -61.69 68.62 14.11
CA ARG D 149 -60.37 69.09 13.73
C ARG D 149 -59.54 69.48 14.96
N ILE D 150 -58.43 68.78 15.17
CA ILE D 150 -57.58 69.00 16.34
C ILE D 150 -56.68 70.21 16.14
N THR D 151 -55.86 70.18 15.09
CA THR D 151 -54.91 71.25 14.84
C THR D 151 -55.36 72.20 13.72
N TRP D 152 -54.89 73.45 13.80
CA TRP D 152 -55.30 74.48 12.86
C TRP D 152 -54.09 75.21 12.27
N THR D 153 -52.90 74.72 12.60
CA THR D 153 -51.65 75.39 12.24
C THR D 153 -50.87 74.76 11.08
N GLY D 154 -51.34 73.61 10.59
CA GLY D 154 -50.71 72.90 9.47
C GLY D 154 -50.43 73.79 8.27
N LYS D 155 -49.17 73.81 7.85
CA LYS D 155 -48.71 74.65 6.75
C LYS D 155 -47.60 73.93 5.98
N GLU D 156 -47.77 73.79 4.67
CA GLU D 156 -46.84 73.05 3.82
C GLU D 156 -45.36 73.48 3.97
N ASP D 157 -44.51 72.50 4.26
CA ASP D 157 -43.06 72.73 4.40
C ASP D 157 -42.70 73.62 5.60
N ILE D 158 -43.66 73.88 6.48
CA ILE D 158 -43.40 74.74 7.63
C ILE D 158 -43.86 74.11 8.95
N ILE D 159 -45.13 73.70 9.02
CA ILE D 159 -45.69 73.08 10.22
C ILE D 159 -46.20 71.68 9.95
N TYR D 160 -45.78 70.74 10.80
CA TYR D 160 -46.15 69.34 10.67
C TYR D 160 -46.88 68.87 11.92
N ASN D 161 -48.19 68.71 11.81
CA ASN D 161 -48.98 68.15 12.90
C ASN D 161 -49.29 66.68 12.65
N GLY D 162 -48.76 65.82 13.52
CA GLY D 162 -49.01 64.38 13.43
C GLY D 162 -48.24 63.62 12.36
N ILE D 163 -47.43 64.34 11.59
CA ILE D 163 -46.50 63.72 10.63
C ILE D 163 -45.10 64.30 10.80
N THR D 164 -44.12 63.59 10.30
CA THR D 164 -42.73 64.00 10.45
C THR D 164 -42.27 64.79 9.24
N ASP D 165 -41.33 65.71 9.45
CA ASP D 165 -40.64 66.38 8.36
C ASP D 165 -39.57 65.43 7.80
N TRP D 166 -38.80 65.90 6.80
CA TRP D 166 -37.87 65.01 6.10
C TRP D 166 -36.91 64.27 7.04
N VAL D 167 -36.13 65.02 7.82
CA VAL D 167 -35.09 64.40 8.64
C VAL D 167 -35.63 63.48 9.76
N TYR D 168 -36.81 63.78 10.29
CA TYR D 168 -37.45 62.91 11.28
C TYR D 168 -37.97 61.62 10.67
N GLU D 169 -38.44 61.70 9.41
CA GLU D 169 -38.89 60.54 8.67
C GLU D 169 -37.75 59.57 8.39
N GLU D 170 -36.66 60.09 7.83
CA GLU D 170 -35.52 59.28 7.43
C GLU D 170 -34.65 58.84 8.60
N GLU D 171 -34.36 59.78 9.51
CA GLU D 171 -33.31 59.54 10.50
C GLU D 171 -33.74 59.34 11.95
N VAL D 172 -34.97 59.69 12.29
CA VAL D 172 -35.41 59.55 13.67
C VAL D 172 -36.45 58.45 13.84
N PHE D 173 -37.62 58.63 13.23
CA PHE D 173 -38.71 57.68 13.44
C PHE D 173 -38.83 56.51 12.45
N SER D 174 -38.21 56.63 11.28
CA SER D 174 -38.36 55.62 10.22
C SER D 174 -39.83 55.48 9.80
N ALA D 175 -40.56 56.59 9.89
CA ALA D 175 -41.97 56.63 9.57
C ALA D 175 -42.42 58.07 9.37
N TYR D 176 -43.53 58.24 8.65
CA TYR D 176 -44.17 59.53 8.39
C TYR D 176 -45.03 59.88 9.59
N SER D 177 -45.81 58.89 10.01
CA SER D 177 -46.66 58.93 11.19
C SER D 177 -45.92 59.53 12.38
N ALA D 178 -46.60 60.44 13.07
CA ALA D 178 -46.10 61.03 14.32
C ALA D 178 -47.31 61.16 15.25
N LEU D 179 -48.09 60.08 15.30
CA LEU D 179 -49.29 59.97 16.14
C LEU D 179 -49.21 58.72 16.99
N TRP D 180 -49.75 58.80 18.20
CA TRP D 180 -49.77 57.66 19.12
C TRP D 180 -51.04 57.64 19.97
N TRP D 181 -51.89 56.64 19.75
CA TRP D 181 -53.08 56.41 20.56
C TRP D 181 -52.67 55.75 21.87
N SER D 182 -53.43 56.03 22.94
CA SER D 182 -53.30 55.31 24.21
C SER D 182 -53.83 53.88 24.05
N PRO D 183 -53.34 52.94 24.89
CA PRO D 183 -53.74 51.53 24.74
C PRO D 183 -55.24 51.27 24.50
N ASN D 184 -56.13 52.06 25.10
CA ASN D 184 -57.58 51.86 24.89
C ASN D 184 -58.30 52.97 24.12
N GLY D 185 -57.57 53.68 23.26
CA GLY D 185 -58.13 54.70 22.37
C GLY D 185 -58.73 55.94 22.99
N THR D 186 -58.45 56.16 24.27
CA THR D 186 -58.97 57.33 24.99
C THR D 186 -58.21 58.60 24.62
N PHE D 187 -56.89 58.49 24.55
CA PHE D 187 -56.03 59.63 24.24
C PHE D 187 -55.35 59.48 22.88
N LEU D 188 -54.96 60.62 22.31
CA LEU D 188 -54.15 60.66 21.10
C LEU D 188 -52.99 61.63 21.23
N ALA D 189 -51.78 61.07 21.38
CA ALA D 189 -50.56 61.86 21.49
C ALA D 189 -49.97 62.11 20.11
N TYR D 190 -49.29 63.25 19.97
CA TYR D 190 -48.67 63.62 18.69
C TYR D 190 -47.59 64.68 18.81
N ALA D 191 -46.72 64.71 17.80
CA ALA D 191 -45.66 65.69 17.72
C ALA D 191 -45.98 66.77 16.69
N GLN D 192 -45.42 67.95 16.89
CA GLN D 192 -45.52 69.02 15.92
C GLN D 192 -44.11 69.50 15.60
N PHE D 193 -43.80 69.56 14.31
CA PHE D 193 -42.47 69.98 13.84
C PHE D 193 -42.55 71.33 13.17
N ASN D 194 -41.59 72.20 13.48
CA ASN D 194 -41.53 73.55 12.92
C ASN D 194 -40.25 73.74 12.09
N ASP D 195 -40.43 73.90 10.79
CA ASP D 195 -39.30 74.00 9.86
C ASP D 195 -39.18 75.39 9.22
N THR D 196 -39.59 76.43 9.95
CA THR D 196 -39.59 77.81 9.42
C THR D 196 -38.21 78.28 8.95
N GLU D 197 -37.18 78.08 9.77
CA GLU D 197 -35.84 78.57 9.45
C GLU D 197 -34.92 77.49 8.86
N VAL D 198 -35.48 76.30 8.62
CA VAL D 198 -34.75 75.20 8.02
C VAL D 198 -34.57 75.46 6.51
N PRO D 199 -33.32 75.48 6.04
CA PRO D 199 -33.05 75.77 4.63
C PRO D 199 -33.58 74.69 3.69
N LEU D 200 -33.93 75.11 2.48
CA LEU D 200 -34.48 74.21 1.47
C LEU D 200 -33.41 73.65 0.55
N ILE D 201 -33.40 72.33 0.37
CA ILE D 201 -32.64 71.76 -0.76
C ILE D 201 -33.48 71.91 -2.02
N GLU D 202 -32.84 72.26 -3.12
CA GLU D 202 -33.55 72.43 -4.39
C GLU D 202 -32.90 71.65 -5.51
N TYR D 203 -33.74 70.99 -6.31
CA TYR D 203 -33.27 70.27 -7.50
C TYR D 203 -34.35 70.25 -8.58
N SER D 204 -33.91 70.08 -9.83
CA SER D 204 -34.82 70.00 -10.98
C SER D 204 -35.49 68.64 -11.02
N PHE D 205 -36.78 68.64 -11.33
CA PHE D 205 -37.48 67.40 -11.62
C PHE D 205 -37.95 67.54 -13.06
N TYR D 206 -37.49 66.65 -13.92
CA TYR D 206 -37.74 66.82 -15.35
C TYR D 206 -39.12 66.32 -15.77
N SER D 207 -39.62 65.29 -15.10
CA SER D 207 -40.99 64.79 -15.31
C SER D 207 -41.18 64.12 -16.68
N ASP D 208 -42.43 63.85 -17.05
CA ASP D 208 -42.75 63.31 -18.36
C ASP D 208 -42.16 64.22 -19.43
N GLU D 209 -41.88 63.67 -20.62
CA GLU D 209 -41.31 64.49 -21.68
C GLU D 209 -42.28 65.60 -22.20
N SER D 210 -43.53 65.55 -21.79
CA SER D 210 -44.51 66.56 -22.20
C SER D 210 -44.33 67.87 -21.45
N LEU D 211 -43.67 67.82 -20.28
CA LEU D 211 -43.38 69.00 -19.46
C LEU D 211 -42.29 69.88 -20.10
N GLN D 212 -42.71 71.03 -20.64
CA GLN D 212 -41.82 71.93 -21.36
C GLN D 212 -40.77 72.59 -20.49
N TYR D 213 -41.15 72.92 -19.26
CA TYR D 213 -40.25 73.55 -18.31
C TYR D 213 -40.05 72.65 -17.09
N PRO D 214 -38.79 72.29 -16.78
CA PRO D 214 -38.48 71.48 -15.60
C PRO D 214 -39.01 72.11 -14.31
N LYS D 215 -39.44 71.26 -13.37
CA LYS D 215 -39.86 71.70 -12.06
C LYS D 215 -38.70 71.83 -11.11
N THR D 216 -38.77 72.82 -10.23
CA THR D 216 -37.83 72.89 -9.13
C THR D 216 -38.53 72.32 -7.91
N VAL D 217 -38.01 71.21 -7.40
CA VAL D 217 -38.49 70.60 -6.17
C VAL D 217 -37.80 71.28 -4.98
N ARG D 218 -38.58 71.62 -3.95
CA ARG D 218 -38.11 72.30 -2.73
C ARG D 218 -38.42 71.52 -1.46
N VAL D 219 -37.40 71.17 -0.68
CA VAL D 219 -37.63 70.49 0.62
C VAL D 219 -36.82 71.14 1.73
N PRO D 220 -37.47 71.42 2.87
CA PRO D 220 -36.75 71.84 4.07
C PRO D 220 -35.87 70.68 4.49
N TYR D 221 -34.56 70.88 4.54
CA TYR D 221 -33.63 69.77 4.76
C TYR D 221 -32.36 70.32 5.41
N PRO D 222 -32.14 69.97 6.68
CA PRO D 222 -30.98 70.50 7.38
C PRO D 222 -29.70 69.73 7.10
N LYS D 223 -28.77 70.35 6.39
CA LYS D 223 -27.46 69.74 6.19
C LYS D 223 -26.64 69.96 7.46
N ALA D 224 -25.53 69.24 7.61
CA ALA D 224 -24.73 69.28 8.84
C ALA D 224 -24.44 70.70 9.33
N GLY D 225 -24.90 71.01 10.53
CA GLY D 225 -24.67 72.32 11.14
C GLY D 225 -25.73 73.37 10.86
N ALA D 226 -26.64 73.11 9.93
CA ALA D 226 -27.71 74.05 9.61
C ALA D 226 -28.76 74.14 10.74
N VAL D 227 -29.72 75.06 10.59
CA VAL D 227 -30.83 75.14 11.52
C VAL D 227 -31.73 73.89 11.44
N ASN D 228 -31.77 73.14 12.53
CA ASN D 228 -32.66 71.99 12.70
C ASN D 228 -34.10 72.40 12.95
N PRO D 229 -35.06 71.54 12.56
CA PRO D 229 -36.45 71.76 12.98
C PRO D 229 -36.61 71.72 14.50
N THR D 230 -37.66 72.36 15.00
CA THR D 230 -37.98 72.30 16.43
C THR D 230 -39.18 71.37 16.62
N VAL D 231 -39.50 71.03 17.86
CA VAL D 231 -40.58 70.09 18.13
C VAL D 231 -41.33 70.34 19.45
N LYS D 232 -42.63 70.05 19.43
CA LYS D 232 -43.50 70.13 20.59
C LYS D 232 -44.30 68.85 20.68
N PHE D 233 -44.52 68.35 21.90
CA PHE D 233 -45.36 67.18 22.11
C PHE D 233 -46.71 67.58 22.69
N PHE D 234 -47.76 66.89 22.23
CA PHE D 234 -49.13 67.16 22.66
C PHE D 234 -49.93 65.89 22.89
N VAL D 235 -50.91 65.99 23.80
CA VAL D 235 -51.85 64.92 24.08
C VAL D 235 -53.27 65.50 24.08
N VAL D 236 -54.23 64.70 23.61
CA VAL D 236 -55.62 65.12 23.61
C VAL D 236 -56.56 63.94 23.93
N ASN D 237 -57.53 64.20 24.82
CA ASN D 237 -58.53 63.21 25.18
C ASN D 237 -59.61 63.14 24.12
N THR D 238 -59.66 62.02 23.40
CA THR D 238 -60.52 61.86 22.22
C THR D 238 -62.01 61.67 22.51
N ASP D 239 -62.35 61.39 23.77
CA ASP D 239 -63.73 61.15 24.20
C ASP D 239 -64.49 62.43 24.57
N SER D 240 -63.76 63.46 25.04
CA SER D 240 -64.38 64.73 25.44
C SER D 240 -64.34 65.77 24.32
N LEU D 241 -64.47 65.29 23.08
CA LEU D 241 -64.41 66.15 21.90
C LEU D 241 -65.77 66.74 21.53
N SER D 242 -65.89 68.06 21.68
CA SER D 242 -67.13 68.77 21.40
C SER D 242 -67.16 69.34 19.99
N SER D 243 -68.36 69.40 19.41
CA SER D 243 -68.57 69.93 18.07
C SER D 243 -68.61 71.45 18.06
N VAL D 244 -69.21 72.03 19.11
CA VAL D 244 -69.44 73.47 19.19
C VAL D 244 -68.16 74.28 19.50
N THR D 245 -67.14 73.61 20.01
CA THR D 245 -65.90 74.27 20.44
C THR D 245 -64.64 73.54 19.94
N ASN D 246 -63.64 74.31 19.48
CA ASN D 246 -62.35 73.76 19.05
C ASN D 246 -61.70 72.94 20.16
N ALA D 247 -61.15 71.78 19.80
CA ALA D 247 -60.51 70.86 20.75
C ALA D 247 -59.25 71.46 21.36
N THR D 248 -59.06 71.26 22.67
CA THR D 248 -57.88 71.76 23.36
C THR D 248 -56.87 70.65 23.51
N SER D 249 -55.59 70.97 23.32
CA SER D 249 -54.52 69.97 23.39
C SER D 249 -53.53 70.31 24.50
N ILE D 250 -53.22 69.32 25.33
CA ILE D 250 -52.30 69.50 26.45
C ILE D 250 -50.86 69.22 26.04
N GLN D 251 -50.02 70.24 26.18
CA GLN D 251 -48.59 70.14 25.89
C GLN D 251 -47.81 69.46 27.00
N ILE D 252 -46.92 68.56 26.60
CA ILE D 252 -45.88 68.04 27.48
C ILE D 252 -44.59 68.67 26.99
N THR D 253 -43.99 69.52 27.81
CA THR D 253 -42.75 70.22 27.43
C THR D 253 -41.55 69.33 27.66
N ALA D 254 -40.51 69.52 26.85
CA ALA D 254 -39.25 68.79 27.00
C ALA D 254 -38.57 69.17 28.31
N PRO D 255 -37.85 68.22 28.95
CA PRO D 255 -37.05 68.49 30.16
C PRO D 255 -36.12 69.71 30.06
N ALA D 256 -35.67 70.19 31.21
CA ALA D 256 -34.85 71.39 31.32
C ALA D 256 -33.48 71.25 30.67
N SER D 257 -32.82 70.11 30.90
CA SER D 257 -31.53 69.84 30.29
C SER D 257 -31.67 69.51 28.79
N MET D 258 -32.90 69.59 28.30
CA MET D 258 -33.18 69.43 26.88
C MET D 258 -33.46 70.79 26.24
N LEU D 259 -34.21 71.63 26.94
CA LEU D 259 -34.53 72.96 26.47
C LEU D 259 -33.31 73.89 26.44
N ILE D 260 -32.24 73.50 27.13
CA ILE D 260 -30.96 74.23 27.13
C ILE D 260 -30.47 74.56 25.72
N GLY D 261 -30.47 73.57 24.81
CA GLY D 261 -30.04 73.78 23.43
C GLY D 261 -30.92 73.04 22.43
N ASP D 262 -30.44 72.91 21.19
CA ASP D 262 -31.14 72.15 20.16
C ASP D 262 -31.23 70.69 20.60
N HIS D 263 -32.37 70.06 20.31
CA HIS D 263 -32.67 68.70 20.81
C HIS D 263 -33.69 68.01 19.90
N TYR D 264 -33.91 66.71 20.11
CA TYR D 264 -34.91 65.95 19.35
C TYR D 264 -35.89 65.15 20.21
N LEU D 265 -37.02 64.78 19.63
CA LEU D 265 -37.92 63.79 20.22
C LEU D 265 -37.65 62.44 19.53
N CYS D 266 -37.05 61.50 20.25
CA CYS D 266 -36.60 60.23 19.64
C CYS D 266 -37.36 58.97 20.05
N ASP D 267 -38.25 59.07 21.04
CA ASP D 267 -39.10 57.94 21.42
C ASP D 267 -40.39 58.35 22.13
N VAL D 268 -41.46 57.69 21.74
CA VAL D 268 -42.77 57.84 22.36
C VAL D 268 -43.33 56.44 22.65
N THR D 269 -43.59 56.16 23.93
CA THR D 269 -44.14 54.87 24.36
C THR D 269 -45.17 55.03 25.48
N TRP D 270 -46.38 54.52 25.25
CA TRP D 270 -47.43 54.50 26.27
C TRP D 270 -47.14 53.39 27.28
N ALA D 271 -47.27 53.70 28.57
CA ALA D 271 -47.13 52.70 29.62
C ALA D 271 -48.49 52.08 29.92
N THR D 272 -49.40 52.88 30.48
CA THR D 272 -50.76 52.42 30.77
C THR D 272 -51.77 53.33 30.06
N GLN D 273 -52.99 53.37 30.58
CA GLN D 273 -54.04 54.20 30.01
C GLN D 273 -53.84 55.67 30.33
N GLU D 274 -53.19 55.96 31.46
CA GLU D 274 -52.93 57.34 31.87
C GLU D 274 -51.46 57.63 32.18
N ARG D 275 -50.58 56.79 31.65
CA ARG D 275 -49.14 56.97 31.79
C ARG D 275 -48.50 56.93 30.40
N ILE D 276 -47.53 57.82 30.17
CA ILE D 276 -46.80 57.86 28.90
C ILE D 276 -45.31 58.21 29.09
N SER D 277 -44.45 57.58 28.29
CA SER D 277 -43.00 57.80 28.38
C SER D 277 -42.43 58.37 27.09
N LEU D 278 -41.66 59.44 27.23
CA LEU D 278 -41.03 60.13 26.10
C LEU D 278 -39.52 60.17 26.30
N GLN D 279 -38.78 59.96 25.23
CA GLN D 279 -37.32 60.11 25.28
C GLN D 279 -36.85 61.26 24.42
N TRP D 280 -36.03 62.10 25.03
CA TRP D 280 -35.49 63.29 24.38
C TRP D 280 -33.99 63.13 24.21
N LEU D 281 -33.47 63.67 23.13
CA LEU D 281 -32.06 63.51 22.79
C LEU D 281 -31.48 64.88 22.46
N ARG D 282 -30.33 65.22 23.02
CA ARG D 282 -29.63 66.47 22.66
C ARG D 282 -29.17 66.41 21.22
N ARG D 283 -28.90 67.58 20.62
CA ARG D 283 -28.39 67.63 19.23
C ARG D 283 -27.04 66.93 19.14
N ILE D 284 -26.16 67.17 20.12
CA ILE D 284 -25.01 66.29 20.31
C ILE D 284 -25.61 65.03 20.94
N GLN D 285 -25.53 63.93 20.21
CA GLN D 285 -26.31 62.74 20.53
C GLN D 285 -25.61 61.75 21.47
N ASN D 286 -25.00 62.30 22.53
CA ASN D 286 -24.33 61.48 23.53
C ASN D 286 -25.02 61.57 24.90
N TYR D 287 -26.14 62.30 24.95
CA TYR D 287 -26.92 62.46 26.16
C TYR D 287 -28.41 62.42 25.83
N SER D 288 -29.16 61.61 26.59
CA SER D 288 -30.61 61.51 26.40
C SER D 288 -31.34 61.45 27.74
N VAL D 289 -32.59 61.91 27.75
CA VAL D 289 -33.42 61.88 28.95
C VAL D 289 -34.81 61.33 28.66
N MET D 290 -35.37 60.58 29.62
CA MET D 290 -36.72 60.04 29.52
C MET D 290 -37.65 60.64 30.59
N ASP D 291 -38.86 61.01 30.17
CA ASP D 291 -39.91 61.48 31.08
C ASP D 291 -41.02 60.45 31.22
N ILE D 292 -41.46 60.24 32.46
CA ILE D 292 -42.65 59.43 32.75
C ILE D 292 -43.77 60.40 33.11
N CYS D 293 -44.87 60.36 32.35
CA CYS D 293 -45.92 61.37 32.49
C CYS D 293 -47.31 60.79 32.77
N ASP D 294 -47.90 61.22 33.88
CA ASP D 294 -49.22 60.77 34.29
C ASP D 294 -50.31 61.82 34.04
N TYR D 295 -51.47 61.35 33.60
CA TYR D 295 -52.64 62.19 33.43
C TYR D 295 -53.21 62.54 34.80
N ASP D 296 -53.40 63.83 35.04
CA ASP D 296 -54.02 64.32 36.28
C ASP D 296 -55.52 64.48 36.04
N GLU D 297 -56.30 63.60 36.65
CA GLU D 297 -57.75 63.52 36.42
C GLU D 297 -58.50 64.76 36.90
N SER D 298 -58.12 65.27 38.07
CA SER D 298 -58.73 66.46 38.65
C SER D 298 -58.31 67.74 37.93
N SER D 299 -57.04 67.79 37.52
CA SER D 299 -56.47 68.95 36.83
C SER D 299 -56.85 68.99 35.34
N GLY D 300 -56.56 67.90 34.63
CA GLY D 300 -56.79 67.84 33.18
C GLY D 300 -55.48 67.91 32.41
N ARG D 301 -54.38 68.02 33.13
CA ARG D 301 -53.04 68.13 32.56
C ARG D 301 -52.23 66.84 32.66
N TRP D 302 -51.01 66.88 32.09
CA TRP D 302 -50.05 65.80 32.18
C TRP D 302 -48.83 66.23 33.02
N ASN D 303 -48.45 65.38 33.98
CA ASN D 303 -47.37 65.68 34.90
C ASN D 303 -46.24 64.65 34.85
N CYS D 304 -45.01 65.14 34.69
CA CYS D 304 -43.83 64.28 34.65
C CYS D 304 -42.85 64.70 35.75
N LEU D 305 -42.70 63.84 36.77
CA LEU D 305 -41.80 64.14 37.90
C LEU D 305 -40.32 64.15 37.53
N VAL D 306 -39.61 65.16 38.05
CA VAL D 306 -38.18 65.35 37.81
C VAL D 306 -37.34 64.19 38.35
N ALA D 307 -37.82 63.58 39.44
CA ALA D 307 -37.15 62.43 40.05
C ALA D 307 -37.34 61.16 39.22
N ARG D 308 -38.49 61.06 38.55
CA ARG D 308 -38.79 59.92 37.66
C ARG D 308 -38.08 60.02 36.31
N GLN D 309 -36.97 60.76 36.27
CA GLN D 309 -36.20 60.94 35.04
C GLN D 309 -34.95 60.08 35.02
N HIS D 310 -34.87 59.19 34.03
CA HIS D 310 -33.69 58.36 33.83
C HIS D 310 -32.80 58.98 32.75
N ILE D 311 -31.49 58.75 32.87
CA ILE D 311 -30.53 59.30 31.92
C ILE D 311 -29.70 58.21 31.26
N GLU D 312 -29.72 58.18 29.92
CA GLU D 312 -28.84 57.31 29.16
C GLU D 312 -27.80 58.17 28.43
N MET D 313 -26.53 57.89 28.69
CA MET D 313 -25.44 58.64 28.08
C MET D 313 -24.33 57.72 27.58
N SER D 314 -23.35 58.31 26.89
CA SER D 314 -22.20 57.58 26.37
C SER D 314 -20.99 58.50 26.39
N THR D 315 -19.88 58.00 26.93
CA THR D 315 -18.66 58.79 26.98
C THR D 315 -17.74 58.44 25.79
N THR D 316 -17.89 57.22 25.29
CA THR D 316 -17.11 56.74 24.14
C THR D 316 -17.66 57.21 22.79
N GLY D 317 -18.97 57.41 22.71
CA GLY D 317 -19.62 57.87 21.47
C GLY D 317 -21.04 58.37 21.63
N TRP D 318 -21.89 58.01 20.67
CA TRP D 318 -23.29 58.41 20.66
C TRP D 318 -24.15 57.44 21.47
N VAL D 319 -25.46 57.70 21.56
CA VAL D 319 -26.37 56.85 22.36
C VAL D 319 -27.31 55.95 21.52
N GLY D 320 -27.17 54.64 21.73
CA GLY D 320 -27.96 53.65 21.00
C GLY D 320 -27.30 53.28 19.69
N ARG D 321 -27.95 52.41 18.92
CA ARG D 321 -27.44 52.02 17.60
C ARG D 321 -27.64 53.13 16.58
N PHE D 322 -28.85 53.67 16.52
CA PHE D 322 -29.16 54.82 15.68
C PHE D 322 -29.98 55.83 16.49
N ARG D 323 -30.54 55.34 17.59
CA ARG D 323 -31.30 56.14 18.55
C ARG D 323 -31.46 55.31 19.86
N PRO D 324 -31.75 55.98 20.99
CA PRO D 324 -32.01 55.26 22.24
C PRO D 324 -33.07 54.19 22.07
N SER D 325 -32.98 53.14 22.88
CA SER D 325 -33.87 52.00 22.74
C SER D 325 -35.25 52.26 23.35
N GLU D 326 -36.26 51.59 22.81
CA GLU D 326 -37.61 51.73 23.34
C GLU D 326 -37.82 50.86 24.60
N PRO D 327 -38.55 51.38 25.59
CA PRO D 327 -38.85 50.61 26.79
C PRO D 327 -40.14 49.79 26.66
N HIS D 328 -40.20 48.67 27.35
CA HIS D 328 -41.38 47.82 27.36
C HIS D 328 -41.87 47.69 28.80
N PHE D 329 -43.02 48.29 29.08
CA PHE D 329 -43.52 48.42 30.45
C PHE D 329 -44.34 47.23 30.93
N THR D 330 -44.09 46.82 32.17
CA THR D 330 -44.92 45.81 32.84
C THR D 330 -46.31 46.40 33.05
N LEU D 331 -47.32 45.54 33.01
CA LEU D 331 -48.74 45.95 33.07
C LEU D 331 -49.05 47.11 34.02
N ASP D 332 -48.41 47.11 35.20
CA ASP D 332 -48.64 48.14 36.22
C ASP D 332 -48.06 49.52 35.89
N GLY D 333 -47.09 49.54 34.98
CA GLY D 333 -46.46 50.79 34.55
C GLY D 333 -45.40 51.32 35.48
N ASN D 334 -45.07 50.56 36.52
CA ASN D 334 -44.09 50.97 37.53
C ASN D 334 -42.69 50.46 37.25
N SER D 335 -42.56 49.63 36.21
CA SER D 335 -41.28 49.09 35.77
C SER D 335 -41.26 48.82 34.26
N PHE D 336 -40.07 48.89 33.68
CA PHE D 336 -39.88 48.63 32.24
C PHE D 336 -38.52 48.03 31.96
N TYR D 337 -38.43 47.33 30.83
CA TYR D 337 -37.17 46.76 30.36
C TYR D 337 -36.71 47.57 29.16
N LYS D 338 -35.41 47.87 29.10
CA LYS D 338 -34.84 48.70 28.05
C LYS D 338 -33.37 48.38 27.78
N ILE D 339 -33.03 48.12 26.51
CA ILE D 339 -31.67 47.75 26.09
C ILE D 339 -30.72 48.95 26.15
N ILE D 340 -29.66 48.82 26.93
CA ILE D 340 -28.60 49.84 26.97
C ILE D 340 -27.23 49.15 27.00
N SER D 341 -26.16 49.90 26.68
CA SER D 341 -24.81 49.33 26.73
C SER D 341 -24.31 49.25 28.17
N ASN D 342 -23.63 48.15 28.50
CA ASN D 342 -23.14 47.93 29.87
C ASN D 342 -21.77 48.52 30.16
N GLU D 343 -21.17 48.10 31.27
CA GLU D 343 -19.86 48.59 31.70
C GLU D 343 -18.75 48.23 30.71
N GLU D 344 -18.86 47.06 30.08
CA GLU D 344 -17.88 46.60 29.08
C GLU D 344 -18.29 46.91 27.65
N GLY D 345 -19.34 47.73 27.49
CA GLY D 345 -19.76 48.21 26.19
C GLY D 345 -20.82 47.40 25.45
N TYR D 346 -21.04 46.17 25.89
CA TYR D 346 -22.00 45.29 25.22
C TYR D 346 -23.43 45.67 25.62
N ARG D 347 -24.34 45.61 24.64
CA ARG D 347 -25.70 46.09 24.83
C ARG D 347 -26.65 45.00 25.30
N HIS D 348 -27.23 45.22 26.48
CA HIS D 348 -28.10 44.23 27.13
C HIS D 348 -29.37 44.84 27.73
N ILE D 349 -30.28 43.97 28.17
CA ILE D 349 -31.56 44.38 28.75
C ILE D 349 -31.39 44.82 30.19
N CYS D 350 -31.98 45.97 30.53
CA CYS D 350 -31.96 46.43 31.92
C CYS D 350 -33.38 46.52 32.49
N TYR D 351 -33.56 45.95 33.67
CA TYR D 351 -34.83 46.03 34.39
C TYR D 351 -34.84 47.30 35.23
N PHE D 352 -35.43 48.36 34.67
CA PHE D 352 -35.50 49.64 35.34
C PHE D 352 -36.63 49.71 36.37
N GLN D 353 -36.24 49.90 37.62
CA GLN D 353 -37.17 50.08 38.70
C GLN D 353 -37.39 51.57 38.84
N ILE D 354 -38.59 52.03 38.48
CA ILE D 354 -38.92 53.46 38.41
C ILE D 354 -38.50 54.30 39.63
N ASP D 355 -38.69 53.76 40.83
CA ASP D 355 -38.35 54.47 42.06
C ASP D 355 -37.26 53.74 42.85
N ASP D 358 -31.33 52.62 40.61
CA ASP D 358 -30.69 52.17 39.37
C ASP D 358 -31.15 50.76 38.98
N CYS D 359 -31.08 50.46 37.69
CA CYS D 359 -31.38 49.13 37.19
C CYS D 359 -30.16 48.23 37.33
N THR D 360 -30.40 46.94 37.44
CA THR D 360 -29.33 45.95 37.30
C THR D 360 -29.57 45.20 36.00
N PHE D 361 -28.48 44.83 35.32
CA PHE D 361 -28.58 44.11 34.06
C PHE D 361 -29.11 42.69 34.25
N ILE D 362 -29.98 42.25 33.34
CA ILE D 362 -30.53 40.91 33.39
C ILE D 362 -29.87 39.96 32.37
N THR D 363 -28.96 40.51 31.56
CA THR D 363 -28.10 39.71 30.66
C THR D 363 -26.67 40.28 30.66
N LYS D 364 -25.70 39.44 30.28
CA LYS D 364 -24.27 39.79 30.28
C LYS D 364 -23.48 38.90 29.32
N GLY D 365 -22.29 39.35 28.90
CA GLY D 365 -21.42 38.56 28.01
C GLY D 365 -20.86 39.31 26.81
N THR D 366 -19.99 38.65 26.05
CA THR D 366 -19.39 39.23 24.83
C THR D 366 -20.28 39.00 23.60
N TRP D 367 -21.50 39.52 23.71
CA TRP D 367 -22.51 39.47 22.65
C TRP D 367 -23.56 40.55 22.98
N GLU D 368 -24.54 40.74 22.10
CA GLU D 368 -25.53 41.80 22.29
C GLU D 368 -26.96 41.33 22.06
N VAL D 369 -27.91 41.98 22.74
CA VAL D 369 -29.33 41.76 22.52
C VAL D 369 -29.78 42.67 21.37
N ILE D 370 -30.47 42.10 20.38
CA ILE D 370 -30.91 42.88 19.23
C ILE D 370 -32.14 43.74 19.55
N GLY D 371 -33.20 43.11 20.04
CA GLY D 371 -34.42 43.82 20.41
C GLY D 371 -35.30 43.03 21.35
N ILE D 372 -35.99 43.74 22.24
CA ILE D 372 -36.95 43.12 23.16
C ILE D 372 -38.26 42.88 22.39
N GLU D 373 -38.67 41.62 22.29
CA GLU D 373 -39.81 41.27 21.45
C GLU D 373 -41.16 41.30 22.16
N ALA D 374 -41.35 40.45 23.16
CA ALA D 374 -42.61 40.42 23.91
C ALA D 374 -42.38 40.36 25.41
N LEU D 375 -43.35 40.87 26.18
CA LEU D 375 -43.27 40.83 27.63
C LEU D 375 -44.57 40.36 28.29
N THR D 376 -44.46 39.30 29.08
CA THR D 376 -45.56 38.83 29.92
C THR D 376 -45.11 38.88 31.40
N SER D 377 -46.06 38.72 32.31
CA SER D 377 -45.73 38.67 33.74
C SER D 377 -44.91 37.42 34.06
N ASP D 378 -45.04 36.40 33.21
CA ASP D 378 -44.28 35.16 33.36
C ASP D 378 -42.88 35.28 32.77
N TYR D 379 -42.80 35.52 31.46
CA TYR D 379 -41.53 35.55 30.75
C TYR D 379 -41.32 36.81 29.93
N LEU D 380 -40.08 37.00 29.48
CA LEU D 380 -39.69 38.07 28.56
C LEU D 380 -38.94 37.44 27.38
N TYR D 381 -39.44 37.69 26.18
CA TYR D 381 -38.87 37.12 24.96
C TYR D 381 -38.00 38.15 24.24
N TYR D 382 -36.90 37.70 23.64
CA TYR D 382 -35.97 38.59 22.93
C TYR D 382 -35.08 37.88 21.90
N ILE D 383 -34.48 38.69 21.02
CA ILE D 383 -33.55 38.20 20.00
C ILE D 383 -32.14 38.72 20.28
N SER D 384 -31.14 37.85 20.09
CA SER D 384 -29.75 38.23 20.32
C SER D 384 -28.80 37.37 19.48
N ASN D 385 -27.55 37.82 19.38
CA ASN D 385 -26.53 37.13 18.60
C ASN D 385 -25.56 36.29 19.45
N GLU D 386 -26.08 35.68 20.51
CA GLU D 386 -25.26 34.88 21.42
C GLU D 386 -24.85 33.53 20.84
N TYR D 387 -25.78 32.85 20.16
CA TYR D 387 -25.56 31.49 19.67
C TYR D 387 -24.25 31.30 18.89
N LYS D 388 -23.38 30.44 19.45
CA LYS D 388 -22.05 30.14 18.94
C LYS D 388 -21.12 31.36 18.86
N GLY D 389 -21.54 32.47 19.46
CA GLY D 389 -20.78 33.73 19.42
C GLY D 389 -20.69 34.32 18.02
N MET D 390 -21.73 34.13 17.22
CA MET D 390 -21.79 34.65 15.85
C MET D 390 -22.65 35.90 15.80
N PRO D 391 -22.00 37.08 15.62
CA PRO D 391 -22.71 38.36 15.62
C PRO D 391 -23.72 38.45 14.48
N GLY D 392 -23.48 37.69 13.42
CA GLY D 392 -24.35 37.67 12.24
C GLY D 392 -25.50 36.69 12.31
N GLY D 393 -25.70 36.09 13.47
CA GLY D 393 -26.79 35.14 13.69
C GLY D 393 -27.83 35.72 14.63
N ARG D 394 -29.08 35.32 14.43
CA ARG D 394 -30.20 35.79 15.25
C ARG D 394 -30.98 34.61 15.78
N ASN D 395 -31.18 34.57 17.09
CA ASN D 395 -32.01 33.55 17.72
C ASN D 395 -32.95 34.13 18.76
N LEU D 396 -34.02 33.40 19.04
CA LEU D 396 -35.03 33.83 20.01
C LEU D 396 -34.85 33.15 21.37
N TYR D 397 -34.57 33.98 22.38
CA TYR D 397 -34.39 33.51 23.74
C TYR D 397 -35.57 33.92 24.63
N LYS D 398 -35.94 33.05 25.58
CA LYS D 398 -36.94 33.38 26.61
C LYS D 398 -36.26 33.42 27.98
N ILE D 399 -36.53 34.48 28.73
CA ILE D 399 -35.92 34.65 30.05
C ILE D 399 -36.99 34.61 31.16
N GLN D 400 -36.72 33.83 32.20
CA GLN D 400 -37.65 33.68 33.32
C GLN D 400 -37.57 34.88 34.27
N LEU D 401 -38.68 35.59 34.42
CA LEU D 401 -38.76 36.79 35.27
C LEU D 401 -38.60 36.53 36.77
N SER D 402 -38.77 35.28 37.19
CA SER D 402 -38.54 34.90 38.58
C SER D 402 -37.06 34.59 38.84
N ASP D 403 -36.42 33.92 37.88
CA ASP D 403 -35.00 33.59 37.97
C ASP D 403 -34.29 33.90 36.64
N TYR D 404 -33.39 34.88 36.68
CA TYR D 404 -32.70 35.35 35.48
C TYR D 404 -31.70 34.35 34.87
N THR D 405 -31.23 33.40 35.67
CA THR D 405 -30.26 32.41 35.19
C THR D 405 -30.92 31.42 34.23
N LYS D 406 -32.19 31.12 34.46
CA LYS D 406 -32.92 30.12 33.67
C LYS D 406 -33.35 30.67 32.30
N VAL D 407 -32.39 30.69 31.38
CA VAL D 407 -32.61 31.16 30.01
C VAL D 407 -32.79 29.99 29.06
N THR D 408 -33.78 30.08 28.19
CA THR D 408 -34.06 29.02 27.23
C THR D 408 -34.08 29.56 25.81
N CYS D 409 -33.24 28.99 24.94
CA CYS D 409 -33.28 29.36 23.53
C CYS D 409 -34.41 28.62 22.86
N LEU D 410 -35.30 29.36 22.21
CA LEU D 410 -36.46 28.78 21.56
C LEU D 410 -36.19 28.35 20.12
N SER D 411 -35.26 29.01 19.46
CA SER D 411 -35.02 28.77 18.04
C SER D 411 -33.69 28.07 17.69
N CYS D 412 -32.69 28.24 18.55
CA CYS D 412 -31.31 27.75 18.30
C CYS D 412 -31.17 26.42 17.58
N GLU D 413 -32.01 25.45 17.96
CA GLU D 413 -31.85 24.09 17.46
C GLU D 413 -33.12 23.47 16.86
N LEU D 414 -34.07 24.31 16.46
CA LEU D 414 -35.24 23.84 15.71
C LEU D 414 -34.77 23.25 14.38
N ASN D 415 -33.82 23.93 13.76
CA ASN D 415 -32.99 23.39 12.69
C ASN D 415 -31.66 24.15 12.69
N PRO D 416 -30.61 23.55 13.27
CA PRO D 416 -29.33 24.21 13.50
C PRO D 416 -28.52 24.60 12.25
N GLU D 417 -28.65 23.85 11.15
CA GLU D 417 -27.81 24.10 9.97
C GLU D 417 -28.47 24.86 8.81
N ARG D 418 -29.80 24.81 8.72
CA ARG D 418 -30.49 25.65 7.73
C ARG D 418 -30.98 26.97 8.34
N CYS D 419 -31.02 27.04 9.68
CA CYS D 419 -31.62 28.20 10.36
C CYS D 419 -30.80 28.84 11.48
N GLN D 420 -30.18 29.97 11.18
CA GLN D 420 -29.38 30.71 12.17
C GLN D 420 -29.77 32.18 12.22
N TYR D 421 -30.82 32.56 11.50
CA TYR D 421 -31.29 33.94 11.46
C TYR D 421 -32.80 34.02 11.62
N TYR D 422 -33.23 34.42 12.82
CA TYR D 422 -34.64 34.40 13.19
C TYR D 422 -35.22 35.78 13.54
N SER D 423 -36.41 36.05 13.04
CA SER D 423 -37.24 37.16 13.52
C SER D 423 -38.56 36.57 14.02
N VAL D 424 -39.33 37.34 14.80
CA VAL D 424 -40.53 36.80 15.43
C VAL D 424 -41.71 37.76 15.50
N SER D 425 -42.91 37.22 15.30
CA SER D 425 -44.16 37.98 15.43
C SER D 425 -45.09 37.27 16.42
N PHE D 426 -45.49 37.99 17.47
CA PHE D 426 -46.38 37.43 18.50
C PHE D 426 -47.85 37.79 18.27
N SER D 427 -48.74 37.02 18.90
CA SER D 427 -50.17 37.29 18.92
C SER D 427 -50.51 38.44 19.88
N LYS D 428 -51.78 38.55 20.30
CA LYS D 428 -52.18 39.62 21.21
C LYS D 428 -51.59 39.45 22.61
N GLU D 429 -51.83 38.29 23.24
CA GLU D 429 -51.30 38.00 24.58
C GLU D 429 -50.04 37.13 24.55
N ALA D 430 -49.52 36.88 23.35
CA ALA D 430 -48.31 36.09 23.15
C ALA D 430 -48.47 34.63 23.58
N LYS D 431 -49.47 33.95 23.03
CA LYS D 431 -49.70 32.53 23.30
C LYS D 431 -49.33 31.71 22.07
N TYR D 432 -49.32 32.38 20.93
CA TYR D 432 -48.94 31.79 19.66
C TYR D 432 -48.00 32.75 18.95
N TYR D 433 -46.84 32.26 18.52
CA TYR D 433 -45.89 33.12 17.81
C TYR D 433 -45.41 32.54 16.48
N GLN D 434 -44.93 33.42 15.61
CA GLN D 434 -44.41 33.03 14.29
C GLN D 434 -42.92 33.32 14.18
N LEU D 435 -42.17 32.30 13.78
CA LEU D 435 -40.75 32.44 13.55
C LEU D 435 -40.45 32.51 12.07
N ARG D 436 -39.82 33.61 11.65
CA ARG D 436 -39.29 33.72 10.29
C ARG D 436 -37.80 33.39 10.33
N CYS D 437 -37.42 32.37 9.57
CA CYS D 437 -36.02 31.99 9.43
C CYS D 437 -35.58 32.42 8.03
N SER D 438 -34.67 33.39 7.95
CA SER D 438 -34.25 33.91 6.64
C SER D 438 -32.87 33.45 6.17
N GLY D 439 -32.35 32.38 6.78
CA GLY D 439 -31.08 31.79 6.37
C GLY D 439 -30.44 30.93 7.45
N PRO D 440 -29.29 30.29 7.13
CA PRO D 440 -28.56 30.31 5.86
C PRO D 440 -29.21 29.54 4.71
N GLY D 441 -30.12 28.62 5.02
CA GLY D 441 -30.86 27.91 3.97
C GLY D 441 -32.07 28.72 3.54
N LEU D 442 -32.84 28.19 2.59
CA LEU D 442 -34.08 28.80 2.14
C LEU D 442 -35.01 29.16 3.31
N PRO D 443 -35.56 30.40 3.32
CA PRO D 443 -36.44 30.90 4.39
C PRO D 443 -37.54 29.93 4.82
N LEU D 444 -37.76 29.86 6.14
CA LEU D 444 -38.72 28.95 6.75
C LEU D 444 -39.68 29.71 7.67
N TYR D 445 -40.97 29.45 7.50
CA TYR D 445 -42.02 30.09 8.30
C TYR D 445 -42.83 29.03 9.05
N THR D 446 -42.84 29.15 10.38
CA THR D 446 -43.43 28.15 11.26
C THR D 446 -44.25 28.77 12.38
N LEU D 447 -45.29 28.07 12.84
CA LEU D 447 -46.16 28.58 13.90
C LEU D 447 -45.96 27.76 15.17
N HIS D 448 -45.66 28.46 16.26
CA HIS D 448 -45.37 27.82 17.54
C HIS D 448 -46.31 28.32 18.64
N SER D 449 -46.44 27.52 19.71
CA SER D 449 -47.20 27.91 20.89
C SER D 449 -46.25 28.14 22.07
N SER D 450 -46.42 29.28 22.75
CA SER D 450 -45.55 29.64 23.85
C SER D 450 -45.93 28.96 25.17
N VAL D 451 -46.99 28.15 25.15
CA VAL D 451 -47.46 27.43 26.34
C VAL D 451 -46.47 26.35 26.79
N ASN D 452 -45.76 25.75 25.83
CA ASN D 452 -44.73 24.74 26.11
C ASN D 452 -43.58 24.78 25.10
N ASP D 453 -43.73 25.65 24.10
CA ASP D 453 -42.75 25.86 23.02
C ASP D 453 -42.62 24.62 22.11
N LYS D 454 -43.76 24.21 21.54
CA LYS D 454 -43.77 23.11 20.59
C LYS D 454 -44.42 23.57 19.27
N GLY D 455 -43.93 22.99 18.18
CA GLY D 455 -44.39 23.37 16.85
C GLY D 455 -45.81 22.93 16.52
N LEU D 456 -46.63 23.89 16.12
CA LEU D 456 -48.01 23.63 15.71
C LEU D 456 -48.07 23.22 14.23
N ARG D 457 -47.44 24.00 13.36
CA ARG D 457 -47.33 23.64 11.93
C ARG D 457 -46.27 24.44 11.18
N VAL D 458 -45.96 23.96 9.97
CA VAL D 458 -45.11 24.66 9.02
C VAL D 458 -46.01 25.53 8.14
N LEU D 459 -45.73 26.83 8.09
CA LEU D 459 -46.51 27.75 7.27
C LEU D 459 -45.99 27.81 5.84
N GLU D 460 -44.66 27.89 5.71
CA GLU D 460 -43.99 27.91 4.39
C GLU D 460 -42.56 27.39 4.52
N ASP D 461 -42.23 26.39 3.71
CA ASP D 461 -40.91 25.77 3.74
C ASP D 461 -40.09 26.07 2.49
N ASN D 462 -40.74 26.71 1.52
CA ASN D 462 -40.13 27.08 0.24
C ASN D 462 -39.64 25.91 -0.61
N SER D 463 -40.24 24.74 -0.41
CA SER D 463 -39.86 23.53 -1.17
C SER D 463 -40.15 23.71 -2.66
N ALA D 464 -41.10 24.60 -2.98
CA ALA D 464 -41.40 25.00 -4.35
C ALA D 464 -40.18 25.63 -5.02
N LEU D 465 -39.52 26.55 -4.31
CA LEU D 465 -38.30 27.20 -4.78
C LEU D 465 -37.10 26.26 -4.73
N ASP D 466 -37.11 25.35 -3.76
CA ASP D 466 -36.05 24.35 -3.61
C ASP D 466 -35.99 23.44 -4.83
N LYS D 467 -37.17 23.11 -5.37
CA LYS D 467 -37.30 22.23 -6.52
C LYS D 467 -36.58 22.84 -7.72
N MET D 468 -36.74 24.16 -7.90
CA MET D 468 -36.16 24.88 -9.02
C MET D 468 -34.64 25.05 -8.94
N LEU D 469 -34.13 25.23 -7.72
CA LEU D 469 -32.69 25.52 -7.53
C LEU D 469 -31.79 24.29 -7.63
N GLN D 470 -32.38 23.16 -8.00
CA GLN D 470 -31.64 21.92 -8.21
C GLN D 470 -31.16 21.82 -9.66
N ASN D 471 -31.86 22.52 -10.54
CA ASN D 471 -31.46 22.64 -11.95
C ASN D 471 -30.29 23.61 -12.15
N VAL D 472 -30.24 24.63 -11.30
CA VAL D 472 -29.23 25.69 -11.42
C VAL D 472 -28.04 25.50 -10.47
N GLN D 473 -26.84 25.72 -11.00
CA GLN D 473 -25.59 25.70 -10.24
C GLN D 473 -25.48 26.96 -9.37
N MET D 474 -26.00 26.86 -8.16
CA MET D 474 -26.03 27.97 -7.22
C MET D 474 -24.70 28.19 -6.50
N PRO D 475 -24.40 29.45 -6.15
CA PRO D 475 -23.17 29.75 -5.40
C PRO D 475 -23.29 29.36 -3.92
N SER D 476 -22.16 29.22 -3.25
CA SER D 476 -22.15 28.90 -1.81
C SER D 476 -21.72 30.12 -1.01
N LYS D 477 -21.83 30.03 0.32
CA LYS D 477 -21.53 31.15 1.19
C LYS D 477 -20.62 30.75 2.34
N LYS D 478 -19.43 31.34 2.39
CA LYS D 478 -18.55 31.17 3.55
C LYS D 478 -18.67 32.35 4.51
N LEU D 479 -18.98 32.05 5.76
CA LEU D 479 -19.01 33.04 6.84
C LEU D 479 -17.88 32.67 7.80
N ASP D 480 -17.07 33.66 8.17
CA ASP D 480 -15.95 33.44 9.09
C ASP D 480 -15.34 34.76 9.58
N PHE D 481 -14.44 34.66 10.54
CA PHE D 481 -13.74 35.79 11.11
C PHE D 481 -12.25 35.72 10.78
N ILE D 482 -11.57 36.84 10.92
CA ILE D 482 -10.10 36.88 10.86
C ILE D 482 -9.59 37.71 12.04
N ILE D 483 -8.44 37.34 12.58
CA ILE D 483 -7.88 38.03 13.75
C ILE D 483 -7.04 39.25 13.35
N LEU D 484 -7.46 40.41 13.84
CA LEU D 484 -6.73 41.67 13.63
C LEU D 484 -6.56 42.38 14.95
N ASN D 485 -5.30 42.66 15.31
CA ASN D 485 -4.93 43.26 16.59
C ASN D 485 -5.66 42.59 17.75
N GLU D 486 -5.70 41.26 17.69
CA GLU D 486 -6.35 40.38 18.67
C GLU D 486 -7.86 40.59 18.80
N THR D 487 -8.50 40.91 17.67
CA THR D 487 -9.95 41.11 17.61
C THR D 487 -10.58 40.29 16.47
N LYS D 488 -11.72 39.68 16.76
CA LYS D 488 -12.52 38.94 15.78
C LYS D 488 -13.26 39.90 14.85
N PHE D 489 -12.84 39.92 13.58
CA PHE D 489 -13.51 40.70 12.55
C PHE D 489 -14.11 39.78 11.50
N TRP D 490 -15.44 39.78 11.43
CA TRP D 490 -16.17 38.84 10.57
C TRP D 490 -16.28 39.31 9.12
N TYR D 491 -16.24 38.35 8.21
CA TYR D 491 -16.44 38.59 6.80
C TYR D 491 -17.36 37.53 6.23
N GLN D 492 -17.90 37.78 5.05
CA GLN D 492 -18.63 36.75 4.33
C GLN D 492 -18.19 36.75 2.88
N MET D 493 -18.27 35.58 2.25
CA MET D 493 -17.90 35.45 0.85
C MET D 493 -18.98 34.69 0.10
N ILE D 494 -19.37 35.24 -1.04
CA ILE D 494 -20.26 34.54 -1.97
C ILE D 494 -19.33 33.87 -3.00
N LEU D 495 -19.33 32.54 -2.95
CA LEU D 495 -18.38 31.72 -3.72
C LEU D 495 -19.04 31.04 -4.93
N PRO D 496 -18.39 31.12 -6.10
CA PRO D 496 -18.89 30.47 -7.32
C PRO D 496 -19.12 28.97 -7.15
N PRO D 497 -20.02 28.37 -7.96
CA PRO D 497 -20.22 26.92 -7.91
C PRO D 497 -18.93 26.19 -8.27
N HIS D 498 -18.78 24.96 -7.78
CA HIS D 498 -17.59 24.14 -8.04
C HIS D 498 -16.30 24.85 -7.64
N PHE D 499 -16.37 25.63 -6.56
CA PHE D 499 -15.26 26.45 -6.07
C PHE D 499 -13.99 25.64 -5.82
N ASP D 500 -12.86 26.21 -6.21
CA ASP D 500 -11.59 25.51 -6.17
C ASP D 500 -10.46 26.45 -5.74
N LYS D 501 -9.87 26.19 -4.58
CA LYS D 501 -8.79 27.02 -4.03
C LYS D 501 -7.53 27.04 -4.89
N SER D 502 -7.41 26.08 -5.79
CA SER D 502 -6.23 26.00 -6.66
C SER D 502 -6.31 26.95 -7.86
N LYS D 503 -7.48 27.53 -8.07
CA LYS D 503 -7.65 28.55 -9.10
C LYS D 503 -7.53 29.96 -8.52
N LYS D 504 -7.32 30.94 -9.38
CA LYS D 504 -7.27 32.34 -8.97
C LYS D 504 -8.55 33.04 -9.45
N TYR D 505 -9.40 33.42 -8.51
CA TYR D 505 -10.67 34.08 -8.81
C TYR D 505 -10.57 35.60 -8.69
N PRO D 506 -11.28 36.34 -9.58
CA PRO D 506 -11.45 37.77 -9.38
C PRO D 506 -12.42 38.03 -8.23
N LEU D 507 -12.18 39.09 -7.47
CA LEU D 507 -12.95 39.37 -6.27
C LEU D 507 -13.57 40.77 -6.31
N LEU D 508 -14.82 40.85 -5.84
CA LEU D 508 -15.51 42.13 -5.72
C LEU D 508 -15.86 42.37 -4.27
N LEU D 509 -15.34 43.47 -3.74
CA LEU D 509 -15.64 43.87 -2.37
C LEU D 509 -16.95 44.67 -2.31
N ASP D 510 -17.95 44.06 -1.69
CA ASP D 510 -19.30 44.62 -1.57
C ASP D 510 -19.40 45.30 -0.21
N VAL D 511 -19.49 46.62 -0.21
CA VAL D 511 -19.29 47.37 1.01
C VAL D 511 -20.42 48.32 1.39
N TYR D 512 -20.70 48.37 2.69
CA TYR D 512 -21.57 49.36 3.31
C TYR D 512 -20.65 50.10 4.28
N ALA D 513 -20.18 49.39 5.32
CA ALA D 513 -19.18 49.88 6.29
C ALA D 513 -19.51 51.14 7.09
N GLY D 514 -20.79 51.50 7.10
CA GLY D 514 -21.27 52.60 7.93
C GLY D 514 -21.34 52.21 9.39
N PRO D 515 -21.64 53.18 10.26
CA PRO D 515 -21.73 52.91 11.68
C PRO D 515 -22.89 51.96 12.00
N CYS D 516 -22.55 50.90 12.71
CA CYS D 516 -23.49 49.85 13.15
C CYS D 516 -24.04 49.03 11.98
N SER D 517 -23.25 48.90 10.92
CA SER D 517 -23.65 48.09 9.78
C SER D 517 -23.18 46.66 9.96
N GLN D 518 -23.87 45.74 9.29
CA GLN D 518 -23.50 44.34 9.29
C GLN D 518 -23.67 43.74 7.89
N LYS D 519 -22.55 43.53 7.21
CA LYS D 519 -22.59 42.95 5.88
C LYS D 519 -22.26 41.45 5.85
N ALA D 520 -21.84 40.91 7.01
CA ALA D 520 -21.51 39.48 7.13
C ALA D 520 -22.46 38.78 8.09
N ASP D 521 -23.41 38.04 7.53
CA ASP D 521 -24.46 37.41 8.34
C ASP D 521 -24.91 36.03 7.80
N THR D 522 -25.88 35.44 8.48
CA THR D 522 -26.39 34.14 8.11
C THR D 522 -27.61 34.20 7.19
N VAL D 523 -27.90 35.38 6.65
CA VAL D 523 -29.09 35.56 5.80
C VAL D 523 -28.88 35.02 4.39
N PHE D 524 -29.89 34.29 3.89
CA PHE D 524 -29.91 33.80 2.51
C PHE D 524 -30.48 34.86 1.59
N ARG D 525 -29.77 35.19 0.53
CA ARG D 525 -30.15 36.27 -0.37
C ARG D 525 -30.05 35.89 -1.83
N LEU D 526 -31.01 36.34 -2.63
CA LEU D 526 -30.91 36.19 -4.08
C LEU D 526 -30.77 37.59 -4.71
N ASN D 527 -29.52 37.95 -5.03
CA ASN D 527 -29.22 39.30 -5.50
C ASN D 527 -28.21 39.35 -6.65
N TRP D 528 -27.71 40.54 -6.95
CA TRP D 528 -26.71 40.74 -7.99
C TRP D 528 -25.47 39.88 -7.76
N ALA D 529 -25.01 39.84 -6.50
CA ALA D 529 -23.89 38.97 -6.12
C ALA D 529 -24.12 37.51 -6.51
N THR D 530 -25.37 37.03 -6.33
CA THR D 530 -25.76 35.68 -6.72
C THR D 530 -25.44 35.43 -8.19
N TYR D 531 -25.83 36.37 -9.05
CA TYR D 531 -25.53 36.30 -10.48
C TYR D 531 -24.03 36.36 -10.76
N LEU D 532 -23.35 37.29 -10.09
CA LEU D 532 -21.92 37.46 -10.31
C LEU D 532 -21.14 36.19 -10.00
N ALA D 533 -21.49 35.52 -8.91
CA ALA D 533 -20.80 34.29 -8.54
C ALA D 533 -21.20 33.10 -9.43
N SER D 534 -22.51 32.96 -9.67
CA SER D 534 -23.05 31.84 -10.40
C SER D 534 -22.66 31.82 -11.87
N THR D 535 -22.77 32.97 -12.53
CA THR D 535 -22.50 33.08 -13.96
C THR D 535 -21.06 33.54 -14.24
N GLU D 536 -20.68 34.65 -13.64
CA GLU D 536 -19.41 35.29 -13.96
C GLU D 536 -18.20 34.73 -13.17
N ASN D 537 -18.47 33.79 -12.27
CA ASN D 537 -17.44 33.18 -11.42
C ASN D 537 -16.60 34.22 -10.67
N ILE D 538 -17.30 35.22 -10.11
CA ILE D 538 -16.67 36.26 -9.31
C ILE D 538 -16.99 36.02 -7.83
N ILE D 539 -15.96 36.07 -6.99
CA ILE D 539 -16.21 36.06 -5.55
C ILE D 539 -16.59 37.46 -5.13
N VAL D 540 -17.69 37.57 -4.39
CA VAL D 540 -18.11 38.85 -3.83
C VAL D 540 -18.18 38.71 -2.31
N ALA D 541 -17.41 39.56 -1.64
CA ALA D 541 -17.20 39.46 -0.21
C ALA D 541 -17.58 40.74 0.54
N SER D 542 -17.82 40.60 1.84
CA SER D 542 -18.11 41.74 2.69
C SER D 542 -17.31 41.63 3.98
N PHE D 543 -16.99 42.77 4.59
CA PHE D 543 -16.18 42.81 5.78
C PHE D 543 -16.82 43.70 6.84
N ASP D 544 -16.84 43.23 8.07
CA ASP D 544 -17.36 44.02 9.18
C ASP D 544 -16.20 44.54 10.02
N GLY D 545 -15.58 45.62 9.54
CA GLY D 545 -14.46 46.26 10.24
C GLY D 545 -14.91 47.23 11.32
N ARG D 546 -13.99 48.08 11.76
CA ARG D 546 -14.26 49.03 12.83
C ARG D 546 -15.40 49.96 12.47
N GLY D 547 -16.36 50.07 13.38
CA GLY D 547 -17.55 50.87 13.14
C GLY D 547 -18.78 50.00 12.92
N SER D 548 -18.57 48.73 12.60
CA SER D 548 -19.69 47.81 12.39
C SER D 548 -20.35 47.51 13.72
N GLY D 549 -21.60 47.04 13.68
CA GLY D 549 -22.39 46.92 14.90
C GLY D 549 -22.51 45.53 15.47
N TYR D 550 -23.36 45.41 16.49
CA TYR D 550 -23.71 44.13 17.11
C TYR D 550 -22.51 43.37 17.73
N GLN D 551 -21.46 44.11 18.07
CA GLN D 551 -20.22 43.55 18.61
C GLN D 551 -19.68 44.33 19.81
N GLY D 552 -20.47 45.27 20.33
CA GLY D 552 -20.06 46.09 21.48
C GLY D 552 -19.50 47.45 21.09
N ASP D 553 -19.62 48.42 21.99
CA ASP D 553 -19.13 49.78 21.78
C ASP D 553 -17.68 49.84 21.31
N LYS D 554 -16.84 48.97 21.88
CA LYS D 554 -15.42 48.87 21.50
C LYS D 554 -15.26 48.98 19.98
N ILE D 555 -15.98 48.15 19.25
CA ILE D 555 -15.90 48.09 17.79
C ILE D 555 -16.71 49.19 17.09
N MET D 556 -17.95 49.40 17.54
CA MET D 556 -18.85 50.36 16.92
C MET D 556 -18.40 51.81 17.05
N HIS D 557 -17.85 52.17 18.20
CA HIS D 557 -17.47 53.57 18.48
C HIS D 557 -16.06 53.90 18.01
N ALA D 558 -15.38 52.93 17.40
CA ALA D 558 -14.00 53.09 16.95
C ALA D 558 -13.81 54.29 16.01
N ILE D 559 -14.86 54.61 15.25
CA ILE D 559 -14.81 55.69 14.28
C ILE D 559 -15.55 56.96 14.70
N ASN D 560 -15.88 57.09 15.98
CA ASN D 560 -16.54 58.29 16.49
C ASN D 560 -15.72 59.55 16.18
N ARG D 561 -16.38 60.54 15.58
CA ARG D 561 -15.74 61.80 15.15
C ARG D 561 -14.70 61.55 14.05
N ARG D 562 -14.58 60.30 13.64
CA ARG D 562 -13.53 59.88 12.72
C ARG D 562 -14.07 59.07 11.53
N LEU D 563 -15.16 59.54 10.93
CA LEU D 563 -15.69 58.93 9.71
C LEU D 563 -14.70 59.06 8.56
N GLY D 564 -14.59 58.02 7.75
CA GLY D 564 -13.66 58.00 6.63
C GLY D 564 -12.22 57.67 7.04
N THR D 565 -12.08 56.98 8.17
CA THR D 565 -10.77 56.53 8.62
C THR D 565 -10.73 55.01 8.74
N PHE D 566 -10.94 54.52 9.97
CA PHE D 566 -10.78 53.09 10.29
C PHE D 566 -11.61 52.14 9.44
N GLU D 567 -12.87 52.48 9.19
CA GLU D 567 -13.76 51.65 8.35
C GLU D 567 -13.25 51.58 6.91
N VAL D 568 -12.61 52.66 6.45
CA VAL D 568 -12.02 52.69 5.13
C VAL D 568 -10.80 51.77 5.09
N GLU D 569 -9.85 52.03 5.99
CA GLU D 569 -8.64 51.20 6.08
C GLU D 569 -8.96 49.72 6.23
N ASP D 570 -9.94 49.41 7.07
CA ASP D 570 -10.33 48.02 7.31
C ASP D 570 -10.82 47.27 6.07
N GLN D 571 -11.46 47.99 5.15
CA GLN D 571 -11.88 47.41 3.87
C GLN D 571 -10.68 47.11 2.98
N ILE D 572 -9.67 47.96 3.04
CA ILE D 572 -8.44 47.76 2.28
C ILE D 572 -7.62 46.58 2.86
N GLU D 573 -7.58 46.48 4.19
CA GLU D 573 -6.88 45.38 4.84
C GLU D 573 -7.59 44.07 4.54
N ALA D 574 -8.92 44.13 4.50
CA ALA D 574 -9.75 42.98 4.14
C ALA D 574 -9.30 42.31 2.86
N ALA D 575 -9.19 43.09 1.78
CA ALA D 575 -8.77 42.55 0.47
C ALA D 575 -7.39 41.93 0.55
N ARG D 576 -6.48 42.62 1.23
CA ARG D 576 -5.14 42.10 1.45
C ARG D 576 -5.20 40.74 2.13
N GLN D 577 -6.12 40.60 3.08
CA GLN D 577 -6.30 39.34 3.81
C GLN D 577 -6.90 38.27 2.92
N PHE D 578 -7.82 38.68 2.04
CA PHE D 578 -8.46 37.75 1.11
C PHE D 578 -7.48 37.29 0.04
N SER D 579 -6.53 38.15 -0.31
CA SER D 579 -5.49 37.81 -1.27
C SER D 579 -4.51 36.80 -0.65
N LYS D 580 -4.22 36.96 0.64
CA LYS D 580 -3.35 36.06 1.40
C LYS D 580 -3.91 34.63 1.47
N MET D 581 -5.22 34.50 1.30
CA MET D 581 -5.89 33.20 1.32
C MET D 581 -5.60 32.37 0.08
N GLY D 582 -5.02 32.99 -0.95
CA GLY D 582 -4.48 32.24 -2.09
C GLY D 582 -5.35 32.02 -3.31
N PHE D 583 -6.66 32.04 -3.15
CA PHE D 583 -7.59 31.83 -4.26
C PHE D 583 -8.06 33.12 -4.95
N VAL D 584 -7.30 34.20 -4.75
CA VAL D 584 -7.67 35.52 -5.25
C VAL D 584 -6.62 36.12 -6.20
N ASP D 585 -7.05 36.39 -7.43
CA ASP D 585 -6.22 37.09 -8.41
C ASP D 585 -6.16 38.57 -8.03
N ASN D 586 -5.11 38.96 -7.32
CA ASN D 586 -5.00 40.34 -6.83
C ASN D 586 -4.78 41.42 -7.91
N LYS D 587 -4.75 41.00 -9.17
CA LYS D 587 -4.77 41.92 -10.31
C LYS D 587 -6.20 42.24 -10.75
N ARG D 588 -7.17 41.55 -10.14
CA ARG D 588 -8.60 41.75 -10.45
C ARG D 588 -9.44 41.74 -9.18
N ILE D 589 -9.20 42.74 -8.33
CA ILE D 589 -10.04 42.98 -7.17
C ILE D 589 -10.75 44.32 -7.35
N ALA D 590 -12.08 44.29 -7.22
CA ALA D 590 -12.89 45.49 -7.40
C ALA D 590 -13.63 45.82 -6.10
N ILE D 591 -14.21 47.01 -6.04
CA ILE D 591 -14.92 47.46 -4.85
C ILE D 591 -16.15 48.29 -5.24
N TRP D 592 -17.29 48.02 -4.59
CA TRP D 592 -18.51 48.73 -4.95
C TRP D 592 -19.46 48.95 -3.77
N GLY D 593 -20.26 50.01 -3.83
CA GLY D 593 -21.20 50.31 -2.75
C GLY D 593 -22.22 51.39 -3.06
N TRP D 594 -23.30 51.38 -2.28
CA TRP D 594 -24.39 52.34 -2.39
C TRP D 594 -24.35 53.17 -1.11
N SER D 595 -24.80 54.42 -1.18
CA SER D 595 -24.93 55.28 0.01
C SER D 595 -23.61 55.45 0.75
N TYR D 596 -23.57 55.07 2.03
CA TYR D 596 -22.34 55.15 2.82
C TYR D 596 -21.30 54.25 2.19
N GLY D 597 -21.74 53.14 1.60
CA GLY D 597 -20.88 52.22 0.86
C GLY D 597 -20.23 52.86 -0.36
N GLY D 598 -20.97 53.74 -1.01
CA GLY D 598 -20.44 54.49 -2.14
C GLY D 598 -19.36 55.46 -1.69
N TYR D 599 -19.58 56.04 -0.52
CA TYR D 599 -18.58 56.94 0.08
C TYR D 599 -17.29 56.19 0.33
N VAL D 600 -17.39 55.06 1.04
CA VAL D 600 -16.23 54.24 1.38
C VAL D 600 -15.52 53.73 0.13
N THR D 601 -16.28 53.28 -0.87
CA THR D 601 -15.75 52.81 -2.15
C THR D 601 -14.89 53.90 -2.77
N SER D 602 -15.39 55.12 -2.75
CA SER D 602 -14.71 56.25 -3.33
C SER D 602 -13.45 56.57 -2.55
N MET D 603 -13.58 56.55 -1.22
CA MET D 603 -12.45 56.79 -0.31
C MET D 603 -11.33 55.77 -0.50
N VAL D 604 -11.71 54.50 -0.67
CA VAL D 604 -10.76 53.41 -0.92
C VAL D 604 -10.07 53.58 -2.27
N LEU D 605 -10.85 53.88 -3.31
CA LEU D 605 -10.30 54.15 -4.63
C LEU D 605 -9.47 55.43 -4.63
N GLY D 606 -9.67 56.27 -3.62
CA GLY D 606 -8.88 57.48 -3.46
C GLY D 606 -7.69 57.34 -2.51
N SER D 607 -7.58 56.19 -1.85
CA SER D 607 -6.52 55.97 -0.84
C SER D 607 -5.13 55.75 -1.43
N GLY D 608 -5.09 55.29 -2.68
CA GLY D 608 -3.83 55.08 -3.39
C GLY D 608 -3.09 53.81 -2.99
N SER D 609 -3.80 52.90 -2.34
CA SER D 609 -3.20 51.66 -1.82
C SER D 609 -2.75 50.67 -2.91
N GLY D 610 -3.37 50.73 -4.08
CA GLY D 610 -2.99 49.88 -5.20
C GLY D 610 -3.64 48.51 -5.23
N VAL D 611 -4.45 48.19 -4.22
CA VAL D 611 -5.08 46.88 -4.13
C VAL D 611 -6.16 46.71 -5.20
N PHE D 612 -6.91 47.78 -5.44
CA PHE D 612 -8.08 47.71 -6.29
C PHE D 612 -7.82 48.24 -7.69
N LYS D 613 -8.36 47.54 -8.68
CA LYS D 613 -8.20 47.87 -10.09
C LYS D 613 -9.30 48.84 -10.53
N CYS D 614 -10.50 48.64 -10.00
CA CYS D 614 -11.67 49.43 -10.35
C CYS D 614 -12.73 49.44 -9.24
N GLY D 615 -13.77 50.24 -9.44
CA GLY D 615 -14.85 50.34 -8.46
C GLY D 615 -16.03 51.18 -8.94
N ILE D 616 -17.16 51.01 -8.27
CA ILE D 616 -18.41 51.69 -8.59
C ILE D 616 -19.00 52.33 -7.34
N ALA D 617 -19.12 53.65 -7.32
CA ALA D 617 -19.80 54.31 -6.20
C ALA D 617 -21.21 54.70 -6.61
N VAL D 618 -22.22 54.16 -5.93
CA VAL D 618 -23.60 54.50 -6.23
C VAL D 618 -24.20 55.43 -5.18
N ALA D 619 -24.60 56.63 -5.61
CA ALA D 619 -25.16 57.68 -4.73
C ALA D 619 -24.36 57.88 -3.44
N PRO D 620 -23.05 58.18 -3.59
CA PRO D 620 -22.17 58.32 -2.44
C PRO D 620 -22.24 59.70 -1.77
N VAL D 621 -21.96 59.73 -0.47
CA VAL D 621 -21.63 60.99 0.19
C VAL D 621 -20.21 61.34 -0.30
N SER D 622 -19.95 62.62 -0.51
CA SER D 622 -18.61 63.05 -0.93
C SER D 622 -17.92 63.98 0.10
N ARG D 623 -18.72 64.56 0.99
CA ARG D 623 -18.28 65.54 1.94
C ARG D 623 -19.41 65.60 2.96
N TRP D 624 -19.07 65.38 4.23
CA TRP D 624 -20.09 65.27 5.26
C TRP D 624 -20.92 66.52 5.50
N GLU D 625 -20.42 67.68 5.08
CA GLU D 625 -21.18 68.92 5.23
C GLU D 625 -22.45 68.89 4.41
N TYR D 626 -22.42 68.15 3.29
CA TYR D 626 -23.59 68.03 2.42
C TYR D 626 -24.71 67.14 2.96
N TYR D 627 -24.38 66.16 3.80
CA TYR D 627 -25.41 65.20 4.25
C TYR D 627 -26.23 65.73 5.43
N ASP D 628 -27.32 65.04 5.78
CA ASP D 628 -28.26 65.57 6.78
C ASP D 628 -27.71 65.61 8.22
N SER D 629 -28.17 66.61 8.96
CA SER D 629 -27.69 66.89 10.31
C SER D 629 -27.81 65.70 11.27
N VAL D 630 -29.03 65.14 11.39
CA VAL D 630 -29.29 64.06 12.34
C VAL D 630 -28.33 62.89 12.20
N TYR D 631 -28.14 62.39 10.99
CA TYR D 631 -27.24 61.26 10.76
C TYR D 631 -25.79 61.65 10.96
N THR D 632 -25.34 62.65 10.19
CA THR D 632 -23.95 63.10 10.18
C THR D 632 -23.42 63.48 11.55
N GLU D 633 -24.16 64.35 12.25
CA GLU D 633 -23.70 64.90 13.53
C GLU D 633 -23.58 63.84 14.63
N ARG D 634 -24.46 62.85 14.59
CA ARG D 634 -24.43 61.71 15.51
C ARG D 634 -23.04 61.08 15.58
N TYR D 635 -22.33 61.07 14.45
CA TYR D 635 -21.00 60.46 14.39
C TYR D 635 -19.88 61.48 14.25
N MET D 636 -20.18 62.65 13.70
CA MET D 636 -19.14 63.65 13.42
C MET D 636 -19.17 64.85 14.36
N GLY D 637 -20.34 65.15 14.92
CA GLY D 637 -20.54 66.39 15.67
C GLY D 637 -20.77 67.52 14.68
N LEU D 638 -20.74 68.76 15.17
CA LEU D 638 -20.93 69.95 14.33
C LEU D 638 -19.66 70.29 13.54
N PRO D 639 -19.82 70.91 12.35
CA PRO D 639 -18.66 71.36 11.58
C PRO D 639 -18.13 72.75 11.94
N THR D 640 -18.20 73.12 13.22
CA THR D 640 -17.66 74.41 13.66
C THR D 640 -16.17 74.27 14.04
N PRO D 641 -15.39 75.37 13.92
CA PRO D 641 -13.97 75.34 14.30
C PRO D 641 -13.73 74.84 15.73
N GLU D 642 -14.67 75.11 16.64
CA GLU D 642 -14.55 74.68 18.04
C GLU D 642 -15.14 73.30 18.31
N ASP D 643 -15.59 72.60 17.26
CA ASP D 643 -16.05 71.22 17.42
C ASP D 643 -15.24 70.25 16.57
N ASN D 644 -15.62 70.08 15.31
CA ASN D 644 -14.96 69.09 14.45
C ASN D 644 -14.82 69.44 12.95
N LEU D 645 -14.82 70.74 12.65
CA LEU D 645 -14.62 71.24 11.27
C LEU D 645 -13.36 70.68 10.61
N ASP D 646 -12.33 70.45 11.40
CA ASP D 646 -11.06 69.92 10.89
C ASP D 646 -11.21 68.59 10.15
N HIS D 647 -11.80 67.59 10.80
CA HIS D 647 -11.95 66.30 10.16
C HIS D 647 -13.00 66.29 9.04
N TYR D 648 -14.02 67.15 9.17
CA TYR D 648 -14.99 67.35 8.10
C TYR D 648 -14.28 67.63 6.79
N ARG D 649 -13.26 68.49 6.87
CA ARG D 649 -12.46 68.85 5.71
C ARG D 649 -11.57 67.72 5.23
N ASN D 650 -10.98 66.98 6.18
CA ASN D 650 -10.03 65.94 5.84
C ASN D 650 -10.63 64.66 5.25
N SER D 651 -11.94 64.49 5.41
CA SER D 651 -12.59 63.23 5.05
C SER D 651 -13.45 63.29 3.78
N THR D 652 -13.24 64.31 2.96
CA THR D 652 -14.00 64.47 1.71
C THR D 652 -13.35 63.64 0.62
N VAL D 653 -14.14 63.18 -0.35
CA VAL D 653 -13.56 62.38 -1.42
C VAL D 653 -12.83 63.26 -2.45
N MET D 654 -13.26 64.52 -2.56
CA MET D 654 -12.66 65.50 -3.47
C MET D 654 -11.16 65.71 -3.21
N SER D 655 -10.77 65.80 -1.94
CA SER D 655 -9.36 65.92 -1.56
C SER D 655 -8.51 64.79 -2.15
N ARG D 656 -9.04 63.57 -2.13
CA ARG D 656 -8.32 62.39 -2.64
C ARG D 656 -8.36 62.24 -4.18
N ALA D 657 -9.00 63.19 -4.87
CA ALA D 657 -9.20 63.15 -6.33
C ALA D 657 -7.98 62.69 -7.14
N GLU D 658 -6.84 63.31 -6.85
CA GLU D 658 -5.57 63.02 -7.53
C GLU D 658 -5.25 61.52 -7.64
N ASN D 659 -5.63 60.75 -6.60
CA ASN D 659 -5.35 59.31 -6.55
C ASN D 659 -6.18 58.39 -7.44
N PHE D 660 -7.23 58.94 -8.06
CA PHE D 660 -8.11 58.17 -8.94
C PHE D 660 -7.44 57.85 -10.28
N LYS D 661 -6.27 58.44 -10.50
CA LYS D 661 -5.47 58.21 -11.71
C LYS D 661 -5.00 56.75 -11.80
N GLN D 662 -4.99 56.07 -10.65
CA GLN D 662 -4.57 54.68 -10.59
C GLN D 662 -5.72 53.68 -10.79
N VAL D 663 -6.96 54.16 -10.76
CA VAL D 663 -8.13 53.26 -10.75
C VAL D 663 -9.12 53.45 -11.91
N GLU D 664 -10.01 52.49 -12.08
CA GLU D 664 -11.14 52.63 -13.01
C GLU D 664 -12.39 52.88 -12.19
N TYR D 665 -12.99 54.04 -12.39
CA TYR D 665 -14.07 54.53 -11.56
C TYR D 665 -15.38 54.65 -12.30
N LEU D 666 -16.45 54.18 -11.67
CA LEU D 666 -17.81 54.39 -12.16
C LEU D 666 -18.61 55.12 -11.10
N LEU D 667 -19.06 56.33 -11.43
CA LEU D 667 -19.87 57.13 -10.51
C LEU D 667 -21.31 57.20 -11.01
N ILE D 668 -22.25 56.79 -10.16
CA ILE D 668 -23.66 56.71 -10.52
C ILE D 668 -24.55 57.43 -9.51
N HIS D 669 -25.47 58.27 -10.00
CA HIS D 669 -26.35 59.02 -9.13
C HIS D 669 -27.72 59.34 -9.76
N GLY D 670 -28.77 59.30 -8.94
CA GLY D 670 -30.11 59.71 -9.37
C GLY D 670 -30.25 61.22 -9.23
N THR D 671 -30.82 61.87 -10.24
CA THR D 671 -30.86 63.34 -10.25
C THR D 671 -31.91 63.90 -9.30
N ALA D 672 -32.85 63.06 -8.88
CA ALA D 672 -33.91 63.46 -7.95
C ALA D 672 -33.71 62.84 -6.57
N ASP D 673 -32.44 62.65 -6.20
CA ASP D 673 -32.11 62.09 -4.91
C ASP D 673 -32.35 63.13 -3.80
N ASP D 674 -33.40 62.93 -3.03
CA ASP D 674 -33.73 63.82 -1.92
C ASP D 674 -32.84 63.52 -0.72
N ASN D 675 -32.33 62.29 -0.70
CA ASN D 675 -31.52 61.80 0.42
C ASN D 675 -30.06 62.27 0.29
N VAL D 676 -29.31 61.67 -0.63
CA VAL D 676 -27.96 62.09 -0.96
C VAL D 676 -28.05 62.89 -2.26
N HIS D 677 -27.94 64.20 -2.13
CA HIS D 677 -28.17 65.11 -3.24
C HIS D 677 -27.22 64.89 -4.41
N PHE D 678 -27.75 65.03 -5.63
CA PHE D 678 -26.94 64.90 -6.83
C PHE D 678 -25.67 65.77 -6.72
N GLN D 679 -25.81 66.85 -5.95
CA GLN D 679 -24.72 67.76 -5.56
C GLN D 679 -23.46 66.99 -5.18
N GLN D 680 -23.62 65.96 -4.37
CA GLN D 680 -22.47 65.22 -3.84
C GLN D 680 -21.62 64.59 -4.94
N SER D 681 -22.25 64.01 -5.95
CA SER D 681 -21.52 63.40 -7.07
C SER D 681 -21.08 64.45 -8.08
N ALA D 682 -21.84 65.53 -8.18
CA ALA D 682 -21.47 66.68 -9.01
C ALA D 682 -20.13 67.25 -8.56
N GLN D 683 -19.97 67.38 -7.23
CA GLN D 683 -18.72 67.86 -6.66
C GLN D 683 -17.59 66.86 -6.85
N ILE D 684 -17.91 65.57 -6.87
CA ILE D 684 -16.90 64.56 -7.15
C ILE D 684 -16.41 64.67 -8.59
N SER D 685 -17.33 64.64 -9.55
CA SER D 685 -16.95 64.70 -10.96
C SER D 685 -16.11 65.93 -11.27
N LYS D 686 -16.52 67.08 -10.74
CA LYS D 686 -15.78 68.33 -10.91
C LYS D 686 -14.35 68.19 -10.37
N ALA D 687 -14.21 67.62 -9.17
CA ALA D 687 -12.89 67.37 -8.56
C ALA D 687 -11.98 66.53 -9.46
N LEU D 688 -12.54 65.49 -10.09
CA LEU D 688 -11.76 64.61 -10.96
C LEU D 688 -11.42 65.27 -12.28
N VAL D 689 -12.35 66.06 -12.80
CA VAL D 689 -12.16 66.81 -14.03
C VAL D 689 -11.02 67.81 -13.84
N ASP D 690 -11.04 68.49 -12.69
CA ASP D 690 -10.03 69.52 -12.38
C ASP D 690 -8.59 69.02 -12.22
N VAL D 691 -8.41 67.74 -11.86
CA VAL D 691 -7.06 67.15 -11.82
C VAL D 691 -6.75 66.24 -13.01
N GLY D 692 -7.63 66.25 -14.02
CA GLY D 692 -7.40 65.47 -15.25
C GLY D 692 -7.54 63.96 -15.13
N VAL D 693 -8.41 63.49 -14.23
CA VAL D 693 -8.70 62.06 -14.05
C VAL D 693 -9.89 61.66 -14.92
N ASP D 694 -9.69 60.66 -15.78
CA ASP D 694 -10.79 60.13 -16.58
C ASP D 694 -11.55 59.10 -15.76
N PHE D 695 -12.88 59.09 -15.91
CA PHE D 695 -13.71 58.15 -15.20
C PHE D 695 -14.97 57.89 -16.01
N GLN D 696 -15.84 57.01 -15.49
CA GLN D 696 -17.13 56.76 -16.10
C GLN D 696 -18.22 57.32 -15.20
N ALA D 697 -19.34 57.69 -15.81
CA ALA D 697 -20.43 58.30 -15.08
C ALA D 697 -21.76 57.88 -15.68
N MET D 698 -22.78 57.87 -14.84
CA MET D 698 -24.15 57.70 -15.27
C MET D 698 -25.06 58.43 -14.27
N TRP D 699 -25.86 59.36 -14.79
CA TRP D 699 -26.92 59.97 -13.98
C TRP D 699 -28.17 59.18 -14.29
N TYR D 700 -29.12 59.18 -13.37
CA TYR D 700 -30.44 58.63 -13.64
C TYR D 700 -31.52 59.70 -13.48
N THR D 701 -32.03 60.16 -14.61
CA THR D 701 -33.05 61.21 -14.63
C THR D 701 -34.23 60.83 -13.74
N ASP D 702 -34.52 61.71 -12.76
CA ASP D 702 -35.71 61.61 -11.89
C ASP D 702 -35.72 60.45 -10.88
N GLU D 703 -34.66 59.63 -10.87
CA GLU D 703 -34.52 58.57 -9.88
C GLU D 703 -34.06 59.14 -8.55
N ASP D 704 -34.46 58.51 -7.45
CA ASP D 704 -34.05 58.95 -6.13
C ASP D 704 -33.03 57.97 -5.52
N HIS D 705 -32.88 57.99 -4.20
CA HIS D 705 -31.81 57.24 -3.53
C HIS D 705 -31.92 55.73 -3.72
N GLY D 706 -33.13 55.25 -3.98
CA GLY D 706 -33.34 53.84 -4.26
C GLY D 706 -33.08 53.44 -5.71
N ILE D 707 -32.93 54.42 -6.61
CA ILE D 707 -32.89 54.15 -8.07
C ILE D 707 -33.73 52.90 -8.34
N ALA D 708 -35.00 52.99 -7.93
CA ALA D 708 -35.86 51.81 -7.76
C ALA D 708 -37.04 51.65 -8.74
N SER D 709 -37.19 52.59 -9.69
CA SER D 709 -38.11 52.37 -10.80
C SER D 709 -37.71 51.05 -11.44
N SER D 710 -38.72 50.26 -11.80
CA SER D 710 -38.47 49.00 -12.46
C SER D 710 -37.45 49.09 -13.61
N THR D 711 -37.56 50.09 -14.47
CA THR D 711 -36.65 50.19 -15.62
C THR D 711 -35.23 50.67 -15.25
N ALA D 712 -35.12 51.59 -14.31
CA ALA D 712 -33.80 52.07 -13.88
C ALA D 712 -33.06 51.03 -13.06
N HIS D 713 -33.77 50.32 -12.19
CA HIS D 713 -33.21 49.18 -11.46
C HIS D 713 -32.55 48.18 -12.43
N GLN D 714 -33.28 47.83 -13.49
CA GLN D 714 -32.74 46.94 -14.51
C GLN D 714 -31.53 47.57 -15.20
N HIS D 715 -31.61 48.88 -15.46
CA HIS D 715 -30.59 49.57 -16.23
C HIS D 715 -29.27 49.70 -15.47
N ILE D 716 -29.35 50.16 -14.21
CA ILE D 716 -28.17 50.34 -13.39
C ILE D 716 -27.42 49.02 -13.17
N TYR D 717 -28.15 47.96 -12.84
CA TYR D 717 -27.51 46.67 -12.63
C TYR D 717 -26.87 46.13 -13.90
N THR D 718 -27.52 46.35 -15.04
CA THR D 718 -26.97 45.97 -16.36
C THR D 718 -25.69 46.75 -16.66
N HIS D 719 -25.72 48.04 -16.40
CA HIS D 719 -24.59 48.92 -16.66
C HIS D 719 -23.41 48.52 -15.78
N MET D 720 -23.66 48.33 -14.49
CA MET D 720 -22.60 47.95 -13.55
C MET D 720 -22.02 46.58 -13.90
N SER D 721 -22.84 45.72 -14.51
CA SER D 721 -22.41 44.39 -14.91
C SER D 721 -21.42 44.47 -16.05
N HIS D 722 -21.69 45.34 -17.01
CA HIS D 722 -20.78 45.53 -18.13
C HIS D 722 -19.47 46.11 -17.65
N PHE D 723 -19.55 46.99 -16.67
CA PHE D 723 -18.37 47.66 -16.15
C PHE D 723 -17.46 46.66 -15.47
N ILE D 724 -18.04 45.82 -14.61
CA ILE D 724 -17.29 44.80 -13.87
C ILE D 724 -16.73 43.73 -14.81
N LYS D 725 -17.54 43.28 -15.77
CA LYS D 725 -17.11 42.27 -16.74
C LYS D 725 -15.91 42.77 -17.55
N GLN D 726 -15.96 44.02 -17.98
CA GLN D 726 -14.86 44.63 -18.71
C GLN D 726 -13.62 44.81 -17.83
N CYS D 727 -13.82 45.33 -16.63
CA CYS D 727 -12.73 45.51 -15.68
C CYS D 727 -11.99 44.19 -15.40
N PHE D 728 -12.75 43.10 -15.28
CA PHE D 728 -12.19 41.78 -15.02
C PHE D 728 -11.83 41.01 -16.28
N SER D 729 -11.98 41.63 -17.45
CA SER D 729 -11.73 40.94 -18.74
C SER D 729 -12.58 39.68 -18.93
N LEU D 730 -13.90 39.80 -18.72
CA LEU D 730 -14.84 38.68 -18.84
C LEU D 730 -15.82 38.85 -20.01
N PRO D 731 -15.82 37.89 -20.96
CA PRO D 731 -16.75 37.97 -22.11
C PRO D 731 -18.15 37.51 -21.73
C1 NAG E . 19.70 -21.37 65.26
C2 NAG E . 20.68 -20.76 66.25
C3 NAG E . 21.21 -19.42 65.74
C4 NAG E . 21.32 -19.27 64.20
C5 NAG E . 20.71 -20.43 63.36
C6 NAG E . 21.54 -20.75 62.12
C7 NAG E . 20.66 -21.01 68.67
C8 NAG E . 21.46 -20.00 69.46
N2 NAG E . 20.06 -20.59 67.56
O3 NAG E . 22.47 -19.16 66.33
O4 NAG E . 20.70 -18.05 63.87
O5 NAG E . 20.46 -21.61 64.09
O6 NAG E . 22.56 -21.68 62.42
O7 NAG E . 20.57 -22.18 69.08
C1 NAG E . 21.57 -17.18 63.11
C2 NAG E . 20.70 -16.42 62.09
C3 NAG E . 21.43 -15.27 61.39
C4 NAG E . 22.43 -14.52 62.28
C5 NAG E . 23.22 -15.48 63.18
C6 NAG E . 24.13 -14.72 64.14
C7 NAG E . 18.91 -17.65 60.92
C8 NAG E . 18.56 -18.32 59.62
N2 NAG E . 20.20 -17.37 61.10
O3 NAG E . 20.48 -14.34 60.93
O4 NAG E . 23.31 -13.77 61.46
O5 NAG E . 22.33 -16.30 63.91
O6 NAG E . 25.06 -13.94 63.42
O7 NAG E . 18.03 -17.39 61.75
C1 NAG F . 25.29 -27.30 48.72
C2 NAG F . 25.95 -26.95 50.05
C3 NAG F . 26.95 -25.80 49.88
C4 NAG F . 27.85 -25.98 48.65
C5 NAG F . 27.03 -26.47 47.45
C6 NAG F . 27.86 -26.79 46.20
C7 NAG F . 24.74 -27.27 52.14
C8 NAG F . 24.54 -26.47 53.39
N2 NAG F . 24.94 -26.59 51.02
O3 NAG F . 27.76 -25.69 51.02
O4 NAG F . 28.44 -24.73 48.34
O5 NAG F . 26.29 -27.62 47.80
O6 NAG F . 28.96 -27.58 46.56
O7 NAG F . 24.74 -28.50 52.18
C1 NAG F . 29.83 -24.67 48.69
C2 NAG F . 30.49 -23.56 47.86
C3 NAG F . 31.96 -23.42 48.25
C4 NAG F . 32.11 -23.19 49.75
C5 NAG F . 31.35 -24.27 50.53
C6 NAG F . 31.35 -23.97 52.03
C7 NAG F . 29.43 -23.18 45.66
C8 NAG F . 29.64 -23.34 44.18
N2 NAG F . 30.33 -23.81 46.43
O3 NAG F . 32.56 -22.37 47.53
O4 NAG F . 33.46 -23.13 50.13
O5 NAG F . 30.00 -24.40 50.07
O6 NAG F . 30.39 -22.97 52.32
O7 NAG F . 28.48 -22.51 46.08
C1 NAG G . 19.85 6.65 34.12
C2 NAG G . 21.05 7.25 34.87
C3 NAG G . 21.06 6.79 36.33
C4 NAG G . 19.71 7.06 37.00
C5 NAG G . 18.59 6.45 36.14
C6 NAG G . 17.19 6.74 36.66
C7 NAG G . 23.11 7.68 33.64
C8 NAG G . 24.58 7.38 33.74
N2 NAG G . 22.29 6.83 34.25
O3 NAG G . 22.12 7.43 36.99
O4 NAG G . 19.68 6.51 38.30
O5 NAG G . 18.65 6.95 34.81
O6 NAG G . 16.29 5.85 36.06
O7 NAG G . 22.72 8.66 33.02
C1 NAG G . 19.85 7.50 39.33
C2 NAG G . 19.31 6.93 40.66
C3 NAG G . 19.73 7.75 41.90
C4 NAG G . 21.13 8.35 41.82
C5 NAG G . 21.41 8.93 40.43
C6 NAG G . 22.83 9.49 40.32
C7 NAG G . 17.15 5.89 40.14
C8 NAG G . 15.67 6.14 40.05
N2 NAG G . 17.86 6.90 40.64
O3 NAG G . 19.65 6.90 43.03
O4 NAG G . 21.23 9.37 42.79
O5 NAG G . 21.20 7.91 39.47
O6 NAG G . 23.79 8.46 40.44
O7 NAG G . 17.63 4.82 39.78
C1 NAG H . -1.54 -8.15 -73.32
C2 NAG H . -2.64 -9.14 -73.74
C3 NAG H . -3.58 -8.54 -74.77
C4 NAG H . -4.00 -7.10 -74.47
C5 NAG H . -2.88 -6.24 -73.87
C6 NAG H . -3.44 -4.99 -73.19
C7 NAG H . -2.22 -11.48 -73.49
C8 NAG H . -1.81 -12.79 -74.08
N2 NAG H . -2.10 -10.39 -74.24
O3 NAG H . -4.74 -9.33 -74.76
O4 NAG H . -4.49 -6.52 -75.66
O5 NAG H . -2.16 -6.96 -72.88
O6 NAG H . -2.47 -3.97 -73.23
O7 NAG H . -2.67 -11.42 -72.35
C1 NAG H . -5.86 -6.12 -75.51
C2 NAG H . -6.15 -4.94 -76.45
C3 NAG H . -7.64 -4.56 -76.43
C4 NAG H . -8.54 -5.79 -76.56
C5 NAG H . -8.14 -6.88 -75.57
C6 NAG H . -8.96 -8.15 -75.76
C7 NAG H . -4.29 -3.37 -76.82
C8 NAG H . -4.02 -1.89 -76.78
N2 NAG H . -5.33 -3.80 -76.10
O3 NAG H . -7.92 -3.69 -77.50
O4 NAG H . -9.89 -5.41 -76.38
O5 NAG H . -6.76 -7.20 -75.74
O6 NAG H . -8.62 -8.76 -76.99
O7 NAG H . -3.57 -4.10 -77.51
C1 NAG I . -42.47 78.25 14.08
C2 NAG I . -43.64 78.94 14.77
C3 NAG I . -43.70 80.40 14.32
C4 NAG I . -42.40 81.13 14.60
C5 NAG I . -41.21 80.30 14.09
C6 NAG I . -39.87 80.85 14.57
C7 NAG I . -45.57 77.58 15.38
C8 NAG I . -47.04 77.43 15.16
N2 NAG I . -44.90 78.28 14.47
O3 NAG I . -44.77 81.06 14.95
O4 NAG I . -42.48 82.39 13.98
O5 NAG I . -41.28 78.93 14.46
O6 NAG I . -38.84 80.02 14.09
O7 NAG I . -45.01 77.05 16.34
C1 NAG I . -42.31 83.49 14.90
C2 NAG I . -41.71 84.67 14.12
C3 NAG I . -41.71 85.98 14.92
C4 NAG I . -43.11 86.22 15.51
C5 NAG I . -43.49 85.01 16.37
C6 NAG I . -44.83 85.17 17.08
C7 NAG I . -40.08 83.92 12.42
C8 NAG I . -38.64 84.04 12.00
N2 NAG I . -40.36 84.32 13.68
O3 NAG I . -41.35 87.07 14.08
O4 NAG I . -43.14 87.45 16.24
O5 NAG I . -43.52 83.84 15.55
O6 NAG I . -45.91 85.03 16.17
O7 NAG I . -40.92 83.49 11.62
C1 NAG J . -21.85 -51.22 64.92
C2 NAG J . -22.54 -51.74 66.20
C3 NAG J . -22.16 -50.99 67.48
C4 NAG J . -20.73 -50.44 67.51
C5 NAG J . -20.31 -49.85 66.16
C6 NAG J . -18.84 -49.41 66.15
C7 NAG J . -24.76 -52.64 65.58
C8 NAG J . -26.24 -52.48 65.78
N2 NAG J . -23.98 -51.66 66.04
O3 NAG J . -22.38 -51.81 68.60
O4 NAG J . -20.61 -49.46 68.52
O5 NAG J . -20.50 -50.83 65.16
O6 NAG J . -18.60 -48.46 67.16
O7 NAG J . -24.32 -53.65 65.01
C1 NAG K . -2.98 -17.20 55.22
C2 NAG K . -3.11 -16.74 56.69
C3 NAG K . -4.36 -15.90 56.99
C4 NAG K . -4.62 -14.84 55.91
C5 NAG K . -4.51 -15.46 54.51
C6 NAG K . -4.74 -14.42 53.41
C7 NAG K . -2.02 -18.25 58.28
C8 NAG K . -2.15 -19.46 59.16
N2 NAG K . -3.09 -17.91 57.57
O3 NAG K . -4.25 -15.27 58.27
O4 NAG K . -5.89 -14.26 56.10
O5 NAG K . -3.25 -16.11 54.36
O6 NAG K . -3.60 -13.59 53.21
O7 NAG K . -0.96 -17.62 58.24
C1 NAG L . 9.05 -46.51 70.16
C2 NAG L . 8.68 -46.84 71.62
C3 NAG L . 9.77 -46.50 72.64
C4 NAG L . 11.19 -46.82 72.16
C5 NAG L . 11.38 -46.37 70.70
C6 NAG L . 12.75 -46.77 70.15
C7 NAG L . 6.32 -46.77 72.31
C8 NAG L . 5.39 -46.03 73.23
N2 NAG L . 7.46 -46.13 71.97
O3 NAG L . 9.53 -47.23 73.82
O4 NAG L . 12.14 -46.22 73.03
O5 NAG L . 10.37 -46.94 69.88
O6 NAG L . 12.87 -48.17 70.13
O7 NAG L . 6.03 -47.89 71.89
C1 NAG M . 27.84 -50.83 34.35
C2 NAG M . 28.75 -52.08 34.34
C3 NAG M . 30.07 -51.87 33.58
C4 NAG M . 29.83 -51.19 32.23
C5 NAG M . 29.06 -49.88 32.49
C6 NAG M . 28.80 -49.10 31.20
C7 NAG M . 28.48 -53.64 36.21
C8 NAG M . 28.53 -53.77 37.71
N2 NAG M . 29.03 -52.52 35.71
O3 NAG M . 30.70 -53.10 33.36
O4 NAG M . 31.05 -50.97 31.54
O5 NAG M . 27.82 -50.19 33.09
O6 NAG M . 27.76 -49.73 30.48
O7 NAG M . 27.95 -54.53 35.52
N1 SY1 N . 8.19 -39.89 35.28
C4 SY1 N . 8.28 -43.47 34.63
C5 SY1 N . 7.92 -43.19 33.18
C7 SY1 N . 7.06 -41.02 33.67
C8 SY1 N . 6.21 -42.25 31.82
C10 SY1 N . 4.13 -42.43 30.69
C13 SY1 N . 2.65 -42.41 28.33
C15 SY1 N . 4.75 -42.24 29.46
C20 SY1 N . 8.85 -40.69 29.69
C21 SY1 N . 9.80 -40.94 28.69
C22 SY1 N . 10.28 -39.91 27.88
C24 SY1 N . 8.88 -38.36 29.05
C26 SY1 N . 7.53 -39.09 30.77
N27 SY1 N . 6.79 -38.84 31.62
C25 SY1 N . 8.40 -39.38 29.86
C23 SY1 N . 9.82 -38.61 28.06
C19 SY1 N . 8.37 -41.86 30.56
N18 SY1 N . 6.90 -42.05 30.65
N6 SY1 N . 6.73 -42.34 33.15
C3 SY1 N . 8.59 -42.15 35.35
C2 SY1 N . 7.45 -41.13 35.14
C16 SY1 N . 6.22 -42.04 29.48
O17 SY1 N . 6.81 -41.87 28.38
N9 SY1 N . 4.87 -42.43 31.81
C14 SY1 N . 4.04 -42.23 28.28
C12 SY1 N . 2.01 -42.61 29.57
C11 SY1 N . 2.74 -42.62 30.75
N1 SY1 O . 11.63 -23.36 40.70
C4 SY1 O . 9.32 -21.63 43.17
C5 SY1 O . 8.13 -21.64 42.21
C7 SY1 O . 9.48 -22.33 40.35
C8 SY1 O . 7.49 -21.10 39.98
C10 SY1 O . 6.00 -21.80 38.26
C13 SY1 O . 3.79 -21.28 36.60
C15 SY1 O . 5.32 -20.58 38.34
C20 SY1 O . 7.97 -17.70 40.32
C21 SY1 O . 7.55 -16.43 40.72
C22 SY1 O . 8.02 -15.27 40.11
C24 SY1 O . 9.40 -16.63 38.66
C26 SY1 O . 9.40 -18.91 38.82
N27 SY1 O . 10.02 -19.87 38.55
C25 SY1 O . 8.93 -17.79 39.27
C23 SY1 O . 8.96 -15.37 39.07
C19 SY1 O . 7.37 -18.90 41.06
N18 SY1 O . 6.87 -19.89 40.09
N6 SY1 O . 8.59 -21.28 40.85
C3 SY1 O . 10.38 -22.63 42.67
C2 SY1 O . 10.75 -22.34 41.20
C16 SY1 O . 5.81 -19.59 39.33
O17 SY1 O . 5.25 -18.48 39.47
N9 SY1 O . 7.08 -22.04 39.08
C14 SY1 O . 4.22 -20.31 37.51
C12 SY1 O . 4.48 -22.50 36.52
C11 SY1 O . 5.58 -22.76 37.34
C1 NAG P . 38.32 11.11 -19.33
C2 NAG P . 39.82 11.24 -19.70
C3 NAG P . 40.12 12.56 -20.43
C4 NAG P . 39.08 12.87 -21.51
C5 NAG P . 37.68 12.80 -20.90
C6 NAG P . 36.57 13.21 -21.88
C7 NAG P . 41.92 10.66 -18.51
C8 NAG P . 43.03 11.61 -18.17
N2 NAG P . 40.67 11.15 -18.51
O3 NAG P . 41.38 12.50 -21.05
O4 NAG P . 39.34 14.15 -22.03
O5 NAG P . 37.48 11.48 -20.41
O6 NAG P . 36.68 12.56 -23.14
O7 NAG P . 42.18 9.48 -18.79
C1 NAG Q . 38.97 -10.11 16.25
C2 NAG Q . 40.38 -9.61 16.62
C3 NAG Q . 41.48 -10.41 15.92
C4 NAG Q . 41.28 -11.91 16.14
C5 NAG Q . 39.83 -12.34 15.79
C6 NAG Q . 39.56 -13.80 16.16
C7 NAG Q . 40.42 -7.23 17.24
C8 NAG Q . 40.98 -5.88 16.88
N2 NAG Q . 40.52 -8.18 16.32
O3 NAG Q . 42.77 -10.02 16.34
O4 NAG Q . 42.22 -12.63 15.38
O5 NAG Q . 38.86 -11.52 16.44
O6 NAG Q . 39.31 -13.95 17.53
O7 NAG Q . 39.90 -7.39 18.34
C1 NAG R . 34.21 23.62 9.32
C2 NAG R . 35.49 24.35 8.89
C3 NAG R . 36.16 25.11 10.04
C4 NAG R . 35.16 25.87 10.93
C5 NAG R . 34.01 24.95 11.32
C6 NAG R . 32.97 25.66 12.18
C7 NAG R . 36.95 23.61 7.06
C8 NAG R . 38.03 22.65 6.63
N2 NAG R . 36.45 23.43 8.28
O3 NAG R . 37.10 26.02 9.52
O4 NAG R . 35.81 26.40 12.07
O5 NAG R . 33.39 24.44 10.14
O6 NAG R . 32.32 26.63 11.40
O7 NAG R . 36.60 24.51 6.30
C1 NAG S . 38.10 9.65 31.95
C2 NAG S . 39.36 9.41 32.79
C3 NAG S . 39.32 8.06 33.51
C4 NAG S . 38.04 7.94 34.32
C5 NAG S . 36.86 8.09 33.34
C6 NAG S . 35.51 7.87 34.03
C7 NAG S . 41.62 10.19 32.30
C8 NAG S . 42.89 9.42 32.49
N2 NAG S . 40.54 9.48 31.96
O3 NAG S . 40.45 7.89 34.34
O4 NAG S . 38.01 6.71 35.03
O5 NAG S . 36.92 9.38 32.71
O6 NAG S . 34.90 9.10 34.37
O7 NAG S . 41.57 11.43 32.46
N1 SY1 T . 8.29 -0.49 13.08
C4 SY1 T . 6.22 1.74 11.01
C5 SY1 T . 5.22 0.63 10.74
C7 SY1 T . 6.76 -1.07 11.46
C8 SY1 T . 5.02 -1.60 9.97
C10 SY1 T . 4.61 -3.07 8.14
C13 SY1 T . 3.08 -5.00 6.91
C15 SY1 T . 3.44 -3.52 8.76
C20 SY1 T . 3.26 -2.52 13.02
C21 SY1 T . 2.09 -2.47 13.76
C22 SY1 T . 1.80 -3.42 14.76
C24 SY1 T . 3.88 -4.51 14.30
C26 SY1 T . 5.29 -3.71 12.69
N27 SY1 T . 6.31 -3.82 12.17
C25 SY1 T . 4.16 -3.57 13.32
C23 SY1 T . 2.70 -4.44 15.03
C19 SY1 T . 3.48 -1.44 11.96
N18 SY1 T . 3.87 -1.98 10.64
N6 SY1 T . 5.94 -0.61 10.35
C3 SY1 T . 7.15 1.31 12.14
C2 SY1 T . 7.82 -0.03 11.80
C16 SY1 T . 3.08 -2.93 10.08
O17 SY1 T . 2.03 -3.33 10.68
N9 SY1 T . 5.35 -2.12 8.76
C14 SY1 T . 2.67 -4.49 8.14
C12 SY1 T . 4.24 -4.55 6.29
C11 SY1 T . 5.02 -3.57 6.90
N1 SY1 U . 19.51 -7.19 25.02
C4 SY1 U . 23.04 -7.93 23.91
C5 SY1 U . 22.61 -9.06 22.97
C7 SY1 U . 20.37 -9.06 23.82
C8 SY1 U . 21.28 -11.02 22.86
C10 SY1 U . 19.89 -12.14 21.31
C13 SY1 U . 19.32 -14.45 19.82
C15 SY1 U . 20.72 -13.28 21.41
C20 SY1 U . 23.11 -13.03 25.09
C21 SY1 U . 24.21 -13.86 25.34
C22 SY1 U . 24.15 -14.82 26.35
C24 SY1 U . 21.88 -14.16 26.87
C26 SY1 U . 20.89 -12.46 25.70
N27 SY1 U . 19.90 -11.85 25.63
C25 SY1 U . 21.94 -13.19 25.87
C23 SY1 U . 22.99 -14.98 27.12
C19 SY1 U . 23.25 -12.01 23.96
N18 SY1 U . 22.11 -12.09 23.02
N6 SY1 U . 21.57 -9.87 23.63
C3 SY1 U . 21.82 -7.07 24.29
C2 SY1 U . 20.69 -7.97 24.83
C16 SY1 U . 21.89 -13.22 22.33
O17 SY1 U . 22.64 -14.22 22.45
N9 SY1 U . 20.20 -11.04 22.04
C14 SY1 U . 20.42 -14.43 20.67
C12 SY1 U . 18.51 -13.32 19.73
C11 SY1 U . 18.79 -12.17 20.46
C1 NAG V . 22.68 -25.35 -81.54
C2 NAG V . 22.17 -26.68 -82.13
C3 NAG V . 23.28 -27.54 -82.77
C4 NAG V . 24.20 -26.71 -83.66
C5 NAG V . 24.64 -25.42 -82.93
C6 NAG V . 25.55 -24.55 -83.79
C7 NAG V . 20.17 -27.57 -81.05
C8 NAG V . 19.65 -28.45 -79.96
N2 NAG V . 21.49 -27.43 -81.08
O3 NAG V . 22.76 -28.61 -83.55
O4 NAG V . 25.32 -27.50 -84.04
O5 NAG V . 23.50 -24.67 -82.49
O6 NAG V . 24.83 -23.93 -84.84
O7 NAG V . 19.40 -27.03 -81.84
C1 NAG W . 2.91 -35.39 -54.94
C2 NAG W . 2.76 -36.92 -54.87
C3 NAG W . 1.50 -37.35 -55.62
C4 NAG W . 0.27 -36.59 -55.11
C5 NAG W . 0.54 -35.08 -55.26
C6 NAG W . -0.63 -34.22 -54.80
C7 NAG W . 4.75 -38.40 -54.62
C8 NAG W . 6.23 -38.21 -54.73
N2 NAG W . 3.96 -37.60 -55.37
O3 NAG W . 1.30 -38.74 -55.48
O4 NAG W . -0.89 -37.02 -55.80
O5 NAG W . 1.72 -34.73 -54.55
O6 NAG W . -0.80 -34.31 -53.39
O7 NAG W . 4.31 -39.27 -53.86
C1 NAG X . -2.62 -25.86 -79.39
C2 NAG X . -2.89 -26.55 -80.74
C3 NAG X . -2.44 -25.75 -81.98
C4 NAG X . -2.71 -24.25 -81.87
C5 NAG X . -2.19 -23.76 -80.50
C6 NAG X . -2.28 -22.24 -80.32
C7 NAG X . -2.90 -29.00 -80.81
C8 NAG X . -2.08 -30.26 -80.65
N2 NAG X . -2.23 -27.86 -80.76
O3 NAG X . -3.08 -26.27 -83.13
O4 NAG X . -2.11 -23.57 -82.94
O5 NAG X . -2.88 -24.45 -79.46
O6 NAG X . -3.61 -21.81 -80.13
O7 NAG X . -4.12 -29.08 -80.98
C1 NAG Y . -1.00 4.47 -48.51
C2 NAG Y . -1.81 4.84 -47.26
C3 NAG Y . -2.56 6.19 -47.28
C4 NAG Y . -2.07 7.23 -48.30
C5 NAG Y . -1.41 6.58 -49.53
C6 NAG Y . -0.72 7.63 -50.38
C7 NAG Y . -2.55 2.84 -46.07
C8 NAG Y . -3.04 1.46 -46.42
N2 NAG Y . -2.78 3.80 -46.97
O3 NAG Y . -2.46 6.77 -46.00
O4 NAG Y . -3.14 8.07 -48.67
O5 NAG Y . -0.46 5.63 -49.11
O6 NAG Y . 0.35 8.19 -49.64
O7 NAG Y . -1.96 3.05 -45.01
N1 SY1 Z . 17.54 -3.13 -58.19
C4 SY1 Z . 17.73 -3.14 -54.53
C5 SY1 Z . 18.67 -1.95 -54.52
C7 SY1 Z . 19.24 -2.28 -56.84
C8 SY1 Z . 20.74 -1.19 -55.35
C10 SY1 Z . 23.07 -0.94 -54.86
C13 SY1 Z . 25.27 0.66 -54.44
C15 SY1 Z . 22.94 0.44 -54.92
C20 SY1 Z . 19.29 1.75 -56.87
C21 SY1 Z . 18.77 3.02 -56.63
C22 SY1 Z . 18.78 3.99 -57.62
C24 SY1 Z . 19.89 2.46 -59.11
C26 SY1 Z . 20.38 0.34 -58.42
N27 SY1 Z . 20.88 -0.67 -58.68
C25 SY1 Z . 19.86 1.48 -58.13
C23 SY1 Z . 19.34 3.71 -58.87
C19 SY1 Z . 19.22 0.74 -55.73
N18 SY1 Z . 20.54 0.16 -55.42
N6 SY1 Z . 19.77 -2.21 -55.47
C3 SY1 Z . 17.13 -3.28 -55.91
C2 SY1 Z . 18.23 -3.43 -56.96
C16 SY1 Z . 21.59 1.00 -55.23
O17 SY1 Z . 21.47 2.25 -55.30
N9 SY1 Z . 21.97 -1.70 -55.07
C14 SY1 Z . 24.04 1.26 -54.71
C12 SY1 Z . 25.42 -0.72 -54.37
C11 SY1 Z . 24.31 -1.53 -54.58
N1 SY1 AA . 14.48 -6.22 -75.89
C4 SY1 AA . 16.10 -9.48 -76.79
C5 SY1 AA . 17.52 -8.95 -76.65
C7 SY1 AA . 16.76 -6.69 -76.48
C8 SY1 AA . 18.94 -7.16 -77.25
C10 SY1 AA . 20.80 -6.13 -76.17
C13 SY1 AA . 23.47 -5.27 -76.23
C15 SY1 AA . 21.58 -6.30 -77.32
C20 SY1 AA . 18.90 -7.09 -80.76
C21 SY1 AA . 19.52 -7.53 -81.94
C22 SY1 AA . 19.47 -6.75 -83.10
C24 SY1 AA . 18.20 -5.07 -81.92
C26 SY1 AA . 17.62 -5.37 -79.72
N27 SY1 AA . 17.16 -4.51 -78.89
C25 SY1 AA . 18.24 -5.84 -80.76
C23 SY1 AA . 18.80 -5.52 -83.10
C19 SY1 AA . 19.00 -8.00 -79.55
N18 SY1 AA . 19.65 -7.35 -78.39
N6 SY1 AA . 17.61 -7.60 -77.24
C3 SY1 AA . 15.12 -8.53 -76.10
C2 SY1 AA . 15.30 -7.12 -76.64
C16 SY1 AA . 20.94 -6.97 -78.48
O17 SY1 AA . 21.61 -7.14 -79.52
N9 SY1 AA . 19.52 -6.55 -76.17
C14 SY1 AA . 22.91 -5.89 -77.36
C12 SY1 AA . 22.70 -5.08 -75.08
C11 SY1 AA . 21.36 -5.51 -75.06
C1 NAG BA . -61.51 62.80 -4.68
C2 NAG BA . -62.93 63.13 -4.18
C3 NAG BA . -64.04 63.00 -5.23
C4 NAG BA . -63.64 63.46 -6.62
C5 NAG BA . -62.25 62.89 -6.98
C6 NAG BA . -61.76 63.30 -8.38
C7 NAG BA . -63.29 62.73 -1.80
C8 NAG BA . -63.41 61.66 -0.76
N2 NAG BA . -63.27 62.29 -3.06
O3 NAG BA . -65.16 63.75 -4.79
O4 NAG BA . -64.64 63.09 -7.56
O5 NAG BA . -61.30 63.29 -6.01
O6 NAG BA . -61.41 64.67 -8.41
O7 NAG BA . -63.19 63.92 -1.48
C1 NAG CA . -61.42 77.32 15.80
C2 NAG CA . -62.58 78.29 15.52
C3 NAG CA . -62.46 78.92 14.14
C4 NAG CA . -61.08 79.54 13.94
C5 NAG CA . -59.97 78.54 14.30
C6 NAG CA . -58.58 79.17 14.19
C7 NAG CA . -64.66 77.86 16.72
C8 NAG CA . -65.92 78.64 16.44
N2 NAG CA . -63.87 77.62 15.66
O3 NAG CA . -63.47 79.90 13.95
O4 NAG CA . -60.95 80.00 12.61
O5 NAG CA . -60.17 77.99 15.59
O6 NAG CA . -58.07 79.54 15.44
O7 NAG CA . -64.40 77.48 17.86
N1 SY1 DA . -31.66 56.93 6.79
C4 SY1 DA . -30.10 54.38 8.93
C5 SY1 DA . -29.08 54.04 7.86
C7 SY1 DA . -30.40 55.10 6.15
C8 SY1 DA . -28.84 53.39 5.59
C10 SY1 DA . -28.49 51.59 4.08
C13 SY1 DA . -26.96 50.32 2.14
C15 SY1 DA . -27.28 52.14 3.68
C20 SY1 DA . -26.69 56.32 4.91
C21 SY1 DA . -25.44 56.88 5.16
C22 SY1 DA . -24.92 57.87 4.33
C24 SY1 DA . -26.90 57.74 2.97
C26 SY1 DA . -28.59 56.29 3.53
N27 SY1 DA . -29.65 55.90 3.27
C25 SY1 DA . -27.43 56.76 3.81
C23 SY1 DA . -25.66 58.30 3.23
C19 SY1 DA . -27.19 55.25 5.88
N18 SY1 DA . -27.65 53.99 5.26
N6 SY1 DA . -29.77 53.85 6.57
C3 SY1 DA . -30.79 55.67 8.56
C2 SY1 DA . -31.43 55.56 7.17
C16 SY1 DA . -26.84 53.42 4.33
O17 SY1 DA . -25.75 53.92 3.98
N9 SY1 DA . -29.23 52.22 5.01
C14 SY1 DA . -26.51 51.51 2.71
C12 SY1 DA . -28.18 49.77 2.53
C11 SY1 DA . -28.94 50.41 3.51
N1 SY1 EA . -41.40 69.64 -0.10
C4 SY1 EA . -45.01 69.02 -1.08
C5 SY1 EA . -44.62 68.12 -2.27
C7 SY1 EA . -42.32 68.74 -2.10
C8 SY1 EA . -43.21 68.01 -4.16
C10 SY1 EA . -41.91 66.40 -5.32
C13 SY1 EA . -41.36 64.99 -7.66
C15 SY1 EA . -42.65 66.63 -6.48
C20 SY1 EA . -44.67 70.50 -6.03
C21 SY1 EA . -45.58 70.88 -7.02
C22 SY1 EA . -45.34 71.96 -7.86
C24 SY1 EA . -43.21 72.32 -6.76
C26 SY1 EA . -42.55 70.99 -5.03
N27 SY1 EA . -41.49 70.88 -4.44
C25 SY1 EA . -43.46 71.23 -5.92
C23 SY1 EA . -44.15 72.69 -7.74
C19 SY1 EA . -45.04 69.31 -5.16
N18 SY1 EA . -43.97 68.28 -5.25
N6 SY1 EA . -43.48 68.72 -2.98
C3 SY1 EA . -43.80 69.18 -0.15
C2 SY1 EA . -42.58 69.68 -0.94
C16 SY1 EA . -43.75 67.63 -6.40
O17 SY1 EA . -44.47 67.87 -7.40
N9 SY1 EA . -42.20 67.09 -4.20
C14 SY1 EA . -42.38 65.92 -7.65
C12 SY1 EA . -40.60 64.77 -6.51
C11 SY1 EA . -40.87 65.46 -5.33
#